data_3ZE1
#
_entry.id   3ZE1
#
_cell.length_a   258.970
_cell.length_b   144.560
_cell.length_c   104.700
_cell.angle_alpha   90.00
_cell.angle_beta   90.00
_cell.angle_gamma   90.00
#
_symmetry.space_group_name_H-M   'P 21 21 2'
#
loop_
_entity.id
_entity.type
_entity.pdbx_description
1 polymer 'INTEGRIN ALPHA-IIB'
2 polymer 'INTEGRIN BETA-3'
3 polymer '10E5 FAB HEAVY CHAIN'
4 polymer '10E5 FAB LIGHT CHAIN'
5 polymer 'RGD PEPTIDE'
6 branched alpha-D-mannopyranose-(1-3)-beta-D-mannopyranose-(1-4)-2-acetamido-2-deoxy-beta-D-glucopyranose-(1-4)-2-acetamido-2-deoxy-beta-D-glucopyranose
7 branched 2-acetamido-2-deoxy-beta-D-glucopyranose-(1-4)-2-acetamido-2-deoxy-beta-D-glucopyranose
8 non-polymer 'SULFATE ION'
9 non-polymer 'CALCIUM ION'
10 non-polymer 'MANGANESE (II) ION'
11 non-polymer 2-acetamido-2-deoxy-beta-D-glucopyranose
12 non-polymer 'CHLORIDE ION'
13 water water
#
loop_
_entity_poly.entity_id
_entity_poly.type
_entity_poly.pdbx_seq_one_letter_code
_entity_poly.pdbx_strand_id
1 'polypeptide(L)'
;LNLDPVQLTFYAGPNGSQFGFSLDFHKDSHGRVAIVVGAPRTLGPSQEETGGVFLCPWRAEGGQCPSLLFDLRDETRNVG
SQTLQTFKARQGLGASVVSWSDVIVACAPWQHWNVLEKTEEAEKTPVGSCFLAQPESGRRAEYSPCRGNTLSRIYVENDF
SWDKRYCEAGFSSVVTQAGELVLGAPGGYYFLGLLAQAPVADIFSSYRPGILLWHVSSQSLSFDSSNPEYFDGYWGYSVA
VGEFDGDLNTTEYVVGAPTWSWTLGAVEILDSYYQRLHRLRGEQMASYFGHSVAVTDVNGDGRHDLLVGAPLYMESRADR
KLAEVGRVYLFLQPRGPHALGAPSLLLTGTQLYGRFGSAIAPLGDLDRDGYNDIAVAAPYGGPSGRGQVLVFLGQSEGLR
SRPSQVLDSPFPTGSAFGFSLRGAVDIDDNGYPDLIVGAYGANQVAVYRAQPVVKAS
;
A,C
2 'polypeptide(L)'
;GPNICTTRGVSSCQQCLAVSPMCAWCSDEALPLGSPRCDLKENLLKDNCAPESIEFPVSEARVLEDRPLSDKGSGDSSQV
TQVSPQRIALRLRPDDSKNFSIQVRQVEDYPVDIYYLMDLSYSMKDDLWSIQNLGTKLATQMRKLTSNLRIGFGAFVDKP
VSPYMYISPPEALENPCYDMKTTCLPMFGYKHVLTLTDQVTRFNEEVKKQSVSRNRDAPEGGFDAIMQATVCDEKIGWRN
DASHLLVFTTDAKTHIALDGRLAGIVQPNDGQCHVGSDNHYSASTTMDYPSLGLMTEKLSQKNINLIFAVTENVVNLYQN
YSELIPGTTVGVLSMDSSNVLQLIVDAYGKIRSKVELEVRDLPEELSLSFNATCLNNEVIPGLKSCMGLKIGDTVSFSIE
AKVRGCPQEKEKSFTIKPVGFKDSLIVQVTFDCDCACQAQAEPNSHRCNNGNGTFECGVCRCGPGWLGSQCE
;
B,D
3 'polypeptide(L)'
;EVQLQQSGAELVKPGASVKLSCTASGFNIKDTYVHWVKQRPEQGLEWIGRIDPANGYTKYDPKFQGKATITADTSSNTAY
LQLSSLTSEDTAVYYCVRPLYDYYAMDYWGQGTSVTVSSAKTTAPSVYPLAPVCGDTTGSSVTLGCLVKGYFPEPVTLTW
NSGSLSSGVHTFPAVLQSDLYTLSSSVTVTSSTWPSQSITCNVAHPASSTKVDKKIEPRGP
;
E,H
4 'polypeptide(L)'
;DILMTQSPSSMSVSLGDTVSITCHASQGISSNIGWLQQKPGKSFMGLIYYGTNLVDGVPSRFSGSGSGADYSLTISSLDS
EDFADYYCVQYAQLPYTFGGGTKLEIKRADAAPTVSIFPPSSEQLTSGGASVVCFLNNFYPKDINVKWKIDGSERQNGVL
NSWTDQDSKDSTYSMSSTLTLTKDEYERHNSYTCEATHKTSTSPIVKSFNRNEC
;
F,L
5 'polypeptide(L)' GRGDSP I,J
#
loop_
_chem_comp.id
_chem_comp.type
_chem_comp.name
_chem_comp.formula
BMA D-saccharide, beta linking beta-D-mannopyranose 'C6 H12 O6'
CA non-polymer 'CALCIUM ION' 'Ca 2'
CL non-polymer 'CHLORIDE ION' 'Cl -1'
MAN D-saccharide, alpha linking alpha-D-mannopyranose 'C6 H12 O6'
MN non-polymer 'MANGANESE (II) ION' 'Mn 2'
NAG D-saccharide, beta linking 2-acetamido-2-deoxy-beta-D-glucopyranose 'C8 H15 N O6'
SO4 non-polymer 'SULFATE ION' 'O4 S -2'
#
# COMPACT_ATOMS: atom_id res chain seq x y z
N LEU A 1 -3.58 45.69 13.76
CA LEU A 1 -3.63 46.54 15.00
C LEU A 1 -3.78 48.01 14.66
N ASN A 2 -2.82 48.55 13.91
CA ASN A 2 -2.75 49.98 13.66
C ASN A 2 -3.01 50.40 12.21
N LEU A 3 -3.80 49.62 11.48
CA LEU A 3 -4.27 50.04 10.17
C LEU A 3 -5.39 51.06 10.39
N ASP A 4 -5.47 52.06 9.53
CA ASP A 4 -6.46 53.13 9.70
C ASP A 4 -7.77 52.79 8.99
N PRO A 5 -8.82 52.50 9.77
CA PRO A 5 -10.11 52.06 9.21
C PRO A 5 -11.06 53.23 8.93
N VAL A 6 -10.72 54.41 9.42
CA VAL A 6 -11.56 55.59 9.26
C VAL A 6 -11.38 56.24 7.90
N GLN A 7 -10.13 56.48 7.53
CA GLN A 7 -9.82 57.18 6.28
C GLN A 7 -9.16 56.25 5.27
N LEU A 8 -9.99 55.55 4.49
CA LEU A 8 -9.49 54.64 3.48
C LEU A 8 -9.32 55.36 2.15
N THR A 9 -8.67 54.71 1.20
CA THR A 9 -8.56 55.21 -0.15
C THR A 9 -9.17 54.18 -1.09
N PHE A 10 -10.00 54.64 -2.02
CA PHE A 10 -10.69 53.73 -2.93
C PHE A 10 -10.30 53.94 -4.38
N TYR A 11 -9.95 52.85 -5.04
CA TYR A 11 -9.80 52.83 -6.49
C TYR A 11 -10.93 52.00 -7.07
N ALA A 12 -11.50 52.46 -8.17
CA ALA A 12 -12.60 51.75 -8.80
C ALA A 12 -12.35 51.57 -10.29
N GLY A 13 -12.90 50.49 -10.86
CA GLY A 13 -12.77 50.21 -12.27
C GLY A 13 -14.13 50.09 -12.93
N PRO A 14 -14.13 49.78 -14.23
CA PRO A 14 -15.37 49.60 -14.99
C PRO A 14 -16.33 48.62 -14.33
N ASN A 15 -17.63 48.84 -14.50
CA ASN A 15 -18.63 47.95 -13.93
CA ASN A 15 -18.64 47.95 -13.93
C ASN A 15 -18.55 46.56 -14.56
N GLY A 16 -18.71 45.54 -13.74
CA GLY A 16 -18.69 44.16 -14.19
C GLY A 16 -17.35 43.67 -14.75
N SER A 17 -16.29 44.41 -14.48
CA SER A 17 -14.96 44.05 -14.96
C SER A 17 -14.20 43.18 -13.95
N GLN A 18 -14.78 43.00 -12.77
CA GLN A 18 -14.10 42.30 -11.68
C GLN A 18 -12.76 42.97 -11.38
N PHE A 19 -12.77 44.30 -11.40
CA PHE A 19 -11.62 45.11 -11.00
C PHE A 19 -11.32 44.88 -9.53
N GLY A 20 -10.16 44.28 -9.24
CA GLY A 20 -9.77 43.97 -7.88
C GLY A 20 -9.61 42.47 -7.63
N PHE A 21 -9.86 41.67 -8.66
CA PHE A 21 -9.72 40.22 -8.55
C PHE A 21 -8.34 39.86 -8.05
N SER A 22 -7.34 40.57 -8.56
CA SER A 22 -5.96 40.36 -8.15
C SER A 22 -5.26 41.72 -8.11
N LEU A 23 -4.28 41.87 -7.24
CA LEU A 23 -3.55 43.13 -7.13
C LEU A 23 -2.13 42.91 -6.62
N ASP A 24 -1.35 43.98 -6.63
CA ASP A 24 0.02 43.93 -6.13
C ASP A 24 0.62 45.34 -6.11
N PHE A 25 1.65 45.53 -5.29
CA PHE A 25 2.38 46.79 -5.27
C PHE A 25 3.37 46.81 -6.43
N HIS A 26 3.75 48.00 -6.88
CA HIS A 26 4.70 48.13 -7.98
C HIS A 26 5.58 49.36 -7.82
N LYS A 27 6.89 49.14 -7.75
CA LYS A 27 7.84 50.24 -7.71
C LYS A 27 8.50 50.43 -9.07
N ASP A 28 8.56 51.67 -9.54
CA ASP A 28 9.26 51.98 -10.78
C ASP A 28 10.75 52.09 -10.51
N SER A 29 11.51 52.51 -11.52
CA SER A 29 12.95 52.66 -11.39
C SER A 29 13.33 53.61 -10.26
N HIS A 30 12.44 54.56 -9.96
CA HIS A 30 12.71 55.57 -8.94
C HIS A 30 12.19 55.17 -7.57
N GLY A 31 11.59 53.99 -7.47
CA GLY A 31 11.07 53.50 -6.21
C GLY A 31 9.69 54.03 -5.85
N ARG A 32 9.09 54.78 -6.78
CA ARG A 32 7.74 55.30 -6.58
C ARG A 32 6.74 54.14 -6.61
N VAL A 33 5.99 53.98 -5.51
CA VAL A 33 5.07 52.86 -5.39
C VAL A 33 3.72 53.15 -6.05
N ALA A 34 3.27 52.21 -6.88
CA ALA A 34 1.95 52.27 -7.49
C ALA A 34 1.28 50.92 -7.30
N ILE A 35 -0.05 50.90 -7.37
CA ILE A 35 -0.80 49.66 -7.26
C ILE A 35 -1.14 49.14 -8.64
N VAL A 36 -0.96 47.84 -8.84
CA VAL A 36 -1.37 47.20 -10.08
C VAL A 36 -2.57 46.31 -9.81
N VAL A 37 -3.63 46.48 -10.60
CA VAL A 37 -4.88 45.77 -10.38
C VAL A 37 -5.27 44.97 -11.61
N GLY A 38 -5.88 43.82 -11.39
CA GLY A 38 -6.34 42.96 -12.47
C GLY A 38 -7.85 42.95 -12.55
N ALA A 39 -8.36 43.10 -13.77
CA ALA A 39 -9.81 43.06 -14.01
C ALA A 39 -10.10 42.08 -15.14
N PRO A 40 -10.20 40.78 -14.79
CA PRO A 40 -10.26 39.69 -15.78
C PRO A 40 -11.51 39.69 -16.67
N ARG A 41 -12.51 40.49 -16.36
CA ARG A 41 -13.71 40.54 -17.19
C ARG A 41 -13.94 41.91 -17.83
N THR A 42 -12.85 42.67 -18.01
CA THR A 42 -12.93 43.96 -18.68
C THR A 42 -13.19 43.73 -20.17
N LEU A 43 -14.07 44.56 -20.74
CA LEU A 43 -14.42 44.43 -22.15
C LEU A 43 -13.23 44.72 -23.05
N GLY A 44 -13.11 43.95 -24.13
CA GLY A 44 -12.03 44.12 -25.09
C GLY A 44 -12.42 45.04 -26.23
N PRO A 45 -11.87 44.79 -27.42
CA PRO A 45 -12.18 45.59 -28.60
C PRO A 45 -13.53 45.24 -29.22
N SER A 46 -13.89 43.96 -29.18
CA SER A 46 -15.14 43.50 -29.78
C SER A 46 -16.26 43.43 -28.75
N GLN A 47 -16.22 44.32 -27.75
CA GLN A 47 -17.22 44.35 -26.69
C GLN A 47 -17.40 42.97 -26.06
N GLU A 48 -16.30 42.21 -26.01
CA GLU A 48 -16.32 40.90 -25.40
C GLU A 48 -15.26 40.83 -24.32
N GLU A 49 -15.63 40.26 -23.17
CA GLU A 49 -14.73 40.17 -22.02
C GLU A 49 -13.42 39.50 -22.40
N THR A 50 -12.32 40.22 -22.21
CA THR A 50 -10.98 39.66 -22.42
C THR A 50 -10.10 39.84 -21.21
N GLY A 51 -10.53 40.68 -20.27
CA GLY A 51 -9.71 41.01 -19.12
C GLY A 51 -8.88 42.25 -19.40
N GLY A 52 -8.31 42.82 -18.35
CA GLY A 52 -7.49 44.01 -18.48
C GLY A 52 -6.70 44.30 -17.22
N VAL A 53 -5.67 45.12 -17.35
CA VAL A 53 -4.81 45.46 -16.22
C VAL A 53 -4.77 46.97 -16.04
N PHE A 54 -4.80 47.41 -14.79
CA PHE A 54 -4.75 48.83 -14.47
C PHE A 54 -3.56 49.13 -13.57
N LEU A 55 -2.93 50.27 -13.80
CA LEU A 55 -1.78 50.68 -13.01
C LEU A 55 -2.12 51.97 -12.27
N CYS A 56 -2.43 51.83 -10.99
CA CYS A 56 -2.91 52.94 -10.18
C CYS A 56 -1.79 53.66 -9.45
N PRO A 57 -1.61 54.95 -9.75
CA PRO A 57 -0.67 55.77 -8.98
C PRO A 57 -1.19 56.03 -7.58
N TRP A 58 -0.32 56.13 -6.59
CA TRP A 58 -0.76 56.39 -5.23
C TRP A 58 -1.34 57.79 -5.09
N ARG A 59 -2.53 57.85 -4.51
CA ARG A 59 -3.23 59.11 -4.30
C ARG A 59 -4.18 58.93 -3.12
N ALA A 60 -4.00 59.76 -2.09
CA ALA A 60 -4.79 59.62 -0.87
C ALA A 60 -6.29 59.54 -1.14
N GLU A 61 -6.73 60.08 -2.28
CA GLU A 61 -8.14 60.04 -2.64
C GLU A 61 -8.48 58.86 -3.55
N GLY A 62 -7.47 58.37 -4.28
CA GLY A 62 -7.67 57.27 -5.20
C GLY A 62 -8.43 57.70 -6.44
N GLY A 63 -9.37 56.87 -6.88
CA GLY A 63 -10.19 57.20 -8.03
C GLY A 63 -10.02 56.23 -9.19
N GLN A 64 -10.07 56.77 -10.41
CA GLN A 64 -9.92 55.97 -11.62
C GLN A 64 -8.45 55.73 -11.95
N CYS A 65 -8.17 54.63 -12.65
CA CYS A 65 -6.81 54.27 -13.00
C CYS A 65 -6.66 54.07 -14.50
N PRO A 66 -5.47 54.41 -15.04
CA PRO A 66 -5.16 54.21 -16.45
C PRO A 66 -4.87 52.74 -16.77
N SER A 67 -5.23 52.30 -17.97
CA SER A 67 -5.00 50.92 -18.36
C SER A 67 -3.55 50.66 -18.73
N LEU A 68 -3.03 49.53 -18.28
CA LEU A 68 -1.77 49.00 -18.78
C LEU A 68 -2.10 48.17 -20.01
N LEU A 69 -1.96 48.78 -21.19
CA LEU A 69 -2.48 48.21 -22.42
C LEU A 69 -1.71 47.00 -22.92
N PHE A 70 -2.45 45.97 -23.33
CA PHE A 70 -1.87 44.77 -23.91
C PHE A 70 -2.55 44.45 -25.23
N ASP A 71 -1.91 43.61 -26.03
CA ASP A 71 -2.50 43.17 -27.30
C ASP A 71 -3.63 42.17 -27.02
N LEU A 72 -4.82 42.49 -27.50
CA LEU A 72 -6.00 41.65 -27.23
C LEU A 72 -6.60 41.06 -28.51
N ARG A 73 -5.83 41.07 -29.59
CA ARG A 73 -6.29 40.54 -30.86
C ARG A 73 -5.91 39.06 -31.01
N ASP A 74 -6.86 38.24 -31.41
CA ASP A 74 -6.59 36.83 -31.64
C ASP A 74 -5.57 36.68 -32.77
N GLU A 75 -4.65 35.74 -32.61
CA GLU A 75 -3.53 35.59 -33.53
C GLU A 75 -3.61 34.30 -34.34
N THR A 76 -3.10 34.34 -35.55
CA THR A 76 -3.02 33.15 -36.40
C THR A 76 -1.67 33.12 -37.10
N ARG A 77 -1.12 31.92 -37.25
CA ARG A 77 0.13 31.76 -37.98
C ARG A 77 0.16 30.44 -38.75
N ASN A 78 0.26 30.54 -40.07
CA ASN A 78 0.35 29.36 -40.92
C ASN A 78 1.80 29.03 -41.21
N VAL A 79 2.35 28.07 -40.47
CA VAL A 79 3.75 27.71 -40.58
C VAL A 79 3.94 26.20 -40.46
N GLY A 80 4.95 25.68 -41.15
CA GLY A 80 5.27 24.27 -41.10
C GLY A 80 4.07 23.39 -41.41
N SER A 81 3.28 23.80 -42.40
CA SER A 81 2.11 23.05 -42.82
C SER A 81 1.07 22.91 -41.71
N GLN A 82 1.09 23.85 -40.76
CA GLN A 82 0.13 23.85 -39.66
C GLN A 82 -0.45 25.24 -39.49
N THR A 83 -1.58 25.31 -38.78
CA THR A 83 -2.20 26.60 -38.47
C THR A 83 -2.28 26.78 -36.95
N LEU A 84 -1.55 27.75 -36.43
CA LEU A 84 -1.55 28.04 -35.01
C LEU A 84 -2.58 29.11 -34.70
N GLN A 85 -3.28 28.96 -33.58
CA GLN A 85 -4.34 29.89 -33.24
C GLN A 85 -4.39 30.20 -31.74
N THR A 86 -4.50 31.47 -31.41
CA THR A 86 -4.71 31.91 -30.04
C THR A 86 -6.10 32.54 -29.93
N PHE A 87 -6.81 32.23 -28.86
CA PHE A 87 -8.15 32.75 -28.66
C PHE A 87 -8.24 33.45 -27.31
N LYS A 88 -8.42 34.77 -27.36
CA LYS A 88 -8.34 35.60 -26.16
C LYS A 88 -9.71 35.91 -25.58
N ALA A 89 -10.76 35.50 -26.27
CA ALA A 89 -12.13 35.73 -25.79
C ALA A 89 -12.34 35.03 -24.45
N ARG A 90 -12.75 35.81 -23.45
CA ARG A 90 -12.99 35.28 -22.11
C ARG A 90 -11.74 34.61 -21.54
N GLN A 91 -10.58 35.19 -21.84
CA GLN A 91 -9.30 34.63 -21.41
C GLN A 91 -9.00 34.91 -19.94
N GLY A 92 -9.58 35.99 -19.41
CA GLY A 92 -9.41 36.34 -18.02
C GLY A 92 -8.08 37.02 -17.75
N LEU A 93 -7.68 37.91 -18.64
CA LEU A 93 -6.44 38.67 -18.47
C LEU A 93 -6.52 39.50 -17.20
N GLY A 94 -5.63 39.22 -16.25
CA GLY A 94 -5.64 39.92 -14.97
C GLY A 94 -6.20 39.06 -13.86
N ALA A 95 -6.44 37.78 -14.14
CA ALA A 95 -6.93 36.85 -13.13
C ALA A 95 -5.86 36.67 -12.06
N SER A 96 -4.63 37.06 -12.39
CA SER A 96 -3.56 37.13 -11.42
C SER A 96 -2.49 38.10 -11.92
N VAL A 97 -1.94 38.89 -11.00
CA VAL A 97 -0.86 39.82 -11.35
C VAL A 97 0.21 39.83 -10.27
N VAL A 98 1.46 39.98 -10.69
CA VAL A 98 2.57 40.09 -9.75
C VAL A 98 3.62 41.03 -10.31
N SER A 99 4.27 41.77 -9.43
CA SER A 99 5.30 42.72 -9.84
C SER A 99 6.65 42.34 -9.28
N TRP A 100 7.67 42.43 -10.13
CA TRP A 100 9.05 42.19 -9.73
C TRP A 100 9.93 43.20 -10.45
N SER A 101 10.70 43.96 -9.67
CA SER A 101 11.49 45.05 -10.22
C SER A 101 10.57 46.06 -10.89
N ASP A 102 10.94 46.53 -12.08
CA ASP A 102 10.10 47.46 -12.83
C ASP A 102 9.30 46.71 -13.89
N VAL A 103 9.10 45.42 -13.68
CA VAL A 103 8.34 44.59 -14.60
C VAL A 103 7.03 44.16 -13.96
N ILE A 104 5.98 44.12 -14.77
CA ILE A 104 4.67 43.66 -14.32
C ILE A 104 4.30 42.40 -15.09
N VAL A 105 3.67 41.45 -14.40
CA VAL A 105 3.24 40.22 -15.03
C VAL A 105 1.75 39.97 -14.79
N ALA A 106 0.97 39.97 -15.86
CA ALA A 106 -0.46 39.70 -15.77
C ALA A 106 -0.80 38.46 -16.60
N CYS A 107 -1.57 37.55 -16.01
CA CYS A 107 -1.85 36.27 -16.63
C CYS A 107 -3.30 36.07 -17.01
N ALA A 108 -3.54 35.45 -18.15
CA ALA A 108 -4.87 35.06 -18.60
C ALA A 108 -4.96 33.54 -18.61
N PRO A 109 -5.40 32.95 -17.49
CA PRO A 109 -5.37 31.50 -17.32
C PRO A 109 -6.25 30.74 -18.31
N TRP A 110 -7.30 31.37 -18.83
CA TRP A 110 -8.25 30.68 -19.69
C TRP A 110 -8.18 31.15 -21.14
N GLN A 111 -7.00 31.61 -21.54
CA GLN A 111 -6.76 31.92 -22.94
C GLN A 111 -6.62 30.61 -23.70
N HIS A 112 -7.40 30.45 -24.77
CA HIS A 112 -7.43 29.18 -25.48
C HIS A 112 -6.46 29.14 -26.66
N TRP A 113 -6.15 27.93 -27.10
CA TRP A 113 -5.13 27.71 -28.10
C TRP A 113 -5.45 26.44 -28.89
N ASN A 114 -5.24 26.49 -30.19
CA ASN A 114 -5.52 25.34 -31.04
C ASN A 114 -4.55 25.28 -32.21
N VAL A 115 -4.37 24.08 -32.75
CA VAL A 115 -3.54 23.89 -33.92
C VAL A 115 -4.31 23.07 -34.95
N LEU A 116 -4.22 23.46 -36.21
CA LEU A 116 -4.92 22.77 -37.27
C LEU A 116 -3.94 22.22 -38.30
N GLU A 117 -4.12 20.96 -38.66
CA GLU A 117 -3.34 20.33 -39.72
C GLU A 117 -4.27 19.51 -40.59
N LYS A 118 -4.67 20.07 -41.73
CA LYS A 118 -5.61 19.42 -42.63
C LYS A 118 -6.96 19.23 -41.95
N THR A 119 -7.33 17.99 -41.67
CA THR A 119 -8.60 17.70 -41.01
C THR A 119 -8.42 17.26 -39.57
N GLU A 120 -7.21 17.45 -39.04
CA GLU A 120 -6.92 17.13 -37.65
C GLU A 120 -6.68 18.41 -36.85
N GLU A 121 -6.55 18.27 -35.54
CA GLU A 121 -6.32 19.41 -34.67
C GLU A 121 -5.78 18.97 -33.33
N ALA A 122 -5.19 19.90 -32.60
CA ALA A 122 -4.70 19.63 -31.26
C ALA A 122 -5.85 19.67 -30.26
N GLU A 123 -6.91 20.38 -30.63
CA GLU A 123 -8.07 20.65 -29.77
C GLU A 123 -7.95 22.06 -29.20
N LYS A 124 -9.07 22.79 -29.22
CA LYS A 124 -9.13 24.13 -28.65
C LYS A 124 -9.21 24.03 -27.13
N THR A 125 -8.12 24.37 -26.45
CA THR A 125 -8.02 24.18 -25.01
C THR A 125 -7.38 25.37 -24.31
N PRO A 126 -7.69 25.57 -23.02
CA PRO A 126 -7.16 26.69 -22.24
C PRO A 126 -5.74 26.46 -21.74
N VAL A 127 -4.75 26.76 -22.57
CA VAL A 127 -3.35 26.59 -22.19
C VAL A 127 -2.90 27.73 -21.29
N GLY A 128 -3.59 28.87 -21.38
CA GLY A 128 -3.23 30.04 -20.60
C GLY A 128 -2.06 30.78 -21.23
N SER A 129 -1.74 31.95 -20.68
CA SER A 129 -0.67 32.76 -21.22
C SER A 129 -0.42 33.96 -20.30
N CYS A 130 0.85 34.35 -20.19
CA CYS A 130 1.21 35.51 -19.38
C CYS A 130 1.68 36.67 -20.24
N PHE A 131 1.35 37.88 -19.81
CA PHE A 131 1.75 39.09 -20.50
C PHE A 131 2.70 39.86 -19.60
N LEU A 132 3.92 40.10 -20.09
CA LEU A 132 4.92 40.82 -19.33
C LEU A 132 5.09 42.22 -19.89
N ALA A 133 5.17 43.21 -19.00
CA ALA A 133 5.29 44.60 -19.40
C ALA A 133 6.33 45.34 -18.57
N GLN A 134 6.99 46.30 -19.19
CA GLN A 134 7.88 47.22 -18.49
C GLN A 134 7.37 48.62 -18.72
N PRO A 135 6.47 49.08 -17.85
CA PRO A 135 5.70 50.32 -18.06
C PRO A 135 6.56 51.51 -18.48
N GLU A 136 7.72 51.68 -17.85
CA GLU A 136 8.56 52.84 -18.10
C GLU A 136 9.15 52.84 -19.52
N SER A 137 9.51 51.66 -20.01
CA SER A 137 10.15 51.55 -21.32
C SER A 137 9.15 51.22 -22.41
N GLY A 138 7.96 50.76 -22.03
CA GLY A 138 6.94 50.38 -22.99
C GLY A 138 7.19 48.99 -23.56
N ARG A 139 8.25 48.33 -23.10
CA ARG A 139 8.56 46.98 -23.55
C ARG A 139 7.44 46.01 -23.20
N ARG A 140 7.24 45.01 -24.07
CA ARG A 140 6.23 43.99 -23.83
C ARG A 140 6.76 42.62 -24.23
N ALA A 141 6.10 41.57 -23.76
CA ALA A 141 6.49 40.20 -24.07
C ALA A 141 5.42 39.23 -23.60
N GLU A 142 5.57 37.96 -23.96
CA GLU A 142 4.61 36.94 -23.57
C GLU A 142 5.32 35.66 -23.15
N TYR A 143 4.59 34.80 -22.45
CA TYR A 143 5.11 33.50 -22.03
C TYR A 143 3.94 32.53 -21.91
N SER A 144 3.95 31.49 -22.73
CA SER A 144 2.85 30.53 -22.76
C SER A 144 3.43 29.13 -22.93
N PRO A 145 4.06 28.60 -21.88
CA PRO A 145 4.84 27.36 -21.89
C PRO A 145 4.04 26.09 -22.19
N CYS A 146 2.72 26.17 -22.11
CA CYS A 146 1.88 24.98 -22.30
C CYS A 146 1.39 24.82 -23.74
N ARG A 147 1.69 25.79 -24.60
CA ARG A 147 1.35 25.69 -26.01
C ARG A 147 2.15 24.57 -26.66
N GLY A 148 1.51 23.83 -27.57
CA GLY A 148 2.16 22.76 -28.28
C GLY A 148 1.56 22.54 -29.64
N ASN A 149 2.27 21.82 -30.51
CA ASN A 149 1.79 21.57 -31.86
C ASN A 149 1.57 20.09 -32.11
N THR A 150 1.24 19.36 -31.06
CA THR A 150 0.91 17.94 -31.18
C THR A 150 -0.58 17.79 -31.47
N LEU A 151 -0.92 16.86 -32.36
CA LEU A 151 -2.31 16.66 -32.76
C LEU A 151 -3.03 15.73 -31.79
N SER A 152 -4.36 15.87 -31.76
CA SER A 152 -5.20 15.11 -30.84
C SER A 152 -4.90 13.61 -30.90
N ARG A 153 -4.76 13.08 -32.11
CA ARG A 153 -4.53 11.65 -32.30
C ARG A 153 -3.32 11.15 -31.50
N ILE A 154 -2.26 11.95 -31.50
CA ILE A 154 -1.01 11.54 -30.85
C ILE A 154 -1.22 11.29 -29.37
N TYR A 155 -1.82 12.26 -28.69
CA TYR A 155 -2.07 12.15 -27.25
C TYR A 155 -2.80 10.85 -26.93
N VAL A 156 -3.79 10.51 -27.76
CA VAL A 156 -4.57 9.29 -27.56
C VAL A 156 -3.70 8.05 -27.65
N GLU A 157 -2.81 8.02 -28.64
CA GLU A 157 -1.90 6.90 -28.82
C GLU A 157 -0.94 6.78 -27.63
N ASN A 158 -0.59 7.92 -27.04
CA ASN A 158 0.33 7.95 -25.91
C ASN A 158 -0.37 7.92 -24.56
N ASP A 159 -1.66 7.57 -24.56
CA ASP A 159 -2.41 7.43 -23.32
C ASP A 159 -2.44 8.75 -22.54
N PHE A 160 -2.44 9.85 -23.28
CA PHE A 160 -2.54 11.18 -22.69
C PHE A 160 -1.46 11.45 -21.66
N SER A 161 -0.21 11.19 -22.03
CA SER A 161 0.92 11.48 -21.16
C SER A 161 1.50 12.83 -21.54
N TRP A 162 1.92 13.59 -20.53
CA TRP A 162 2.51 14.90 -20.75
C TRP A 162 1.55 15.79 -21.54
N ASP A 163 0.26 15.64 -21.26
CA ASP A 163 -0.76 16.45 -21.90
C ASP A 163 -0.88 17.77 -21.17
N LYS A 164 -0.37 18.83 -21.79
CA LYS A 164 -0.35 20.15 -21.18
C LYS A 164 -1.38 21.08 -21.81
N ARG A 165 -2.44 20.53 -22.38
CA ARG A 165 -3.38 21.32 -23.17
C ARG A 165 -4.37 22.11 -22.31
N TYR A 166 -4.40 21.85 -21.01
CA TYR A 166 -5.34 22.52 -20.12
C TYR A 166 -4.63 23.18 -18.94
N CYS A 167 -3.31 23.33 -19.06
CA CYS A 167 -2.50 23.94 -18.01
C CYS A 167 -3.19 25.10 -17.32
N GLU A 168 -3.75 26.00 -18.11
CA GLU A 168 -4.24 27.28 -17.61
C GLU A 168 -3.10 27.99 -16.88
N ALA A 169 -1.96 28.05 -17.56
CA ALA A 169 -0.76 28.68 -17.01
C ALA A 169 -1.04 30.13 -16.60
N GLY A 170 -0.72 30.44 -15.34
CA GLY A 170 -0.92 31.78 -14.83
C GLY A 170 -2.04 31.84 -13.81
N PHE A 171 -2.68 30.69 -13.59
CA PHE A 171 -3.71 30.59 -12.56
C PHE A 171 -3.20 31.25 -11.29
N SER A 172 -1.98 30.88 -10.91
CA SER A 172 -1.28 31.56 -9.83
C SER A 172 0.13 31.88 -10.29
N SER A 173 0.66 33.02 -9.84
CA SER A 173 1.97 33.47 -10.30
C SER A 173 2.79 34.03 -9.15
N VAL A 174 4.09 33.76 -9.20
CA VAL A 174 5.02 34.30 -8.22
C VAL A 174 6.37 34.54 -8.90
N VAL A 175 7.17 35.42 -8.33
CA VAL A 175 8.50 35.69 -8.88
C VAL A 175 9.55 35.67 -7.77
N THR A 176 10.63 34.93 -8.00
CA THR A 176 11.71 34.85 -7.03
C THR A 176 12.56 36.11 -7.08
N GLN A 177 13.25 36.40 -5.98
CA GLN A 177 14.09 37.59 -5.93
C GLN A 177 15.04 37.61 -7.11
N ALA A 178 15.56 36.45 -7.47
CA ALA A 178 16.51 36.33 -8.58
C ALA A 178 15.88 36.75 -9.91
N GLY A 179 14.55 36.74 -9.97
CA GLY A 179 13.84 37.21 -11.14
C GLY A 179 13.33 36.09 -12.03
N GLU A 180 13.09 34.93 -11.44
CA GLU A 180 12.51 33.81 -12.16
C GLU A 180 11.00 33.78 -11.95
N LEU A 181 10.26 33.85 -13.07
CA LEU A 181 8.81 33.78 -13.02
C LEU A 181 8.40 32.33 -12.82
N VAL A 182 7.50 32.09 -11.87
CA VAL A 182 7.00 30.75 -11.61
C VAL A 182 5.48 30.74 -11.73
N LEU A 183 4.97 30.00 -12.72
CA LEU A 183 3.54 29.96 -12.99
C LEU A 183 2.95 28.64 -12.53
N GLY A 184 1.85 28.73 -11.79
CA GLY A 184 1.09 27.56 -11.40
C GLY A 184 0.05 27.24 -12.45
N ALA A 185 0.04 25.99 -12.90
CA ALA A 185 -0.88 25.55 -13.94
C ALA A 185 -1.65 24.32 -13.44
N PRO A 186 -2.73 24.55 -12.67
CA PRO A 186 -3.45 23.47 -11.99
C PRO A 186 -4.08 22.46 -12.95
N GLY A 187 -4.21 22.82 -14.21
CA GLY A 187 -4.84 21.94 -15.19
C GLY A 187 -3.83 21.13 -15.99
N GLY A 188 -2.55 21.40 -15.76
CA GLY A 188 -1.49 20.75 -16.51
C GLY A 188 -1.45 19.25 -16.29
N TYR A 189 -1.03 18.51 -17.31
CA TYR A 189 -0.91 17.06 -17.22
C TYR A 189 -2.26 16.43 -16.86
N TYR A 190 -3.26 16.71 -17.68
CA TYR A 190 -4.62 16.23 -17.45
C TYR A 190 -5.07 16.43 -16.00
N PHE A 191 -4.96 17.68 -15.53
CA PHE A 191 -5.52 18.09 -14.26
C PHE A 191 -4.79 17.54 -13.03
N LEU A 192 -3.54 17.14 -13.22
CA LEU A 192 -2.66 16.90 -12.08
C LEU A 192 -2.16 18.24 -11.57
N GLY A 193 -1.89 19.14 -12.52
CA GLY A 193 -1.30 20.42 -12.21
C GLY A 193 0.19 20.37 -12.43
N LEU A 194 0.76 21.47 -12.93
CA LEU A 194 2.20 21.56 -13.10
C LEU A 194 2.71 22.96 -12.81
N LEU A 195 4.03 23.08 -12.65
CA LEU A 195 4.65 24.37 -12.45
C LEU A 195 5.56 24.66 -13.63
N ALA A 196 5.58 25.92 -14.07
CA ALA A 196 6.49 26.34 -15.12
C ALA A 196 7.31 27.50 -14.59
N GLN A 197 8.63 27.45 -14.84
CA GLN A 197 9.51 28.52 -14.43
C GLN A 197 10.42 28.94 -15.56
N ALA A 198 10.74 30.23 -15.61
CA ALA A 198 11.65 30.77 -16.61
C ALA A 198 12.09 32.16 -16.19
N PRO A 199 13.39 32.46 -16.36
CA PRO A 199 13.92 33.79 -16.04
C PRO A 199 13.21 34.89 -16.82
N VAL A 200 12.70 35.90 -16.12
CA VAL A 200 12.02 37.02 -16.74
C VAL A 200 12.87 37.60 -17.88
N ALA A 201 14.15 37.79 -17.60
CA ALA A 201 15.07 38.35 -18.58
C ALA A 201 15.04 37.54 -19.87
N ASP A 202 15.01 36.22 -19.73
CA ASP A 202 15.03 35.32 -20.88
C ASP A 202 13.70 35.31 -21.60
N ILE A 203 12.62 35.47 -20.84
CA ILE A 203 11.29 35.54 -21.42
C ILE A 203 11.20 36.72 -22.39
N PHE A 204 11.81 37.83 -22.01
CA PHE A 204 11.79 39.05 -22.82
C PHE A 204 12.66 38.90 -24.06
N SER A 205 13.87 38.39 -23.87
CA SER A 205 14.86 38.33 -24.94
C SER A 205 14.51 37.31 -26.02
N SER A 206 13.69 36.33 -25.65
CA SER A 206 13.35 35.24 -26.58
C SER A 206 12.01 35.45 -27.26
N TYR A 207 11.28 36.49 -26.84
CA TYR A 207 9.94 36.73 -27.40
C TYR A 207 9.96 37.67 -28.60
N ARG A 208 9.15 37.33 -29.60
CA ARG A 208 8.90 38.19 -30.73
C ARG A 208 7.45 38.01 -31.13
N PRO A 209 6.75 39.12 -31.43
CA PRO A 209 5.34 39.00 -31.82
C PRO A 209 5.16 38.27 -33.15
N GLY A 210 4.15 37.41 -33.22
CA GLY A 210 3.83 36.71 -34.45
C GLY A 210 4.30 35.26 -34.48
N ILE A 211 5.33 34.95 -33.69
CA ILE A 211 5.91 33.61 -33.71
C ILE A 211 4.98 32.58 -33.08
N LEU A 212 4.44 32.90 -31.90
CA LEU A 212 3.46 32.06 -31.22
C LEU A 212 4.05 30.80 -30.58
N LEU A 213 4.90 30.09 -31.31
CA LEU A 213 5.61 28.94 -30.75
C LEU A 213 7.12 29.15 -30.80
N TRP A 214 7.69 29.58 -29.67
CA TRP A 214 9.12 29.82 -29.59
C TRP A 214 9.72 29.09 -28.39
N HIS A 215 11.04 29.01 -28.35
CA HIS A 215 11.73 28.27 -27.30
C HIS A 215 12.30 29.17 -26.23
N VAL A 216 12.18 28.73 -24.98
CA VAL A 216 12.85 29.36 -23.86
C VAL A 216 13.71 28.31 -23.17
N SER A 217 14.96 28.19 -23.60
CA SER A 217 15.84 27.10 -23.19
C SER A 217 16.02 27.02 -21.68
N SER A 218 16.04 28.18 -21.03
CA SER A 218 16.28 28.23 -19.59
C SER A 218 15.04 27.90 -18.77
N GLN A 219 13.92 27.63 -19.44
CA GLN A 219 12.67 27.35 -18.75
C GLN A 219 12.70 25.96 -18.13
N SER A 220 11.82 25.75 -17.16
CA SER A 220 11.80 24.50 -16.41
C SER A 220 10.38 24.17 -15.94
N LEU A 221 9.86 23.05 -16.42
CA LEU A 221 8.52 22.61 -16.05
C LEU A 221 8.59 21.39 -15.12
N SER A 222 7.61 21.28 -14.23
CA SER A 222 7.52 20.12 -13.35
C SER A 222 7.12 18.90 -14.17
N PHE A 223 6.84 17.79 -13.50
CA PHE A 223 6.71 16.51 -14.19
C PHE A 223 5.33 15.88 -14.06
N ASP A 224 5.07 14.93 -14.95
CA ASP A 224 3.80 14.21 -14.99
C ASP A 224 3.89 13.06 -13.99
N SER A 225 2.79 12.36 -13.76
CA SER A 225 2.77 11.24 -12.83
C SER A 225 1.69 10.23 -13.16
N SER A 226 1.92 8.99 -12.74
CA SER A 226 0.95 7.92 -12.93
C SER A 226 0.28 7.54 -11.61
N ASN A 227 0.60 8.29 -10.55
CA ASN A 227 0.03 8.04 -9.24
C ASN A 227 -1.35 8.67 -9.07
N PRO A 228 -2.38 7.83 -8.83
CA PRO A 228 -3.75 8.33 -8.71
C PRO A 228 -3.95 9.35 -7.59
N GLU A 229 -3.03 9.39 -6.62
CA GLU A 229 -3.10 10.36 -5.55
C GLU A 229 -2.96 11.79 -6.06
N TYR A 230 -2.31 11.95 -7.21
CA TYR A 230 -2.08 13.26 -7.79
C TYR A 230 -3.19 13.69 -8.75
N PHE A 231 -4.04 12.74 -9.13
CA PHE A 231 -5.07 13.01 -10.13
C PHE A 231 -6.07 14.06 -9.65
N ASP A 232 -6.36 15.02 -10.53
CA ASP A 232 -7.34 16.06 -10.23
C ASP A 232 -7.05 16.75 -8.91
N GLY A 233 -5.76 16.98 -8.64
CA GLY A 233 -5.34 17.63 -7.41
C GLY A 233 -5.08 19.11 -7.59
N TYR A 234 -5.03 19.55 -8.85
CA TYR A 234 -4.85 20.95 -9.17
C TYR A 234 -3.57 21.51 -8.54
N TRP A 235 -2.50 20.75 -8.66
CA TRP A 235 -1.18 21.15 -8.20
C TRP A 235 -0.80 22.48 -8.85
N GLY A 236 -0.65 23.52 -8.05
CA GLY A 236 -0.33 24.84 -8.56
C GLY A 236 -1.52 25.78 -8.51
N TYR A 237 -2.57 25.38 -7.80
CA TYR A 237 -3.73 26.24 -7.59
C TYR A 237 -3.26 27.54 -6.94
N SER A 238 -2.30 27.41 -6.02
CA SER A 238 -1.63 28.56 -5.41
C SER A 238 -0.14 28.28 -5.33
N VAL A 239 0.67 29.34 -5.34
CA VAL A 239 2.12 29.19 -5.30
CA VAL A 239 2.12 29.19 -5.28
C VAL A 239 2.79 30.27 -4.45
N ALA A 240 3.97 29.96 -3.93
CA ALA A 240 4.77 30.91 -3.16
C ALA A 240 6.21 30.45 -3.14
N VAL A 241 7.11 31.31 -2.69
CA VAL A 241 8.53 30.95 -2.59
C VAL A 241 9.10 31.34 -1.24
N GLY A 242 10.25 30.77 -0.90
CA GLY A 242 10.90 31.06 0.37
C GLY A 242 12.16 30.23 0.57
N GLU A 243 12.69 30.29 1.79
CA GLU A 243 13.90 29.57 2.13
C GLU A 243 13.59 28.50 3.18
N PHE A 244 13.72 27.24 2.79
CA PHE A 244 13.31 26.12 3.65
C PHE A 244 14.34 24.98 3.70
N ASP A 245 15.57 25.23 3.27
CA ASP A 245 16.60 24.19 3.31
C ASP A 245 17.94 24.64 3.91
N GLY A 246 18.02 25.89 4.36
CA GLY A 246 19.23 26.40 4.95
C GLY A 246 20.20 26.98 3.94
N ASP A 247 20.27 26.36 2.76
CA ASP A 247 21.13 26.85 1.69
C ASP A 247 20.52 28.08 1.04
N LEU A 248 21.15 29.23 1.25
CA LEU A 248 20.57 30.50 0.83
C LEU A 248 20.79 30.78 -0.66
N ASN A 249 21.58 29.94 -1.32
CA ASN A 249 21.78 30.06 -2.76
C ASN A 249 20.60 29.45 -3.52
N THR A 250 20.01 28.41 -2.94
CA THR A 250 18.84 27.76 -3.53
C THR A 250 17.56 28.42 -3.06
N THR A 251 16.57 28.49 -3.95
CA THR A 251 15.24 28.96 -3.58
C THR A 251 14.25 27.82 -3.66
N GLU A 252 13.41 27.71 -2.64
CA GLU A 252 12.43 26.62 -2.57
C GLU A 252 11.05 27.12 -2.99
N TYR A 253 10.28 26.24 -3.62
CA TYR A 253 8.92 26.56 -4.05
C TYR A 253 7.90 25.97 -3.07
N VAL A 254 6.76 26.63 -2.97
CA VAL A 254 5.66 26.13 -2.15
C VAL A 254 4.42 26.05 -3.01
N VAL A 255 3.93 24.83 -3.24
CA VAL A 255 2.81 24.62 -4.14
C VAL A 255 1.59 24.10 -3.39
N GLY A 256 0.44 24.72 -3.67
CA GLY A 256 -0.82 24.25 -3.13
C GLY A 256 -1.53 23.33 -4.11
N ALA A 257 -2.03 22.21 -3.60
CA ALA A 257 -2.81 21.27 -4.41
C ALA A 257 -4.08 20.91 -3.64
N PRO A 258 -5.07 21.82 -3.65
CA PRO A 258 -6.23 21.80 -2.75
C PRO A 258 -7.14 20.57 -2.86
N THR A 259 -7.02 19.78 -3.92
CA THR A 259 -7.84 18.59 -4.08
C THR A 259 -6.99 17.33 -4.22
N TRP A 260 -5.72 17.45 -3.86
CA TRP A 260 -4.78 16.33 -3.91
C TRP A 260 -5.32 15.13 -3.12
N SER A 261 -5.00 13.93 -3.60
CA SER A 261 -5.36 12.68 -2.92
C SER A 261 -6.85 12.60 -2.60
N TRP A 262 -7.67 12.58 -3.65
CA TRP A 262 -9.12 12.47 -3.51
C TRP A 262 -9.70 13.56 -2.60
N THR A 263 -9.36 14.80 -2.92
CA THR A 263 -9.90 15.98 -2.24
C THR A 263 -9.45 16.11 -0.78
N LEU A 264 -8.46 15.34 -0.37
CA LEU A 264 -7.86 15.51 0.94
C LEU A 264 -7.14 16.84 0.99
N GLY A 265 -6.53 17.21 -0.14
CA GLY A 265 -5.79 18.45 -0.24
C GLY A 265 -4.40 18.30 0.33
N ALA A 266 -3.48 19.11 -0.16
CA ALA A 266 -2.11 19.11 0.36
C ALA A 266 -1.34 20.30 -0.19
N VAL A 267 -0.19 20.56 0.43
CA VAL A 267 0.75 21.55 -0.08
C VAL A 267 2.15 20.99 0.11
N GLU A 268 2.99 21.16 -0.91
CA GLU A 268 4.33 20.60 -0.90
C GLU A 268 5.38 21.70 -1.01
N ILE A 269 6.53 21.46 -0.38
CA ILE A 269 7.66 22.36 -0.50
C ILE A 269 8.75 21.67 -1.31
N LEU A 270 9.17 22.31 -2.40
CA LEU A 270 10.15 21.71 -3.31
C LEU A 270 11.35 22.61 -3.50
N ASP A 271 12.39 22.07 -4.13
CA ASP A 271 13.52 22.88 -4.57
C ASP A 271 13.25 23.35 -6.00
N SER A 272 14.21 24.05 -6.59
CA SER A 272 14.03 24.58 -7.93
C SER A 272 13.94 23.48 -8.99
N TYR A 273 14.36 22.26 -8.62
CA TYR A 273 14.31 21.13 -9.53
C TYR A 273 13.07 20.27 -9.32
N TYR A 274 12.10 20.82 -8.59
CA TYR A 274 10.82 20.14 -8.35
C TYR A 274 10.98 18.83 -7.61
N GLN A 275 11.97 18.76 -6.72
CA GLN A 275 12.13 17.62 -5.83
C GLN A 275 11.47 17.95 -4.51
N ARG A 276 10.59 17.07 -4.05
CA ARG A 276 9.82 17.31 -2.85
C ARG A 276 10.71 17.31 -1.61
N LEU A 277 10.57 18.34 -0.78
CA LEU A 277 11.29 18.42 0.49
C LEU A 277 10.35 18.07 1.63
N HIS A 278 9.18 18.70 1.66
CA HIS A 278 8.16 18.34 2.62
CA HIS A 278 8.15 18.44 2.66
C HIS A 278 6.78 18.32 1.97
N ARG A 279 5.82 17.72 2.65
CA ARG A 279 4.44 17.71 2.19
C ARG A 279 3.50 17.73 3.38
N LEU A 280 2.64 18.73 3.42
CA LEU A 280 1.65 18.85 4.47
C LEU A 280 0.29 18.48 3.90
N ARG A 281 -0.34 17.47 4.50
CA ARG A 281 -1.60 16.95 4.00
C ARG A 281 -2.78 17.66 4.65
N GLY A 282 -3.91 17.68 3.96
CA GLY A 282 -5.11 18.28 4.49
C GLY A 282 -5.61 17.54 5.71
N GLU A 283 -6.44 18.22 6.50
CA GLU A 283 -6.97 17.66 7.73
C GLU A 283 -8.36 17.07 7.48
N GLN A 284 -9.05 17.61 6.48
CA GLN A 284 -10.43 17.26 6.20
C GLN A 284 -10.68 17.31 4.70
N MET A 285 -11.50 16.39 4.21
CA MET A 285 -11.80 16.33 2.77
C MET A 285 -12.70 17.47 2.33
N ALA A 286 -12.36 18.05 1.17
CA ALA A 286 -13.15 19.12 0.55
C ALA A 286 -12.97 20.47 1.24
N SER A 287 -12.18 20.50 2.32
CA SER A 287 -11.91 21.76 3.01
C SER A 287 -11.09 22.69 2.11
N TYR A 288 -10.49 22.11 1.07
CA TYR A 288 -9.68 22.86 0.12
C TYR A 288 -8.40 23.36 0.78
N PHE A 289 -7.79 22.49 1.57
CA PHE A 289 -6.50 22.76 2.19
C PHE A 289 -5.44 22.93 1.10
N GLY A 290 -4.96 24.15 0.93
CA GLY A 290 -4.02 24.47 -0.12
C GLY A 290 -4.53 25.57 -1.02
N HIS A 291 -5.75 26.03 -0.77
CA HIS A 291 -6.37 27.09 -1.57
C HIS A 291 -5.46 28.31 -1.65
N SER A 292 -4.82 28.63 -0.53
CA SER A 292 -3.89 29.74 -0.46
C SER A 292 -2.72 29.38 0.43
N VAL A 293 -1.54 29.90 0.09
CA VAL A 293 -0.35 29.66 0.86
C VAL A 293 0.45 30.95 1.00
N ALA A 294 0.96 31.20 2.20
CA ALA A 294 1.79 32.37 2.45
C ALA A 294 3.07 31.97 3.14
N VAL A 295 4.15 32.69 2.84
CA VAL A 295 5.46 32.42 3.42
C VAL A 295 6.01 33.67 4.08
N THR A 296 6.38 33.56 5.35
CA THR A 296 6.94 34.69 6.08
C THR A 296 7.37 34.26 7.49
N ASP A 297 8.40 34.93 8.01
CA ASP A 297 8.93 34.61 9.33
C ASP A 297 8.18 35.39 10.41
N VAL A 298 7.32 34.71 11.18
CA VAL A 298 6.44 35.39 12.12
C VAL A 298 6.95 35.41 13.57
N ASN A 299 7.87 34.51 13.91
CA ASN A 299 8.41 34.46 15.26
C ASN A 299 9.82 35.06 15.37
N GLY A 300 10.30 35.62 14.26
CA GLY A 300 11.55 36.35 14.28
C GLY A 300 12.78 35.51 14.54
N ASP A 301 12.75 34.25 14.11
CA ASP A 301 13.92 33.39 14.23
C ASP A 301 14.72 33.35 12.93
N GLY A 302 14.38 34.25 12.01
CA GLY A 302 15.06 34.32 10.74
C GLY A 302 14.58 33.27 9.74
N ARG A 303 13.91 32.24 10.24
CA ARG A 303 13.44 31.15 9.39
C ARG A 303 12.01 31.38 8.92
N HIS A 304 11.82 31.37 7.60
CA HIS A 304 10.49 31.51 7.02
C HIS A 304 9.55 30.45 7.59
N ASP A 305 8.34 30.87 7.92
CA ASP A 305 7.32 29.93 8.37
C ASP A 305 6.25 29.82 7.29
N LEU A 306 5.43 28.78 7.39
CA LEU A 306 4.43 28.50 6.37
C LEU A 306 3.02 28.74 6.90
N LEU A 307 2.16 29.27 6.04
CA LEU A 307 0.76 29.45 6.37
C LEU A 307 -0.11 28.86 5.27
N VAL A 308 -1.04 28.00 5.65
CA VAL A 308 -1.90 27.32 4.69
C VAL A 308 -3.37 27.59 4.97
N GLY A 309 -4.12 27.91 3.92
CA GLY A 309 -5.54 28.20 4.06
C GLY A 309 -6.41 27.05 3.60
N ALA A 310 -7.45 26.76 4.38
CA ALA A 310 -8.46 25.77 4.01
C ALA A 310 -9.85 26.38 4.20
N PRO A 311 -10.25 27.29 3.29
CA PRO A 311 -11.42 28.16 3.44
C PRO A 311 -12.75 27.44 3.59
N LEU A 312 -12.81 26.15 3.29
CA LEU A 312 -14.07 25.41 3.41
C LEU A 312 -14.05 24.41 4.56
N TYR A 313 -13.05 24.47 5.42
CA TYR A 313 -12.95 23.56 6.54
C TYR A 313 -14.19 23.67 7.42
N MET A 314 -14.79 22.53 7.74
CA MET A 314 -15.97 22.49 8.59
C MET A 314 -15.59 22.15 10.01
N GLU A 315 -15.98 23.03 10.93
CA GLU A 315 -15.61 22.93 12.34
C GLU A 315 -16.61 22.07 13.11
N SER A 316 -16.11 21.22 14.00
CA SER A 316 -16.96 20.37 14.82
C SER A 316 -17.66 21.17 15.89
N ARG A 317 -18.96 20.95 16.05
CA ARG A 317 -19.77 21.70 17.00
C ARG A 317 -20.71 20.77 17.77
N ALA A 318 -21.41 21.34 18.74
CA ALA A 318 -22.28 20.57 19.62
C ALA A 318 -23.22 19.66 18.85
N ASP A 319 -23.56 18.52 19.44
CA ASP A 319 -24.54 17.60 18.87
C ASP A 319 -24.07 17.00 17.55
N ARG A 320 -22.78 16.71 17.46
CA ARG A 320 -22.22 16.05 16.28
C ARG A 320 -22.56 16.78 14.98
N LYS A 321 -22.31 18.08 14.95
CA LYS A 321 -22.60 18.88 13.76
C LYS A 321 -21.37 19.64 13.27
N LEU A 322 -21.36 19.94 11.98
CA LEU A 322 -20.23 20.60 11.34
C LEU A 322 -20.63 21.94 10.75
N ALA A 323 -19.76 22.92 10.89
CA ALA A 323 -20.03 24.27 10.40
C ALA A 323 -18.89 24.79 9.54
N GLU A 324 -19.13 24.89 8.23
CA GLU A 324 -18.15 25.43 7.30
C GLU A 324 -17.80 26.86 7.70
N VAL A 325 -16.56 27.05 8.15
CA VAL A 325 -16.10 28.38 8.54
C VAL A 325 -14.74 28.73 7.97
N GLY A 326 -13.95 27.72 7.59
CA GLY A 326 -12.62 27.94 7.09
C GLY A 326 -11.58 27.87 8.20
N ARG A 327 -10.32 27.66 7.82
CA ARG A 327 -9.25 27.54 8.80
C ARG A 327 -7.89 27.87 8.21
N VAL A 328 -6.98 28.36 9.06
CA VAL A 328 -5.61 28.63 8.66
C VAL A 328 -4.67 27.80 9.52
N TYR A 329 -3.61 27.29 8.92
CA TYR A 329 -2.62 26.48 9.62
C TYR A 329 -1.27 27.17 9.63
N LEU A 330 -0.66 27.28 10.80
CA LEU A 330 0.67 27.84 10.92
C LEU A 330 1.70 26.72 11.12
N PHE A 331 2.76 26.74 10.32
CA PHE A 331 3.85 25.79 10.46
C PHE A 331 5.16 26.56 10.61
N LEU A 332 5.79 26.44 11.77
CA LEU A 332 7.04 27.13 12.04
C LEU A 332 8.23 26.27 11.59
N GLN A 333 9.15 26.87 10.85
CA GLN A 333 10.33 26.14 10.36
C GLN A 333 11.28 25.83 11.51
N PRO A 334 11.59 24.54 11.71
CA PRO A 334 12.47 24.11 12.80
C PRO A 334 13.94 24.46 12.55
N ARG A 335 14.70 24.60 13.62
CA ARG A 335 16.11 24.96 13.52
C ARG A 335 16.85 23.90 12.72
N GLY A 336 17.68 24.34 11.77
CA GLY A 336 18.48 23.43 10.97
C GLY A 336 17.64 22.53 10.07
N PRO A 337 18.26 21.45 9.56
CA PRO A 337 17.61 20.50 8.64
C PRO A 337 16.67 19.54 9.34
N HIS A 338 15.40 19.92 9.47
CA HIS A 338 14.40 19.10 10.12
C HIS A 338 13.06 19.22 9.42
N ALA A 339 12.19 18.23 9.61
CA ALA A 339 10.89 18.22 8.98
C ALA A 339 9.91 19.11 9.74
N LEU A 340 9.11 19.87 9.01
CA LEU A 340 8.07 20.69 9.62
C LEU A 340 7.03 19.77 10.25
N GLY A 341 6.72 20.00 11.52
CA GLY A 341 5.89 19.10 12.28
C GLY A 341 4.41 19.42 12.17
N ALA A 342 3.65 19.03 13.19
CA ALA A 342 2.24 19.34 13.25
C ALA A 342 2.08 20.86 13.27
N PRO A 343 0.91 21.36 12.85
CA PRO A 343 0.72 22.80 12.84
C PRO A 343 0.95 23.40 14.24
N SER A 344 1.64 24.52 14.29
CA SER A 344 1.94 25.20 15.55
C SER A 344 0.72 25.95 16.06
N LEU A 345 -0.22 26.22 15.17
CA LEU A 345 -1.40 27.00 15.52
C LEU A 345 -2.51 26.77 14.51
N LEU A 346 -3.74 26.65 15.00
CA LEU A 346 -4.90 26.51 14.13
C LEU A 346 -5.85 27.69 14.34
N LEU A 347 -5.88 28.60 13.38
CA LEU A 347 -6.86 29.68 13.39
C LEU A 347 -8.10 29.23 12.63
N THR A 348 -9.26 29.33 13.28
CA THR A 348 -10.51 28.88 12.68
C THR A 348 -11.51 30.03 12.56
N GLY A 349 -12.28 30.01 11.47
CA GLY A 349 -13.26 31.04 11.23
C GLY A 349 -14.44 30.95 12.18
N THR A 350 -15.27 31.99 12.18
CA THR A 350 -16.42 32.06 13.07
CA THR A 350 -16.42 32.07 13.06
C THR A 350 -17.72 32.08 12.28
N GLN A 351 -17.77 32.92 11.25
CA GLN A 351 -18.98 33.07 10.44
C GLN A 351 -19.18 31.85 9.54
N LEU A 352 -20.40 31.36 9.49
CA LEU A 352 -20.73 30.23 8.62
C LEU A 352 -20.63 30.63 7.15
N TYR A 353 -19.97 29.80 6.36
CA TYR A 353 -19.77 30.06 4.95
C TYR A 353 -18.92 31.31 4.72
N GLY A 354 -18.26 31.76 5.78
CA GLY A 354 -17.44 32.96 5.71
C GLY A 354 -16.19 32.78 4.86
N ARG A 355 -15.72 31.55 4.76
CA ARG A 355 -14.54 31.21 3.98
C ARG A 355 -13.28 31.88 4.52
N PHE A 356 -13.16 31.86 5.85
CA PHE A 356 -11.95 32.31 6.54
C PHE A 356 -10.74 31.49 6.06
N GLY A 357 -9.70 32.18 5.63
CA GLY A 357 -8.51 31.52 5.14
C GLY A 357 -8.49 31.47 3.62
N SER A 358 -9.40 32.20 2.99
CA SER A 358 -9.46 32.26 1.54
C SER A 358 -8.22 32.96 1.00
N ALA A 359 -7.77 33.98 1.70
CA ALA A 359 -6.54 34.68 1.34
C ALA A 359 -5.71 34.95 2.59
N ILE A 360 -4.39 34.91 2.44
CA ILE A 360 -3.48 35.13 3.55
C ILE A 360 -2.30 35.98 3.09
N ALA A 361 -2.17 37.17 3.68
CA ALA A 361 -1.16 38.11 3.24
C ALA A 361 -0.18 38.49 4.36
N PRO A 362 1.11 38.25 4.13
CA PRO A 362 2.17 38.80 4.98
C PRO A 362 2.12 40.33 4.99
N LEU A 363 2.07 40.92 6.18
CA LEU A 363 2.00 42.38 6.31
C LEU A 363 3.36 43.00 6.57
N GLY A 364 4.36 42.16 6.86
CA GLY A 364 5.61 42.65 7.39
C GLY A 364 5.42 42.94 8.87
N ASP A 365 6.16 43.91 9.39
CA ASP A 365 6.01 44.31 10.78
C ASP A 365 5.11 45.54 10.88
N LEU A 366 3.83 45.30 11.12
CA LEU A 366 2.83 46.36 11.08
C LEU A 366 2.97 47.33 12.25
N ASP A 367 3.11 46.78 13.46
CA ASP A 367 3.19 47.59 14.66
C ASP A 367 4.63 47.89 15.06
N ARG A 368 5.58 47.30 14.35
CA ARG A 368 7.00 47.58 14.56
C ARG A 368 7.51 47.06 15.90
N ASP A 369 7.02 45.89 16.31
CA ASP A 369 7.40 45.31 17.59
C ASP A 369 8.53 44.31 17.43
N GLY A 370 8.89 44.00 16.18
CA GLY A 370 10.00 43.11 15.89
C GLY A 370 9.58 41.77 15.31
N TYR A 371 8.27 41.52 15.26
CA TYR A 371 7.75 40.28 14.70
C TYR A 371 6.83 40.59 13.53
N ASN A 372 6.95 39.80 12.46
CA ASN A 372 6.08 39.96 11.30
C ASN A 372 4.64 39.55 11.61
N ASP A 373 3.70 40.21 10.96
CA ASP A 373 2.28 39.95 11.18
C ASP A 373 1.64 39.58 9.86
N ILE A 374 0.40 39.11 9.90
CA ILE A 374 -0.31 38.73 8.68
C ILE A 374 -1.77 39.19 8.70
N ALA A 375 -2.39 39.15 7.54
CA ALA A 375 -3.81 39.40 7.41
C ALA A 375 -4.49 38.19 6.79
N VAL A 376 -5.68 37.86 7.30
CA VAL A 376 -6.43 36.72 6.79
C VAL A 376 -7.83 37.17 6.36
N ALA A 377 -8.26 36.72 5.19
CA ALA A 377 -9.54 37.15 4.63
C ALA A 377 -10.65 36.13 4.82
N ALA A 378 -11.84 36.63 5.12
CA ALA A 378 -13.06 35.84 5.14
C ALA A 378 -14.09 36.59 4.30
N PRO A 379 -14.00 36.47 2.97
CA PRO A 379 -14.73 37.28 1.99
C PRO A 379 -16.23 37.34 2.23
N TYR A 380 -16.80 36.32 2.86
CA TYR A 380 -18.22 36.29 3.15
C TYR A 380 -18.46 36.14 4.65
N GLY A 381 -17.52 36.69 5.43
CA GLY A 381 -17.58 36.63 6.87
C GLY A 381 -17.97 37.97 7.48
N GLY A 382 -17.97 38.03 8.81
CA GLY A 382 -18.49 39.18 9.52
C GLY A 382 -19.94 38.92 9.84
N PRO A 383 -20.48 39.63 10.85
CA PRO A 383 -21.87 39.38 11.26
C PRO A 383 -22.85 39.62 10.12
N SER A 384 -22.43 40.44 9.15
CA SER A 384 -23.28 40.80 8.03
C SER A 384 -22.95 39.98 6.78
N GLY A 385 -21.93 39.12 6.88
CA GLY A 385 -21.50 38.30 5.77
C GLY A 385 -21.07 39.11 4.56
N ARG A 386 -20.59 40.33 4.81
CA ARG A 386 -20.18 41.23 3.73
C ARG A 386 -18.70 41.10 3.41
N GLY A 387 -17.97 40.41 4.28
CA GLY A 387 -16.54 40.28 4.12
C GLY A 387 -15.81 40.89 5.31
N GLN A 388 -14.66 40.31 5.64
CA GLN A 388 -13.90 40.74 6.80
C GLN A 388 -12.43 40.38 6.62
N VAL A 389 -11.54 41.22 7.15
CA VAL A 389 -10.11 40.93 7.14
C VAL A 389 -9.56 41.05 8.54
N LEU A 390 -8.92 39.99 9.02
CA LEU A 390 -8.42 39.93 10.39
C LEU A 390 -6.90 39.98 10.42
N VAL A 391 -6.36 40.85 11.27
CA VAL A 391 -4.93 40.97 11.43
C VAL A 391 -4.48 40.16 12.64
N PHE A 392 -3.46 39.33 12.45
CA PHE A 392 -2.85 38.58 13.53
C PHE A 392 -1.39 38.99 13.66
N LEU A 393 -0.96 39.29 14.87
CA LEU A 393 0.38 39.80 15.11
C LEU A 393 1.37 38.68 15.43
N GLY A 394 2.62 38.85 15.01
CA GLY A 394 3.66 37.89 15.26
C GLY A 394 4.17 37.94 16.69
N GLN A 395 4.82 36.87 17.12
CA GLN A 395 5.40 36.81 18.45
C GLN A 395 6.42 35.69 18.52
N SER A 396 7.23 35.69 19.57
CA SER A 396 8.27 34.68 19.74
C SER A 396 7.70 33.27 19.55
N GLU A 397 6.45 33.09 19.96
CA GLU A 397 5.82 31.77 19.93
C GLU A 397 5.01 31.55 18.66
N GLY A 398 5.26 32.37 17.64
CA GLY A 398 4.54 32.24 16.38
C GLY A 398 3.58 33.39 16.14
N LEU A 399 2.29 33.12 16.35
CA LEU A 399 1.25 34.12 16.16
C LEU A 399 0.33 34.19 17.35
N ARG A 400 -0.44 35.27 17.43
CA ARG A 400 -1.45 35.43 18.46
C ARG A 400 -2.74 34.77 17.99
N SER A 401 -3.38 34.00 18.86
CA SER A 401 -4.55 33.23 18.49
C SER A 401 -5.80 34.09 18.31
N ARG A 402 -5.74 35.33 18.77
CA ARG A 402 -6.84 36.28 18.58
C ARG A 402 -6.38 37.47 17.74
N PRO A 403 -7.27 38.00 16.91
CA PRO A 403 -6.91 39.09 15.99
C PRO A 403 -6.67 40.42 16.70
N SER A 404 -5.68 41.17 16.23
CA SER A 404 -5.36 42.47 16.81
C SER A 404 -6.26 43.55 16.21
N GLN A 405 -6.94 43.22 15.12
CA GLN A 405 -7.77 44.18 14.42
C GLN A 405 -8.66 43.47 13.42
N VAL A 406 -9.84 44.03 13.18
CA VAL A 406 -10.79 43.45 12.25
C VAL A 406 -11.33 44.52 11.32
N LEU A 407 -11.01 44.39 10.03
CA LEU A 407 -11.50 45.32 9.02
C LEU A 407 -12.79 44.81 8.41
N ASP A 408 -13.88 45.51 8.67
CA ASP A 408 -15.17 45.17 8.08
C ASP A 408 -15.29 45.80 6.70
N SER A 409 -16.00 45.15 5.80
CA SER A 409 -16.11 45.60 4.42
C SER A 409 -16.81 46.95 4.32
N PRO A 410 -16.19 47.89 3.60
CA PRO A 410 -16.84 49.19 3.34
C PRO A 410 -17.81 49.10 2.17
N PHE A 411 -17.82 47.95 1.51
CA PHE A 411 -18.64 47.74 0.32
C PHE A 411 -19.94 47.02 0.67
N PRO A 412 -20.83 46.87 -0.32
CA PRO A 412 -22.10 46.18 -0.11
C PRO A 412 -21.95 44.67 -0.30
N THR A 413 -22.97 43.92 0.08
CA THR A 413 -22.92 42.46 0.03
C THR A 413 -22.51 41.95 -1.33
N GLY A 414 -21.71 40.89 -1.35
CA GLY A 414 -21.31 40.23 -2.59
C GLY A 414 -20.05 40.80 -3.23
N SER A 415 -19.43 41.76 -2.56
CA SER A 415 -18.23 42.41 -3.09
C SER A 415 -17.04 41.45 -3.09
N ALA A 416 -17.13 40.38 -2.30
CA ALA A 416 -16.01 39.46 -2.13
C ALA A 416 -14.82 40.19 -1.52
N PHE A 417 -15.11 41.05 -0.55
CA PHE A 417 -14.10 41.87 0.11
C PHE A 417 -13.06 41.00 0.82
N GLY A 418 -11.86 40.95 0.26
CA GLY A 418 -10.78 40.18 0.85
C GLY A 418 -10.34 39.00 0.03
N PHE A 419 -11.03 38.77 -1.09
CA PHE A 419 -10.67 37.68 -2.00
C PHE A 419 -9.22 37.81 -2.46
N SER A 420 -8.69 39.03 -2.42
CA SER A 420 -7.28 39.27 -2.72
C SER A 420 -6.70 40.27 -1.73
N LEU A 421 -5.49 39.99 -1.25
CA LEU A 421 -4.80 40.84 -0.30
C LEU A 421 -3.35 41.06 -0.73
N ARG A 422 -2.79 42.19 -0.31
CA ARG A 422 -1.37 42.42 -0.49
C ARG A 422 -0.89 43.45 0.53
N GLY A 423 0.24 43.15 1.18
CA GLY A 423 0.77 44.03 2.21
C GLY A 423 2.28 44.11 2.18
N ALA A 424 2.86 44.54 3.31
CA ALA A 424 4.31 44.60 3.47
C ALA A 424 4.96 45.63 2.56
N VAL A 425 4.20 46.64 2.16
CA VAL A 425 4.75 47.72 1.35
C VAL A 425 4.23 49.07 1.83
N ASP A 426 5.14 50.01 2.01
CA ASP A 426 4.81 51.34 2.48
C ASP A 426 4.50 52.25 1.29
N ILE A 427 3.22 52.37 0.95
CA ILE A 427 2.81 53.07 -0.26
C ILE A 427 2.82 54.59 -0.10
N ASP A 428 2.65 55.07 1.13
CA ASP A 428 2.67 56.51 1.41
C ASP A 428 3.99 56.94 2.04
N ASP A 429 4.90 55.98 2.21
CA ASP A 429 6.24 56.28 2.69
C ASP A 429 6.25 56.91 4.09
N ASN A 430 5.36 56.44 4.96
CA ASN A 430 5.28 56.97 6.31
C ASN A 430 6.01 56.10 7.33
N GLY A 431 6.76 55.13 6.83
CA GLY A 431 7.54 54.26 7.70
C GLY A 431 6.80 53.00 8.12
N TYR A 432 5.49 52.98 7.92
CA TYR A 432 4.68 51.82 8.26
C TYR A 432 4.16 51.14 7.00
N PRO A 433 4.26 49.81 6.94
CA PRO A 433 3.77 49.02 5.79
C PRO A 433 2.25 49.03 5.71
N ASP A 434 1.71 48.92 4.51
CA ASP A 434 0.29 49.14 4.29
C ASP A 434 -0.38 47.92 3.68
N LEU A 435 -1.72 47.97 3.62
CA LEU A 435 -2.51 46.85 3.12
C LEU A 435 -3.46 47.29 2.02
N ILE A 436 -3.48 46.55 0.92
CA ILE A 436 -4.47 46.77 -0.14
C ILE A 436 -5.39 45.56 -0.22
N VAL A 437 -6.70 45.83 -0.23
CA VAL A 437 -7.69 44.77 -0.20
C VAL A 437 -8.62 44.89 -1.40
N GLY A 438 -8.69 43.84 -2.20
CA GLY A 438 -9.51 43.84 -3.39
C GLY A 438 -10.91 43.30 -3.14
N ALA A 439 -11.89 43.89 -3.82
CA ALA A 439 -13.26 43.41 -3.76
C ALA A 439 -13.82 43.40 -5.18
N TYR A 440 -13.44 42.40 -5.96
CA TYR A 440 -13.80 42.35 -7.37
C TYR A 440 -15.30 42.36 -7.57
N GLY A 441 -16.04 41.83 -6.60
CA GLY A 441 -17.49 41.87 -6.64
C GLY A 441 -18.00 43.28 -6.82
N ALA A 442 -17.30 44.24 -6.20
CA ALA A 442 -17.68 45.64 -6.27
C ALA A 442 -16.79 46.42 -7.24
N ASN A 443 -15.95 45.70 -7.99
CA ASN A 443 -15.05 46.33 -8.94
C ASN A 443 -14.26 47.47 -8.31
N GLN A 444 -13.79 47.26 -7.09
CA GLN A 444 -13.06 48.29 -6.36
C GLN A 444 -11.90 47.72 -5.56
N VAL A 445 -11.03 48.62 -5.11
CA VAL A 445 -9.89 48.27 -4.27
C VAL A 445 -9.80 49.27 -3.12
N ALA A 446 -9.72 48.76 -1.90
CA ALA A 446 -9.59 49.60 -0.73
C ALA A 446 -8.14 49.58 -0.24
N VAL A 447 -7.61 50.76 0.08
CA VAL A 447 -6.25 50.87 0.59
C VAL A 447 -6.27 51.29 2.05
N TYR A 448 -5.69 50.45 2.91
CA TYR A 448 -5.56 50.76 4.32
C TYR A 448 -4.16 51.22 4.65
N ARG A 449 -4.05 52.38 5.29
CA ARG A 449 -2.76 52.93 5.67
C ARG A 449 -2.44 52.64 7.14
N ALA A 450 -1.28 52.07 7.39
CA ALA A 450 -0.83 51.83 8.74
C ALA A 450 -0.32 53.14 9.36
N GLN A 451 -0.74 53.38 10.60
CA GLN A 451 -0.38 54.61 11.29
C GLN A 451 0.37 54.27 12.57
N PRO A 452 1.09 55.24 13.14
CA PRO A 452 1.75 55.04 14.43
C PRO A 452 0.79 54.46 15.46
N VAL A 453 1.27 53.56 16.30
CA VAL A 453 0.41 52.84 17.23
C VAL A 453 -0.14 53.78 18.30
N VAL A 454 -1.45 53.70 18.54
CA VAL A 454 -2.11 54.59 19.48
C VAL A 454 -1.81 54.20 20.92
N LYS A 455 -2.05 52.93 21.26
CA LYS A 455 -1.86 52.45 22.62
C LYS A 455 -0.45 52.77 23.11
N ASN B 3 -33.78 24.66 59.54
CA ASN B 3 -33.58 24.41 58.13
C ASN B 3 -33.12 25.67 57.40
N ILE B 4 -32.76 25.52 56.12
CA ILE B 4 -32.24 26.62 55.33
C ILE B 4 -33.30 27.70 55.04
N CYS B 5 -34.56 27.32 55.13
CA CYS B 5 -35.66 28.24 54.84
C CYS B 5 -35.72 29.36 55.87
N THR B 6 -35.61 29.00 57.14
CA THR B 6 -35.69 29.98 58.22
C THR B 6 -34.36 30.71 58.41
N THR B 7 -33.26 29.98 58.29
CA THR B 7 -31.94 30.54 58.54
C THR B 7 -31.46 31.47 57.43
N ARG B 8 -32.27 31.62 56.38
CA ARG B 8 -31.93 32.51 55.27
C ARG B 8 -32.41 33.93 55.52
N GLY B 9 -33.33 34.09 56.47
CA GLY B 9 -33.87 35.40 56.81
C GLY B 9 -34.39 36.14 55.59
N VAL B 10 -35.45 35.62 55.00
CA VAL B 10 -36.05 36.23 53.82
C VAL B 10 -36.96 37.39 54.22
N SER B 11 -37.20 38.30 53.28
CA SER B 11 -37.99 39.50 53.55
C SER B 11 -39.36 39.46 52.87
N SER B 12 -39.52 38.58 51.89
CA SER B 12 -40.76 38.50 51.14
C SER B 12 -41.07 37.06 50.72
N CYS B 13 -42.32 36.83 50.34
CA CYS B 13 -42.74 35.51 49.89
C CYS B 13 -41.97 35.09 48.65
N GLN B 14 -41.72 36.04 47.75
CA GLN B 14 -41.03 35.77 46.50
C GLN B 14 -39.62 35.23 46.77
N GLN B 15 -38.98 35.76 47.81
CA GLN B 15 -37.64 35.30 48.18
C GLN B 15 -37.69 33.95 48.86
N CYS B 16 -38.73 33.72 49.64
CA CYS B 16 -38.87 32.48 50.40
C CYS B 16 -38.86 31.26 49.50
N LEU B 17 -39.54 31.36 48.37
CA LEU B 17 -39.65 30.23 47.44
C LEU B 17 -38.35 30.02 46.66
N ALA B 18 -37.55 31.08 46.56
CA ALA B 18 -36.30 31.02 45.81
C ALA B 18 -35.18 30.34 46.60
N VAL B 19 -35.40 30.18 47.90
CA VAL B 19 -34.41 29.54 48.76
C VAL B 19 -34.25 28.07 48.37
N SER B 20 -35.37 27.37 48.28
CA SER B 20 -35.36 25.96 47.94
C SER B 20 -36.74 25.50 47.51
N PRO B 21 -36.81 24.50 46.61
CA PRO B 21 -38.09 23.97 46.13
C PRO B 21 -38.96 23.38 47.23
N MET B 22 -38.39 23.16 48.41
CA MET B 22 -39.14 22.59 49.53
C MET B 22 -39.44 23.63 50.59
N CYS B 23 -39.63 24.88 50.16
CA CYS B 23 -39.97 25.96 51.07
C CYS B 23 -41.39 26.45 50.84
N ALA B 24 -42.00 27.00 51.88
CA ALA B 24 -43.37 27.51 51.80
C ALA B 24 -43.48 28.83 52.55
N TRP B 25 -44.44 29.66 52.16
CA TRP B 25 -44.65 30.95 52.80
C TRP B 25 -46.05 31.04 53.39
N CYS B 26 -46.16 31.66 54.56
CA CYS B 26 -47.45 31.83 55.22
C CYS B 26 -47.85 33.30 55.26
N SER B 27 -48.98 33.63 54.64
CA SER B 27 -49.47 35.00 54.59
C SER B 27 -50.62 35.19 55.59
N ASP B 28 -50.58 34.45 56.69
CA ASP B 28 -51.64 34.52 57.69
C ASP B 28 -51.48 35.76 58.56
N GLU B 29 -52.59 36.42 58.83
CA GLU B 29 -52.60 37.62 59.66
C GLU B 29 -52.32 37.26 61.12
N ALA B 30 -52.96 36.18 61.58
CA ALA B 30 -52.83 35.74 62.96
C ALA B 30 -51.64 34.80 63.13
N LEU B 31 -50.43 35.33 63.02
CA LEU B 31 -49.22 34.55 63.21
C LEU B 31 -48.53 34.97 64.51
N PRO B 32 -48.02 34.00 65.27
CA PRO B 32 -47.40 34.29 66.58
C PRO B 32 -46.30 35.36 66.52
N LEU B 33 -45.82 35.76 67.70
CA LEU B 33 -44.88 36.87 67.83
C LEU B 33 -43.69 36.77 66.87
N GLY B 34 -42.86 35.77 67.06
CA GLY B 34 -41.63 35.65 66.29
C GLY B 34 -41.55 34.35 65.51
N SER B 35 -42.65 33.98 64.87
CA SER B 35 -42.68 32.76 64.06
C SER B 35 -42.27 33.08 62.63
N PRO B 36 -41.29 32.32 62.10
CA PRO B 36 -40.82 32.54 60.73
C PRO B 36 -41.87 32.15 59.70
N ARG B 37 -42.17 33.07 58.78
CA ARG B 37 -43.14 32.81 57.73
C ARG B 37 -42.59 31.85 56.68
N CYS B 38 -41.27 31.75 56.62
CA CYS B 38 -40.61 30.89 55.64
C CYS B 38 -40.10 29.61 56.28
N ASP B 39 -40.86 28.53 56.12
CA ASP B 39 -40.51 27.24 56.71
C ASP B 39 -41.19 26.12 55.93
N LEU B 40 -40.90 24.88 56.31
CA LEU B 40 -41.53 23.72 55.66
C LEU B 40 -43.03 23.76 55.86
N LYS B 41 -43.77 23.18 54.91
CA LYS B 41 -45.23 23.18 54.95
C LYS B 41 -45.73 22.48 56.22
N GLU B 42 -44.93 21.57 56.75
CA GLU B 42 -45.30 20.84 57.97
C GLU B 42 -45.15 21.73 59.20
N ASN B 43 -44.11 22.57 59.20
CA ASN B 43 -43.85 23.46 60.32
C ASN B 43 -44.89 24.57 60.43
N LEU B 44 -45.37 25.04 59.29
CA LEU B 44 -46.34 26.12 59.25
C LEU B 44 -47.69 25.68 59.81
N LEU B 45 -48.17 24.53 59.35
CA LEU B 45 -49.45 24.00 59.80
C LEU B 45 -49.38 23.56 61.27
N LYS B 46 -48.16 23.39 61.78
CA LYS B 46 -47.97 23.02 63.18
C LYS B 46 -48.16 24.24 64.08
N ASP B 47 -48.03 25.43 63.51
CA ASP B 47 -48.17 26.66 64.26
C ASP B 47 -49.52 27.33 64.02
N ASN B 48 -50.56 26.50 63.85
CA ASN B 48 -51.92 27.00 63.66
C ASN B 48 -52.03 28.00 62.51
N CYS B 49 -51.36 27.71 61.40
CA CYS B 49 -51.42 28.56 60.22
C CYS B 49 -52.61 28.19 59.35
N ALA B 50 -53.34 29.20 58.90
CA ALA B 50 -54.52 28.99 58.06
C ALA B 50 -54.13 28.25 56.78
N PRO B 51 -54.75 27.08 56.54
CA PRO B 51 -54.44 26.24 55.38
C PRO B 51 -54.45 27.01 54.05
N GLU B 52 -55.27 28.04 53.96
CA GLU B 52 -55.40 28.81 52.72
C GLU B 52 -54.26 29.83 52.59
N SER B 53 -53.73 30.26 53.72
CA SER B 53 -52.65 31.23 53.74
C SER B 53 -51.33 30.62 53.29
N ILE B 54 -51.29 29.29 53.19
CA ILE B 54 -50.09 28.59 52.76
C ILE B 54 -49.80 28.83 51.27
N GLU B 55 -48.57 29.24 50.98
CA GLU B 55 -48.13 29.45 49.60
C GLU B 55 -47.04 28.44 49.29
N PHE B 56 -47.41 27.31 48.69
CA PHE B 56 -46.47 26.24 48.42
C PHE B 56 -46.67 25.64 47.03
N PRO B 57 -46.08 26.28 46.01
CA PRO B 57 -46.15 25.79 44.63
C PRO B 57 -45.49 24.43 44.46
N VAL B 58 -46.07 23.58 43.61
CA VAL B 58 -45.53 22.25 43.36
C VAL B 58 -45.26 22.05 41.87
N SER B 59 -44.02 21.70 41.55
CA SER B 59 -43.65 21.43 40.16
C SER B 59 -44.39 20.20 39.65
N GLU B 60 -45.21 20.40 38.63
CA GLU B 60 -45.99 19.32 38.04
C GLU B 60 -45.72 19.22 36.54
N ALA B 61 -46.38 18.26 35.89
CA ALA B 61 -46.20 18.05 34.47
C ALA B 61 -47.31 17.18 33.90
N ARG B 62 -48.37 17.80 33.41
CA ARG B 62 -49.49 17.06 32.84
C ARG B 62 -49.51 17.21 31.32
N VAL B 63 -50.04 16.19 30.65
CA VAL B 63 -50.12 16.19 29.20
C VAL B 63 -51.35 16.95 28.73
N LEU B 64 -51.26 17.54 27.53
CA LEU B 64 -52.39 18.22 26.92
C LEU B 64 -52.90 17.42 25.74
N GLU B 65 -51.99 17.09 24.83
CA GLU B 65 -52.29 16.23 23.69
C GLU B 65 -51.61 14.88 23.88
N ASP B 66 -52.39 13.81 23.81
CA ASP B 66 -51.84 12.47 24.01
C ASP B 66 -52.46 11.47 23.04
N ARG B 67 -52.37 11.77 21.75
CA ARG B 67 -52.82 10.85 20.72
C ARG B 67 -52.02 9.56 20.82
N PRO B 68 -52.67 8.42 20.56
CA PRO B 68 -51.97 7.13 20.59
C PRO B 68 -51.14 6.93 19.32
N LEU B 69 -50.03 6.19 19.44
CA LEU B 69 -49.17 5.94 18.30
C LEU B 69 -49.89 5.10 17.25
N SER B 70 -49.80 5.51 15.99
CA SER B 70 -50.49 4.84 14.90
C SER B 70 -49.89 3.46 14.64
N ASP B 71 -50.76 2.48 14.43
CA ASP B 71 -50.32 1.12 14.14
C ASP B 71 -49.83 1.00 12.70
N LYS B 72 -50.51 1.71 11.80
CA LYS B 72 -50.14 1.71 10.39
C LYS B 72 -50.03 3.13 9.85
N GLY B 73 -48.97 3.40 9.11
CA GLY B 73 -48.77 4.70 8.47
C GLY B 73 -49.40 4.75 7.09
N SER B 74 -50.12 3.69 6.73
CA SER B 74 -50.78 3.62 5.44
C SER B 74 -52.10 4.40 5.46
N GLY B 75 -52.59 4.75 4.28
CA GLY B 75 -53.85 5.46 4.16
C GLY B 75 -53.86 6.79 4.90
N ASP B 76 -55.05 7.27 5.22
CA ASP B 76 -55.21 8.55 5.91
C ASP B 76 -54.63 9.70 5.10
N SER B 77 -54.96 10.92 5.50
CA SER B 77 -54.41 12.12 4.89
C SER B 77 -53.27 12.65 5.75
N SER B 78 -52.37 11.75 6.14
CA SER B 78 -51.23 12.10 6.97
C SER B 78 -51.67 12.47 8.38
N GLN B 79 -52.62 11.70 8.91
CA GLN B 79 -53.06 11.87 10.29
C GLN B 79 -52.33 10.88 11.19
N VAL B 80 -51.12 10.49 10.75
CA VAL B 80 -50.33 9.50 11.46
C VAL B 80 -49.60 10.12 12.64
N THR B 81 -49.58 9.39 13.76
CA THR B 81 -48.87 9.82 14.95
C THR B 81 -47.74 8.86 15.27
N GLN B 82 -46.52 9.37 15.36
CA GLN B 82 -45.37 8.54 15.68
C GLN B 82 -44.57 9.14 16.84
N VAL B 83 -45.17 10.09 17.54
CA VAL B 83 -44.56 10.68 18.73
C VAL B 83 -45.64 10.96 19.76
N SER B 84 -45.51 10.38 20.95
CA SER B 84 -46.51 10.54 21.99
C SER B 84 -45.85 10.79 23.35
N PRO B 85 -46.35 11.79 24.10
CA PRO B 85 -47.43 12.68 23.69
C PRO B 85 -46.97 13.70 22.65
N GLN B 86 -47.86 14.59 22.23
CA GLN B 86 -47.52 15.61 21.25
C GLN B 86 -47.39 16.99 21.90
N ARG B 87 -47.92 17.12 23.11
CA ARG B 87 -47.83 18.37 23.85
C ARG B 87 -48.07 18.15 25.33
N ILE B 88 -47.25 18.79 26.16
CA ILE B 88 -47.40 18.71 27.61
C ILE B 88 -47.09 20.06 28.24
N ALA B 89 -47.80 20.37 29.33
CA ALA B 89 -47.59 21.61 30.05
C ALA B 89 -46.70 21.38 31.27
N LEU B 90 -45.54 22.00 31.28
CA LEU B 90 -44.60 21.86 32.37
C LEU B 90 -44.68 23.07 33.30
N ARG B 91 -44.53 22.81 34.60
CA ARG B 91 -44.52 23.88 35.59
C ARG B 91 -43.40 23.64 36.59
N LEU B 92 -42.53 24.64 36.75
CA LEU B 92 -41.37 24.52 37.63
C LEU B 92 -41.22 25.72 38.55
N ARG B 93 -40.64 25.48 39.72
CA ARG B 93 -40.28 26.57 40.63
C ARG B 93 -38.76 26.67 40.71
N PRO B 94 -38.25 27.81 41.18
CA PRO B 94 -36.81 28.11 41.15
C PRO B 94 -35.91 26.96 41.57
N ASP B 95 -34.99 26.58 40.68
CA ASP B 95 -33.97 25.57 40.95
C ASP B 95 -34.51 24.14 41.07
N ASP B 96 -35.82 23.97 40.85
CA ASP B 96 -36.42 22.65 40.93
C ASP B 96 -36.29 21.93 39.59
N SER B 97 -36.87 20.73 39.50
CA SER B 97 -36.84 19.97 38.26
C SER B 97 -37.89 18.88 38.27
N LYS B 98 -38.53 18.66 37.13
CA LYS B 98 -39.55 17.63 37.00
C LYS B 98 -39.18 16.72 35.83
N ASN B 99 -39.70 15.50 35.84
CA ASN B 99 -39.42 14.55 34.78
C ASN B 99 -40.65 14.24 33.94
N PHE B 100 -40.42 13.90 32.68
CA PHE B 100 -41.49 13.49 31.78
C PHE B 100 -40.92 12.50 30.76
N SER B 101 -41.81 11.81 30.06
CA SER B 101 -41.39 10.79 29.11
C SER B 101 -41.96 11.02 27.73
N ILE B 102 -41.22 10.58 26.71
CA ILE B 102 -41.68 10.67 25.33
C ILE B 102 -41.46 9.34 24.63
N GLN B 103 -42.40 8.97 23.76
CA GLN B 103 -42.31 7.73 23.02
C GLN B 103 -42.27 7.99 21.52
N VAL B 104 -41.51 7.16 20.80
CA VAL B 104 -41.36 7.31 19.36
C VAL B 104 -41.51 5.96 18.68
N ARG B 105 -42.18 5.95 17.53
CA ARG B 105 -42.38 4.70 16.78
C ARG B 105 -42.01 4.85 15.30
N GLN B 106 -41.22 3.91 14.82
CA GLN B 106 -40.92 3.81 13.39
C GLN B 106 -42.11 3.10 12.74
N VAL B 107 -43.11 3.87 12.33
CA VAL B 107 -44.38 3.32 11.88
C VAL B 107 -44.22 2.44 10.64
N GLU B 108 -44.99 1.35 10.59
CA GLU B 108 -44.95 0.43 9.46
C GLU B 108 -45.75 0.96 8.27
N ASP B 109 -45.24 0.70 7.07
CA ASP B 109 -45.91 1.11 5.84
C ASP B 109 -46.06 2.63 5.77
N TYR B 110 -44.93 3.33 5.77
CA TYR B 110 -44.93 4.78 5.65
C TYR B 110 -44.61 5.15 4.20
N PRO B 111 -45.30 6.17 3.66
CA PRO B 111 -45.07 6.60 2.28
C PRO B 111 -43.59 6.89 1.99
N VAL B 112 -43.14 6.56 0.79
CA VAL B 112 -41.74 6.72 0.42
C VAL B 112 -41.60 7.35 -0.96
N ASP B 113 -40.81 8.42 -1.04
CA ASP B 113 -40.42 9.00 -2.31
C ASP B 113 -38.99 8.56 -2.63
N ILE B 114 -38.72 8.34 -3.90
CA ILE B 114 -37.38 7.95 -4.33
C ILE B 114 -37.02 8.63 -5.63
N TYR B 115 -36.32 9.75 -5.53
CA TYR B 115 -35.82 10.43 -6.71
C TYR B 115 -34.43 9.89 -7.03
N TYR B 116 -34.24 9.47 -8.27
CA TYR B 116 -32.99 8.84 -8.68
C TYR B 116 -32.15 9.83 -9.47
N LEU B 117 -30.99 10.17 -8.93
CA LEU B 117 -30.08 11.09 -9.58
C LEU B 117 -28.99 10.30 -10.29
N MET B 118 -29.02 10.31 -11.62
CA MET B 118 -28.22 9.37 -12.41
C MET B 118 -27.08 10.06 -13.16
N ASP B 119 -25.88 9.56 -12.94
CA ASP B 119 -24.71 10.00 -13.69
C ASP B 119 -24.81 9.42 -15.10
N LEU B 120 -24.79 10.29 -16.11
CA LEU B 120 -24.88 9.84 -17.49
C LEU B 120 -23.66 10.29 -18.31
N SER B 121 -22.54 10.47 -17.63
CA SER B 121 -21.28 10.76 -18.31
C SER B 121 -20.85 9.53 -19.10
N TYR B 122 -19.91 9.71 -20.03
CA TYR B 122 -19.51 8.65 -20.94
C TYR B 122 -18.99 7.42 -20.18
N SER B 123 -18.32 7.66 -19.05
CA SER B 123 -17.77 6.57 -18.27
C SER B 123 -18.87 5.63 -17.76
N MET B 124 -20.11 6.11 -17.78
CA MET B 124 -21.23 5.35 -17.24
C MET B 124 -21.86 4.42 -18.28
N LYS B 125 -21.19 4.21 -19.39
CA LYS B 125 -21.67 3.28 -20.42
C LYS B 125 -21.82 1.87 -19.85
N ASP B 126 -20.80 1.44 -19.10
CA ASP B 126 -20.77 0.09 -18.56
C ASP B 126 -21.44 -0.01 -17.20
N ASP B 127 -22.18 1.02 -16.82
CA ASP B 127 -22.90 1.02 -15.54
C ASP B 127 -24.39 1.23 -15.76
N LEU B 128 -24.78 1.40 -17.02
CA LEU B 128 -26.18 1.58 -17.36
C LEU B 128 -26.99 0.32 -17.05
N TRP B 129 -26.31 -0.82 -17.02
CA TRP B 129 -26.96 -2.10 -16.72
C TRP B 129 -27.85 -1.99 -15.49
N SER B 130 -27.41 -1.18 -14.52
CA SER B 130 -28.07 -1.09 -13.22
C SER B 130 -29.43 -0.39 -13.25
N ILE B 131 -29.70 0.41 -14.28
CA ILE B 131 -31.00 1.09 -14.37
C ILE B 131 -31.90 0.53 -15.46
N GLN B 132 -31.44 -0.52 -16.14
CA GLN B 132 -32.17 -1.11 -17.27
C GLN B 132 -33.68 -1.19 -17.03
N ASN B 133 -34.08 -2.00 -16.07
CA ASN B 133 -35.50 -2.19 -15.75
C ASN B 133 -35.79 -1.72 -14.34
N LEU B 134 -35.21 -0.58 -13.97
CA LEU B 134 -35.19 -0.12 -12.59
C LEU B 134 -36.59 0.03 -11.98
N GLY B 135 -37.42 0.88 -12.58
CA GLY B 135 -38.72 1.21 -12.03
C GLY B 135 -39.47 0.00 -11.46
N THR B 136 -39.38 -1.13 -12.16
CA THR B 136 -40.06 -2.34 -11.71
C THR B 136 -39.26 -3.03 -10.62
N LYS B 137 -37.99 -3.30 -10.89
CA LYS B 137 -37.11 -3.94 -9.91
C LYS B 137 -36.99 -3.08 -8.65
N LEU B 138 -37.44 -1.84 -8.74
CA LEU B 138 -37.38 -0.91 -7.61
C LEU B 138 -38.70 -0.84 -6.86
N ALA B 139 -39.79 -1.23 -7.52
CA ALA B 139 -41.10 -1.22 -6.91
C ALA B 139 -41.42 -2.56 -6.26
N THR B 140 -40.73 -3.61 -6.69
CA THR B 140 -41.00 -4.96 -6.20
C THR B 140 -40.52 -5.16 -4.77
N GLN B 141 -39.24 -4.95 -4.52
CA GLN B 141 -38.67 -5.18 -3.19
C GLN B 141 -39.07 -4.08 -2.21
N MET B 142 -39.58 -2.97 -2.74
CA MET B 142 -40.06 -1.87 -1.91
C MET B 142 -41.50 -2.11 -1.46
N ARG B 143 -42.29 -2.73 -2.33
CA ARG B 143 -43.70 -3.01 -2.04
C ARG B 143 -43.86 -3.72 -0.70
N LYS B 144 -42.80 -4.40 -0.26
CA LYS B 144 -42.84 -5.17 0.97
C LYS B 144 -42.55 -4.32 2.20
N LEU B 145 -42.40 -3.01 2.01
CA LEU B 145 -42.16 -2.09 3.11
C LEU B 145 -43.02 -0.83 3.03
N THR B 146 -43.87 -0.76 2.01
CA THR B 146 -44.71 0.43 1.81
C THR B 146 -45.70 0.19 0.68
N SER B 147 -46.94 0.61 0.88
CA SER B 147 -47.97 0.49 -0.14
C SER B 147 -48.09 1.78 -0.94
N ASN B 148 -47.33 2.79 -0.54
CA ASN B 148 -47.42 4.10 -1.19
C ASN B 148 -46.04 4.62 -1.60
N LEU B 149 -45.57 4.18 -2.76
CA LEU B 149 -44.25 4.57 -3.27
C LEU B 149 -44.37 5.45 -4.51
N ARG B 150 -43.54 6.50 -4.55
CA ARG B 150 -43.39 7.31 -5.75
C ARG B 150 -41.91 7.34 -6.14
N ILE B 151 -41.63 7.29 -7.43
CA ILE B 151 -40.26 7.29 -7.92
C ILE B 151 -40.05 8.31 -9.03
N GLY B 152 -38.95 9.03 -8.96
CA GLY B 152 -38.61 10.03 -9.95
C GLY B 152 -37.19 9.83 -10.44
N PHE B 153 -36.78 10.59 -11.44
CA PHE B 153 -35.51 10.36 -12.10
C PHE B 153 -34.94 11.65 -12.67
N GLY B 154 -33.63 11.83 -12.51
CA GLY B 154 -32.94 12.98 -13.05
C GLY B 154 -31.56 12.57 -13.52
N ALA B 155 -30.92 13.40 -14.33
CA ALA B 155 -29.61 13.06 -14.87
C ALA B 155 -28.66 14.24 -14.83
N PHE B 156 -27.36 13.94 -14.82
CA PHE B 156 -26.35 14.98 -14.80
C PHE B 156 -25.09 14.49 -15.50
N VAL B 157 -24.22 15.43 -15.82
CA VAL B 157 -22.90 15.12 -16.35
C VAL B 157 -21.89 16.03 -15.67
N ASP B 158 -21.86 17.28 -16.08
CA ASP B 158 -20.90 18.25 -15.54
C ASP B 158 -21.24 19.61 -16.13
N LYS B 159 -20.67 20.66 -15.56
CA LYS B 159 -20.87 22.00 -16.10
C LYS B 159 -20.41 22.01 -17.56
N PRO B 160 -21.32 22.31 -18.49
CA PRO B 160 -21.01 22.32 -19.92
C PRO B 160 -20.19 23.54 -20.33
N VAL B 161 -18.90 23.51 -20.03
CA VAL B 161 -18.01 24.61 -20.34
C VAL B 161 -16.56 24.11 -20.35
N SER B 162 -15.72 24.75 -21.14
CA SER B 162 -14.30 24.42 -21.17
C SER B 162 -13.67 24.75 -19.80
N PRO B 163 -12.77 23.89 -19.31
CA PRO B 163 -12.18 22.73 -19.98
C PRO B 163 -12.93 21.42 -19.79
N TYR B 164 -14.02 21.41 -19.01
CA TYR B 164 -14.78 20.19 -18.79
C TYR B 164 -15.37 19.69 -20.10
N MET B 165 -15.81 20.62 -20.94
CA MET B 165 -16.51 20.29 -22.17
C MET B 165 -15.59 20.40 -23.38
N TYR B 166 -15.75 19.47 -24.32
CA TYR B 166 -15.05 19.56 -25.60
C TYR B 166 -15.70 20.66 -26.42
N ILE B 167 -14.88 21.56 -26.97
CA ILE B 167 -15.38 22.73 -27.68
C ILE B 167 -14.86 22.81 -29.11
N SER B 168 -14.29 21.72 -29.61
CA SER B 168 -13.80 21.68 -30.98
C SER B 168 -13.66 20.24 -31.45
N PRO B 169 -13.98 19.98 -32.73
CA PRO B 169 -14.49 20.96 -33.69
C PRO B 169 -15.91 21.35 -33.39
N PRO B 170 -16.51 22.21 -34.23
CA PRO B 170 -17.90 22.64 -34.05
C PRO B 170 -18.85 21.44 -33.90
N GLU B 171 -18.50 20.33 -34.52
CA GLU B 171 -19.32 19.13 -34.45
C GLU B 171 -19.25 18.50 -33.06
N ALA B 172 -18.12 18.71 -32.38
CA ALA B 172 -17.91 18.15 -31.05
C ALA B 172 -18.94 18.66 -30.06
N LEU B 173 -19.59 19.78 -30.38
CA LEU B 173 -20.58 20.37 -29.49
C LEU B 173 -21.91 19.62 -29.55
N GLU B 174 -22.35 19.30 -30.75
CA GLU B 174 -23.60 18.56 -30.93
C GLU B 174 -23.37 17.07 -30.68
N ASN B 175 -22.16 16.61 -30.94
CA ASN B 175 -21.78 15.22 -30.69
C ASN B 175 -20.40 15.15 -30.06
N PRO B 176 -20.34 15.10 -28.72
CA PRO B 176 -19.09 15.04 -27.97
C PRO B 176 -18.22 13.84 -28.33
N CYS B 177 -18.82 12.81 -28.93
CA CYS B 177 -18.09 11.62 -29.33
C CYS B 177 -17.66 11.71 -30.80
N TYR B 178 -17.71 12.92 -31.34
CA TYR B 178 -17.40 13.14 -32.76
C TYR B 178 -16.03 12.61 -33.14
N ASP B 179 -15.03 12.83 -32.28
CA ASP B 179 -13.67 12.41 -32.58
C ASP B 179 -13.50 10.89 -32.58
N MET B 180 -14.58 10.18 -32.29
CA MET B 180 -14.58 8.72 -32.32
C MET B 180 -15.56 8.22 -33.38
N LYS B 181 -15.68 6.91 -33.51
CA LYS B 181 -16.59 6.32 -34.49
C LYS B 181 -18.05 6.47 -34.05
N THR B 182 -18.26 6.66 -32.75
CA THR B 182 -19.60 6.64 -32.17
C THR B 182 -20.23 8.02 -32.08
N THR B 183 -21.41 8.08 -31.48
CA THR B 183 -22.15 9.32 -31.30
C THR B 183 -22.87 9.32 -29.96
N CYS B 184 -23.00 10.49 -29.35
CA CYS B 184 -23.68 10.61 -28.06
C CYS B 184 -24.35 11.98 -27.89
N LEU B 185 -25.02 12.14 -26.75
CA LEU B 185 -25.78 13.37 -26.47
C LEU B 185 -24.88 14.56 -26.21
N PRO B 186 -25.33 15.76 -26.59
CA PRO B 186 -24.62 16.98 -26.22
C PRO B 186 -24.53 17.09 -24.69
N MET B 187 -23.45 17.69 -24.20
CA MET B 187 -23.22 17.76 -22.77
C MET B 187 -24.26 18.63 -22.07
N PHE B 188 -24.64 18.23 -20.86
CA PHE B 188 -25.62 18.98 -20.07
C PHE B 188 -25.27 18.89 -18.59
N GLY B 189 -25.51 19.98 -17.86
CA GLY B 189 -25.21 20.02 -16.44
C GLY B 189 -26.08 19.05 -15.67
N TYR B 190 -27.34 19.44 -15.47
CA TYR B 190 -28.32 18.59 -14.81
C TYR B 190 -29.68 18.81 -15.44
N LYS B 191 -30.43 17.74 -15.60
CA LYS B 191 -31.78 17.84 -16.14
C LYS B 191 -32.75 16.96 -15.38
N HIS B 192 -33.84 17.56 -14.93
CA HIS B 192 -34.94 16.81 -14.35
C HIS B 192 -35.62 16.03 -15.47
N VAL B 193 -35.91 14.76 -15.22
CA VAL B 193 -36.50 13.91 -16.26
C VAL B 193 -37.92 13.49 -15.90
N LEU B 194 -38.08 12.88 -14.73
CA LEU B 194 -39.39 12.39 -14.31
C LEU B 194 -39.71 12.81 -12.88
N THR B 195 -40.83 13.52 -12.73
CA THR B 195 -41.31 13.93 -11.42
C THR B 195 -41.82 12.72 -10.63
N LEU B 196 -41.65 12.74 -9.32
CA LEU B 196 -42.05 11.65 -8.46
C LEU B 196 -43.46 11.19 -8.79
N THR B 197 -43.60 9.93 -9.17
CA THR B 197 -44.89 9.37 -9.57
C THR B 197 -45.04 7.94 -9.09
N ASP B 198 -46.29 7.46 -9.01
CA ASP B 198 -46.55 6.08 -8.63
C ASP B 198 -46.60 5.17 -9.84
N GLN B 199 -46.65 5.76 -11.03
CA GLN B 199 -46.65 5.00 -12.27
C GLN B 199 -45.24 4.51 -12.60
N VAL B 200 -44.92 3.29 -12.18
CA VAL B 200 -43.58 2.74 -12.37
C VAL B 200 -43.21 2.64 -13.85
N THR B 201 -44.18 2.29 -14.69
CA THR B 201 -43.93 2.11 -16.11
C THR B 201 -43.49 3.42 -16.76
N ARG B 202 -43.84 4.54 -16.13
CA ARG B 202 -43.37 5.84 -16.58
C ARG B 202 -41.87 5.94 -16.36
N PHE B 203 -41.42 5.42 -15.22
CA PHE B 203 -40.01 5.40 -14.89
C PHE B 203 -39.26 4.56 -15.91
N ASN B 204 -39.69 3.31 -16.06
CA ASN B 204 -39.07 2.39 -17.01
C ASN B 204 -38.95 3.00 -18.40
N GLU B 205 -40.05 3.55 -18.91
CA GLU B 205 -40.09 4.07 -20.26
C GLU B 205 -39.21 5.31 -20.43
N GLU B 206 -39.10 6.12 -19.38
CA GLU B 206 -38.27 7.31 -19.45
C GLU B 206 -36.79 6.93 -19.47
N VAL B 207 -36.42 5.98 -18.62
CA VAL B 207 -35.04 5.49 -18.57
C VAL B 207 -34.60 4.95 -19.92
N LYS B 208 -35.49 4.20 -20.56
CA LYS B 208 -35.20 3.61 -21.87
C LYS B 208 -34.85 4.65 -22.92
N LYS B 209 -35.31 5.89 -22.72
CA LYS B 209 -35.05 6.95 -23.68
C LYS B 209 -33.77 7.72 -23.36
N GLN B 210 -33.15 7.40 -22.22
CA GLN B 210 -31.93 8.07 -21.81
C GLN B 210 -30.69 7.49 -22.48
N SER B 211 -29.63 8.28 -22.51
CA SER B 211 -28.36 7.85 -23.11
C SER B 211 -27.24 8.74 -22.57
N VAL B 212 -26.01 8.26 -22.65
CA VAL B 212 -24.88 8.98 -22.05
C VAL B 212 -24.40 10.15 -22.90
N SER B 213 -23.69 11.06 -22.25
CA SER B 213 -22.99 12.14 -22.93
C SER B 213 -21.51 11.90 -22.76
N ARG B 214 -20.69 12.95 -22.87
CA ARG B 214 -19.26 12.82 -22.70
C ARG B 214 -18.62 14.16 -22.38
N ASN B 215 -17.61 14.13 -21.51
CA ASN B 215 -16.85 15.33 -21.18
C ASN B 215 -15.38 14.97 -20.98
N ARG B 216 -14.58 15.92 -20.54
CA ARG B 216 -13.14 15.74 -20.51
C ARG B 216 -12.62 15.14 -19.20
N ASP B 217 -12.93 15.80 -18.08
CA ASP B 217 -12.34 15.41 -16.80
C ASP B 217 -13.19 14.39 -16.04
N ALA B 218 -12.50 13.49 -15.33
CA ALA B 218 -13.14 12.37 -14.64
C ALA B 218 -14.13 12.80 -13.57
N PRO B 219 -13.75 13.79 -12.74
CA PRO B 219 -14.71 14.27 -11.74
C PRO B 219 -15.95 14.86 -12.41
N GLU B 220 -17.13 14.52 -11.91
CA GLU B 220 -18.37 14.96 -12.55
C GLU B 220 -19.10 15.97 -11.66
N GLY B 221 -20.09 16.64 -12.23
CA GLY B 221 -20.81 17.69 -11.54
C GLY B 221 -22.07 17.21 -10.86
N GLY B 222 -22.00 16.06 -10.20
CA GLY B 222 -23.15 15.48 -9.54
C GLY B 222 -23.69 16.32 -8.40
N PHE B 223 -22.80 17.03 -7.70
CA PHE B 223 -23.19 17.80 -6.53
C PHE B 223 -24.12 18.95 -6.90
N ASP B 224 -23.89 19.57 -8.05
CA ASP B 224 -24.80 20.59 -8.55
C ASP B 224 -26.21 20.02 -8.61
N ALA B 225 -26.32 18.77 -9.05
CA ALA B 225 -27.61 18.11 -9.22
C ALA B 225 -28.26 17.81 -7.87
N ILE B 226 -27.47 17.29 -6.93
CA ILE B 226 -27.97 17.00 -5.59
C ILE B 226 -28.61 18.23 -4.98
N MET B 227 -28.00 19.39 -5.23
CA MET B 227 -28.50 20.65 -4.68
C MET B 227 -29.87 20.98 -5.26
N GLN B 228 -29.97 20.94 -6.59
CA GLN B 228 -31.20 21.30 -7.29
C GLN B 228 -32.32 20.33 -6.99
N ALA B 229 -32.00 19.05 -6.96
CA ALA B 229 -32.99 18.02 -6.65
C ALA B 229 -33.54 18.23 -5.24
N THR B 230 -32.79 18.95 -4.42
CA THR B 230 -33.20 19.21 -3.04
C THR B 230 -34.06 20.47 -2.94
N VAL B 231 -33.60 21.55 -3.56
CA VAL B 231 -34.23 22.86 -3.39
C VAL B 231 -35.38 23.10 -4.37
N CYS B 232 -35.51 22.25 -5.38
CA CYS B 232 -36.60 22.36 -6.34
C CYS B 232 -37.73 21.40 -5.98
N ASP B 233 -38.44 21.72 -4.89
CA ASP B 233 -39.47 20.83 -4.35
C ASP B 233 -40.59 20.58 -5.35
N GLU B 234 -41.27 21.66 -5.73
CA GLU B 234 -42.44 21.57 -6.58
C GLU B 234 -42.17 20.78 -7.85
N LYS B 235 -40.92 20.83 -8.33
CA LYS B 235 -40.56 20.17 -9.58
C LYS B 235 -40.24 18.69 -9.40
N ILE B 236 -39.49 18.36 -8.35
CA ILE B 236 -39.16 16.98 -8.07
C ILE B 236 -40.40 16.24 -7.54
N GLY B 237 -41.16 16.91 -6.68
CA GLY B 237 -42.44 16.39 -6.23
C GLY B 237 -42.43 15.75 -4.85
N TRP B 238 -41.43 16.08 -4.03
CA TRP B 238 -41.35 15.52 -2.69
C TRP B 238 -42.68 15.76 -1.97
N ARG B 239 -43.16 14.72 -1.27
CA ARG B 239 -44.42 14.81 -0.53
C ARG B 239 -44.17 15.22 0.91
N ASN B 240 -45.05 16.05 1.46
CA ASN B 240 -44.89 16.57 2.81
C ASN B 240 -44.75 15.46 3.85
N ASP B 241 -45.63 14.48 3.78
CA ASP B 241 -45.63 13.40 4.77
C ASP B 241 -45.17 12.08 4.14
N ALA B 242 -43.90 12.04 3.75
CA ALA B 242 -43.30 10.85 3.19
C ALA B 242 -41.81 10.84 3.44
N SER B 243 -41.21 9.65 3.47
CA SER B 243 -39.76 9.52 3.59
C SER B 243 -39.12 9.82 2.24
N HIS B 244 -38.22 10.79 2.22
CA HIS B 244 -37.57 11.22 0.99
C HIS B 244 -36.21 10.55 0.82
N LEU B 245 -36.09 9.73 -0.22
CA LEU B 245 -34.81 9.09 -0.54
C LEU B 245 -34.25 9.68 -1.84
N LEU B 246 -33.04 10.20 -1.76
CA LEU B 246 -32.36 10.75 -2.92
C LEU B 246 -31.16 9.87 -3.25
N VAL B 247 -31.30 9.06 -4.30
CA VAL B 247 -30.26 8.09 -4.65
C VAL B 247 -29.31 8.63 -5.71
N PHE B 248 -28.03 8.67 -5.36
CA PHE B 248 -27.00 9.26 -6.19
C PHE B 248 -26.08 8.16 -6.71
N THR B 249 -26.11 7.93 -8.02
CA THR B 249 -25.27 6.90 -8.63
C THR B 249 -24.20 7.49 -9.52
N THR B 250 -22.98 6.97 -9.39
CA THR B 250 -21.87 7.42 -10.21
C THR B 250 -20.70 6.44 -10.08
N ASP B 251 -19.81 6.46 -11.07
CA ASP B 251 -18.67 5.57 -11.11
C ASP B 251 -17.36 6.31 -10.91
N ALA B 252 -17.43 7.60 -10.59
CA ALA B 252 -16.25 8.45 -10.56
C ALA B 252 -16.25 9.44 -9.40
N LYS B 253 -15.13 10.16 -9.29
CA LYS B 253 -14.99 11.21 -8.29
C LYS B 253 -15.97 12.34 -8.59
N THR B 254 -16.04 13.31 -7.69
CA THR B 254 -16.97 14.42 -7.86
C THR B 254 -16.28 15.77 -7.68
N HIS B 255 -16.78 16.77 -8.41
CA HIS B 255 -16.34 18.14 -8.22
C HIS B 255 -16.92 18.69 -6.94
N ILE B 256 -16.24 19.67 -6.36
CA ILE B 256 -16.65 20.27 -5.10
C ILE B 256 -16.50 21.78 -5.20
N ALA B 257 -16.93 22.49 -4.16
CA ALA B 257 -16.83 23.95 -4.13
C ALA B 257 -15.40 24.41 -4.40
N LEU B 258 -15.27 25.53 -5.11
CA LEU B 258 -13.98 26.13 -5.46
C LEU B 258 -13.29 25.48 -6.66
N ASP B 259 -13.83 24.35 -7.13
CA ASP B 259 -13.33 23.71 -8.34
C ASP B 259 -13.70 24.55 -9.57
N GLY B 260 -14.85 25.19 -9.53
CA GLY B 260 -15.36 25.95 -10.65
C GLY B 260 -14.39 26.98 -11.20
N ARG B 261 -13.42 27.38 -10.39
CA ARG B 261 -12.48 28.41 -10.79
C ARG B 261 -11.68 28.00 -12.02
N LEU B 262 -11.59 26.70 -12.26
CA LEU B 262 -10.90 26.20 -13.45
C LEU B 262 -11.69 26.45 -14.73
N ALA B 263 -12.87 27.04 -14.59
CA ALA B 263 -13.69 27.41 -15.74
C ALA B 263 -14.06 28.89 -15.66
N GLY B 264 -13.37 29.63 -14.80
CA GLY B 264 -13.63 31.04 -14.62
C GLY B 264 -14.84 31.33 -13.77
N ILE B 265 -15.39 30.29 -13.14
CA ILE B 265 -16.55 30.43 -12.28
C ILE B 265 -16.12 30.60 -10.83
N VAL B 266 -16.49 31.73 -10.23
CA VAL B 266 -16.09 32.02 -8.85
C VAL B 266 -17.27 32.35 -7.95
N GLN B 267 -18.44 32.59 -8.53
CA GLN B 267 -19.61 32.94 -7.74
C GLN B 267 -20.09 31.74 -6.91
N PRO B 268 -20.07 31.88 -5.58
CA PRO B 268 -20.51 30.78 -4.71
C PRO B 268 -21.91 30.29 -5.05
N ASN B 269 -22.15 29.00 -4.85
CA ASN B 269 -23.48 28.43 -5.00
C ASN B 269 -24.46 29.10 -4.03
N ASP B 270 -25.60 29.52 -4.54
CA ASP B 270 -26.55 30.30 -3.74
C ASP B 270 -27.66 29.46 -3.09
N GLY B 271 -27.64 28.16 -3.35
CA GLY B 271 -28.60 27.26 -2.73
C GLY B 271 -30.03 27.53 -3.15
N GLN B 272 -30.20 28.24 -4.25
CA GLN B 272 -31.53 28.54 -4.77
C GLN B 272 -31.86 27.60 -5.92
N CYS B 273 -33.15 27.48 -6.23
CA CYS B 273 -33.57 26.67 -7.36
C CYS B 273 -33.33 27.41 -8.67
N HIS B 274 -32.78 26.72 -9.65
CA HIS B 274 -32.51 27.32 -10.95
C HIS B 274 -32.86 26.34 -12.06
N VAL B 275 -33.86 25.48 -11.80
CA VAL B 275 -34.35 24.56 -12.82
C VAL B 275 -35.68 25.08 -13.37
N GLY B 276 -35.64 25.56 -14.61
CA GLY B 276 -36.79 26.22 -15.21
C GLY B 276 -37.77 25.26 -15.86
N SER B 277 -38.65 25.80 -16.69
CA SER B 277 -39.66 25.01 -17.36
C SER B 277 -39.04 24.02 -18.34
N ASP B 278 -37.81 24.30 -18.77
CA ASP B 278 -37.11 23.41 -19.70
C ASP B 278 -36.42 22.27 -18.98
N ASN B 279 -36.56 22.22 -17.66
CA ASN B 279 -36.02 21.13 -16.85
C ASN B 279 -34.50 21.02 -16.87
N HIS B 280 -33.81 22.14 -17.07
CA HIS B 280 -32.36 22.17 -17.04
C HIS B 280 -31.84 23.17 -16.01
N TYR B 281 -30.75 22.82 -15.35
CA TYR B 281 -30.11 23.71 -14.38
C TYR B 281 -29.41 24.85 -15.11
N SER B 282 -30.00 26.04 -15.00
CA SER B 282 -29.56 27.19 -15.79
C SER B 282 -28.31 27.88 -15.26
N ALA B 283 -28.05 27.72 -13.96
CA ALA B 283 -26.89 28.34 -13.34
C ALA B 283 -25.65 27.45 -13.45
N SER B 284 -25.74 26.40 -14.25
CA SER B 284 -24.68 25.41 -14.37
C SER B 284 -23.33 26.02 -14.71
N THR B 285 -23.33 27.11 -15.47
CA THR B 285 -22.10 27.64 -16.01
C THR B 285 -21.78 29.05 -15.51
N THR B 286 -22.53 29.49 -14.49
CA THR B 286 -22.33 30.81 -13.92
C THR B 286 -22.18 30.76 -12.41
N MET B 287 -22.22 29.56 -11.86
CA MET B 287 -22.26 29.39 -10.41
C MET B 287 -21.44 28.16 -10.03
N ASP B 288 -20.67 28.30 -8.95
CA ASP B 288 -19.76 27.25 -8.51
C ASP B 288 -20.53 26.08 -7.91
N TYR B 289 -19.88 24.93 -7.79
CA TYR B 289 -20.48 23.77 -7.15
C TYR B 289 -20.73 24.11 -5.68
N PRO B 290 -21.67 23.39 -5.05
CA PRO B 290 -21.99 23.66 -3.64
C PRO B 290 -21.02 22.97 -2.70
N SER B 291 -20.79 23.57 -1.54
CA SER B 291 -19.95 22.97 -0.50
C SER B 291 -20.74 21.90 0.24
N LEU B 292 -20.02 21.02 0.92
CA LEU B 292 -20.68 19.99 1.73
C LEU B 292 -21.54 20.64 2.80
N GLY B 293 -21.06 21.75 3.35
CA GLY B 293 -21.78 22.47 4.37
C GLY B 293 -23.14 22.93 3.87
N LEU B 294 -23.17 23.45 2.65
CA LEU B 294 -24.41 23.95 2.08
C LEU B 294 -25.33 22.80 1.73
N MET B 295 -24.77 21.77 1.10
CA MET B 295 -25.51 20.57 0.75
C MET B 295 -26.17 19.96 1.98
N THR B 296 -25.42 19.90 3.07
CA THR B 296 -25.95 19.38 4.33
C THR B 296 -27.12 20.22 4.81
N GLU B 297 -26.97 21.54 4.73
CA GLU B 297 -27.98 22.46 5.21
C GLU B 297 -29.33 22.21 4.54
N LYS B 298 -29.30 22.13 3.22
CA LYS B 298 -30.53 21.96 2.44
C LYS B 298 -31.13 20.57 2.62
N LEU B 299 -30.31 19.54 2.56
CA LEU B 299 -30.78 18.18 2.77
C LEU B 299 -31.53 18.08 4.09
N SER B 300 -31.00 18.71 5.12
CA SER B 300 -31.61 18.68 6.45
C SER B 300 -32.92 19.46 6.45
N GLN B 301 -32.92 20.58 5.74
CA GLN B 301 -34.07 21.47 5.69
C GLN B 301 -35.26 20.81 5.01
N LYS B 302 -35.04 20.27 3.82
CA LYS B 302 -36.10 19.62 3.06
C LYS B 302 -36.31 18.19 3.54
N ASN B 303 -35.48 17.75 4.47
CA ASN B 303 -35.62 16.44 5.08
C ASN B 303 -35.39 15.31 4.08
N ILE B 304 -34.30 15.43 3.32
CA ILE B 304 -33.96 14.43 2.31
C ILE B 304 -32.86 13.51 2.81
N ASN B 305 -33.00 12.22 2.51
CA ASN B 305 -31.97 11.24 2.85
C ASN B 305 -31.14 10.89 1.63
N LEU B 306 -29.86 11.27 1.68
CA LEU B 306 -28.95 11.05 0.56
C LEU B 306 -28.37 9.64 0.60
N ILE B 307 -28.44 8.95 -0.53
CA ILE B 307 -27.90 7.61 -0.64
C ILE B 307 -26.87 7.55 -1.77
N PHE B 308 -25.63 7.26 -1.40
CA PHE B 308 -24.55 7.14 -2.38
C PHE B 308 -24.46 5.71 -2.90
N ALA B 309 -25.11 5.45 -4.03
CA ALA B 309 -25.02 4.14 -4.67
C ALA B 309 -23.94 4.17 -5.75
N VAL B 310 -22.69 4.12 -5.32
CA VAL B 310 -21.55 4.26 -6.23
C VAL B 310 -20.86 2.92 -6.45
N THR B 311 -19.93 2.90 -7.41
CA THR B 311 -19.21 1.67 -7.74
C THR B 311 -18.09 1.42 -6.74
N GLU B 312 -17.66 0.17 -6.65
CA GLU B 312 -16.70 -0.27 -5.63
C GLU B 312 -15.37 0.48 -5.69
N ASN B 313 -15.04 1.06 -6.83
CA ASN B 313 -13.76 1.74 -6.99
C ASN B 313 -13.71 3.11 -6.30
N VAL B 314 -14.89 3.66 -6.01
CA VAL B 314 -14.98 4.94 -5.32
C VAL B 314 -15.80 4.84 -4.03
N VAL B 315 -16.06 3.62 -3.58
CA VAL B 315 -16.87 3.42 -2.39
C VAL B 315 -16.22 4.09 -1.18
N ASN B 316 -14.90 3.99 -1.08
CA ASN B 316 -14.18 4.58 0.04
C ASN B 316 -14.24 6.10 0.01
N LEU B 317 -14.13 6.66 -1.19
CA LEU B 317 -14.22 8.10 -1.37
C LEU B 317 -15.54 8.61 -0.80
N TYR B 318 -16.64 7.97 -1.19
CA TYR B 318 -17.96 8.42 -0.80
C TYR B 318 -18.33 7.99 0.62
N GLN B 319 -17.72 6.92 1.11
CA GLN B 319 -17.89 6.53 2.50
CA GLN B 319 -17.89 6.53 2.50
C GLN B 319 -17.32 7.62 3.40
N ASN B 320 -16.33 8.35 2.88
CA ASN B 320 -15.69 9.42 3.62
C ASN B 320 -16.52 10.71 3.56
N TYR B 321 -17.15 10.95 2.42
CA TYR B 321 -18.03 12.10 2.27
C TYR B 321 -19.29 11.95 3.14
N SER B 322 -19.81 10.73 3.19
CA SER B 322 -21.04 10.44 3.93
C SER B 322 -20.88 10.70 5.43
N GLU B 323 -19.63 10.85 5.88
CA GLU B 323 -19.36 11.09 7.29
C GLU B 323 -19.34 12.59 7.58
N LEU B 324 -19.07 13.38 6.55
CA LEU B 324 -19.13 14.83 6.66
C LEU B 324 -20.56 15.33 6.42
N ILE B 325 -21.40 14.42 5.95
CA ILE B 325 -22.81 14.71 5.72
C ILE B 325 -23.66 13.73 6.52
N PRO B 326 -23.81 13.99 7.83
CA PRO B 326 -24.52 13.10 8.75
C PRO B 326 -25.85 12.61 8.22
N GLY B 327 -26.13 11.32 8.41
CA GLY B 327 -27.39 10.73 8.00
C GLY B 327 -27.36 10.20 6.58
N THR B 328 -26.17 10.14 6.00
CA THR B 328 -25.99 9.67 4.64
C THR B 328 -25.49 8.23 4.64
N THR B 329 -26.10 7.39 3.81
CA THR B 329 -25.71 5.99 3.71
C THR B 329 -25.11 5.68 2.34
N VAL B 330 -24.21 4.70 2.29
CA VAL B 330 -23.55 4.33 1.05
C VAL B 330 -23.82 2.86 0.70
N GLY B 331 -24.09 2.61 -0.58
CA GLY B 331 -24.29 1.26 -1.07
C GLY B 331 -23.35 0.95 -2.21
N VAL B 332 -22.87 -0.30 -2.26
CA VAL B 332 -21.93 -0.70 -3.30
C VAL B 332 -22.68 -1.12 -4.57
N LEU B 333 -22.36 -0.44 -5.67
CA LEU B 333 -23.00 -0.70 -6.94
C LEU B 333 -22.11 -1.60 -7.80
N SER B 334 -22.19 -2.91 -7.57
CA SER B 334 -21.37 -3.87 -8.29
C SER B 334 -22.25 -4.80 -9.12
N MET B 335 -21.70 -5.95 -9.50
CA MET B 335 -22.46 -6.96 -10.20
C MET B 335 -22.69 -8.18 -9.32
N ASP B 336 -22.36 -8.06 -8.03
CA ASP B 336 -22.47 -9.17 -7.10
C ASP B 336 -22.49 -8.69 -5.66
N SER B 337 -23.63 -8.90 -4.99
CA SER B 337 -23.81 -8.51 -3.60
C SER B 337 -25.06 -9.20 -3.07
N SER B 338 -25.55 -8.73 -1.92
CA SER B 338 -26.86 -9.16 -1.46
C SER B 338 -27.84 -8.98 -2.62
N ASN B 339 -27.87 -7.75 -3.14
CA ASN B 339 -28.56 -7.44 -4.38
C ASN B 339 -28.30 -5.99 -4.74
N VAL B 340 -27.59 -5.77 -5.84
CA VAL B 340 -27.23 -4.43 -6.25
C VAL B 340 -28.45 -3.70 -6.81
N LEU B 341 -29.19 -3.07 -5.89
CA LEU B 341 -30.39 -2.27 -6.14
C LEU B 341 -31.59 -2.74 -5.31
N GLN B 342 -31.40 -3.78 -4.50
CA GLN B 342 -32.18 -3.93 -3.28
C GLN B 342 -31.37 -3.14 -2.26
N LEU B 343 -30.11 -2.89 -2.63
CA LEU B 343 -29.28 -1.85 -2.06
C LEU B 343 -30.11 -0.70 -1.50
N ILE B 344 -31.13 -0.30 -2.26
CA ILE B 344 -32.02 0.78 -1.86
C ILE B 344 -32.89 0.36 -0.68
N VAL B 345 -33.35 -0.88 -0.71
CA VAL B 345 -34.12 -1.43 0.40
C VAL B 345 -33.25 -1.53 1.65
N ASP B 346 -32.01 -1.98 1.46
CA ASP B 346 -31.08 -2.15 2.56
C ASP B 346 -30.67 -0.79 3.14
N ALA B 347 -30.66 0.23 2.29
CA ALA B 347 -30.35 1.58 2.72
C ALA B 347 -31.51 2.12 3.56
N TYR B 348 -32.72 2.01 3.03
CA TYR B 348 -33.92 2.43 3.75
C TYR B 348 -33.98 1.74 5.11
N GLY B 349 -33.53 0.50 5.16
CA GLY B 349 -33.44 -0.23 6.40
C GLY B 349 -32.53 0.47 7.38
N LYS B 350 -31.29 0.71 6.96
CA LYS B 350 -30.32 1.43 7.78
C LYS B 350 -30.88 2.80 8.17
N ILE B 351 -31.58 3.44 7.23
CA ILE B 351 -32.14 4.76 7.47
C ILE B 351 -33.14 4.74 8.62
N ARG B 352 -34.01 3.75 8.64
CA ARG B 352 -35.03 3.65 9.69
C ARG B 352 -34.64 2.65 10.76
N SER B 353 -33.36 2.63 11.12
CA SER B 353 -32.87 1.75 12.17
C SER B 353 -32.32 2.56 13.34
N LYS B 354 -32.60 3.85 13.33
CA LYS B 354 -32.12 4.74 14.38
C LYS B 354 -33.20 5.75 14.76
N VAL B 355 -33.16 6.19 16.01
CA VAL B 355 -34.06 7.22 16.50
C VAL B 355 -33.29 8.16 17.43
N GLU B 356 -32.94 9.33 16.93
CA GLU B 356 -32.19 10.30 17.71
C GLU B 356 -33.04 11.53 17.97
N LEU B 357 -33.17 11.89 19.24
CA LEU B 357 -33.95 13.06 19.61
C LEU B 357 -33.17 14.34 19.37
N GLU B 358 -33.90 15.43 19.16
CA GLU B 358 -33.30 16.74 18.94
C GLU B 358 -34.14 17.80 19.65
N VAL B 359 -33.47 18.73 20.32
CA VAL B 359 -34.16 19.75 21.09
C VAL B 359 -34.02 21.12 20.44
N ARG B 360 -35.14 21.80 20.26
CA ARG B 360 -35.15 23.12 19.63
C ARG B 360 -35.78 24.17 20.54
N ASP B 361 -35.12 25.32 20.63
CA ASP B 361 -35.64 26.46 21.38
C ASP B 361 -35.57 26.25 22.89
N LEU B 362 -34.59 25.46 23.32
CA LEU B 362 -34.39 25.24 24.75
C LEU B 362 -33.86 26.51 25.41
N PRO B 363 -34.60 27.05 26.39
CA PRO B 363 -34.17 28.24 27.12
C PRO B 363 -32.81 28.07 27.80
N GLU B 364 -32.14 29.17 28.07
CA GLU B 364 -30.83 29.16 28.72
C GLU B 364 -30.91 28.55 30.12
N GLU B 365 -32.05 28.76 30.78
CA GLU B 365 -32.20 28.35 32.17
C GLU B 365 -32.42 26.85 32.31
N LEU B 366 -33.04 26.25 31.28
CA LEU B 366 -33.37 24.83 31.33
C LEU B 366 -32.24 23.95 30.81
N SER B 367 -32.05 22.81 31.47
CA SER B 367 -31.07 21.82 31.05
C SER B 367 -31.71 20.44 31.12
N LEU B 368 -31.61 19.68 30.03
CA LEU B 368 -32.29 18.40 29.93
C LEU B 368 -31.32 17.22 30.07
N SER B 369 -31.86 16.10 30.55
CA SER B 369 -31.13 14.85 30.62
C SER B 369 -31.98 13.75 29.99
N PHE B 370 -31.35 12.67 29.54
CA PHE B 370 -32.08 11.62 28.84
C PHE B 370 -31.67 10.22 29.28
N ASN B 371 -32.67 9.37 29.50
CA ASN B 371 -32.44 7.94 29.72
C ASN B 371 -33.20 7.15 28.66
N ALA B 372 -32.48 6.65 27.66
CA ALA B 372 -33.10 5.93 26.56
C ALA B 372 -33.45 4.50 26.96
N THR B 373 -34.51 3.97 26.36
CA THR B 373 -34.91 2.59 26.58
C THR B 373 -35.13 1.90 25.24
N CYS B 374 -34.12 1.17 24.77
CA CYS B 374 -34.17 0.54 23.46
C CYS B 374 -34.23 -0.98 23.55
N LEU B 375 -34.34 -1.63 22.41
CA LEU B 375 -34.36 -3.08 22.33
C LEU B 375 -35.43 -3.69 23.24
N ASN B 376 -35.01 -4.26 24.36
CA ASN B 376 -35.93 -4.95 25.26
C ASN B 376 -35.91 -4.35 26.66
N ASN B 377 -36.51 -3.17 26.80
CA ASN B 377 -36.61 -2.50 28.09
C ASN B 377 -35.25 -2.30 28.76
N GLU B 378 -34.21 -2.14 27.94
CA GLU B 378 -32.87 -1.90 28.44
C GLU B 378 -32.63 -0.40 28.55
N VAL B 379 -32.46 0.09 29.77
CA VAL B 379 -32.28 1.52 29.99
C VAL B 379 -30.81 1.92 29.94
N ILE B 380 -30.52 2.94 29.13
CA ILE B 380 -29.15 3.44 28.97
C ILE B 380 -29.10 4.92 29.33
N PRO B 381 -28.61 5.24 30.54
CA PRO B 381 -28.55 6.63 31.02
C PRO B 381 -27.73 7.56 30.12
N GLY B 382 -28.03 8.85 30.19
CA GLY B 382 -27.30 9.86 29.44
C GLY B 382 -27.25 9.58 27.95
N LEU B 383 -28.30 8.94 27.43
CA LEU B 383 -28.37 8.59 26.02
C LEU B 383 -29.73 8.99 25.44
N LYS B 384 -29.70 9.70 24.32
CA LYS B 384 -30.93 10.20 23.71
C LYS B 384 -31.07 9.74 22.25
N SER B 385 -30.41 8.64 21.90
CA SER B 385 -30.52 8.08 20.56
C SER B 385 -30.51 6.56 20.63
N CYS B 386 -31.21 5.92 19.69
CA CYS B 386 -31.30 4.47 19.64
C CYS B 386 -30.78 3.95 18.31
N MET B 387 -30.34 2.69 18.30
CA MET B 387 -29.78 2.08 17.10
C MET B 387 -30.10 0.59 17.07
N GLY B 388 -30.10 0.03 15.86
CA GLY B 388 -30.42 -1.37 15.68
C GLY B 388 -31.91 -1.62 15.75
N LEU B 389 -32.68 -0.70 15.16
CA LEU B 389 -34.13 -0.78 15.20
C LEU B 389 -34.70 -1.30 13.89
N LYS B 390 -35.92 -1.80 13.94
CA LYS B 390 -36.63 -2.26 12.76
C LYS B 390 -37.86 -1.39 12.57
N ILE B 391 -38.44 -1.43 11.37
CA ILE B 391 -39.65 -0.66 11.09
C ILE B 391 -40.84 -1.30 11.78
N GLY B 392 -41.38 -0.59 12.78
CA GLY B 392 -42.49 -1.10 13.57
C GLY B 392 -42.14 -1.10 15.05
N ASP B 393 -40.87 -0.85 15.36
CA ASP B 393 -40.40 -0.84 16.73
C ASP B 393 -40.65 0.50 17.41
N THR B 394 -40.88 0.46 18.72
CA THR B 394 -41.13 1.66 19.51
C THR B 394 -40.08 1.81 20.60
N VAL B 395 -39.73 3.05 20.91
CA VAL B 395 -38.78 3.34 21.97
C VAL B 395 -39.33 4.44 22.88
N SER B 396 -38.67 4.65 24.00
CA SER B 396 -39.09 5.69 24.94
C SER B 396 -37.88 6.30 25.63
N PHE B 397 -38.03 7.56 26.05
CA PHE B 397 -36.96 8.26 26.75
C PHE B 397 -37.51 8.95 28.00
N SER B 398 -36.80 8.82 29.10
CA SER B 398 -37.13 9.56 30.31
C SER B 398 -36.33 10.85 30.32
N ILE B 399 -37.01 11.97 30.53
CA ILE B 399 -36.37 13.29 30.46
C ILE B 399 -36.55 14.05 31.77
N GLU B 400 -35.57 14.89 32.09
CA GLU B 400 -35.65 15.74 33.26
C GLU B 400 -35.19 17.16 32.93
N ALA B 401 -36.07 18.13 33.13
CA ALA B 401 -35.74 19.52 32.93
C ALA B 401 -35.36 20.17 34.26
N LYS B 402 -34.14 20.67 34.34
CA LYS B 402 -33.64 21.29 35.58
C LYS B 402 -33.48 22.79 35.38
N VAL B 403 -34.48 23.55 35.80
CA VAL B 403 -34.43 25.01 35.69
C VAL B 403 -33.42 25.57 36.68
N ARG B 404 -32.65 26.57 36.22
CA ARG B 404 -31.60 27.15 37.04
C ARG B 404 -31.96 28.59 37.40
N GLY B 405 -32.31 28.81 38.67
CA GLY B 405 -32.76 30.10 39.12
C GLY B 405 -34.18 30.35 38.67
N CYS B 406 -34.51 31.61 38.40
CA CYS B 406 -35.83 31.97 37.91
C CYS B 406 -35.70 33.02 36.80
N PRO B 407 -36.14 32.66 35.58
CA PRO B 407 -36.00 33.56 34.43
C PRO B 407 -36.92 34.76 34.48
N GLN B 408 -36.71 35.71 33.58
CA GLN B 408 -37.54 36.90 33.49
C GLN B 408 -38.89 36.58 32.87
N GLU B 409 -38.86 35.84 31.76
CA GLU B 409 -40.09 35.44 31.07
C GLU B 409 -40.65 34.18 31.72
N LYS B 410 -41.90 34.24 32.15
CA LYS B 410 -42.51 33.12 32.86
C LYS B 410 -43.16 32.12 31.91
N GLU B 411 -43.42 32.55 30.68
CA GLU B 411 -44.07 31.69 29.69
C GLU B 411 -43.14 31.42 28.51
N LYS B 412 -42.53 30.24 28.50
CA LYS B 412 -41.69 29.81 27.40
C LYS B 412 -42.10 28.42 26.94
N SER B 413 -41.62 28.01 25.78
CA SER B 413 -41.92 26.68 25.25
C SER B 413 -40.88 26.25 24.23
N PHE B 414 -40.49 24.98 24.31
CA PHE B 414 -39.52 24.41 23.38
C PHE B 414 -40.06 23.12 22.80
N THR B 415 -39.34 22.54 21.85
CA THR B 415 -39.80 21.33 21.16
C THR B 415 -38.75 20.24 21.21
N ILE B 416 -39.21 18.99 21.34
CA ILE B 416 -38.33 17.83 21.23
C ILE B 416 -38.80 16.95 20.08
N LYS B 417 -38.02 16.94 19.00
CA LYS B 417 -38.40 16.23 17.79
C LYS B 417 -37.31 15.23 17.40
N PRO B 418 -37.71 14.01 17.02
CA PRO B 418 -36.74 13.06 16.47
C PRO B 418 -36.24 13.52 15.12
N VAL B 419 -34.93 13.51 14.89
CA VAL B 419 -34.37 13.95 13.62
C VAL B 419 -34.99 13.14 12.48
N GLY B 420 -35.51 13.84 11.48
CA GLY B 420 -36.09 13.19 10.32
C GLY B 420 -37.58 12.94 10.44
N PHE B 421 -38.12 13.13 11.63
CA PHE B 421 -39.53 12.86 11.88
C PHE B 421 -40.41 14.09 11.68
N LYS B 422 -41.63 13.86 11.23
CA LYS B 422 -42.59 14.94 11.03
C LYS B 422 -43.13 15.41 12.38
N ASP B 423 -43.61 14.46 13.17
CA ASP B 423 -44.22 14.77 14.47
C ASP B 423 -43.17 15.14 15.51
N SER B 424 -43.61 15.82 16.57
CA SER B 424 -42.72 16.25 17.63
C SER B 424 -43.50 16.41 18.94
N LEU B 425 -42.78 16.79 19.99
CA LEU B 425 -43.38 17.02 21.30
C LEU B 425 -43.14 18.45 21.75
N ILE B 426 -44.21 19.21 21.94
CA ILE B 426 -44.11 20.60 22.40
C ILE B 426 -44.24 20.66 23.92
N VAL B 427 -43.18 21.13 24.57
CA VAL B 427 -43.19 21.27 26.02
C VAL B 427 -43.45 22.73 26.39
N GLN B 428 -44.65 23.01 26.89
CA GLN B 428 -45.01 24.37 27.29
C GLN B 428 -44.68 24.60 28.75
N VAL B 429 -43.59 25.30 29.01
CA VAL B 429 -43.09 25.53 30.36
C VAL B 429 -43.71 26.77 31.00
N THR B 430 -43.94 26.70 32.30
CA THR B 430 -44.44 27.83 33.07
C THR B 430 -43.61 27.97 34.34
N PHE B 431 -43.00 29.14 34.53
CA PHE B 431 -42.17 29.38 35.71
C PHE B 431 -43.00 30.04 36.82
N ASP B 432 -43.19 29.30 37.91
CA ASP B 432 -43.97 29.78 39.04
C ASP B 432 -43.05 30.16 40.19
N CYS B 433 -42.76 31.45 40.31
CA CYS B 433 -41.88 31.94 41.36
C CYS B 433 -42.56 33.05 42.16
N ASP B 434 -43.89 33.13 42.06
CA ASP B 434 -44.65 34.16 42.75
C ASP B 434 -45.81 33.56 43.53
N CYS B 435 -46.53 34.42 44.26
CA CYS B 435 -47.67 33.99 45.06
C CYS B 435 -48.93 34.71 44.61
N ALA B 436 -50.08 34.09 44.86
CA ALA B 436 -51.36 34.69 44.50
C ALA B 436 -51.61 35.96 45.30
N CYS B 437 -51.02 36.04 46.49
CA CYS B 437 -51.21 37.18 47.38
C CYS B 437 -50.53 38.44 46.83
N GLN B 438 -49.58 38.26 45.93
CA GLN B 438 -48.88 39.39 45.31
C GLN B 438 -49.84 40.17 44.42
N ALA B 439 -50.79 39.47 43.82
CA ALA B 439 -51.75 40.09 42.92
C ALA B 439 -52.80 40.89 43.69
N GLN B 440 -52.70 40.86 45.01
CA GLN B 440 -53.65 41.58 45.86
C GLN B 440 -52.89 42.31 46.97
N ALA B 441 -51.88 43.08 46.57
CA ALA B 441 -51.04 43.81 47.52
C ALA B 441 -51.64 45.17 47.85
N GLU B 442 -51.00 45.88 48.79
CA GLU B 442 -51.45 47.20 49.20
C GLU B 442 -50.32 48.22 49.00
N PRO B 443 -50.24 48.81 47.80
CA PRO B 443 -49.24 49.85 47.56
C PRO B 443 -49.52 51.09 48.39
N ASN B 444 -48.48 51.66 49.00
CA ASN B 444 -48.64 52.82 49.88
C ASN B 444 -49.55 52.49 51.05
N SER B 445 -49.41 51.29 51.60
CA SER B 445 -50.27 50.82 52.68
C SER B 445 -50.14 51.67 53.92
N HIS B 446 -51.19 51.68 54.74
CA HIS B 446 -51.20 52.42 55.99
C HIS B 446 -50.45 51.67 57.07
N ARG B 447 -50.23 50.37 56.85
CA ARG B 447 -49.54 49.53 57.82
C ARG B 447 -48.02 49.67 57.72
N CYS B 448 -47.55 50.13 56.57
CA CYS B 448 -46.11 50.13 56.28
C CYS B 448 -45.50 51.52 56.31
N ASN B 449 -44.87 51.85 57.44
CA ASN B 449 -44.12 53.10 57.58
C ASN B 449 -44.97 54.33 57.23
N ASN B 450 -46.28 54.19 57.38
CA ASN B 450 -47.21 55.29 57.13
C ASN B 450 -47.17 55.77 55.68
N GLY B 451 -47.42 54.87 54.75
CA GLY B 451 -47.55 55.22 53.34
C GLY B 451 -46.27 55.08 52.53
N ASN B 452 -45.18 54.73 53.20
CA ASN B 452 -43.89 54.59 52.53
C ASN B 452 -43.54 53.13 52.22
N GLY B 453 -44.55 52.26 52.23
CA GLY B 453 -44.34 50.85 51.99
C GLY B 453 -45.52 50.16 51.35
N THR B 454 -45.32 48.91 50.96
CA THR B 454 -46.37 48.11 50.30
C THR B 454 -46.61 46.83 51.08
N PHE B 455 -47.84 46.65 51.55
CA PHE B 455 -48.19 45.48 52.35
C PHE B 455 -48.70 44.34 51.46
N GLU B 456 -47.89 43.29 51.34
CA GLU B 456 -48.28 42.11 50.56
C GLU B 456 -47.81 40.84 51.26
N CYS B 457 -48.67 39.83 51.24
CA CYS B 457 -48.33 38.53 51.79
C CYS B 457 -48.03 38.59 53.29
N GLY B 458 -48.55 39.62 53.96
CA GLY B 458 -48.43 39.73 55.40
C GLY B 458 -47.34 40.69 55.88
N VAL B 459 -46.28 40.83 55.10
CA VAL B 459 -45.15 41.67 55.48
C VAL B 459 -45.19 43.02 54.77
N CYS B 460 -44.32 43.94 55.21
CA CYS B 460 -44.22 45.26 54.59
C CYS B 460 -42.97 45.35 53.72
N ARG B 461 -43.17 45.76 52.47
CA ARG B 461 -42.08 45.87 51.52
C ARG B 461 -41.82 47.33 51.18
N CYS B 462 -40.54 47.69 51.07
CA CYS B 462 -40.16 49.05 50.72
C CYS B 462 -40.56 49.32 49.27
N GLY B 463 -41.52 50.22 49.09
CA GLY B 463 -42.08 50.50 47.77
C GLY B 463 -41.05 50.96 46.75
N PRO B 464 -41.52 51.24 45.53
CA PRO B 464 -40.67 51.70 44.43
C PRO B 464 -40.10 53.09 44.64
N GLY B 465 -38.84 53.29 44.30
CA GLY B 465 -38.20 54.58 44.45
C GLY B 465 -37.24 54.62 45.62
N TRP B 466 -37.34 53.64 46.50
CA TRP B 466 -36.47 53.57 47.67
C TRP B 466 -35.32 52.60 47.43
N LEU C 1 31.39 -45.67 10.83
CA LEU C 1 32.64 -46.49 10.75
C LEU C 1 32.32 -47.97 10.76
N ASN C 2 31.61 -48.41 11.79
CA ASN C 2 31.31 -49.83 11.97
C ASN C 2 29.82 -50.15 11.87
N LEU C 3 29.17 -49.63 10.85
CA LEU C 3 27.79 -49.99 10.55
C LEU C 3 27.76 -50.99 9.40
N ASP C 4 27.29 -52.20 9.67
CA ASP C 4 27.22 -53.23 8.65
C ASP C 4 26.27 -52.81 7.54
N PRO C 5 26.80 -52.52 6.34
CA PRO C 5 26.01 -52.07 5.20
C PRO C 5 25.59 -53.22 4.30
N VAL C 6 26.01 -54.43 4.65
CA VAL C 6 25.78 -55.60 3.81
C VAL C 6 24.53 -56.36 4.24
N GLN C 7 24.42 -56.64 5.53
CA GLN C 7 23.23 -57.32 6.06
C GLN C 7 22.34 -56.37 6.84
N LEU C 8 21.38 -55.77 6.15
CA LEU C 8 20.45 -54.83 6.76
C LEU C 8 19.16 -55.53 7.16
N THR C 9 18.33 -54.83 7.91
CA THR C 9 17.01 -55.31 8.27
C THR C 9 15.96 -54.34 7.75
N PHE C 10 14.99 -54.85 7.02
CA PHE C 10 13.98 -54.00 6.41
C PHE C 10 12.60 -54.24 7.01
N TYR C 11 11.94 -53.16 7.39
CA TYR C 11 10.54 -53.21 7.80
C TYR C 11 9.72 -52.46 6.77
N ALA C 12 8.54 -52.97 6.47
CA ALA C 12 7.68 -52.37 5.44
C ALA C 12 6.28 -52.12 5.96
N GLY C 13 5.69 -51.01 5.54
CA GLY C 13 4.31 -50.69 5.86
C GLY C 13 3.48 -50.75 4.60
N PRO C 14 2.18 -50.43 4.73
CA PRO C 14 1.26 -50.46 3.58
C PRO C 14 1.76 -49.58 2.43
N ASN C 15 1.28 -49.87 1.23
CA ASN C 15 1.67 -49.09 0.06
C ASN C 15 1.07 -47.69 0.10
N GLY C 16 1.89 -46.69 -0.17
CA GLY C 16 1.43 -45.31 -0.21
C GLY C 16 1.02 -44.73 1.13
N SER C 17 1.48 -45.34 2.21
CA SER C 17 1.15 -44.88 3.56
C SER C 17 2.24 -43.98 4.13
N GLN C 18 3.33 -43.81 3.39
CA GLN C 18 4.48 -43.04 3.87
C GLN C 18 5.01 -43.62 5.18
N PHE C 19 5.06 -44.95 5.22
CA PHE C 19 5.61 -45.68 6.35
C PHE C 19 7.10 -45.38 6.49
N GLY C 20 7.47 -44.64 7.53
CA GLY C 20 8.85 -44.28 7.75
C GLY C 20 9.08 -42.78 7.76
N PHE C 21 8.01 -42.00 7.63
CA PHE C 21 8.09 -40.55 7.66
C PHE C 21 8.72 -40.08 8.95
N SER C 22 8.47 -40.82 10.02
CA SER C 22 9.09 -40.56 11.31
C SER C 22 9.27 -41.89 12.04
N LEU C 23 10.28 -41.96 12.89
CA LEU C 23 10.54 -43.17 13.66
C LEU C 23 11.32 -42.87 14.94
N ASP C 24 11.35 -43.84 15.85
CA ASP C 24 12.07 -43.68 17.10
C ASP C 24 12.20 -45.03 17.80
N PHE C 25 13.17 -45.13 18.71
CA PHE C 25 13.34 -46.34 19.49
C PHE C 25 12.40 -46.33 20.69
N HIS C 26 11.65 -47.42 20.86
CA HIS C 26 10.78 -47.56 22.03
C HIS C 26 11.30 -48.64 22.96
N LYS C 27 11.21 -48.37 24.26
CA LYS C 27 11.70 -49.30 25.27
C LYS C 27 10.55 -49.61 26.23
N ASP C 28 10.09 -50.85 26.26
CA ASP C 28 9.00 -51.23 27.15
C ASP C 28 9.49 -51.23 28.60
N SER C 29 8.60 -51.59 29.52
CA SER C 29 8.94 -51.62 30.95
C SER C 29 10.04 -52.64 31.24
N HIS C 30 10.14 -53.66 30.41
CA HIS C 30 11.16 -54.70 30.58
C HIS C 30 12.53 -54.21 30.14
N GLY C 31 12.54 -53.24 29.23
CA GLY C 31 13.78 -52.72 28.68
C GLY C 31 14.03 -53.24 27.28
N ARG C 32 13.12 -54.08 26.79
CA ARG C 32 13.23 -54.64 25.45
C ARG C 32 12.97 -53.56 24.41
N VAL C 33 13.86 -53.45 23.44
CA VAL C 33 13.79 -52.36 22.45
C VAL C 33 12.98 -52.73 21.21
N ALA C 34 12.11 -51.83 20.81
CA ALA C 34 11.33 -51.98 19.59
C ALA C 34 11.44 -50.69 18.78
N ILE C 35 10.84 -50.68 17.60
CA ILE C 35 10.87 -49.50 16.74
C ILE C 35 9.46 -49.00 16.46
N VAL C 36 9.18 -47.76 16.83
CA VAL C 36 7.91 -47.13 16.52
C VAL C 36 8.05 -46.33 15.24
N VAL C 37 7.11 -46.53 14.32
CA VAL C 37 7.17 -45.89 13.01
C VAL C 37 5.88 -45.16 12.67
N GLY C 38 6.02 -44.00 12.02
CA GLY C 38 4.87 -43.22 11.62
C GLY C 38 4.52 -43.42 10.16
N ALA C 39 3.23 -43.52 9.86
CA ALA C 39 2.76 -43.66 8.50
C ALA C 39 1.59 -42.71 8.28
N PRO C 40 1.90 -41.40 8.16
CA PRO C 40 0.90 -40.33 8.15
C PRO C 40 -0.20 -40.46 7.10
N ARG C 41 0.03 -41.22 6.04
CA ARG C 41 -0.98 -41.35 4.99
C ARG C 41 -1.62 -42.73 4.93
N THR C 42 -1.59 -43.44 6.06
CA THR C 42 -2.28 -44.72 6.15
C THR C 42 -3.77 -44.48 6.07
N LEU C 43 -4.51 -45.40 5.46
CA LEU C 43 -5.95 -45.27 5.35
C LEU C 43 -6.62 -45.53 6.69
N GLY C 44 -7.88 -45.10 6.81
CA GLY C 44 -8.66 -45.35 8.00
C GLY C 44 -9.90 -46.17 7.67
N PRO C 45 -10.78 -46.33 8.65
CA PRO C 45 -12.06 -47.04 8.46
C PRO C 45 -12.97 -46.29 7.49
N SER C 46 -12.87 -44.96 7.52
CA SER C 46 -13.65 -44.11 6.63
C SER C 46 -13.12 -44.19 5.21
N GLN C 47 -12.04 -44.94 5.02
CA GLN C 47 -11.42 -45.11 3.71
CA GLN C 47 -11.42 -45.11 3.71
C GLN C 47 -10.81 -43.81 3.22
N GLU C 48 -10.13 -43.11 4.13
CA GLU C 48 -9.44 -41.87 3.80
C GLU C 48 -8.17 -41.76 4.62
N GLU C 49 -7.14 -41.14 4.03
CA GLU C 49 -5.85 -40.99 4.70
C GLU C 49 -6.00 -40.31 6.05
N THR C 50 -5.86 -41.09 7.12
CA THR C 50 -5.91 -40.54 8.47
C THR C 50 -4.55 -40.61 9.15
N GLY C 51 -3.69 -41.51 8.67
CA GLY C 51 -2.41 -41.74 9.28
C GLY C 51 -2.44 -42.94 10.18
N GLY C 52 -1.26 -43.45 10.54
CA GLY C 52 -1.18 -44.61 11.39
C GLY C 52 0.16 -44.70 12.12
N VAL C 53 0.21 -45.54 13.14
CA VAL C 53 1.44 -45.78 13.88
C VAL C 53 1.67 -47.27 14.03
N PHE C 54 2.92 -47.69 13.84
CA PHE C 54 3.27 -49.10 13.94
C PHE C 54 4.37 -49.30 14.97
N LEU C 55 4.23 -50.36 15.75
CA LEU C 55 5.23 -50.70 16.76
C LEU C 55 5.93 -52.00 16.37
N CYS C 56 7.02 -51.86 15.61
CA CYS C 56 7.74 -53.02 15.09
C CYS C 56 8.66 -53.60 16.15
N PRO C 57 8.49 -54.90 16.48
CA PRO C 57 9.43 -55.55 17.38
C PRO C 57 10.72 -55.88 16.64
N TRP C 58 11.83 -55.97 17.38
CA TRP C 58 13.12 -56.25 16.75
C TRP C 58 13.22 -57.67 16.20
N ARG C 59 13.66 -57.76 14.95
CA ARG C 59 13.84 -59.03 14.28
C ARG C 59 14.88 -58.83 13.19
N ALA C 60 15.94 -59.64 13.21
CA ALA C 60 17.03 -59.49 12.25
C ALA C 60 16.53 -59.57 10.81
N GLU C 61 15.33 -60.11 10.62
CA GLU C 61 14.76 -60.27 9.28
C GLU C 61 13.77 -59.16 8.97
N GLY C 62 13.20 -58.57 10.02
CA GLY C 62 12.23 -57.50 9.85
C GLY C 62 10.89 -58.03 9.37
N GLY C 63 10.23 -57.27 8.52
CA GLY C 63 8.96 -57.68 7.94
C GLY C 63 7.83 -56.71 8.23
N GLN C 64 6.63 -57.25 8.41
CA GLN C 64 5.46 -56.44 8.73
C GLN C 64 5.49 -56.05 10.20
N CYS C 65 4.59 -55.16 10.60
CA CYS C 65 4.55 -54.67 11.97
C CYS C 65 3.12 -54.54 12.49
N PRO C 66 2.95 -54.74 13.81
CA PRO C 66 1.66 -54.52 14.46
C PRO C 66 1.24 -53.06 14.33
N SER C 67 -0.06 -52.80 14.32
CA SER C 67 -0.56 -51.44 14.19
C SER C 67 -1.03 -50.91 15.54
N LEU C 68 -0.25 -49.99 16.11
CA LEU C 68 -0.63 -49.32 17.35
C LEU C 68 -1.92 -48.53 17.09
N LEU C 69 -3.01 -48.96 17.71
CA LEU C 69 -4.33 -48.44 17.38
C LEU C 69 -4.69 -47.17 18.15
N PHE C 70 -5.24 -46.19 17.43
CA PHE C 70 -5.75 -44.97 18.03
C PHE C 70 -7.15 -44.69 17.52
N ASP C 71 -7.96 -44.02 18.32
CA ASP C 71 -9.32 -43.66 17.90
C ASP C 71 -9.25 -42.68 16.73
N LEU C 72 -9.96 -43.02 15.64
CA LEU C 72 -9.92 -42.22 14.43
C LEU C 72 -11.28 -41.60 14.08
N ARG C 73 -12.25 -41.71 14.98
CA ARG C 73 -13.58 -41.16 14.73
C ARG C 73 -13.59 -39.65 14.83
N ASP C 74 -14.40 -39.01 14.01
CA ASP C 74 -14.61 -37.57 14.09
C ASP C 74 -15.61 -37.27 15.20
N GLU C 75 -15.12 -36.67 16.28
CA GLU C 75 -15.93 -36.47 17.48
C GLU C 75 -16.74 -35.17 17.41
N THR C 76 -17.95 -35.21 17.95
CA THR C 76 -18.84 -34.06 17.95
C THR C 76 -19.48 -33.90 19.32
N ARG C 77 -19.51 -32.69 19.84
CA ARG C 77 -20.10 -32.41 21.15
C ARG C 77 -20.84 -31.10 21.17
N ASN C 78 -22.06 -31.12 21.70
CA ASN C 78 -22.86 -29.91 21.85
C ASN C 78 -22.89 -29.46 23.30
N VAL C 79 -22.11 -28.44 23.62
CA VAL C 79 -22.01 -27.95 25.00
C VAL C 79 -21.89 -26.44 25.04
N GLY C 80 -22.50 -25.82 26.04
CA GLY C 80 -22.44 -24.38 26.21
C GLY C 80 -23.05 -23.63 25.04
N SER C 81 -24.15 -24.16 24.52
CA SER C 81 -24.83 -23.57 23.37
C SER C 81 -23.91 -23.50 22.15
N GLN C 82 -22.88 -24.34 22.14
CA GLN C 82 -21.96 -24.40 21.02
C GLN C 82 -21.90 -25.81 20.46
N THR C 83 -21.04 -26.02 19.47
CA THR C 83 -20.85 -27.34 18.90
C THR C 83 -19.39 -27.55 18.55
N LEU C 84 -18.72 -28.43 19.29
CA LEU C 84 -17.31 -28.72 19.07
C LEU C 84 -17.16 -29.84 18.04
N GLN C 85 -16.15 -29.71 17.17
CA GLN C 85 -15.94 -30.68 16.11
C GLN C 85 -14.46 -30.96 15.86
N THR C 86 -14.13 -32.22 15.63
CA THR C 86 -12.78 -32.62 15.27
C THR C 86 -12.83 -33.36 13.94
N PHE C 87 -11.91 -33.02 13.04
CA PHE C 87 -11.84 -33.67 11.74
C PHE C 87 -10.48 -34.32 11.55
N LYS C 88 -10.47 -35.65 11.59
CA LYS C 88 -9.23 -36.41 11.55
C LYS C 88 -8.90 -36.90 10.15
N ALA C 89 -9.68 -36.46 9.16
CA ALA C 89 -9.41 -36.81 7.77
C ALA C 89 -8.19 -36.04 7.27
N ARG C 90 -7.19 -36.78 6.80
CA ARG C 90 -5.96 -36.18 6.31
C ARG C 90 -5.24 -35.39 7.40
N GLN C 91 -5.24 -35.93 8.60
CA GLN C 91 -4.62 -35.28 9.75
C GLN C 91 -3.13 -35.62 9.85
N GLY C 92 -2.72 -36.67 9.15
CA GLY C 92 -1.33 -37.08 9.14
C GLY C 92 -0.86 -37.61 10.48
N LEU C 93 -1.63 -38.53 11.06
CA LEU C 93 -1.24 -39.19 12.29
C LEU C 93 0.03 -40.01 12.08
N GLY C 94 1.11 -39.63 12.76
CA GLY C 94 2.39 -40.28 12.60
C GLY C 94 3.38 -39.41 11.87
N ALA C 95 3.02 -38.15 11.64
CA ALA C 95 3.93 -37.19 11.01
C ALA C 95 5.12 -36.95 11.92
N SER C 96 4.95 -37.26 13.20
CA SER C 96 6.05 -37.21 14.15
C SER C 96 5.77 -38.21 15.26
N VAL C 97 6.80 -38.93 15.68
CA VAL C 97 6.68 -39.88 16.77
C VAL C 97 7.90 -39.80 17.68
N VAL C 98 7.66 -39.86 18.99
CA VAL C 98 8.73 -39.83 19.97
C VAL C 98 8.35 -40.71 21.14
N SER C 99 9.33 -41.40 21.70
CA SER C 99 9.08 -42.28 22.84
C SER C 99 9.74 -41.74 24.10
N TRP C 100 9.16 -42.11 25.24
CA TRP C 100 9.68 -41.74 26.54
C TRP C 100 9.13 -42.74 27.54
N SER C 101 10.02 -43.47 28.21
CA SER C 101 9.59 -44.55 29.08
C SER C 101 8.79 -45.55 28.25
N ASP C 102 7.67 -46.02 28.80
CA ASP C 102 6.82 -46.97 28.07
C ASP C 102 5.65 -46.23 27.43
N VAL C 103 5.85 -44.96 27.13
CA VAL C 103 4.81 -44.14 26.50
C VAL C 103 5.24 -43.74 25.09
N ILE C 104 4.30 -43.80 24.16
CA ILE C 104 4.55 -43.38 22.79
C ILE C 104 3.67 -42.18 22.45
N VAL C 105 4.26 -41.19 21.80
CA VAL C 105 3.53 -39.99 21.40
C VAL C 105 3.52 -39.85 19.89
N ALA C 106 2.34 -40.01 19.30
CA ALA C 106 2.18 -39.83 17.86
C ALA C 106 1.33 -38.60 17.59
N CYS C 107 1.79 -37.75 16.67
CA CYS C 107 1.14 -36.47 16.43
C CYS C 107 0.51 -36.37 15.04
N ALA C 108 -0.68 -35.79 14.99
CA ALA C 108 -1.37 -35.50 13.74
C ALA C 108 -1.48 -33.99 13.57
N PRO C 109 -0.40 -33.36 13.11
CA PRO C 109 -0.30 -31.89 13.05
C PRO C 109 -1.38 -31.21 12.19
N TRP C 110 -2.03 -31.95 11.31
CA TRP C 110 -3.00 -31.35 10.40
C TRP C 110 -4.44 -31.75 10.72
N GLN C 111 -4.67 -32.18 11.97
CA GLN C 111 -6.02 -32.45 12.43
C GLN C 111 -6.78 -31.14 12.55
N HIS C 112 -7.96 -31.07 11.97
CA HIS C 112 -8.74 -29.83 11.97
C HIS C 112 -9.69 -29.73 13.16
N TRP C 113 -10.17 -28.51 13.40
CA TRP C 113 -10.99 -28.21 14.55
C TRP C 113 -11.91 -27.04 14.24
N ASN C 114 -13.18 -27.18 14.61
CA ASN C 114 -14.15 -26.11 14.39
C ASN C 114 -15.13 -25.99 15.56
N VAL C 115 -15.63 -24.78 15.78
CA VAL C 115 -16.60 -24.53 16.83
C VAL C 115 -17.77 -23.72 16.26
N LEU C 116 -18.96 -24.31 16.28
CA LEU C 116 -20.14 -23.66 15.73
C LEU C 116 -21.01 -23.07 16.83
N GLU C 117 -21.64 -21.94 16.53
CA GLU C 117 -22.58 -21.30 17.44
C GLU C 117 -23.59 -20.49 16.64
N LYS C 118 -24.73 -21.09 16.35
CA LYS C 118 -25.76 -20.47 15.53
C LYS C 118 -25.29 -20.30 14.09
N THR C 119 -24.95 -19.07 13.70
CA THR C 119 -24.50 -18.80 12.34
C THR C 119 -23.08 -18.24 12.32
N GLU C 120 -22.38 -18.37 13.45
CA GLU C 120 -20.99 -17.96 13.54
C GLU C 120 -20.12 -19.19 13.81
N GLU C 121 -18.83 -19.08 13.53
CA GLU C 121 -17.91 -20.18 13.76
C GLU C 121 -16.51 -19.68 14.08
N ALA C 122 -15.72 -20.55 14.70
CA ALA C 122 -14.33 -20.24 15.01
C ALA C 122 -13.43 -20.45 13.80
N GLU C 123 -13.97 -21.14 12.79
CA GLU C 123 -13.26 -21.48 11.56
C GLU C 123 -12.69 -22.90 11.63
N LYS C 124 -12.75 -23.59 10.51
CA LYS C 124 -12.25 -24.95 10.40
C LYS C 124 -10.75 -24.93 10.10
N THR C 125 -9.94 -24.88 11.15
CA THR C 125 -8.50 -24.72 11.00
C THR C 125 -7.74 -25.92 11.58
N PRO C 126 -6.55 -26.20 11.02
CA PRO C 126 -5.69 -27.30 11.47
C PRO C 126 -4.92 -26.95 12.73
N VAL C 127 -5.48 -27.28 13.89
CA VAL C 127 -4.85 -26.97 15.17
C VAL C 127 -3.87 -28.07 15.57
N GLY C 128 -3.99 -29.24 14.94
CA GLY C 128 -3.12 -30.37 15.24
C GLY C 128 -3.40 -30.95 16.60
N SER C 129 -3.16 -32.25 16.75
CA SER C 129 -3.38 -32.94 18.01
C SER C 129 -2.31 -34.01 18.22
N CYS C 130 -2.14 -34.44 19.46
CA CYS C 130 -1.19 -35.50 19.79
C CYS C 130 -1.88 -36.66 20.50
N PHE C 131 -1.67 -37.86 19.95
CA PHE C 131 -2.17 -39.08 20.58
C PHE C 131 -1.07 -39.70 21.43
N LEU C 132 -1.39 -40.01 22.68
CA LEU C 132 -0.45 -40.68 23.57
C LEU C 132 -0.94 -42.09 23.86
N ALA C 133 0.01 -43.01 24.01
CA ALA C 133 -0.33 -44.40 24.25
C ALA C 133 0.65 -45.05 25.23
N GLN C 134 0.16 -46.05 25.96
CA GLN C 134 1.00 -46.87 26.82
C GLN C 134 0.74 -48.31 26.43
N PRO C 135 1.33 -48.74 25.31
CA PRO C 135 0.93 -49.97 24.62
C PRO C 135 0.69 -51.15 25.57
N GLU C 136 1.56 -51.30 26.58
CA GLU C 136 1.40 -52.40 27.53
C GLU C 136 0.05 -52.35 28.23
N SER C 137 -0.17 -51.28 29.00
CA SER C 137 -1.42 -51.13 29.75
C SER C 137 -2.58 -50.81 28.81
N GLY C 138 -2.27 -50.32 27.62
CA GLY C 138 -3.28 -50.00 26.64
C GLY C 138 -3.90 -48.63 26.83
N ARG C 139 -3.56 -47.97 27.93
CA ARG C 139 -4.10 -46.65 28.23
C ARG C 139 -3.85 -45.70 27.06
N ARG C 140 -4.82 -44.81 26.84
CA ARG C 140 -4.71 -43.83 25.76
C ARG C 140 -5.05 -42.43 26.28
N ALA C 141 -4.51 -41.42 25.61
CA ALA C 141 -4.80 -40.03 25.95
C ALA C 141 -4.53 -39.14 24.75
N GLU C 142 -4.99 -37.90 24.82
CA GLU C 142 -4.78 -36.95 23.74
C GLU C 142 -4.28 -35.62 24.29
N TYR C 143 -3.85 -34.74 23.39
CA TYR C 143 -3.40 -33.42 23.79
C TYR C 143 -3.36 -32.48 22.58
N SER C 144 -4.28 -31.53 22.57
CA SER C 144 -4.33 -30.51 21.53
C SER C 144 -4.46 -29.14 22.18
N PRO C 145 -3.31 -28.52 22.52
CA PRO C 145 -3.28 -27.28 23.29
C PRO C 145 -3.74 -26.06 22.51
N CYS C 146 -3.97 -26.21 21.21
CA CYS C 146 -4.30 -25.08 20.35
C CYS C 146 -5.80 -24.92 20.11
N ARG C 147 -6.58 -25.94 20.47
CA ARG C 147 -8.03 -25.86 20.38
C ARG C 147 -8.55 -24.67 21.19
N GLY C 148 -9.57 -24.00 20.66
CA GLY C 148 -10.17 -22.87 21.34
C GLY C 148 -11.65 -22.77 21.04
N ASN C 149 -12.37 -22.00 21.85
CA ASN C 149 -13.81 -21.86 21.68
C ASN C 149 -14.22 -20.44 21.27
N THR C 150 -13.24 -19.61 20.93
CA THR C 150 -13.50 -18.24 20.50
C THR C 150 -13.99 -18.23 19.05
N LEU C 151 -14.85 -17.26 18.74
CA LEU C 151 -15.43 -17.17 17.40
C LEU C 151 -14.63 -16.24 16.49
N SER C 152 -14.75 -16.47 15.18
CA SER C 152 -14.01 -15.70 14.19
C SER C 152 -14.13 -14.20 14.42
N ARG C 153 -15.37 -13.73 14.59
CA ARG C 153 -15.63 -12.31 14.79
C ARG C 153 -14.70 -11.70 15.82
N ILE C 154 -14.43 -12.44 16.89
CA ILE C 154 -13.63 -11.94 18.00
C ILE C 154 -12.19 -11.65 17.59
N TYR C 155 -11.54 -12.63 16.97
CA TYR C 155 -10.15 -12.47 16.55
C TYR C 155 -9.97 -11.20 15.72
N VAL C 156 -10.92 -10.94 14.84
CA VAL C 156 -10.85 -9.78 13.94
C VAL C 156 -10.67 -8.50 14.73
N GLU C 157 -11.49 -8.32 15.75
CA GLU C 157 -11.50 -7.10 16.53
C GLU C 157 -10.14 -6.84 17.19
N ASN C 158 -9.47 -7.91 17.61
CA ASN C 158 -8.22 -7.79 18.34
C ASN C 158 -6.98 -7.94 17.47
N ASP C 159 -7.11 -7.58 16.19
CA ASP C 159 -6.00 -7.65 15.26
C ASP C 159 -5.33 -9.01 15.29
N PHE C 160 -6.15 -10.06 15.28
CA PHE C 160 -5.65 -11.43 15.34
C PHE C 160 -4.48 -11.57 16.32
N SER C 161 -4.75 -11.34 17.60
CA SER C 161 -3.74 -11.49 18.63
C SER C 161 -3.92 -12.81 19.36
N TRP C 162 -2.83 -13.54 19.56
CA TRP C 162 -2.87 -14.84 20.22
C TRP C 162 -3.78 -15.79 19.45
N ASP C 163 -3.57 -15.88 18.15
CA ASP C 163 -4.37 -16.75 17.29
C ASP C 163 -3.73 -18.13 17.19
N LYS C 164 -4.26 -19.08 17.95
CA LYS C 164 -3.71 -20.43 18.00
C LYS C 164 -4.56 -21.39 17.17
N ARG C 165 -5.17 -20.89 16.11
CA ARG C 165 -6.07 -21.71 15.30
C ARG C 165 -5.36 -22.52 14.22
N TYR C 166 -4.12 -22.14 13.92
CA TYR C 166 -3.36 -22.82 12.88
C TYR C 166 -2.05 -23.38 13.43
N CYS C 167 -2.05 -23.67 14.72
CA CYS C 167 -0.85 -24.17 15.40
C CYS C 167 -0.19 -25.33 14.66
N GLU C 168 -0.98 -26.33 14.33
CA GLU C 168 -0.44 -27.60 13.84
C GLU C 168 0.51 -28.17 14.88
N ALA C 169 0.11 -28.07 16.14
CA ALA C 169 0.91 -28.60 17.25
C ALA C 169 1.22 -30.06 17.01
N GLY C 170 2.47 -30.45 17.26
CA GLY C 170 2.90 -31.81 17.01
C GLY C 170 3.70 -31.91 15.72
N PHE C 171 3.70 -30.83 14.94
CA PHE C 171 4.54 -30.76 13.75
C PHE C 171 5.90 -31.33 14.08
N SER C 172 6.49 -30.84 15.16
CA SER C 172 7.71 -31.41 15.73
C SER C 172 7.46 -31.71 17.19
N SER C 173 8.20 -32.67 17.74
CA SER C 173 7.98 -33.07 19.14
C SER C 173 9.26 -33.56 19.79
N VAL C 174 9.27 -33.50 21.12
CA VAL C 174 10.39 -33.97 21.93
C VAL C 174 9.94 -34.07 23.37
N VAL C 175 10.55 -34.98 24.13
CA VAL C 175 10.21 -35.13 25.54
C VAL C 175 11.47 -35.05 26.40
N THR C 176 11.48 -34.10 27.33
CA THR C 176 12.61 -33.95 28.24
C THR C 176 12.71 -35.20 29.11
N GLN C 177 13.91 -35.51 29.59
CA GLN C 177 14.12 -36.68 30.41
C GLN C 177 13.25 -36.61 31.66
N ALA C 178 12.88 -35.38 32.04
CA ALA C 178 12.01 -35.15 33.20
C ALA C 178 10.59 -35.67 32.95
N GLY C 179 10.26 -35.89 31.68
CA GLY C 179 8.94 -36.38 31.31
C GLY C 179 8.01 -35.26 30.90
N GLU C 180 8.55 -34.24 30.25
CA GLU C 180 7.76 -33.10 29.82
C GLU C 180 7.65 -33.06 28.31
N LEU C 181 6.44 -33.25 27.81
CA LEU C 181 6.17 -33.19 26.38
C LEU C 181 6.30 -31.75 25.89
N VAL C 182 7.03 -31.57 24.79
CA VAL C 182 7.19 -30.25 24.20
C VAL C 182 6.88 -30.32 22.70
N LEU C 183 5.81 -29.66 22.28
CA LEU C 183 5.38 -29.69 20.90
C LEU C 183 5.77 -28.43 20.16
N GLY C 184 6.11 -28.59 18.88
CA GLY C 184 6.40 -27.45 18.02
C GLY C 184 5.22 -27.17 17.12
N ALA C 185 4.63 -26.00 17.28
CA ALA C 185 3.49 -25.59 16.46
C ALA C 185 3.90 -24.45 15.55
N PRO C 186 4.47 -24.77 14.38
CA PRO C 186 5.03 -23.76 13.48
C PRO C 186 3.99 -22.77 12.95
N GLY C 187 2.72 -23.16 12.97
CA GLY C 187 1.66 -22.31 12.44
C GLY C 187 0.94 -21.53 13.51
N GLY C 188 1.46 -21.55 14.73
CA GLY C 188 0.81 -20.91 15.85
C GLY C 188 0.89 -19.39 15.80
N TYR C 189 0.00 -18.73 16.55
CA TYR C 189 -0.03 -17.28 16.62
C TYR C 189 0.07 -16.68 15.22
N TYR C 190 -0.74 -17.22 14.30
CA TYR C 190 -0.76 -16.77 12.91
C TYR C 190 0.62 -16.94 12.25
N PHE C 191 1.07 -18.20 12.19
CA PHE C 191 2.26 -18.55 11.44
C PHE C 191 3.54 -17.91 11.99
N LEU C 192 3.53 -17.56 13.27
CA LEU C 192 4.74 -17.14 13.95
C LEU C 192 5.40 -18.35 14.60
N GLY C 193 4.58 -19.30 15.01
CA GLY C 193 5.07 -20.50 15.65
C GLY C 193 5.05 -20.36 17.16
N LEU C 194 4.87 -21.48 17.86
CA LEU C 194 4.89 -21.49 19.32
C LEU C 194 5.22 -22.87 19.85
N LEU C 195 5.63 -22.93 21.11
CA LEU C 195 5.96 -24.19 21.76
C LEU C 195 5.01 -24.47 22.91
N ALA C 196 4.25 -25.55 22.79
CA ALA C 196 3.35 -25.98 23.85
C ALA C 196 4.05 -27.03 24.72
N GLN C 197 3.96 -26.86 26.04
CA GLN C 197 4.61 -27.78 26.97
C GLN C 197 3.63 -28.28 28.01
N ALA C 198 3.86 -29.51 28.48
CA ALA C 198 3.00 -30.10 29.49
C ALA C 198 3.53 -31.45 29.94
N PRO C 199 3.64 -31.66 31.26
CA PRO C 199 4.04 -32.96 31.81
C PRO C 199 3.17 -34.09 31.27
N VAL C 200 3.78 -35.17 30.81
CA VAL C 200 3.05 -36.28 30.23
C VAL C 200 2.03 -36.85 31.21
N ALA C 201 2.49 -37.17 32.42
CA ALA C 201 1.62 -37.75 33.44
C ALA C 201 0.35 -36.92 33.60
N ASP C 202 0.49 -35.60 33.49
CA ASP C 202 -0.65 -34.70 33.67
C ASP C 202 -1.60 -34.75 32.49
N ILE C 203 -1.07 -34.99 31.30
CA ILE C 203 -1.89 -35.12 30.11
C ILE C 203 -2.81 -36.32 30.24
N PHE C 204 -2.29 -37.41 30.81
CA PHE C 204 -3.07 -38.63 31.00
C PHE C 204 -4.12 -38.47 32.09
N SER C 205 -3.74 -37.83 33.18
CA SER C 205 -4.62 -37.70 34.34
C SER C 205 -5.69 -36.63 34.16
N SER C 206 -5.55 -35.81 33.12
CA SER C 206 -6.48 -34.72 32.87
C SER C 206 -7.29 -34.93 31.60
N TYR C 207 -7.10 -36.06 30.93
CA TYR C 207 -7.81 -36.34 29.70
C TYR C 207 -8.95 -37.34 29.89
N ARG C 208 -10.09 -37.05 29.26
CA ARG C 208 -11.21 -37.97 29.22
C ARG C 208 -11.85 -37.91 27.84
N PRO C 209 -12.22 -39.08 27.30
CA PRO C 209 -12.86 -39.10 25.97
C PRO C 209 -14.20 -38.38 25.95
N GLY C 210 -14.44 -37.60 24.90
CA GLY C 210 -15.72 -36.95 24.72
C GLY C 210 -15.73 -35.47 25.07
N ILE C 211 -14.72 -35.04 25.82
CA ILE C 211 -14.66 -33.65 26.27
C ILE C 211 -14.23 -32.72 25.13
N LEU C 212 -13.18 -33.10 24.42
CA LEU C 212 -12.71 -32.38 23.24
C LEU C 212 -12.02 -31.06 23.58
N LEU C 213 -12.37 -30.48 24.71
CA LEU C 213 -11.82 -29.19 25.12
C LEU C 213 -11.72 -29.14 26.63
N TRP C 214 -10.56 -29.55 27.15
CA TRP C 214 -10.34 -29.62 28.59
C TRP C 214 -9.15 -28.76 28.99
N HIS C 215 -8.96 -28.58 30.30
CA HIS C 215 -7.89 -27.73 30.82
C HIS C 215 -6.71 -28.54 31.32
N VAL C 216 -5.52 -27.95 31.22
CA VAL C 216 -4.30 -28.55 31.74
C VAL C 216 -3.48 -27.46 32.44
N SER C 217 -3.67 -27.33 33.74
CA SER C 217 -3.06 -26.24 34.50
C SER C 217 -1.53 -26.19 34.34
N SER C 218 -0.90 -27.36 34.40
CA SER C 218 0.55 -27.43 34.36
C SER C 218 1.12 -27.07 32.98
N GLN C 219 0.25 -26.98 31.98
CA GLN C 219 0.68 -26.66 30.62
C GLN C 219 1.30 -25.27 30.56
N SER C 220 2.23 -25.09 29.63
CA SER C 220 2.94 -23.82 29.47
C SER C 220 3.26 -23.58 28.00
N LEU C 221 2.66 -22.54 27.42
CA LEU C 221 2.88 -22.20 26.02
C LEU C 221 3.73 -20.94 25.89
N SER C 222 4.49 -20.85 24.80
CA SER C 222 5.25 -19.65 24.51
C SER C 222 4.29 -18.52 24.15
N PHE C 223 4.84 -17.35 23.83
CA PHE C 223 4.03 -16.14 23.68
C PHE C 223 4.04 -15.60 22.26
N ASP C 224 3.26 -14.54 22.04
CA ASP C 224 3.19 -13.87 20.75
C ASP C 224 4.29 -12.82 20.68
N SER C 225 4.40 -12.15 19.54
CA SER C 225 5.41 -11.11 19.37
C SER C 225 5.03 -10.11 18.29
N SER C 226 5.24 -8.82 18.58
CA SER C 226 4.96 -7.76 17.62
C SER C 226 6.14 -7.57 16.67
N ASN C 227 7.32 -7.99 17.11
CA ASN C 227 8.53 -7.91 16.30
C ASN C 227 8.33 -8.55 14.93
N PRO C 228 8.43 -7.74 13.86
CA PRO C 228 8.14 -8.23 12.51
C PRO C 228 9.14 -9.25 11.99
N GLU C 229 10.29 -9.37 12.65
CA GLU C 229 11.27 -10.38 12.28
C GLU C 229 10.70 -11.78 12.48
N TYR C 230 9.85 -11.94 13.48
CA TYR C 230 9.28 -13.23 13.83
C TYR C 230 8.10 -13.63 12.95
N PHE C 231 7.64 -12.71 12.10
CA PHE C 231 6.49 -12.97 11.24
C PHE C 231 6.81 -14.06 10.21
N ASP C 232 5.97 -15.09 10.17
CA ASP C 232 6.11 -16.18 9.20
C ASP C 232 7.44 -16.89 9.36
N GLY C 233 7.80 -17.21 10.60
CA GLY C 233 9.07 -17.83 10.90
C GLY C 233 8.99 -19.32 11.14
N TYR C 234 7.77 -19.83 11.37
CA TYR C 234 7.57 -21.24 11.63
C TYR C 234 8.37 -21.68 12.85
N TRP C 235 8.37 -20.83 13.88
CA TRP C 235 9.03 -21.13 15.13
C TRP C 235 8.49 -22.44 15.70
N GLY C 236 9.31 -23.49 15.65
CA GLY C 236 8.89 -24.81 16.10
C GLY C 236 8.87 -25.82 14.97
N TYR C 237 9.35 -25.41 13.80
CA TYR C 237 9.45 -26.30 12.66
C TYR C 237 10.29 -27.51 13.04
N SER C 238 11.24 -27.28 13.96
CA SER C 238 12.03 -28.35 14.55
C SER C 238 12.33 -27.99 16.00
N VAL C 239 12.53 -29.00 16.84
CA VAL C 239 12.73 -28.76 18.25
C VAL C 239 13.66 -29.80 18.87
N ALA C 240 14.34 -29.42 19.95
CA ALA C 240 15.23 -30.32 20.66
C ALA C 240 15.53 -29.76 22.03
N VAL C 241 16.11 -30.57 22.91
CA VAL C 241 16.42 -30.14 24.27
C VAL C 241 17.86 -30.49 24.65
N GLY C 242 18.35 -29.88 25.72
CA GLY C 242 19.69 -30.14 26.21
C GLY C 242 20.05 -29.26 27.38
N GLU C 243 21.35 -29.21 27.70
CA GLU C 243 21.85 -28.39 28.78
C GLU C 243 22.85 -27.37 28.25
N PHE C 244 22.50 -26.09 28.36
CA PHE C 244 23.35 -25.02 27.82
C PHE C 244 23.49 -23.84 28.78
N ASP C 245 22.94 -23.95 29.98
CA ASP C 245 22.96 -22.83 30.92
C ASP C 245 23.68 -23.16 32.22
N GLY C 246 24.32 -24.33 32.28
CA GLY C 246 25.07 -24.72 33.46
C GLY C 246 24.20 -25.36 34.53
N ASP C 247 23.15 -24.66 34.94
CA ASP C 247 22.26 -25.16 35.98
C ASP C 247 21.57 -26.44 35.53
N LEU C 248 22.01 -27.56 36.08
CA LEU C 248 21.46 -28.86 35.71
C LEU C 248 20.00 -28.98 36.13
N ASN C 249 19.63 -28.25 37.18
CA ASN C 249 18.27 -28.29 37.69
C ASN C 249 17.26 -27.85 36.62
N THR C 250 17.73 -27.11 35.62
CA THR C 250 16.89 -26.61 34.55
C THR C 250 17.12 -27.37 33.25
N THR C 251 16.13 -27.32 32.36
CA THR C 251 16.25 -27.90 31.03
C THR C 251 16.04 -26.83 29.97
N GLU C 252 17.03 -26.69 29.08
CA GLU C 252 16.97 -25.69 28.03
C GLU C 252 16.38 -26.26 26.74
N TYR C 253 15.65 -25.42 26.01
CA TYR C 253 15.01 -25.84 24.77
C TYR C 253 15.75 -25.30 23.55
N VAL C 254 15.59 -25.97 22.42
CA VAL C 254 16.21 -25.54 21.17
C VAL C 254 15.15 -25.54 20.07
N VAL C 255 14.77 -24.34 19.63
CA VAL C 255 13.70 -24.20 18.65
C VAL C 255 14.24 -23.72 17.32
N GLY C 256 13.68 -24.24 16.23
CA GLY C 256 14.11 -23.88 14.89
C GLY C 256 13.07 -23.03 14.18
N ALA C 257 13.52 -21.93 13.60
CA ALA C 257 12.65 -21.05 12.82
C ALA C 257 13.26 -20.84 11.44
N PRO C 258 13.08 -21.82 10.54
CA PRO C 258 13.74 -21.85 9.23
C PRO C 258 13.46 -20.66 8.34
N THR C 259 12.42 -19.88 8.64
CA THR C 259 12.06 -18.72 7.81
C THR C 259 12.02 -17.42 8.63
N TRP C 260 12.81 -17.37 9.69
CA TRP C 260 12.86 -16.20 10.56
C TRP C 260 13.56 -15.03 9.87
N SER C 261 13.20 -13.81 10.29
CA SER C 261 13.79 -12.60 9.73
C SER C 261 13.73 -12.60 8.21
N TRP C 262 12.52 -12.74 7.68
CA TRP C 262 12.32 -12.76 6.24
C TRP C 262 13.14 -13.87 5.59
N THR C 263 12.74 -15.12 5.87
CA THR C 263 13.39 -16.30 5.32
C THR C 263 14.91 -16.29 5.44
N LEU C 264 15.42 -15.66 6.48
CA LEU C 264 16.84 -15.72 6.78
C LEU C 264 17.13 -16.99 7.56
N GLY C 265 16.15 -17.41 8.36
CA GLY C 265 16.27 -18.60 9.17
C GLY C 265 17.07 -18.34 10.43
N ALA C 266 16.71 -19.03 11.51
CA ALA C 266 17.44 -18.89 12.76
C ALA C 266 17.10 -20.02 13.73
N VAL C 267 17.89 -20.12 14.80
CA VAL C 267 17.65 -21.11 15.84
C VAL C 267 17.95 -20.47 17.19
N GLU C 268 17.17 -20.82 18.21
CA GLU C 268 17.29 -20.18 19.51
C GLU C 268 17.32 -21.20 20.65
N ILE C 269 18.15 -20.92 21.65
CA ILE C 269 18.18 -21.72 22.85
C ILE C 269 17.46 -20.96 23.97
N LEU C 270 16.55 -21.65 24.65
CA LEU C 270 15.70 -21.02 25.65
C LEU C 270 15.71 -21.79 26.96
N ASP C 271 14.95 -21.31 27.93
CA ASP C 271 14.75 -22.02 29.19
C ASP C 271 13.32 -22.53 29.27
N SER C 272 12.95 -23.08 30.43
CA SER C 272 11.63 -23.67 30.62
C SER C 272 10.51 -22.64 30.48
N TYR C 273 10.86 -21.36 30.62
CA TYR C 273 9.87 -20.29 30.56
C TYR C 273 9.93 -19.53 29.24
N TYR C 274 10.60 -20.12 28.25
CA TYR C 274 10.68 -19.54 26.92
C TYR C 274 11.40 -18.19 26.91
N GLN C 275 12.48 -18.09 27.68
CA GLN C 275 13.32 -16.90 27.68
C GLN C 275 14.53 -17.13 26.77
N ARG C 276 14.69 -16.27 25.77
CA ARG C 276 15.76 -16.42 24.80
C ARG C 276 17.14 -16.28 25.47
N LEU C 277 17.86 -17.40 25.52
CA LEU C 277 19.21 -17.41 26.09
C LEU C 277 20.23 -17.06 25.01
N HIS C 278 20.11 -17.73 23.86
CA HIS C 278 20.99 -17.43 22.73
CA HIS C 278 21.01 -17.50 22.73
C HIS C 278 20.23 -17.52 21.42
N ARG C 279 20.84 -17.01 20.35
CA ARG C 279 20.24 -17.06 19.03
C ARG C 279 21.32 -17.20 17.96
N LEU C 280 21.09 -18.12 17.03
CA LEU C 280 22.00 -18.34 15.92
C LEU C 280 21.29 -18.00 14.61
N ARG C 281 21.86 -17.05 13.88
CA ARG C 281 21.23 -16.57 12.66
C ARG C 281 21.65 -17.39 11.45
N GLY C 282 20.85 -17.34 10.39
CA GLY C 282 21.15 -18.06 9.17
C GLY C 282 22.26 -17.39 8.38
N GLU C 283 23.00 -18.18 7.61
CA GLU C 283 24.09 -17.66 6.80
C GLU C 283 23.58 -17.20 5.43
N GLN C 284 22.48 -17.79 4.98
CA GLN C 284 21.95 -17.51 3.65
C GLN C 284 20.42 -17.51 3.66
N MET C 285 19.82 -16.83 2.70
CA MET C 285 18.38 -16.73 2.61
C MET C 285 17.78 -17.93 1.90
N ALA C 286 16.64 -18.40 2.41
CA ALA C 286 15.91 -19.51 1.81
C ALA C 286 16.68 -20.83 1.89
N SER C 287 17.77 -20.85 2.65
CA SER C 287 18.56 -22.05 2.84
C SER C 287 17.90 -22.94 3.88
N TYR C 288 16.86 -22.41 4.51
CA TYR C 288 16.11 -23.14 5.54
C TYR C 288 17.02 -23.52 6.72
N PHE C 289 17.80 -22.55 7.17
CA PHE C 289 18.64 -22.71 8.34
C PHE C 289 17.77 -22.92 9.57
N GLY C 290 17.73 -24.15 10.07
CA GLY C 290 16.90 -24.48 11.21
C GLY C 290 15.91 -25.60 10.90
N HIS C 291 15.96 -26.10 9.67
CA HIS C 291 15.10 -27.21 9.27
C HIS C 291 15.19 -28.35 10.26
N SER C 292 16.40 -28.60 10.76
CA SER C 292 16.61 -29.67 11.72
C SER C 292 17.70 -29.28 12.72
N VAL C 293 17.49 -29.64 13.98
CA VAL C 293 18.45 -29.35 15.03
C VAL C 293 18.74 -30.63 15.82
N ALA C 294 20.00 -30.79 16.23
CA ALA C 294 20.42 -31.94 17.02
C ALA C 294 21.32 -31.51 18.16
N VAL C 295 21.24 -32.22 19.27
CA VAL C 295 22.02 -31.87 20.46
C VAL C 295 22.75 -33.09 21.00
N THR C 296 24.07 -32.97 21.15
CA THR C 296 24.90 -34.05 21.66
C THR C 296 26.33 -33.56 21.88
N ASP C 297 27.07 -34.25 22.74
CA ASP C 297 28.44 -33.86 23.07
C ASP C 297 29.44 -34.58 22.18
N VAL C 298 29.86 -33.91 21.10
CA VAL C 298 30.73 -34.54 20.10
C VAL C 298 32.22 -34.47 20.46
N ASN C 299 32.61 -33.44 21.20
CA ASN C 299 34.03 -33.23 21.49
C ASN C 299 34.46 -33.77 22.84
N GLY C 300 33.59 -34.54 23.48
CA GLY C 300 33.92 -35.20 24.73
C GLY C 300 34.39 -34.23 25.82
N ASP C 301 33.67 -33.13 25.96
CA ASP C 301 33.96 -32.17 27.02
C ASP C 301 32.78 -32.11 28.00
N GLY C 302 31.82 -33.00 27.81
CA GLY C 302 30.68 -33.11 28.69
C GLY C 302 29.57 -32.11 28.42
N ARG C 303 29.88 -31.08 27.63
CA ARG C 303 28.94 -30.01 27.37
C ARG C 303 28.25 -30.18 26.02
N HIS C 304 26.92 -30.35 26.05
CA HIS C 304 26.13 -30.55 24.84
C HIS C 304 26.50 -29.54 23.76
N ASP C 305 26.56 -30.01 22.51
CA ASP C 305 26.83 -29.15 21.37
C ASP C 305 25.59 -29.07 20.48
N LEU C 306 25.59 -28.12 19.56
CA LEU C 306 24.43 -27.90 18.70
C LEU C 306 24.77 -28.09 17.23
N LEU C 307 23.90 -28.81 16.52
CA LEU C 307 24.06 -29.00 15.09
C LEU C 307 22.81 -28.51 14.37
N VAL C 308 23.00 -27.58 13.45
CA VAL C 308 21.90 -27.01 12.69
C VAL C 308 22.01 -27.38 11.22
N GLY C 309 20.88 -27.72 10.61
CA GLY C 309 20.86 -28.11 9.21
C GLY C 309 20.16 -27.10 8.33
N ALA C 310 20.84 -26.70 7.26
CA ALA C 310 20.25 -25.83 6.24
C ALA C 310 20.23 -26.58 4.91
N PRO C 311 19.23 -27.44 4.71
CA PRO C 311 19.19 -28.40 3.61
C PRO C 311 19.12 -27.79 2.21
N LEU C 312 18.88 -26.49 2.11
CA LEU C 312 18.80 -25.83 0.82
C LEU C 312 19.91 -24.80 0.61
N TYR C 313 20.93 -24.83 1.48
CA TYR C 313 22.05 -23.91 1.34
C TYR C 313 22.70 -24.08 -0.03
N MET C 314 23.04 -22.96 -0.65
CA MET C 314 23.69 -22.99 -1.96
C MET C 314 25.17 -22.65 -1.85
N GLU C 315 26.01 -23.63 -2.13
CA GLU C 315 27.46 -23.46 -2.06
C GLU C 315 27.94 -22.64 -3.25
N SER C 316 28.95 -21.81 -3.02
CA SER C 316 29.48 -20.95 -4.06
C SER C 316 30.41 -21.74 -4.98
N ARG C 317 30.00 -21.89 -6.23
CA ARG C 317 30.79 -22.62 -7.22
C ARG C 317 31.62 -21.64 -8.07
N ALA C 318 32.43 -22.20 -8.96
CA ALA C 318 33.29 -21.39 -9.82
C ALA C 318 32.47 -20.59 -10.82
N ASP C 319 32.97 -19.40 -11.17
CA ASP C 319 32.30 -18.52 -12.12
C ASP C 319 31.04 -17.91 -11.50
N ARG C 320 31.17 -17.42 -10.27
CA ARG C 320 30.04 -16.85 -9.54
C ARG C 320 28.78 -17.69 -9.71
N LYS C 321 28.93 -19.00 -9.56
CA LYS C 321 27.81 -19.93 -9.66
C LYS C 321 27.33 -20.34 -8.28
N LEU C 322 26.15 -20.94 -8.23
CA LEU C 322 25.57 -21.40 -6.97
C LEU C 322 24.93 -22.77 -7.17
N ALA C 323 25.14 -23.67 -6.22
CA ALA C 323 24.59 -25.01 -6.30
C ALA C 323 23.95 -25.43 -4.98
N GLU C 324 22.64 -25.70 -5.03
CA GLU C 324 21.90 -26.12 -3.84
C GLU C 324 22.34 -27.51 -3.40
N VAL C 325 23.15 -27.57 -2.34
CA VAL C 325 23.68 -28.84 -1.86
C VAL C 325 23.27 -29.13 -0.42
N GLY C 326 23.09 -28.08 0.37
CA GLY C 326 22.77 -28.24 1.78
C GLY C 326 24.02 -28.10 2.64
N ARG C 327 23.84 -27.71 3.89
CA ARG C 327 24.96 -27.55 4.80
C ARG C 327 24.57 -27.80 6.26
N VAL C 328 25.55 -28.19 7.06
CA VAL C 328 25.35 -28.37 8.49
C VAL C 328 26.33 -27.49 9.25
N TYR C 329 25.87 -26.91 10.35
CA TYR C 329 26.71 -26.06 11.18
C TYR C 329 26.92 -26.73 12.54
N LEU C 330 28.17 -26.77 12.98
CA LEU C 330 28.49 -27.31 14.30
C LEU C 330 28.86 -26.21 15.26
N PHE C 331 28.12 -26.11 16.36
CA PHE C 331 28.38 -25.13 17.40
C PHE C 331 28.81 -25.83 18.67
N LEU C 332 30.05 -25.61 19.09
CA LEU C 332 30.58 -26.21 20.30
C LEU C 332 30.33 -25.28 21.48
N GLN C 333 29.95 -25.85 22.62
CA GLN C 333 29.65 -25.06 23.80
C GLN C 333 30.94 -24.73 24.56
N PRO C 334 31.19 -23.43 24.77
CA PRO C 334 32.39 -22.98 25.48
C PRO C 334 32.30 -23.18 26.98
N ARG C 335 33.44 -23.06 27.66
CA ARG C 335 33.49 -23.21 29.11
C ARG C 335 32.86 -21.99 29.79
N GLY C 336 31.91 -22.23 30.67
CA GLY C 336 31.26 -21.16 31.40
C GLY C 336 29.97 -20.71 30.74
N PRO C 337 29.48 -19.52 31.13
CA PRO C 337 28.22 -18.95 30.63
C PRO C 337 28.36 -18.31 29.25
N HIS C 338 29.57 -18.31 28.71
CA HIS C 338 29.85 -17.67 27.43
C HIS C 338 28.82 -18.09 26.38
N ALA C 339 28.52 -17.16 25.48
CA ALA C 339 27.55 -17.42 24.41
C ALA C 339 28.19 -18.25 23.30
N LEU C 340 27.36 -18.96 22.55
CA LEU C 340 27.85 -19.78 21.45
C LEU C 340 28.36 -18.88 20.32
N GLY C 341 29.65 -19.01 20.02
CA GLY C 341 30.28 -18.19 18.99
C GLY C 341 29.90 -18.62 17.59
N ALA C 342 30.81 -18.40 16.65
CA ALA C 342 30.58 -18.76 15.26
C ALA C 342 30.67 -20.27 15.08
N PRO C 343 30.19 -20.78 13.94
CA PRO C 343 30.25 -22.21 13.65
C PRO C 343 31.67 -22.76 13.76
N SER C 344 31.84 -23.79 14.58
CA SER C 344 33.16 -24.40 14.77
C SER C 344 33.53 -25.27 13.57
N LEU C 345 32.53 -25.74 12.85
CA LEU C 345 32.76 -26.57 11.67
C LEU C 345 31.58 -26.46 10.71
N LEU C 346 31.87 -26.51 9.41
CA LEU C 346 30.84 -26.41 8.39
C LEU C 346 30.93 -27.59 7.42
N LEU C 347 29.93 -28.47 7.48
CA LEU C 347 29.85 -29.59 6.55
C LEU C 347 28.92 -29.23 5.40
N THR C 348 29.40 -29.38 4.18
CA THR C 348 28.63 -29.01 3.01
C THR C 348 28.39 -30.22 2.10
N GLY C 349 27.15 -30.35 1.62
CA GLY C 349 26.80 -31.42 0.71
C GLY C 349 27.53 -31.29 -0.62
N THR C 350 27.50 -32.35 -1.42
CA THR C 350 28.17 -32.36 -2.70
C THR C 350 27.20 -32.55 -3.85
N GLN C 351 26.22 -33.43 -3.66
CA GLN C 351 25.24 -33.73 -4.70
C GLN C 351 24.20 -32.62 -4.79
N LEU C 352 23.91 -32.19 -6.02
CA LEU C 352 22.94 -31.14 -6.26
C LEU C 352 21.54 -31.59 -5.87
N TYR C 353 20.80 -30.71 -5.19
CA TYR C 353 19.44 -30.99 -4.74
C TYR C 353 19.41 -32.16 -3.74
N GLY C 354 20.59 -32.52 -3.22
CA GLY C 354 20.70 -33.64 -2.29
C GLY C 354 20.02 -33.38 -0.97
N ARG C 355 19.83 -32.11 -0.64
CA ARG C 355 19.23 -31.71 0.63
C ARG C 355 20.04 -32.26 1.81
N PHE C 356 21.36 -32.13 1.72
CA PHE C 356 22.24 -32.48 2.81
C PHE C 356 21.94 -31.60 4.02
N GLY C 357 21.59 -32.22 5.13
CA GLY C 357 21.23 -31.49 6.33
C GLY C 357 19.74 -31.54 6.63
N SER C 358 19.02 -32.39 5.92
CA SER C 358 17.58 -32.55 6.12
CA SER C 358 17.58 -32.55 6.13
C SER C 358 17.30 -33.18 7.48
N ALA C 359 18.17 -34.11 7.88
CA ALA C 359 18.04 -34.78 9.16
C ALA C 359 19.40 -34.99 9.78
N ILE C 360 19.53 -34.64 11.06
CA ILE C 360 20.75 -34.87 11.81
C ILE C 360 20.42 -35.72 13.02
N ALA C 361 21.10 -36.86 13.14
CA ALA C 361 20.80 -37.82 14.20
C ALA C 361 22.06 -38.21 14.96
N PRO C 362 22.06 -37.98 16.28
CA PRO C 362 23.17 -38.45 17.12
C PRO C 362 23.21 -39.97 17.13
N LEU C 363 24.42 -40.54 17.20
CA LEU C 363 24.59 -41.98 17.19
C LEU C 363 25.20 -42.47 18.50
N GLY C 364 25.46 -41.54 19.42
CA GLY C 364 26.20 -41.87 20.61
C GLY C 364 27.65 -42.18 20.24
N ASP C 365 28.32 -42.99 21.04
CA ASP C 365 29.69 -43.39 20.73
C ASP C 365 29.67 -44.66 19.90
N LEU C 366 29.54 -44.49 18.58
CA LEU C 366 29.40 -45.60 17.65
C LEU C 366 30.55 -46.59 17.74
N ASP C 367 31.77 -46.08 17.61
CA ASP C 367 32.96 -46.93 17.63
C ASP C 367 33.55 -47.08 19.03
N ARG C 368 32.82 -46.63 20.04
CA ARG C 368 33.27 -46.72 21.42
C ARG C 368 34.74 -46.32 21.54
N ASP C 369 35.08 -45.17 20.97
CA ASP C 369 36.45 -44.67 21.01
C ASP C 369 36.61 -43.63 22.12
N GLY C 370 35.56 -42.86 22.36
CA GLY C 370 35.57 -41.86 23.42
C GLY C 370 34.71 -40.65 23.12
N TYR C 371 34.51 -40.38 21.83
CA TYR C 371 33.72 -39.22 21.41
C TYR C 371 32.43 -39.66 20.75
N ASN C 372 31.39 -38.83 20.86
CA ASN C 372 30.12 -39.11 20.21
C ASN C 372 30.18 -38.82 18.72
N ASP C 373 29.28 -39.45 17.98
CA ASP C 373 29.28 -39.35 16.52
C ASP C 373 27.88 -39.06 16.03
N ILE C 374 27.76 -38.54 14.81
CA ILE C 374 26.47 -38.18 14.26
C ILE C 374 26.28 -38.71 12.85
N ALA C 375 25.03 -38.66 12.38
CA ALA C 375 24.70 -39.05 11.02
C ALA C 375 23.89 -37.93 10.37
N VAL C 376 24.29 -37.53 9.16
CA VAL C 376 23.58 -36.50 8.44
C VAL C 376 22.97 -37.08 7.17
N ALA C 377 21.73 -36.71 6.88
CA ALA C 377 20.99 -37.27 5.76
C ALA C 377 21.02 -36.36 4.54
N ALA C 378 21.02 -36.99 3.36
CA ALA C 378 20.85 -36.29 2.10
C ALA C 378 19.84 -37.08 1.26
N PRO C 379 18.55 -36.98 1.62
CA PRO C 379 17.46 -37.79 1.07
C PRO C 379 17.48 -37.93 -0.44
N TYR C 380 18.03 -36.94 -1.15
CA TYR C 380 18.07 -36.99 -2.60
C TYR C 380 19.50 -36.82 -3.09
N GLY C 381 20.45 -37.28 -2.28
CA GLY C 381 21.86 -37.15 -2.57
C GLY C 381 22.47 -38.44 -3.08
N GLY C 382 23.80 -38.49 -3.12
CA GLY C 382 24.50 -39.62 -3.68
C GLY C 382 24.69 -39.41 -5.17
N PRO C 383 25.60 -40.18 -5.79
CA PRO C 383 25.84 -40.06 -7.23
C PRO C 383 24.57 -40.37 -8.03
N SER C 384 23.76 -41.28 -7.48
CA SER C 384 22.52 -41.70 -8.12
C SER C 384 21.37 -40.74 -7.79
N GLY C 385 21.47 -40.07 -6.65
CA GLY C 385 20.42 -39.18 -6.20
C GLY C 385 19.28 -39.93 -5.53
N ARG C 386 19.58 -41.13 -5.05
CA ARG C 386 18.58 -41.98 -4.43
C ARG C 386 18.54 -41.79 -2.92
N GLY C 387 19.49 -41.02 -2.40
CA GLY C 387 19.58 -40.79 -0.97
C GLY C 387 20.90 -41.29 -0.44
N GLN C 388 21.31 -40.79 0.73
CA GLN C 388 22.61 -41.11 1.28
C GLN C 388 22.73 -40.60 2.72
N VAL C 389 23.16 -41.46 3.62
CA VAL C 389 23.43 -41.06 5.00
C VAL C 389 24.93 -41.08 5.24
N LEU C 390 25.45 -39.99 5.82
CA LEU C 390 26.88 -39.88 6.07
C LEU C 390 27.17 -39.86 7.57
N VAL C 391 28.18 -40.60 7.97
CA VAL C 391 28.56 -40.70 9.38
C VAL C 391 29.81 -39.91 9.68
N PHE C 392 29.74 -39.04 10.68
CA PHE C 392 30.88 -38.23 11.10
C PHE C 392 31.26 -38.55 12.54
N LEU C 393 32.55 -38.80 12.77
CA LEU C 393 33.04 -39.20 14.08
C LEU C 393 33.53 -38.03 14.90
N GLY C 394 33.37 -38.13 16.22
CA GLY C 394 33.78 -37.07 17.12
C GLY C 394 35.27 -37.05 17.37
N GLN C 395 35.75 -35.92 17.88
CA GLN C 395 37.16 -35.74 18.20
C GLN C 395 37.30 -34.59 19.18
N SER C 396 38.48 -34.48 19.80
CA SER C 396 38.72 -33.43 20.78
C SER C 396 38.46 -32.05 20.18
N GLU C 397 38.55 -31.95 18.86
CA GLU C 397 38.39 -30.67 18.18
C GLU C 397 37.06 -30.57 17.44
N GLY C 398 36.10 -31.41 17.82
CA GLY C 398 34.79 -31.39 17.20
C GLY C 398 34.51 -32.64 16.39
N LEU C 399 34.23 -32.45 15.10
CA LEU C 399 33.98 -33.57 14.20
C LEU C 399 35.02 -33.61 13.09
N ARG C 400 35.06 -34.72 12.36
CA ARG C 400 35.96 -34.85 11.22
C ARG C 400 35.35 -34.19 9.99
N SER C 401 36.21 -33.64 9.14
CA SER C 401 35.77 -32.98 7.93
C SER C 401 35.06 -33.96 6.99
N ARG C 402 35.65 -35.14 6.84
CA ARG C 402 35.09 -36.18 5.99
C ARG C 402 34.37 -37.24 6.81
N PRO C 403 33.36 -37.88 6.21
CA PRO C 403 32.57 -38.91 6.90
C PRO C 403 33.32 -40.23 6.96
N SER C 404 33.25 -40.91 8.11
CA SER C 404 33.96 -42.17 8.30
C SER C 404 33.25 -43.29 7.55
N GLN C 405 32.02 -43.05 7.14
CA GLN C 405 31.26 -44.05 6.40
C GLN C 405 30.09 -43.41 5.66
N VAL C 406 29.73 -44.02 4.53
CA VAL C 406 28.59 -43.58 3.75
C VAL C 406 27.61 -44.73 3.56
N LEU C 407 26.33 -44.45 3.74
CA LEU C 407 25.28 -45.45 3.54
C LEU C 407 24.39 -45.04 2.37
N ASP C 408 24.55 -45.71 1.24
CA ASP C 408 23.76 -45.41 0.06
C ASP C 408 22.38 -46.07 0.13
N SER C 409 21.36 -45.36 -0.32
CA SER C 409 19.98 -45.86 -0.27
C SER C 409 19.85 -47.22 -0.93
N PRO C 410 19.36 -48.23 -0.17
CA PRO C 410 19.14 -49.56 -0.73
C PRO C 410 17.82 -49.64 -1.48
N PHE C 411 17.04 -48.56 -1.44
CA PHE C 411 15.75 -48.52 -2.11
C PHE C 411 15.86 -47.84 -3.48
N PRO C 412 14.76 -47.83 -4.24
CA PRO C 412 14.77 -47.17 -5.55
C PRO C 412 14.58 -45.66 -5.44
N THR C 413 14.68 -44.97 -6.56
CA THR C 413 14.60 -43.51 -6.58
C THR C 413 13.26 -43.02 -6.03
N GLY C 414 13.33 -41.95 -5.23
CA GLY C 414 12.13 -41.34 -4.69
C GLY C 414 11.75 -41.83 -3.31
N SER C 415 12.53 -42.76 -2.77
CA SER C 415 12.25 -43.33 -1.46
C SER C 415 12.39 -42.28 -0.35
N ALA C 416 13.16 -41.23 -0.62
CA ALA C 416 13.48 -40.21 0.38
C ALA C 416 14.28 -40.82 1.52
N PHE C 417 15.12 -41.80 1.18
CA PHE C 417 15.95 -42.51 2.13
C PHE C 417 16.82 -41.55 2.95
N GLY C 418 16.57 -41.50 4.26
CA GLY C 418 17.33 -40.65 5.14
C GLY C 418 16.51 -39.50 5.71
N PHE C 419 15.36 -39.23 5.09
CA PHE C 419 14.49 -38.15 5.53
C PHE C 419 14.23 -38.23 7.03
N SER C 420 14.35 -39.43 7.60
CA SER C 420 14.22 -39.61 9.04
C SER C 420 15.32 -40.54 9.55
N LEU C 421 15.90 -40.17 10.70
CA LEU C 421 16.99 -40.93 11.29
C LEU C 421 16.79 -41.07 12.79
N ARG C 422 17.47 -42.04 13.38
CA ARG C 422 17.49 -42.20 14.83
C ARG C 422 18.51 -43.25 15.21
N GLY C 423 19.37 -42.94 16.15
CA GLY C 423 20.40 -43.87 16.59
C GLY C 423 20.62 -43.84 18.09
N ALA C 424 21.85 -44.08 18.50
CA ALA C 424 22.24 -44.02 19.90
C ALA C 424 21.48 -45.04 20.76
N VAL C 425 21.04 -46.13 20.15
CA VAL C 425 20.35 -47.19 20.87
C VAL C 425 20.75 -48.57 20.36
N ASP C 426 21.16 -49.45 21.27
CA ASP C 426 21.53 -50.81 20.93
C ASP C 426 20.27 -51.66 20.88
N ILE C 427 19.81 -51.99 19.67
CA ILE C 427 18.57 -52.73 19.50
C ILE C 427 18.77 -54.24 19.54
N ASP C 428 19.96 -54.69 19.13
CA ASP C 428 20.28 -56.11 19.16
C ASP C 428 21.11 -56.45 20.39
N ASP C 429 21.31 -55.47 21.26
CA ASP C 429 22.02 -55.67 22.52
C ASP C 429 23.39 -56.32 22.31
N ASN C 430 24.20 -55.73 21.44
CA ASN C 430 25.55 -56.23 21.20
C ASN C 430 26.60 -55.22 21.67
N GLY C 431 26.19 -54.29 22.51
CA GLY C 431 27.12 -53.34 23.10
C GLY C 431 27.36 -52.09 22.27
N TYR C 432 26.93 -52.10 21.01
CA TYR C 432 27.13 -50.97 20.12
C TYR C 432 25.80 -50.36 19.69
N PRO C 433 25.74 -49.02 19.63
CA PRO C 433 24.52 -48.32 19.24
C PRO C 433 24.22 -48.50 17.75
N ASP C 434 22.95 -48.65 17.41
CA ASP C 434 22.55 -48.97 16.04
C ASP C 434 21.79 -47.81 15.41
N LEU C 435 21.57 -47.89 14.10
CA LEU C 435 20.95 -46.81 13.34
C LEU C 435 19.74 -47.29 12.54
N ILE C 436 18.66 -46.53 12.60
CA ILE C 436 17.47 -46.80 11.80
C ILE C 436 17.20 -45.64 10.85
N VAL C 437 16.93 -45.96 9.59
CA VAL C 437 16.70 -44.96 8.55
C VAL C 437 15.32 -45.14 7.93
N GLY C 438 14.66 -44.03 7.66
CA GLY C 438 13.33 -44.06 7.08
C GLY C 438 13.31 -43.65 5.62
N ALA C 439 12.44 -44.29 4.85
CA ALA C 439 12.22 -43.93 3.46
C ALA C 439 10.73 -43.94 3.19
N TYR C 440 10.05 -42.87 3.60
CA TYR C 440 8.60 -42.81 3.51
C TYR C 440 8.15 -42.99 2.06
N GLY C 441 8.99 -42.55 1.13
CA GLY C 441 8.68 -42.69 -0.29
C GLY C 441 8.59 -44.14 -0.73
N ALA C 442 9.36 -45.01 -0.08
CA ALA C 442 9.35 -46.43 -0.40
C ALA C 442 8.58 -47.23 0.66
N ASN C 443 7.99 -46.51 1.60
CA ASN C 443 7.20 -47.14 2.66
C ASN C 443 7.98 -48.24 3.36
N GLN C 444 9.26 -47.97 3.65
CA GLN C 444 10.09 -48.94 4.35
C GLN C 444 11.02 -48.26 5.35
N VAL C 445 11.66 -49.08 6.19
CA VAL C 445 12.64 -48.62 7.16
C VAL C 445 13.83 -49.57 7.16
N ALA C 446 15.03 -49.01 6.98
CA ALA C 446 16.25 -49.80 6.98
C ALA C 446 16.94 -49.71 8.35
N VAL C 447 17.42 -50.83 8.86
CA VAL C 447 18.10 -50.86 10.13
C VAL C 447 19.55 -51.28 9.97
N TYR C 448 20.47 -50.39 10.34
CA TYR C 448 21.89 -50.69 10.28
C TYR C 448 22.39 -51.07 11.66
N ARG C 449 22.99 -52.26 11.76
CA ARG C 449 23.55 -52.74 13.01
C ARG C 449 25.02 -52.40 13.11
N ALA C 450 25.44 -51.88 14.26
CA ALA C 450 26.83 -51.57 14.51
C ALA C 450 27.58 -52.84 14.92
N GLN C 451 28.67 -53.13 14.23
CA GLN C 451 29.48 -54.30 14.52
C GLN C 451 30.67 -53.89 15.38
N PRO C 452 31.32 -54.87 16.03
CA PRO C 452 32.52 -54.60 16.81
C PRO C 452 33.66 -54.03 15.96
N VAL C 453 34.57 -53.29 16.58
CA VAL C 453 35.71 -52.72 15.87
C VAL C 453 36.99 -53.45 16.25
N ASN D 3 71.17 -22.97 -26.45
CA ASN D 3 69.80 -22.77 -25.99
C ASN D 3 69.21 -24.04 -25.38
N ILE D 4 67.96 -23.96 -24.93
CA ILE D 4 67.31 -25.08 -24.25
C ILE D 4 66.82 -26.14 -25.24
N CYS D 5 67.10 -25.95 -26.53
CA CYS D 5 66.70 -26.93 -27.55
C CYS D 5 67.76 -28.00 -27.69
N THR D 6 69.00 -27.59 -27.96
CA THR D 6 70.09 -28.51 -28.19
C THR D 6 70.54 -29.19 -26.89
N THR D 7 70.23 -28.56 -25.77
CA THR D 7 70.68 -29.07 -24.47
C THR D 7 69.63 -29.95 -23.80
N ARG D 8 68.89 -30.70 -24.61
CA ARG D 8 67.91 -31.65 -24.08
C ARG D 8 68.09 -33.04 -24.69
N GLY D 9 69.05 -33.18 -25.60
CA GLY D 9 69.30 -34.45 -26.26
C GLY D 9 68.02 -35.18 -26.62
N VAL D 10 67.11 -34.48 -27.28
CA VAL D 10 65.82 -35.05 -27.63
C VAL D 10 65.97 -36.27 -28.53
N SER D 11 65.15 -37.28 -28.28
CA SER D 11 65.25 -38.55 -29.00
C SER D 11 64.41 -38.54 -30.28
N SER D 12 63.28 -37.83 -30.24
CA SER D 12 62.35 -37.82 -31.36
C SER D 12 61.95 -36.40 -31.73
N CYS D 13 61.36 -36.26 -32.92
CA CYS D 13 60.84 -34.97 -33.37
C CYS D 13 59.72 -34.50 -32.45
N GLN D 14 58.79 -35.40 -32.16
CA GLN D 14 57.67 -35.09 -31.27
C GLN D 14 58.18 -34.54 -29.94
N GLN D 15 59.24 -35.17 -29.43
CA GLN D 15 59.83 -34.77 -28.18
C GLN D 15 60.43 -33.37 -28.27
N CYS D 16 60.94 -33.03 -29.45
CA CYS D 16 61.58 -31.74 -29.67
C CYS D 16 60.57 -30.61 -29.56
N LEU D 17 59.48 -30.72 -30.32
CA LEU D 17 58.45 -29.68 -30.34
C LEU D 17 57.81 -29.52 -28.97
N ALA D 18 57.93 -30.55 -28.14
CA ALA D 18 57.36 -30.53 -26.79
C ALA D 18 58.23 -29.72 -25.83
N VAL D 19 59.42 -29.35 -26.28
CA VAL D 19 60.34 -28.57 -25.45
C VAL D 19 59.85 -27.12 -25.35
N SER D 20 59.56 -26.52 -26.50
CA SER D 20 59.11 -25.14 -26.54
C SER D 20 58.61 -24.77 -27.93
N PRO D 21 57.65 -23.84 -28.01
CA PRO D 21 57.15 -23.35 -29.30
C PRO D 21 58.27 -22.77 -30.17
N MET D 22 59.35 -22.36 -29.53
CA MET D 22 60.47 -21.74 -30.23
C MET D 22 61.31 -22.78 -30.98
N CYS D 23 61.35 -24.00 -30.46
CA CYS D 23 62.20 -25.05 -31.01
C CYS D 23 61.71 -25.55 -32.36
N ALA D 24 62.65 -26.07 -33.16
CA ALA D 24 62.34 -26.63 -34.46
C ALA D 24 63.10 -27.95 -34.63
N TRP D 25 62.72 -28.73 -35.64
CA TRP D 25 63.37 -30.01 -35.90
C TRP D 25 63.83 -30.10 -37.35
N CYS D 26 64.89 -30.88 -37.57
CA CYS D 26 65.41 -31.09 -38.92
C CYS D 26 65.54 -32.58 -39.21
N SER D 27 64.78 -33.06 -40.19
CA SER D 27 64.79 -34.48 -40.55
C SER D 27 65.71 -34.76 -41.72
N ASP D 28 66.37 -33.72 -42.24
CA ASP D 28 67.29 -33.88 -43.36
C ASP D 28 68.35 -34.93 -43.04
N GLU D 29 68.35 -36.01 -43.81
CA GLU D 29 69.27 -37.13 -43.57
C GLU D 29 70.72 -36.73 -43.86
N ALA D 30 70.90 -35.80 -44.79
CA ALA D 30 72.24 -35.32 -45.13
C ALA D 30 72.63 -34.18 -44.21
N LEU D 31 72.80 -34.48 -42.93
CA LEU D 31 73.13 -33.46 -41.93
C LEU D 31 74.41 -33.84 -41.20
N PRO D 32 75.26 -32.85 -40.90
CA PRO D 32 76.49 -33.11 -40.13
C PRO D 32 76.22 -33.94 -38.88
N LEU D 33 77.02 -34.98 -38.66
CA LEU D 33 76.82 -35.89 -37.54
C LEU D 33 76.96 -35.16 -36.20
N GLY D 34 77.81 -34.14 -36.16
CA GLY D 34 78.04 -33.39 -34.95
C GLY D 34 77.06 -32.25 -34.73
N SER D 35 76.01 -32.22 -35.54
CA SER D 35 75.00 -31.17 -35.43
C SER D 35 73.73 -31.70 -34.75
N PRO D 36 73.19 -30.93 -33.79
CA PRO D 36 71.95 -31.32 -33.10
C PRO D 36 70.75 -31.13 -34.01
N ARG D 37 69.74 -31.98 -33.86
CA ARG D 37 68.56 -31.93 -34.72
C ARG D 37 67.46 -31.07 -34.10
N CYS D 38 67.71 -30.52 -32.91
CA CYS D 38 66.74 -29.69 -32.22
C CYS D 38 67.33 -28.33 -31.88
N ASP D 39 66.89 -27.30 -32.59
CA ASP D 39 67.41 -25.95 -32.40
C ASP D 39 66.44 -24.91 -32.96
N LEU D 40 66.90 -23.67 -33.09
CA LEU D 40 66.09 -22.62 -33.67
C LEU D 40 66.07 -22.76 -35.19
N LYS D 41 64.97 -22.34 -35.81
CA LYS D 41 64.85 -22.46 -37.26
C LYS D 41 66.01 -21.78 -37.98
N GLU D 42 66.58 -20.75 -37.35
CA GLU D 42 67.73 -20.04 -37.92
C GLU D 42 68.97 -20.92 -37.81
N ASN D 43 69.30 -21.30 -36.58
CA ASN D 43 70.47 -22.13 -36.33
C ASN D 43 70.50 -23.38 -37.21
N LEU D 44 69.33 -23.92 -37.51
CA LEU D 44 69.22 -25.11 -38.35
C LEU D 44 69.51 -24.78 -39.80
N LEU D 45 69.03 -23.63 -40.26
CA LEU D 45 69.26 -23.20 -41.63
C LEU D 45 70.73 -22.82 -41.87
N LYS D 46 71.48 -22.66 -40.78
CA LYS D 46 72.90 -22.37 -40.87
C LYS D 46 73.68 -23.63 -41.27
N ASP D 47 73.14 -24.80 -40.90
CA ASP D 47 73.79 -26.07 -41.19
C ASP D 47 73.29 -26.68 -42.50
N ASN D 48 73.00 -25.83 -43.47
CA ASN D 48 72.57 -26.30 -44.79
C ASN D 48 71.43 -27.31 -44.72
N CYS D 49 70.57 -27.14 -43.73
CA CYS D 49 69.42 -28.02 -43.57
C CYS D 49 68.32 -27.65 -44.58
N ALA D 50 67.98 -28.60 -45.44
CA ALA D 50 66.97 -28.37 -46.47
C ALA D 50 65.74 -27.69 -45.89
N PRO D 51 65.42 -26.48 -46.37
CA PRO D 51 64.27 -25.71 -45.89
C PRO D 51 62.98 -26.52 -45.86
N GLU D 52 62.80 -27.41 -46.82
CA GLU D 52 61.58 -28.22 -46.90
C GLU D 52 61.62 -29.38 -45.91
N SER D 53 62.81 -29.77 -45.49
CA SER D 53 62.97 -30.85 -44.53
C SER D 53 62.72 -30.36 -43.10
N ILE D 54 62.78 -29.05 -42.90
CA ILE D 54 62.57 -28.45 -41.59
C ILE D 54 61.13 -28.63 -41.12
N GLU D 55 60.95 -28.73 -39.80
CA GLU D 55 59.64 -28.82 -39.20
C GLU D 55 59.49 -27.75 -38.13
N PHE D 56 58.52 -26.86 -38.32
CA PHE D 56 58.29 -25.78 -37.37
C PHE D 56 56.87 -25.25 -37.45
N PRO D 57 55.95 -25.87 -36.68
CA PRO D 57 54.55 -25.45 -36.63
C PRO D 57 54.37 -24.06 -36.01
N VAL D 58 53.27 -23.41 -36.34
CA VAL D 58 52.96 -22.08 -35.80
C VAL D 58 51.48 -21.98 -35.45
N SER D 59 51.19 -21.33 -34.32
CA SER D 59 49.81 -21.16 -33.87
C SER D 59 49.11 -20.08 -34.69
N GLU D 60 47.98 -20.44 -35.29
CA GLU D 60 47.25 -19.52 -36.14
C GLU D 60 45.76 -19.56 -35.84
N ALA D 61 45.17 -18.38 -35.62
CA ALA D 61 43.74 -18.26 -35.36
C ALA D 61 43.00 -17.93 -36.65
N ARG D 62 42.70 -18.96 -37.43
CA ARG D 62 42.04 -18.78 -38.73
C ARG D 62 40.54 -18.58 -38.56
N VAL D 63 39.99 -17.63 -39.30
CA VAL D 63 38.56 -17.35 -39.27
C VAL D 63 37.86 -18.01 -40.46
N LEU D 64 36.86 -18.83 -40.17
CA LEU D 64 36.11 -19.53 -41.22
C LEU D 64 34.83 -18.77 -41.54
N GLU D 65 33.78 -18.99 -40.76
CA GLU D 65 32.51 -18.31 -40.95
C GLU D 65 32.54 -16.93 -40.29
N ASP D 66 32.19 -15.91 -41.05
CA ASP D 66 32.27 -14.53 -40.55
C ASP D 66 31.23 -13.62 -41.20
N ARG D 67 29.99 -13.70 -40.71
CA ARG D 67 28.93 -12.79 -41.16
C ARG D 67 29.06 -11.46 -40.43
N PRO D 68 28.60 -10.37 -41.08
CA PRO D 68 28.60 -9.05 -40.42
C PRO D 68 27.52 -8.96 -39.35
N LEU D 69 27.67 -8.01 -38.43
CA LEU D 69 26.66 -7.76 -37.40
C LEU D 69 25.43 -7.11 -38.03
N SER D 70 24.31 -7.82 -38.02
CA SER D 70 23.07 -7.30 -38.58
C SER D 70 22.65 -6.00 -37.89
N ASP D 71 22.11 -5.07 -38.67
CA ASP D 71 21.73 -3.76 -38.16
C ASP D 71 20.37 -3.81 -37.46
N LYS D 72 19.45 -4.58 -38.04
CA LYS D 72 18.10 -4.71 -37.47
C LYS D 72 17.78 -6.17 -37.18
N GLY D 73 17.09 -6.41 -36.08
CA GLY D 73 16.71 -7.75 -35.69
C GLY D 73 15.37 -8.16 -36.27
N SER D 74 14.67 -7.20 -36.86
CA SER D 74 13.37 -7.46 -37.47
C SER D 74 13.50 -8.37 -38.69
N GLY D 75 12.36 -8.69 -39.29
CA GLY D 75 12.34 -9.55 -40.47
C GLY D 75 12.40 -11.01 -40.09
N ASP D 76 13.32 -11.74 -40.71
CA ASP D 76 13.51 -13.15 -40.43
C ASP D 76 14.52 -13.32 -39.29
N SER D 77 14.34 -14.36 -38.49
CA SER D 77 15.21 -14.61 -37.34
C SER D 77 16.49 -15.32 -37.77
N SER D 78 16.38 -16.21 -38.75
CA SER D 78 17.53 -16.96 -39.25
C SER D 78 18.56 -16.04 -39.87
N GLN D 79 18.14 -14.84 -40.28
CA GLN D 79 19.02 -13.89 -40.94
C GLN D 79 19.81 -13.06 -39.93
N VAL D 80 19.39 -13.10 -38.67
CA VAL D 80 19.99 -12.26 -37.64
C VAL D 80 21.38 -12.77 -37.23
N THR D 81 22.27 -11.85 -36.93
CA THR D 81 23.62 -12.19 -36.47
C THR D 81 24.08 -11.16 -35.43
N GLN D 82 24.27 -11.63 -34.20
CA GLN D 82 24.64 -10.76 -33.09
C GLN D 82 26.09 -10.97 -32.66
N VAL D 83 26.71 -12.03 -33.18
CA VAL D 83 28.09 -12.35 -32.85
C VAL D 83 28.94 -12.39 -34.11
N SER D 84 30.21 -12.01 -33.99
CA SER D 84 31.12 -11.99 -35.14
C SER D 84 32.57 -12.10 -34.68
N PRO D 85 33.29 -13.12 -35.17
CA PRO D 85 32.82 -14.15 -36.12
C PRO D 85 31.98 -15.23 -35.43
N GLN D 86 31.53 -16.22 -36.20
CA GLN D 86 30.74 -17.32 -35.67
C GLN D 86 31.57 -18.59 -35.52
N ARG D 87 32.52 -18.78 -36.42
CA ARG D 87 33.37 -19.97 -36.38
C ARG D 87 34.81 -19.61 -36.74
N ILE D 88 35.75 -20.17 -35.99
CA ILE D 88 37.16 -19.94 -36.23
C ILE D 88 37.98 -21.20 -35.91
N ALA D 89 38.92 -21.52 -36.79
CA ALA D 89 39.79 -22.67 -36.58
C ALA D 89 41.04 -22.22 -35.82
N LEU D 90 41.31 -22.89 -34.71
CA LEU D 90 42.46 -22.56 -33.86
C LEU D 90 43.49 -23.68 -33.90
N ARG D 91 44.76 -23.32 -33.96
CA ARG D 91 45.84 -24.30 -33.95
C ARG D 91 46.89 -23.91 -32.92
N LEU D 92 47.29 -24.88 -32.11
CA LEU D 92 48.28 -24.65 -31.07
C LEU D 92 49.35 -25.73 -31.08
N ARG D 93 50.38 -25.53 -30.26
CA ARG D 93 51.42 -26.53 -30.07
C ARG D 93 51.79 -26.59 -28.58
N PRO D 94 52.39 -27.70 -28.15
CA PRO D 94 52.66 -27.93 -26.72
C PRO D 94 53.15 -26.68 -25.99
N ASP D 95 52.43 -26.30 -24.94
CA ASP D 95 52.77 -25.12 -24.14
C ASP D 95 52.90 -23.88 -25.02
N ASP D 96 51.81 -23.51 -25.68
CA ASP D 96 51.78 -22.30 -26.50
C ASP D 96 50.42 -21.63 -26.37
N SER D 97 50.30 -20.42 -26.91
CA SER D 97 49.04 -19.68 -26.82
C SER D 97 48.85 -18.73 -27.99
N LYS D 98 47.64 -18.73 -28.55
CA LYS D 98 47.28 -17.78 -29.59
C LYS D 98 46.01 -17.06 -29.17
N ASN D 99 45.82 -15.86 -29.71
CA ASN D 99 44.65 -15.05 -29.35
C ASN D 99 43.77 -14.72 -30.55
N PHE D 100 42.57 -14.23 -30.27
CA PHE D 100 41.62 -13.87 -31.31
C PHE D 100 40.62 -12.85 -30.78
N SER D 101 39.69 -12.44 -31.62
CA SER D 101 38.72 -11.42 -31.22
C SER D 101 37.29 -11.84 -31.54
N ILE D 102 36.35 -11.36 -30.72
CA ILE D 102 34.94 -11.61 -30.93
C ILE D 102 34.13 -10.34 -30.66
N GLN D 103 33.12 -10.11 -31.48
CA GLN D 103 32.26 -8.94 -31.34
C GLN D 103 30.84 -9.35 -30.96
N VAL D 104 30.18 -8.49 -30.19
CA VAL D 104 28.80 -8.71 -29.78
C VAL D 104 28.01 -7.42 -29.94
N ARG D 105 26.71 -7.54 -30.21
CA ARG D 105 25.88 -6.35 -30.41
C ARG D 105 24.45 -6.56 -29.94
N GLN D 106 23.97 -5.64 -29.10
CA GLN D 106 22.57 -5.61 -28.72
C GLN D 106 21.76 -5.09 -29.91
N VAL D 107 21.62 -5.93 -30.92
CA VAL D 107 20.97 -5.52 -32.17
C VAL D 107 19.65 -4.84 -31.92
N GLU D 108 19.38 -3.77 -32.66
CA GLU D 108 18.15 -3.00 -32.51
C GLU D 108 16.98 -3.67 -33.21
N ASP D 109 15.79 -3.49 -32.66
CA ASP D 109 14.56 -4.04 -33.22
C ASP D 109 14.59 -5.56 -33.21
N TYR D 110 14.92 -6.14 -32.06
CA TYR D 110 14.93 -7.58 -31.89
C TYR D 110 13.60 -7.99 -31.26
N PRO D 111 12.99 -9.08 -31.76
CA PRO D 111 11.70 -9.53 -31.22
C PRO D 111 11.72 -9.67 -29.70
N VAL D 112 10.62 -9.35 -29.05
CA VAL D 112 10.55 -9.38 -27.59
C VAL D 112 9.27 -10.04 -27.08
N ASP D 113 9.43 -10.94 -26.10
CA ASP D 113 8.31 -11.56 -25.43
C ASP D 113 8.21 -11.03 -24.00
N ILE D 114 6.99 -10.76 -23.56
CA ILE D 114 6.76 -10.27 -22.20
C ILE D 114 5.59 -11.01 -21.58
N TYR D 115 5.86 -11.76 -20.51
CA TYR D 115 4.81 -12.47 -19.81
C TYR D 115 4.53 -11.79 -18.47
N TYR D 116 3.29 -11.35 -18.29
CA TYR D 116 2.89 -10.69 -17.06
C TYR D 116 2.40 -11.72 -16.05
N LEU D 117 3.05 -11.75 -14.89
CA LEU D 117 2.67 -12.66 -13.83
C LEU D 117 2.19 -11.84 -12.63
N MET D 118 0.91 -12.02 -12.28
CA MET D 118 0.28 -11.13 -11.30
C MET D 118 -0.26 -11.86 -10.06
N ASP D 119 0.04 -11.29 -8.91
CA ASP D 119 -0.55 -11.71 -7.64
C ASP D 119 -1.99 -11.23 -7.58
N LEU D 120 -2.93 -12.16 -7.41
CA LEU D 120 -4.34 -11.81 -7.34
C LEU D 120 -4.97 -12.22 -6.01
N SER D 121 -4.16 -12.28 -4.97
CA SER D 121 -4.68 -12.46 -3.62
C SER D 121 -5.49 -11.22 -3.26
N TYR D 122 -6.23 -11.28 -2.15
CA TYR D 122 -7.11 -10.17 -1.79
C TYR D 122 -6.32 -8.91 -1.45
N SER D 123 -5.05 -9.07 -1.13
CA SER D 123 -4.18 -7.94 -0.82
CA SER D 123 -4.18 -7.94 -0.82
C SER D 123 -3.85 -7.15 -2.08
N MET D 124 -4.33 -7.63 -3.22
CA MET D 124 -4.08 -6.98 -4.51
C MET D 124 -5.40 -6.61 -5.20
N LYS D 125 -6.33 -6.05 -4.43
CA LYS D 125 -7.62 -5.64 -4.97
C LYS D 125 -7.52 -4.31 -5.70
N ASP D 126 -6.93 -3.32 -5.04
CA ASP D 126 -6.76 -2.00 -5.62
C ASP D 126 -5.79 -2.04 -6.79
N ASP D 127 -4.85 -2.99 -6.74
CA ASP D 127 -3.80 -3.10 -7.75
C ASP D 127 -4.36 -3.46 -9.13
N LEU D 128 -5.57 -3.98 -9.17
CA LEU D 128 -6.17 -4.45 -10.42
C LEU D 128 -6.82 -3.30 -11.20
N TRP D 129 -7.32 -2.30 -10.49
CA TRP D 129 -7.97 -1.15 -11.12
C TRP D 129 -6.97 -0.26 -11.86
N SER D 130 -5.68 -0.54 -11.68
CA SER D 130 -4.63 0.28 -12.28
C SER D 130 -4.25 -0.20 -13.68
N ILE D 131 -4.13 -1.51 -13.85
CA ILE D 131 -3.66 -2.08 -15.10
C ILE D 131 -4.80 -2.49 -16.02
N GLN D 132 -5.93 -1.80 -15.91
CA GLN D 132 -7.11 -2.13 -16.71
C GLN D 132 -6.83 -2.00 -18.21
N ASN D 133 -6.17 -0.91 -18.59
CA ASN D 133 -5.84 -0.66 -19.99
C ASN D 133 -4.36 -0.87 -20.28
N LEU D 134 -3.69 -1.61 -19.39
CA LEU D 134 -2.25 -1.83 -19.50
C LEU D 134 -1.84 -2.44 -20.84
N GLY D 135 -2.71 -3.28 -21.40
CA GLY D 135 -2.39 -3.96 -22.64
C GLY D 135 -2.06 -2.99 -23.77
N THR D 136 -2.98 -2.07 -24.04
CA THR D 136 -2.79 -1.10 -25.11
C THR D 136 -1.74 -0.06 -24.74
N LYS D 137 -1.76 0.35 -23.47
CA LYS D 137 -0.82 1.36 -22.99
C LYS D 137 0.61 0.85 -23.06
N LEU D 138 0.84 -0.32 -22.48
CA LEU D 138 2.15 -0.95 -22.48
C LEU D 138 2.67 -1.18 -23.90
N ALA D 139 1.75 -1.31 -24.85
CA ALA D 139 2.13 -1.61 -26.23
C ALA D 139 2.83 -0.43 -26.91
N THR D 140 2.13 0.69 -27.01
CA THR D 140 2.62 1.85 -27.77
C THR D 140 4.02 2.28 -27.33
N GLN D 141 4.30 2.16 -26.03
CA GLN D 141 5.58 2.61 -25.49
C GLN D 141 6.71 1.67 -25.90
N MET D 142 6.38 0.40 -26.06
CA MET D 142 7.37 -0.60 -26.44
C MET D 142 7.64 -0.59 -27.93
N ARG D 143 6.71 -0.03 -28.70
CA ARG D 143 6.87 0.06 -30.15
C ARG D 143 8.13 0.86 -30.50
N LYS D 144 8.53 1.75 -29.60
CA LYS D 144 9.72 2.56 -29.80
C LYS D 144 10.99 1.71 -29.72
N LEU D 145 10.85 0.49 -29.24
CA LEU D 145 12.01 -0.38 -29.01
C LEU D 145 12.06 -1.55 -30.01
N THR D 146 10.92 -2.21 -30.20
CA THR D 146 10.87 -3.39 -31.07
C THR D 146 9.65 -3.40 -31.98
N SER D 147 9.76 -4.13 -33.08
CA SER D 147 8.65 -4.32 -34.01
C SER D 147 7.84 -5.54 -33.60
N ASN D 148 8.50 -6.69 -33.58
CA ASN D 148 7.87 -7.93 -33.16
C ASN D 148 7.70 -7.96 -31.64
N LEU D 149 6.47 -7.82 -31.18
CA LEU D 149 6.19 -7.82 -29.75
C LEU D 149 4.99 -8.70 -29.44
N ARG D 150 5.14 -9.55 -28.42
CA ARG D 150 4.04 -10.37 -27.93
C ARG D 150 3.99 -10.29 -26.41
N ILE D 151 2.79 -10.13 -25.87
CA ILE D 151 2.60 -10.05 -24.43
C ILE D 151 1.57 -11.05 -23.95
N GLY D 152 1.83 -11.63 -22.78
CA GLY D 152 0.94 -12.63 -22.21
C GLY D 152 0.61 -12.30 -20.77
N PHE D 153 -0.42 -12.94 -20.23
CA PHE D 153 -0.87 -12.66 -18.88
C PHE D 153 -1.11 -13.95 -18.11
N GLY D 154 -0.75 -13.93 -16.83
CA GLY D 154 -0.96 -15.05 -15.94
C GLY D 154 -1.13 -14.54 -14.53
N ALA D 155 -1.95 -15.23 -13.74
CA ALA D 155 -2.21 -14.81 -12.38
C ALA D 155 -2.01 -15.96 -11.40
N PHE D 156 -1.78 -15.63 -10.13
CA PHE D 156 -1.57 -16.62 -9.09
C PHE D 156 -2.00 -16.08 -7.74
N VAL D 157 -2.23 -16.99 -6.79
CA VAL D 157 -2.57 -16.61 -5.43
C VAL D 157 -1.72 -17.43 -4.45
N ASP D 158 -2.09 -18.69 -4.30
CA ASP D 158 -1.41 -19.59 -3.37
C ASP D 158 -2.00 -20.98 -3.51
N LYS D 159 -1.34 -21.97 -2.91
CA LYS D 159 -1.81 -23.35 -2.98
C LYS D 159 -3.23 -23.48 -2.43
N PRO D 160 -4.19 -23.87 -3.28
CA PRO D 160 -5.61 -23.96 -2.89
C PRO D 160 -5.90 -25.12 -1.95
N VAL D 161 -5.41 -25.02 -0.72
CA VAL D 161 -5.57 -26.06 0.28
C VAL D 161 -5.31 -25.48 1.68
N SER D 162 -5.98 -26.04 2.68
CA SER D 162 -5.78 -25.60 4.06
C SER D 162 -4.32 -25.86 4.46
N PRO D 163 -3.74 -24.98 5.27
CA PRO D 163 -4.36 -23.80 5.90
C PRO D 163 -4.35 -22.53 5.05
N TYR D 164 -3.83 -22.61 3.82
CA TYR D 164 -3.78 -21.44 2.95
C TYR D 164 -5.18 -21.04 2.52
N MET D 165 -6.04 -22.03 2.33
CA MET D 165 -7.37 -21.82 1.79
C MET D 165 -8.43 -21.84 2.90
N TYR D 166 -9.38 -20.91 2.83
CA TYR D 166 -10.52 -20.92 3.74
C TYR D 166 -11.45 -22.06 3.35
N ILE D 167 -11.60 -23.03 4.26
CA ILE D 167 -12.36 -24.24 3.95
C ILE D 167 -13.73 -24.27 4.62
N SER D 168 -14.09 -23.18 5.30
CA SER D 168 -15.39 -23.11 5.94
C SER D 168 -15.92 -21.67 5.93
N PRO D 169 -17.25 -21.52 5.81
CA PRO D 169 -18.22 -22.61 5.61
C PRO D 169 -18.20 -23.12 4.18
N PRO D 170 -19.12 -24.03 3.83
CA PRO D 170 -19.20 -24.56 2.46
C PRO D 170 -19.25 -23.44 1.42
N GLU D 171 -19.71 -22.27 1.84
CA GLU D 171 -19.75 -21.10 0.97
C GLU D 171 -18.35 -20.57 0.73
N ALA D 172 -17.56 -20.50 1.79
CA ALA D 172 -16.20 -19.97 1.70
C ALA D 172 -15.42 -20.57 0.53
N LEU D 173 -15.76 -21.81 0.18
CA LEU D 173 -15.11 -22.47 -0.95
C LEU D 173 -15.56 -21.88 -2.27
N GLU D 174 -16.84 -21.53 -2.36
CA GLU D 174 -17.39 -20.88 -3.55
C GLU D 174 -17.00 -19.41 -3.56
N ASN D 175 -17.33 -18.72 -2.47
CA ASN D 175 -17.00 -17.30 -2.31
C ASN D 175 -16.16 -17.08 -1.06
N PRO D 176 -14.82 -17.02 -1.23
CA PRO D 176 -13.88 -16.79 -0.13
C PRO D 176 -14.11 -15.51 0.65
N CYS D 177 -15.01 -14.65 0.17
CA CYS D 177 -15.28 -13.37 0.83
C CYS D 177 -16.72 -13.32 1.33
N TYR D 178 -17.14 -14.36 2.06
CA TYR D 178 -18.50 -14.43 2.57
C TYR D 178 -18.62 -13.67 3.89
N ASP D 179 -17.60 -13.80 4.74
CA ASP D 179 -17.60 -13.13 6.04
C ASP D 179 -17.73 -11.63 5.83
N MET D 180 -17.09 -11.14 4.77
CA MET D 180 -17.27 -9.76 4.36
C MET D 180 -18.55 -9.69 3.53
N LYS D 181 -18.79 -8.55 2.90
CA LYS D 181 -20.00 -8.39 2.11
C LYS D 181 -19.67 -8.17 0.65
N THR D 182 -18.69 -8.93 0.15
CA THR D 182 -18.30 -8.87 -1.25
C THR D 182 -18.29 -10.27 -1.86
N THR D 183 -17.89 -10.37 -3.12
CA THR D 183 -17.84 -11.65 -3.81
C THR D 183 -16.58 -11.75 -4.68
N CYS D 184 -15.87 -12.87 -4.57
CA CYS D 184 -14.66 -13.10 -5.34
C CYS D 184 -14.58 -14.55 -5.82
N LEU D 185 -13.80 -14.77 -6.87
CA LEU D 185 -13.66 -16.10 -7.44
C LEU D 185 -12.97 -17.05 -6.47
N PRO D 186 -13.32 -18.34 -6.56
CA PRO D 186 -12.66 -19.36 -5.72
C PRO D 186 -11.15 -19.25 -5.80
N MET D 187 -10.46 -19.80 -4.81
CA MET D 187 -9.00 -19.71 -4.74
C MET D 187 -8.36 -20.56 -5.83
N PHE D 188 -7.18 -20.13 -6.29
CA PHE D 188 -6.45 -20.84 -7.33
C PHE D 188 -4.95 -20.63 -7.18
N GLY D 189 -4.18 -21.70 -7.35
CA GLY D 189 -2.73 -21.62 -7.25
C GLY D 189 -2.14 -20.79 -8.37
N TYR D 190 -2.33 -21.25 -9.60
CA TYR D 190 -1.84 -20.53 -10.76
C TYR D 190 -2.60 -20.95 -12.01
N LYS D 191 -3.03 -19.97 -12.81
CA LYS D 191 -3.71 -20.26 -14.05
C LYS D 191 -3.19 -19.36 -15.17
N HIS D 192 -2.83 -20.00 -16.29
CA HIS D 192 -2.39 -19.27 -17.48
C HIS D 192 -3.59 -18.63 -18.16
N VAL D 193 -3.50 -17.34 -18.42
CA VAL D 193 -4.61 -16.60 -19.02
C VAL D 193 -4.39 -16.41 -20.51
N LEU D 194 -3.54 -15.44 -20.87
CA LEU D 194 -3.35 -15.08 -22.27
C LEU D 194 -1.99 -15.50 -22.79
N THR D 195 -1.99 -16.38 -23.78
CA THR D 195 -0.77 -16.81 -24.45
C THR D 195 -0.11 -15.61 -25.11
N LEU D 196 1.22 -15.55 -25.06
CA LEU D 196 1.97 -14.49 -25.72
C LEU D 196 1.40 -14.27 -27.11
N THR D 197 0.71 -13.16 -27.30
CA THR D 197 0.07 -12.86 -28.57
C THR D 197 0.48 -11.48 -29.06
N ASP D 198 0.40 -11.27 -30.37
CA ASP D 198 0.77 -10.00 -30.96
C ASP D 198 -0.44 -9.04 -31.00
N GLN D 199 -1.56 -9.48 -30.45
CA GLN D 199 -2.76 -8.65 -30.35
C GLN D 199 -2.84 -8.02 -28.96
N VAL D 200 -2.30 -6.81 -28.84
CA VAL D 200 -2.25 -6.12 -27.55
C VAL D 200 -3.64 -5.76 -27.05
N THR D 201 -4.64 -5.81 -27.93
CA THR D 201 -6.02 -5.50 -27.57
C THR D 201 -6.63 -6.65 -26.79
N ARG D 202 -6.34 -7.88 -27.21
CA ARG D 202 -6.83 -9.08 -26.52
C ARG D 202 -6.36 -9.11 -25.07
N PHE D 203 -5.25 -8.40 -24.80
CA PHE D 203 -4.72 -8.32 -23.45
C PHE D 203 -5.71 -7.62 -22.53
N ASN D 204 -6.24 -6.49 -22.99
CA ASN D 204 -7.22 -5.73 -22.22
C ASN D 204 -8.54 -6.48 -22.04
N GLU D 205 -8.93 -7.25 -23.05
CA GLU D 205 -10.18 -8.00 -23.00
C GLU D 205 -10.21 -8.98 -21.84
N GLU D 206 -9.08 -9.65 -21.58
CA GLU D 206 -9.00 -10.66 -20.55
C GLU D 206 -8.79 -10.04 -19.17
N VAL D 207 -8.00 -8.97 -19.12
CA VAL D 207 -7.68 -8.31 -17.85
C VAL D 207 -8.93 -7.70 -17.21
N LYS D 208 -9.91 -7.35 -18.03
CA LYS D 208 -11.14 -6.75 -17.52
C LYS D 208 -12.12 -7.81 -17.00
N LYS D 209 -11.75 -9.08 -17.15
CA LYS D 209 -12.57 -10.18 -16.63
C LYS D 209 -11.90 -10.83 -15.42
N GLN D 210 -10.76 -10.29 -15.00
CA GLN D 210 -10.01 -10.86 -13.90
C GLN D 210 -10.38 -10.21 -12.56
N SER D 211 -10.92 -11.04 -11.67
CA SER D 211 -11.23 -10.60 -10.31
C SER D 211 -10.36 -11.36 -9.32
N VAL D 212 -9.97 -10.69 -8.24
CA VAL D 212 -9.08 -11.28 -7.25
C VAL D 212 -9.79 -12.36 -6.44
N SER D 213 -9.01 -13.08 -5.65
CA SER D 213 -9.56 -14.08 -4.72
C SER D 213 -9.14 -13.69 -3.31
N ARG D 214 -8.86 -14.68 -2.46
CA ARG D 214 -8.46 -14.39 -1.09
C ARG D 214 -7.92 -15.64 -0.39
N ASN D 215 -6.81 -15.48 0.32
CA ASN D 215 -6.25 -16.56 1.11
C ASN D 215 -5.91 -16.07 2.53
N ARG D 216 -5.26 -16.92 3.31
CA ARG D 216 -5.06 -16.64 4.73
C ARG D 216 -3.64 -16.14 5.05
N ASP D 217 -2.63 -16.96 4.76
CA ASP D 217 -1.25 -16.62 5.12
C ASP D 217 -0.70 -15.51 4.21
N ALA D 218 0.08 -14.62 4.81
CA ALA D 218 0.61 -13.46 4.11
C ALA D 218 1.40 -13.82 2.86
N PRO D 219 2.39 -14.73 2.99
CA PRO D 219 3.21 -15.10 1.82
C PRO D 219 2.37 -15.77 0.75
N GLU D 220 2.74 -15.59 -0.51
CA GLU D 220 1.96 -16.13 -1.62
C GLU D 220 2.76 -17.11 -2.46
N GLY D 221 2.06 -17.98 -3.17
CA GLY D 221 2.69 -19.01 -3.98
C GLY D 221 3.12 -18.50 -5.34
N GLY D 222 3.91 -17.43 -5.35
CA GLY D 222 4.35 -16.81 -6.58
C GLY D 222 5.38 -17.64 -7.34
N PHE D 223 6.21 -18.36 -6.59
CA PHE D 223 7.27 -19.17 -7.21
C PHE D 223 6.70 -20.38 -7.93
N ASP D 224 5.63 -20.95 -7.38
CA ASP D 224 4.92 -22.04 -8.07
C ASP D 224 4.47 -21.57 -9.44
N ALA D 225 4.19 -20.26 -9.55
CA ALA D 225 3.73 -19.68 -10.81
C ALA D 225 4.90 -19.43 -11.76
N ILE D 226 5.96 -18.81 -11.26
CA ILE D 226 7.16 -18.53 -12.05
C ILE D 226 7.67 -19.83 -12.69
N MET D 227 7.72 -20.89 -11.90
CA MET D 227 8.22 -22.17 -12.37
C MET D 227 7.43 -22.66 -13.58
N GLN D 228 6.10 -22.65 -13.46
CA GLN D 228 5.24 -23.14 -14.52
C GLN D 228 5.33 -22.26 -15.76
N ALA D 229 5.40 -20.94 -15.55
CA ALA D 229 5.47 -20.00 -16.66
C ALA D 229 6.79 -20.15 -17.42
N THR D 230 7.76 -20.81 -16.79
CA THR D 230 9.07 -20.99 -17.40
C THR D 230 9.16 -22.29 -18.18
N VAL D 231 8.69 -23.36 -17.56
CA VAL D 231 8.84 -24.70 -18.13
C VAL D 231 7.77 -25.02 -19.18
N CYS D 232 6.62 -24.35 -19.10
CA CYS D 232 5.54 -24.57 -20.06
C CYS D 232 5.77 -23.76 -21.33
N ASP D 233 6.60 -24.28 -22.21
CA ASP D 233 7.01 -23.54 -23.41
C ASP D 233 5.86 -23.26 -24.36
N GLU D 234 5.02 -24.27 -24.60
CA GLU D 234 3.94 -24.12 -25.57
C GLU D 234 2.80 -23.26 -25.04
N LYS D 235 2.26 -23.64 -23.88
CA LYS D 235 1.16 -22.89 -23.27
C LYS D 235 1.49 -21.41 -23.21
N ILE D 236 2.57 -21.07 -22.53
CA ILE D 236 2.99 -19.68 -22.40
C ILE D 236 3.27 -19.10 -23.78
N GLY D 237 3.92 -19.90 -24.62
CA GLY D 237 4.13 -19.54 -26.01
C GLY D 237 5.35 -18.69 -26.26
N TRP D 238 6.42 -18.91 -25.49
CA TRP D 238 7.68 -18.20 -25.72
C TRP D 238 8.16 -18.50 -27.14
N ARG D 239 8.84 -17.54 -27.75
CA ARG D 239 9.35 -17.71 -29.12
C ARG D 239 10.83 -18.04 -29.11
N ASN D 240 11.23 -18.96 -29.98
CA ASN D 240 12.61 -19.42 -30.06
C ASN D 240 13.59 -18.27 -30.23
N ASP D 241 13.21 -17.29 -31.06
CA ASP D 241 14.08 -16.16 -31.36
C ASP D 241 13.47 -14.86 -30.85
N ALA D 242 13.66 -14.61 -29.56
CA ALA D 242 13.14 -13.39 -28.95
C ALA D 242 13.70 -13.22 -27.54
N SER D 243 13.60 -12.00 -27.01
CA SER D 243 14.04 -11.72 -25.65
C SER D 243 12.88 -11.94 -24.70
N HIS D 244 13.02 -12.93 -23.83
CA HIS D 244 11.93 -13.33 -22.94
C HIS D 244 11.99 -12.61 -21.60
N LEU D 245 10.95 -11.85 -21.29
CA LEU D 245 10.85 -11.15 -20.02
C LEU D 245 9.71 -11.73 -19.20
N LEU D 246 9.94 -11.87 -17.89
CA LEU D 246 8.92 -12.39 -16.99
C LEU D 246 8.63 -11.37 -15.89
N VAL D 247 7.47 -10.73 -15.96
CA VAL D 247 7.07 -9.73 -14.99
C VAL D 247 6.39 -10.40 -13.79
N PHE D 248 6.98 -10.23 -12.61
CA PHE D 248 6.45 -10.82 -11.39
C PHE D 248 6.02 -9.71 -10.42
N THR D 249 4.72 -9.62 -10.17
CA THR D 249 4.20 -8.57 -9.32
C THR D 249 3.54 -9.12 -8.06
N THR D 250 3.93 -8.57 -6.91
CA THR D 250 3.38 -8.98 -5.63
C THR D 250 3.71 -7.93 -4.57
N ASP D 251 2.83 -7.78 -3.59
CA ASP D 251 3.00 -6.78 -2.56
C ASP D 251 3.38 -7.38 -1.20
N ALA D 252 3.57 -8.69 -1.18
CA ALA D 252 3.88 -9.39 0.07
C ALA D 252 5.03 -10.37 -0.12
N LYS D 253 5.33 -11.12 0.95
CA LYS D 253 6.37 -12.14 0.92
C LYS D 253 6.03 -13.22 -0.10
N THR D 254 6.90 -14.23 -0.19
CA THR D 254 6.68 -15.35 -1.07
C THR D 254 7.11 -16.65 -0.41
N HIS D 255 6.41 -17.74 -0.73
CA HIS D 255 6.76 -19.05 -0.19
C HIS D 255 7.99 -19.60 -0.91
N ILE D 256 8.65 -20.54 -0.25
CA ILE D 256 9.83 -21.18 -0.82
C ILE D 256 9.81 -22.67 -0.52
N ALA D 257 10.72 -23.41 -1.13
CA ALA D 257 10.79 -24.86 -0.92
C ALA D 257 10.76 -25.20 0.57
N LEU D 258 10.14 -26.33 0.89
CA LEU D 258 10.02 -26.81 2.26
C LEU D 258 8.94 -26.08 3.08
N ASP D 259 8.30 -25.08 2.49
CA ASP D 259 7.18 -24.40 3.14
C ASP D 259 5.90 -25.22 2.98
N GLY D 260 5.78 -25.89 1.85
CA GLY D 260 4.59 -26.67 1.56
C GLY D 260 4.27 -27.73 2.60
N ARG D 261 5.21 -28.01 3.50
CA ARG D 261 5.00 -29.03 4.51
C ARG D 261 3.92 -28.63 5.50
N LEU D 262 3.60 -27.34 5.58
CA LEU D 262 2.54 -26.87 6.46
C LEU D 262 1.16 -27.22 5.91
N ALA D 263 1.12 -27.69 4.66
CA ALA D 263 -0.12 -28.15 4.06
C ALA D 263 -0.06 -29.67 3.87
N GLY D 264 0.96 -30.30 4.43
CA GLY D 264 1.14 -31.73 4.32
C GLY D 264 1.79 -32.13 3.01
N ILE D 265 2.36 -31.15 2.31
CA ILE D 265 2.99 -31.40 1.02
C ILE D 265 4.52 -31.46 1.18
N VAL D 266 5.08 -32.62 0.88
CA VAL D 266 6.51 -32.86 1.12
C VAL D 266 7.28 -33.18 -0.16
N GLN D 267 6.57 -33.61 -1.20
CA GLN D 267 7.22 -33.97 -2.46
C GLN D 267 7.94 -32.77 -3.08
N PRO D 268 9.23 -32.93 -3.39
CA PRO D 268 9.99 -31.83 -3.99
C PRO D 268 9.41 -31.42 -5.34
N ASN D 269 9.59 -30.16 -5.73
CA ASN D 269 9.17 -29.71 -7.04
C ASN D 269 9.99 -30.42 -8.10
N ASP D 270 9.32 -30.93 -9.14
CA ASP D 270 9.98 -31.74 -10.16
C ASP D 270 10.50 -30.91 -11.33
N GLY D 271 10.16 -29.62 -11.35
CA GLY D 271 10.62 -28.73 -12.40
C GLY D 271 10.00 -29.04 -13.75
N GLN D 272 8.89 -29.77 -13.75
CA GLN D 272 8.20 -30.11 -14.99
C GLN D 272 6.91 -29.32 -15.12
N CYS D 273 6.38 -29.25 -16.34
CA CYS D 273 5.16 -28.52 -16.59
C CYS D 273 3.95 -29.33 -16.12
N HIS D 274 3.01 -28.66 -15.49
CA HIS D 274 1.79 -29.31 -15.01
C HIS D 274 0.58 -28.42 -15.22
N VAL D 275 0.57 -27.72 -16.37
CA VAL D 275 -0.56 -26.88 -16.75
C VAL D 275 -1.33 -27.54 -17.88
N GLY D 276 -2.45 -28.16 -17.55
CA GLY D 276 -3.23 -28.91 -18.52
C GLY D 276 -4.00 -28.03 -19.49
N SER D 277 -4.92 -28.65 -20.23
CA SER D 277 -5.75 -27.92 -21.18
C SER D 277 -6.64 -26.91 -20.47
N ASP D 278 -6.90 -27.16 -19.19
CA ASP D 278 -7.75 -26.28 -18.38
C ASP D 278 -6.98 -25.08 -17.84
N ASN D 279 -5.76 -24.88 -18.33
CA ASN D 279 -4.95 -23.71 -17.96
C ASN D 279 -4.83 -23.49 -16.46
N HIS D 280 -4.90 -24.58 -15.69
CA HIS D 280 -4.67 -24.50 -14.25
C HIS D 280 -3.53 -25.43 -13.86
N TYR D 281 -2.63 -24.92 -13.01
CA TYR D 281 -1.55 -25.72 -12.44
C TYR D 281 -2.15 -26.79 -11.55
N SER D 282 -1.99 -28.05 -11.95
CA SER D 282 -2.68 -29.16 -11.30
C SER D 282 -1.95 -29.66 -10.06
N ALA D 283 -0.63 -29.72 -10.12
CA ALA D 283 0.16 -30.26 -9.00
C ALA D 283 0.37 -29.23 -7.90
N SER D 284 -0.43 -28.18 -7.89
CA SER D 284 -0.29 -27.13 -6.90
C SER D 284 -0.47 -27.65 -5.48
N THR D 285 -1.35 -28.63 -5.33
CA THR D 285 -1.68 -29.17 -4.01
C THR D 285 -1.00 -30.51 -3.75
N THR D 286 -0.11 -30.91 -4.65
CA THR D 286 0.55 -32.21 -4.52
C THR D 286 2.06 -32.12 -4.77
N MET D 287 2.61 -30.91 -4.64
CA MET D 287 4.02 -30.70 -4.92
C MET D 287 4.52 -29.38 -4.32
N ASP D 288 5.58 -29.48 -3.52
CA ASP D 288 6.09 -28.35 -2.77
C ASP D 288 6.51 -27.19 -3.67
N TYR D 289 6.71 -26.02 -3.08
CA TYR D 289 7.20 -24.86 -3.81
C TYR D 289 8.60 -25.16 -4.34
N PRO D 290 8.96 -24.53 -5.46
CA PRO D 290 10.29 -24.74 -6.04
C PRO D 290 11.37 -23.99 -5.28
N SER D 291 12.58 -24.54 -5.26
CA SER D 291 13.70 -23.90 -4.58
C SER D 291 14.33 -22.85 -5.49
N LEU D 292 15.12 -21.96 -4.91
CA LEU D 292 15.79 -20.92 -5.68
C LEU D 292 16.74 -21.54 -6.71
N GLY D 293 17.39 -22.63 -6.31
CA GLY D 293 18.31 -23.33 -7.19
C GLY D 293 17.61 -23.91 -8.41
N LEU D 294 16.47 -24.54 -8.18
CA LEU D 294 15.71 -25.15 -9.26
C LEU D 294 15.14 -24.09 -10.21
N MET D 295 14.72 -22.96 -9.65
CA MET D 295 14.20 -21.86 -10.45
C MET D 295 15.29 -21.29 -11.34
N THR D 296 16.47 -21.08 -10.75
CA THR D 296 17.61 -20.54 -11.48
C THR D 296 17.93 -21.42 -12.68
N GLU D 297 17.91 -22.73 -12.46
CA GLU D 297 18.19 -23.69 -13.52
C GLU D 297 17.22 -23.52 -14.68
N LYS D 298 15.93 -23.57 -14.39
CA LYS D 298 14.90 -23.54 -15.42
C LYS D 298 14.83 -22.18 -16.13
N LEU D 299 15.13 -21.12 -15.41
CA LEU D 299 15.18 -19.80 -16.02
C LEU D 299 16.32 -19.74 -17.02
N SER D 300 17.49 -20.22 -16.59
CA SER D 300 18.67 -20.24 -17.44
C SER D 300 18.45 -21.10 -18.67
N GLN D 301 17.88 -22.29 -18.46
CA GLN D 301 17.66 -23.24 -19.55
C GLN D 301 16.69 -22.71 -20.59
N LYS D 302 15.70 -21.94 -20.13
CA LYS D 302 14.68 -21.41 -21.04
C LYS D 302 14.98 -19.98 -21.43
N ASN D 303 16.10 -19.45 -20.94
CA ASN D 303 16.47 -18.05 -21.17
C ASN D 303 15.31 -17.12 -20.85
N ILE D 304 15.02 -16.97 -19.57
CA ILE D 304 13.95 -16.11 -19.10
C ILE D 304 14.52 -15.05 -18.17
N ASN D 305 14.13 -13.80 -18.39
CA ASN D 305 14.56 -12.70 -17.53
C ASN D 305 13.50 -12.37 -16.49
N LEU D 306 13.70 -12.87 -15.28
CA LEU D 306 12.74 -12.66 -14.20
C LEU D 306 12.88 -11.24 -13.65
N ILE D 307 11.76 -10.51 -13.66
CA ILE D 307 11.72 -9.15 -13.14
C ILE D 307 10.89 -9.11 -11.87
N PHE D 308 11.46 -8.58 -10.80
CA PHE D 308 10.77 -8.50 -9.52
C PHE D 308 10.09 -7.15 -9.34
N ALA D 309 8.84 -7.07 -9.79
CA ALA D 309 8.05 -5.85 -9.65
C ALA D 309 7.33 -5.85 -8.32
N VAL D 310 8.08 -5.60 -7.24
CA VAL D 310 7.52 -5.64 -5.90
C VAL D 310 7.46 -4.26 -5.27
N THR D 311 6.75 -4.16 -4.14
CA THR D 311 6.53 -2.88 -3.48
C THR D 311 7.56 -2.61 -2.39
N GLU D 312 7.61 -1.37 -1.93
CA GLU D 312 8.60 -0.91 -0.96
C GLU D 312 8.87 -1.91 0.16
N ASN D 313 7.83 -2.28 0.89
CA ASN D 313 7.96 -3.11 2.08
C ASN D 313 8.75 -4.40 1.86
N VAL D 314 8.97 -4.78 0.60
CA VAL D 314 9.65 -6.03 0.29
C VAL D 314 10.73 -5.89 -0.78
N VAL D 315 11.15 -4.67 -1.08
CA VAL D 315 12.21 -4.46 -2.05
C VAL D 315 13.51 -5.08 -1.56
N ASN D 316 13.79 -4.90 -0.28
CA ASN D 316 14.99 -5.49 0.32
C ASN D 316 14.94 -7.00 0.31
N LEU D 317 13.74 -7.56 0.41
CA LEU D 317 13.55 -9.00 0.41
C LEU D 317 13.93 -9.59 -0.94
N TYR D 318 13.40 -9.01 -2.01
CA TYR D 318 13.64 -9.53 -3.35
C TYR D 318 14.94 -9.00 -3.94
N GLN D 319 15.48 -7.94 -3.35
CA GLN D 319 16.78 -7.43 -3.77
C GLN D 319 17.87 -8.37 -3.28
N ASN D 320 17.64 -8.99 -2.12
CA ASN D 320 18.58 -9.97 -1.59
C ASN D 320 18.42 -11.32 -2.28
N TYR D 321 17.19 -11.63 -2.69
CA TYR D 321 16.92 -12.84 -3.47
C TYR D 321 17.57 -12.76 -4.84
N SER D 322 17.42 -11.60 -5.48
CA SER D 322 17.97 -11.38 -6.81
C SER D 322 19.45 -11.75 -6.85
N GLU D 323 20.16 -11.50 -5.76
CA GLU D 323 21.59 -11.79 -5.70
C GLU D 323 21.85 -13.29 -5.70
N LEU D 324 20.81 -14.08 -5.43
CA LEU D 324 20.92 -15.53 -5.46
C LEU D 324 20.44 -16.11 -6.80
N ILE D 325 19.75 -15.30 -7.58
CA ILE D 325 19.33 -15.70 -8.92
C ILE D 325 19.86 -14.70 -9.94
N PRO D 326 21.10 -14.89 -10.40
CA PRO D 326 21.72 -14.00 -11.38
C PRO D 326 20.84 -13.76 -12.61
N GLY D 327 20.93 -12.57 -13.19
CA GLY D 327 20.19 -12.25 -14.40
C GLY D 327 18.85 -11.60 -14.12
N THR D 328 18.44 -11.57 -12.87
CA THR D 328 17.17 -10.99 -12.49
C THR D 328 17.36 -9.56 -12.04
N THR D 329 16.30 -8.76 -12.14
CA THR D 329 16.34 -7.36 -11.74
C THR D 329 15.17 -7.04 -10.82
N VAL D 330 15.39 -6.11 -9.89
CA VAL D 330 14.35 -5.70 -8.96
C VAL D 330 13.89 -4.28 -9.24
N GLY D 331 12.61 -4.13 -9.54
CA GLY D 331 12.02 -2.82 -9.77
C GLY D 331 11.06 -2.46 -8.67
N VAL D 332 10.98 -1.17 -8.35
CA VAL D 332 10.12 -0.69 -7.28
C VAL D 332 8.71 -0.42 -7.83
N LEU D 333 7.71 -0.98 -7.15
CA LEU D 333 6.33 -0.86 -7.59
C LEU D 333 5.50 -0.15 -6.52
N SER D 334 4.52 0.64 -6.96
CA SER D 334 3.63 1.32 -6.04
C SER D 334 2.66 0.31 -5.43
N MET D 335 1.95 0.72 -4.38
CA MET D 335 1.01 -0.18 -3.71
C MET D 335 -0.34 -0.23 -4.42
N ASP D 336 -0.37 0.29 -5.65
CA ASP D 336 -1.54 0.16 -6.51
C ASP D 336 -1.16 -0.33 -7.90
N SER D 337 0.14 -0.57 -8.11
CA SER D 337 0.64 -1.02 -9.41
C SER D 337 0.37 0.02 -10.50
N SER D 338 0.48 1.29 -10.16
CA SER D 338 0.22 2.36 -11.12
C SER D 338 1.43 2.58 -12.03
N ASN D 339 2.62 2.34 -11.49
CA ASN D 339 3.85 2.50 -12.26
CA ASN D 339 3.85 2.50 -12.26
C ASN D 339 4.32 1.17 -12.84
N VAL D 340 3.38 0.35 -13.27
CA VAL D 340 3.67 -0.96 -13.82
C VAL D 340 4.49 -0.85 -15.10
N LEU D 341 4.13 0.08 -15.97
CA LEU D 341 4.80 0.24 -17.24
C LEU D 341 6.22 0.76 -17.04
N GLN D 342 6.33 1.83 -16.26
CA GLN D 342 7.64 2.42 -15.94
C GLN D 342 8.61 1.35 -15.46
N LEU D 343 8.08 0.36 -14.75
CA LEU D 343 8.92 -0.69 -14.15
C LEU D 343 9.43 -1.64 -15.22
N ILE D 344 8.56 -2.00 -16.17
CA ILE D 344 8.91 -2.96 -17.22
C ILE D 344 10.02 -2.45 -18.13
N VAL D 345 9.90 -1.19 -18.54
CA VAL D 345 10.84 -0.60 -19.49
C VAL D 345 12.17 -0.26 -18.81
N ASP D 346 12.08 0.35 -17.63
CA ASP D 346 13.27 0.68 -16.86
C ASP D 346 14.07 -0.57 -16.54
N ALA D 347 13.38 -1.69 -16.34
CA ALA D 347 14.04 -2.96 -16.07
C ALA D 347 14.56 -3.56 -17.37
N TYR D 348 13.80 -3.40 -18.45
CA TYR D 348 14.22 -3.92 -19.75
C TYR D 348 15.53 -3.29 -20.20
N GLY D 349 15.68 -2.00 -19.92
CA GLY D 349 16.92 -1.31 -20.23
C GLY D 349 18.07 -1.92 -19.47
N LYS D 350 17.87 -2.15 -18.18
CA LYS D 350 18.89 -2.73 -17.32
C LYS D 350 19.15 -4.19 -17.67
N ILE D 351 18.22 -4.82 -18.37
CA ILE D 351 18.38 -6.20 -18.80
C ILE D 351 19.27 -6.30 -20.04
N ARG D 352 19.15 -5.32 -20.93
CA ARG D 352 19.95 -5.30 -22.15
C ARG D 352 21.12 -4.33 -22.04
N SER D 353 21.52 -4.03 -20.81
CA SER D 353 22.68 -3.19 -20.56
C SER D 353 23.86 -4.04 -20.11
N LYS D 354 23.77 -5.35 -20.37
CA LYS D 354 24.80 -6.27 -19.93
C LYS D 354 25.16 -7.26 -21.04
N VAL D 355 26.46 -7.56 -21.16
CA VAL D 355 26.93 -8.53 -22.12
C VAL D 355 28.08 -9.34 -21.52
N GLU D 356 27.73 -10.43 -20.85
CA GLU D 356 28.72 -11.28 -20.20
C GLU D 356 28.98 -12.53 -21.03
N LEU D 357 30.22 -13.00 -21.03
CA LEU D 357 30.59 -14.19 -21.80
C LEU D 357 30.66 -15.42 -20.91
N GLU D 358 30.17 -16.54 -21.45
CA GLU D 358 30.30 -17.83 -20.78
C GLU D 358 30.89 -18.84 -21.76
N VAL D 359 31.88 -19.59 -21.31
CA VAL D 359 32.59 -20.52 -22.17
C VAL D 359 32.19 -21.97 -21.88
N ARG D 360 31.43 -22.56 -22.79
CA ARG D 360 30.95 -23.92 -22.64
C ARG D 360 31.91 -24.91 -23.29
N ASP D 361 32.14 -26.04 -22.62
CA ASP D 361 32.91 -27.15 -23.18
C ASP D 361 34.40 -26.83 -23.30
N LEU D 362 34.93 -26.05 -22.35
CA LEU D 362 36.34 -25.70 -22.38
C LEU D 362 37.20 -26.87 -21.91
N PRO D 363 38.08 -27.38 -22.79
CA PRO D 363 38.96 -28.50 -22.43
C PRO D 363 39.79 -28.23 -21.19
N GLU D 364 40.18 -29.28 -20.48
CA GLU D 364 40.97 -29.16 -19.26
C GLU D 364 42.26 -28.41 -19.52
N GLU D 365 42.98 -28.83 -20.57
CA GLU D 365 44.29 -28.27 -20.87
C GLU D 365 44.25 -26.80 -21.28
N LEU D 366 43.08 -26.35 -21.74
CA LEU D 366 42.94 -24.96 -22.17
C LEU D 366 42.51 -24.03 -21.03
N SER D 367 43.05 -22.82 -21.03
CA SER D 367 42.69 -21.79 -20.08
C SER D 367 42.66 -20.44 -20.78
N LEU D 368 41.58 -19.70 -20.60
CA LEU D 368 41.36 -18.47 -21.35
C LEU D 368 41.55 -17.20 -20.52
N SER D 369 41.53 -16.06 -21.21
CA SER D 369 41.67 -14.75 -20.58
C SER D 369 41.00 -13.69 -21.46
N PHE D 370 40.45 -12.65 -20.84
CA PHE D 370 39.64 -11.68 -21.56
C PHE D 370 40.07 -10.23 -21.31
N ASN D 371 40.07 -9.43 -22.38
CA ASN D 371 40.36 -8.00 -22.29
C ASN D 371 39.23 -7.20 -22.95
N ALA D 372 38.18 -6.94 -22.19
CA ALA D 372 36.97 -6.31 -22.72
C ALA D 372 37.22 -4.87 -23.20
N THR D 373 36.28 -4.36 -23.98
CA THR D 373 36.33 -2.99 -24.49
C THR D 373 34.90 -2.45 -24.56
N CYS D 374 34.31 -2.14 -23.41
CA CYS D 374 32.88 -1.88 -23.28
C CYS D 374 32.48 -0.49 -23.77
N LEU D 375 32.82 0.53 -22.99
CA LEU D 375 32.47 1.90 -23.34
C LEU D 375 33.64 2.58 -24.05
N ASN D 376 33.39 3.12 -25.24
CA ASN D 376 34.46 3.64 -26.08
C ASN D 376 35.49 2.54 -26.30
N ASN D 377 36.68 2.90 -26.76
CA ASN D 377 37.75 1.93 -26.97
C ASN D 377 38.66 1.82 -25.75
N GLU D 378 38.06 1.62 -24.58
CA GLU D 378 38.81 1.51 -23.33
C GLU D 378 38.96 0.04 -22.94
N VAL D 379 40.14 -0.51 -23.20
CA VAL D 379 40.39 -1.92 -22.92
C VAL D 379 40.52 -2.18 -21.41
N ILE D 380 39.60 -2.96 -20.87
CA ILE D 380 39.61 -3.32 -19.46
C ILE D 380 40.11 -4.74 -19.28
N PRO D 381 41.30 -4.90 -18.65
CA PRO D 381 41.93 -6.21 -18.50
C PRO D 381 41.24 -7.10 -17.46
N GLY D 382 41.28 -8.42 -17.67
CA GLY D 382 40.72 -9.36 -16.75
C GLY D 382 39.22 -9.16 -16.53
N LEU D 383 38.47 -9.09 -17.62
CA LEU D 383 37.03 -8.89 -17.54
C LEU D 383 36.35 -9.49 -18.77
N LYS D 384 35.27 -10.24 -18.54
CA LYS D 384 34.52 -10.87 -19.62
C LYS D 384 33.06 -10.41 -19.60
N SER D 385 32.85 -9.16 -19.23
CA SER D 385 31.49 -8.63 -19.08
C SER D 385 31.46 -7.12 -19.24
N CYS D 386 30.37 -6.62 -19.81
CA CYS D 386 30.16 -5.18 -19.95
C CYS D 386 28.91 -4.74 -19.20
N MET D 387 28.88 -3.48 -18.80
CA MET D 387 27.74 -2.93 -18.09
C MET D 387 27.55 -1.46 -18.43
N GLY D 388 26.30 -1.04 -18.58
CA GLY D 388 25.98 0.34 -18.92
C GLY D 388 25.86 0.54 -20.41
N LEU D 389 25.38 -0.48 -21.11
CA LEU D 389 25.24 -0.43 -22.56
C LEU D 389 23.83 -0.02 -22.97
N LYS D 390 23.72 0.53 -24.18
CA LYS D 390 22.43 0.87 -24.75
C LYS D 390 22.08 -0.14 -25.82
N ILE D 391 20.86 -0.08 -26.33
CA ILE D 391 20.43 -0.98 -27.40
C ILE D 391 21.00 -0.49 -28.73
N GLY D 392 21.81 -1.32 -29.38
CA GLY D 392 22.44 -0.96 -30.63
C GLY D 392 23.94 -0.77 -30.50
N ASP D 393 24.42 -0.82 -29.26
CA ASP D 393 25.86 -0.69 -29.00
C ASP D 393 26.62 -1.92 -29.48
N THR D 394 27.91 -1.75 -29.71
CA THR D 394 28.77 -2.86 -30.13
C THR D 394 30.03 -2.89 -29.27
N VAL D 395 30.36 -4.08 -28.77
CA VAL D 395 31.56 -4.26 -27.97
C VAL D 395 32.42 -5.37 -28.54
N SER D 396 33.58 -5.61 -27.92
CA SER D 396 34.48 -6.65 -28.40
C SER D 396 35.37 -7.15 -27.26
N PHE D 397 35.81 -8.41 -27.38
CA PHE D 397 36.71 -9.00 -26.39
C PHE D 397 37.90 -9.64 -27.09
N SER D 398 39.10 -9.35 -26.59
CA SER D 398 40.30 -10.02 -27.07
C SER D 398 40.55 -11.24 -26.18
N ILE D 399 40.62 -12.41 -26.79
CA ILE D 399 40.72 -13.66 -26.05
C ILE D 399 42.01 -14.39 -26.38
N GLU D 400 42.66 -14.92 -25.34
CA GLU D 400 43.89 -15.68 -25.51
C GLU D 400 43.77 -17.08 -24.92
N ALA D 401 43.91 -18.09 -25.77
CA ALA D 401 43.83 -19.48 -25.34
C ALA D 401 45.21 -20.04 -25.07
N LYS D 402 45.44 -20.50 -23.84
CA LYS D 402 46.72 -21.07 -23.46
C LYS D 402 46.58 -22.56 -23.13
N VAL D 403 47.19 -23.40 -23.95
CA VAL D 403 47.17 -24.84 -23.71
C VAL D 403 48.37 -25.26 -22.88
N ARG D 404 48.13 -26.13 -21.90
CA ARG D 404 49.19 -26.59 -21.01
C ARG D 404 49.51 -28.06 -21.28
N GLY D 405 50.64 -28.29 -21.94
CA GLY D 405 51.06 -29.64 -22.29
C GLY D 405 50.46 -30.07 -23.61
N CYS D 406 50.45 -31.38 -23.86
CA CYS D 406 49.88 -31.93 -25.08
C CYS D 406 48.79 -32.94 -24.75
N PRO D 407 47.53 -32.61 -25.11
CA PRO D 407 46.41 -33.50 -24.81
C PRO D 407 46.42 -34.79 -25.63
N GLN D 408 45.53 -35.71 -25.29
CA GLN D 408 45.40 -36.97 -26.00
C GLN D 408 44.59 -36.78 -27.27
N GLU D 409 43.46 -36.09 -27.15
CA GLU D 409 42.59 -35.84 -28.29
C GLU D 409 43.15 -34.68 -29.09
N LYS D 410 43.59 -34.96 -30.31
CA LYS D 410 44.25 -33.95 -31.14
C LYS D 410 43.25 -32.98 -31.76
N GLU D 411 41.97 -33.19 -31.50
CA GLU D 411 40.93 -32.29 -32.00
C GLU D 411 39.78 -32.15 -31.02
N LYS D 412 39.49 -30.92 -30.65
CA LYS D 412 38.35 -30.60 -29.79
C LYS D 412 37.67 -29.33 -30.31
N SER D 413 36.63 -28.89 -29.61
CA SER D 413 35.94 -27.66 -30.01
C SER D 413 35.00 -27.18 -28.91
N PHE D 414 35.19 -25.93 -28.49
CA PHE D 414 34.37 -25.33 -27.44
C PHE D 414 33.55 -24.18 -27.99
N THR D 415 32.81 -23.51 -27.11
CA THR D 415 31.91 -22.44 -27.54
C THR D 415 32.04 -21.21 -26.63
N ILE D 416 31.77 -20.05 -27.19
CA ILE D 416 31.75 -18.81 -26.42
C ILE D 416 30.47 -18.04 -26.73
N LYS D 417 29.46 -18.20 -25.89
CA LYS D 417 28.17 -17.56 -26.10
C LYS D 417 27.92 -16.49 -25.04
N PRO D 418 27.51 -15.29 -25.46
CA PRO D 418 27.13 -14.25 -24.50
C PRO D 418 25.85 -14.64 -23.76
N VAL D 419 25.86 -14.53 -22.44
CA VAL D 419 24.71 -14.92 -21.62
C VAL D 419 23.41 -14.32 -22.15
N GLY D 420 22.54 -15.18 -22.67
CA GLY D 420 21.24 -14.75 -23.15
C GLY D 420 21.11 -14.80 -24.65
N PHE D 421 22.22 -14.61 -25.36
CA PHE D 421 22.21 -14.56 -26.81
C PHE D 421 21.97 -15.94 -27.42
N LYS D 422 21.50 -15.96 -28.66
CA LYS D 422 21.26 -17.20 -29.38
C LYS D 422 22.53 -17.61 -30.11
N ASP D 423 23.10 -16.69 -30.87
CA ASP D 423 24.31 -16.95 -31.63
C ASP D 423 25.49 -17.16 -30.69
N SER D 424 26.50 -17.89 -31.16
CA SER D 424 27.69 -18.15 -30.37
C SER D 424 28.92 -18.24 -31.28
N LEU D 425 30.09 -18.46 -30.67
CA LEU D 425 31.33 -18.60 -31.41
C LEU D 425 31.92 -19.99 -31.19
N ILE D 426 31.95 -20.80 -32.24
CA ILE D 426 32.47 -22.15 -32.17
C ILE D 426 33.94 -22.17 -32.56
N VAL D 427 34.81 -22.50 -31.61
CA VAL D 427 36.24 -22.55 -31.87
C VAL D 427 36.71 -23.99 -32.05
N GLN D 428 37.04 -24.34 -33.28
CA GLN D 428 37.52 -25.69 -33.59
C GLN D 428 39.02 -25.78 -33.36
N VAL D 429 39.41 -26.37 -32.24
CA VAL D 429 40.81 -26.45 -31.85
C VAL D 429 41.49 -27.70 -32.43
N THR D 430 42.72 -27.51 -32.91
CA THR D 430 43.51 -28.63 -33.42
C THR D 430 44.91 -28.57 -32.80
N PHE D 431 45.20 -29.53 -31.94
CA PHE D 431 46.49 -29.56 -31.25
C PHE D 431 47.56 -30.19 -32.14
N ASP D 432 48.56 -29.38 -32.51
CA ASP D 432 49.63 -29.84 -33.38
C ASP D 432 50.81 -30.34 -32.55
N CYS D 433 50.80 -31.63 -32.25
CA CYS D 433 51.85 -32.23 -31.43
C CYS D 433 52.82 -33.06 -32.27
N ASP D 434 52.34 -33.58 -33.39
CA ASP D 434 53.14 -34.44 -34.25
C ASP D 434 53.74 -33.66 -35.42
N CYS D 435 54.64 -34.31 -36.15
CA CYS D 435 55.27 -33.71 -37.32
C CYS D 435 54.75 -34.36 -38.61
N ALA D 436 54.93 -33.67 -39.72
CA ALA D 436 54.46 -34.16 -41.01
C ALA D 436 55.28 -35.37 -41.47
N CYS D 437 56.54 -35.43 -41.02
CA CYS D 437 57.45 -36.50 -41.43
C CYS D 437 57.13 -37.82 -40.73
N GLN D 438 56.22 -37.78 -39.76
CA GLN D 438 55.83 -38.98 -39.03
C GLN D 438 54.94 -39.88 -39.89
N ALA D 439 54.17 -39.26 -40.78
CA ALA D 439 53.29 -40.01 -41.68
C ALA D 439 54.12 -40.75 -42.73
N GLN D 440 55.37 -40.33 -42.89
CA GLN D 440 56.27 -40.98 -43.84
C GLN D 440 57.28 -41.88 -43.12
N ALA D 441 56.93 -42.28 -41.90
CA ALA D 441 57.80 -43.14 -41.10
C ALA D 441 57.91 -44.53 -41.72
N GLU D 442 58.96 -45.26 -41.34
CA GLU D 442 59.20 -46.58 -41.88
C GLU D 442 59.43 -47.60 -40.77
N PRO D 443 58.38 -48.36 -40.41
CA PRO D 443 58.52 -49.39 -39.37
C PRO D 443 59.34 -50.59 -39.84
N ASN D 444 60.01 -51.25 -38.92
CA ASN D 444 60.87 -52.39 -39.25
C ASN D 444 61.90 -52.01 -40.32
N SER D 445 62.48 -50.84 -40.17
CA SER D 445 63.45 -50.32 -41.13
C SER D 445 64.79 -51.05 -41.02
N HIS D 446 65.36 -51.40 -42.17
CA HIS D 446 66.66 -52.06 -42.20
C HIS D 446 67.74 -51.12 -41.68
N ARG D 447 67.45 -49.83 -41.68
CA ARG D 447 68.41 -48.82 -41.28
C ARG D 447 68.55 -48.72 -39.75
N CYS D 448 67.73 -49.49 -39.03
CA CYS D 448 67.76 -49.49 -37.57
C CYS D 448 67.82 -50.91 -37.01
N ASN D 449 69.02 -51.33 -36.62
CA ASN D 449 69.22 -52.66 -36.03
C ASN D 449 68.81 -53.79 -36.97
N ASN D 450 68.76 -53.50 -38.27
CA ASN D 450 68.42 -54.50 -39.27
C ASN D 450 66.97 -54.96 -39.19
N GLY D 451 66.10 -54.13 -38.61
CA GLY D 451 64.68 -54.40 -38.58
C GLY D 451 64.04 -54.42 -37.21
N ASN D 452 64.75 -53.92 -36.19
CA ASN D 452 64.20 -53.88 -34.84
C ASN D 452 63.58 -52.52 -34.51
N GLY D 453 64.05 -51.47 -35.17
CA GLY D 453 63.59 -50.12 -34.88
C GLY D 453 62.81 -49.49 -36.02
N THR D 454 62.16 -48.37 -35.73
CA THR D 454 61.39 -47.64 -36.72
C THR D 454 62.07 -46.32 -37.07
N PHE D 455 62.45 -46.19 -38.34
CA PHE D 455 63.13 -44.98 -38.82
C PHE D 455 62.12 -43.85 -39.00
N GLU D 456 62.13 -42.89 -38.09
CA GLU D 456 61.17 -41.79 -38.09
C GLU D 456 61.87 -40.44 -38.04
N CYS D 457 61.64 -39.63 -39.07
CA CYS D 457 62.15 -38.25 -39.10
C CYS D 457 63.67 -38.19 -38.99
N GLY D 458 64.36 -39.05 -39.73
CA GLY D 458 65.81 -39.00 -39.81
C GLY D 458 66.52 -39.60 -38.61
N VAL D 459 65.76 -40.20 -37.70
CA VAL D 459 66.34 -40.83 -36.52
C VAL D 459 65.66 -42.16 -36.23
N CYS D 460 66.40 -43.09 -35.60
CA CYS D 460 65.89 -44.43 -35.34
C CYS D 460 65.19 -44.51 -33.98
N ARG D 461 63.86 -44.56 -34.02
CA ARG D 461 63.06 -44.73 -32.82
C ARG D 461 63.00 -46.21 -32.44
N CYS D 462 62.77 -46.48 -31.17
CA CYS D 462 62.66 -47.86 -30.70
C CYS D 462 61.26 -48.38 -30.97
N GLY D 463 61.17 -49.51 -31.67
CA GLY D 463 59.90 -50.06 -32.08
C GLY D 463 58.97 -50.37 -30.92
N PRO D 464 57.70 -50.69 -31.22
CA PRO D 464 56.69 -51.03 -30.21
C PRO D 464 56.92 -52.43 -29.62
N GLY D 465 56.83 -52.55 -28.31
CA GLY D 465 57.04 -53.81 -27.64
C GLY D 465 58.39 -53.88 -26.94
N TRP D 466 59.19 -52.84 -27.09
CA TRP D 466 60.51 -52.78 -26.49
C TRP D 466 60.55 -51.80 -25.32
N LEU D 467 61.64 -51.85 -24.56
CA LEU D 467 61.82 -50.94 -23.43
C LEU D 467 63.28 -50.48 -23.38
N GLY D 468 63.49 -49.25 -22.92
CA GLY D 468 64.82 -48.68 -22.84
C GLY D 468 65.06 -47.69 -23.97
N SER D 469 66.12 -46.89 -23.83
CA SER D 469 66.44 -45.87 -24.82
C SER D 469 66.85 -46.51 -26.14
N GLN D 470 67.85 -47.39 -26.09
CA GLN D 470 68.36 -48.06 -27.29
C GLN D 470 68.07 -49.54 -27.25
N CYS D 471 66.87 -49.90 -26.79
CA CYS D 471 66.45 -51.30 -26.73
C CYS D 471 67.47 -52.15 -26.00
N GLU E 1 -2.66 -25.90 45.40
CA GLU E 1 -4.05 -26.37 45.62
C GLU E 1 -5.05 -25.32 45.14
N VAL E 2 -6.09 -25.77 44.45
CA VAL E 2 -7.12 -24.87 43.94
C VAL E 2 -8.08 -24.47 45.05
N GLN E 3 -8.45 -23.20 45.09
CA GLN E 3 -9.33 -22.69 46.12
C GLN E 3 -9.87 -21.30 45.77
N LEU E 4 -11.14 -21.09 46.04
CA LEU E 4 -11.80 -19.81 45.73
C LEU E 4 -12.18 -19.08 47.02
N GLN E 5 -11.49 -17.98 47.30
CA GLN E 5 -11.72 -17.23 48.53
C GLN E 5 -12.50 -15.94 48.25
N GLN E 6 -13.80 -15.99 48.52
CA GLN E 6 -14.68 -14.86 48.26
C GLN E 6 -14.62 -13.83 49.39
N SER E 7 -15.45 -12.80 49.29
CA SER E 7 -15.52 -11.75 50.30
C SER E 7 -16.33 -12.21 51.50
N GLY E 8 -16.49 -11.30 52.47
CA GLY E 8 -17.27 -11.60 53.67
C GLY E 8 -18.73 -11.22 53.48
N ALA E 9 -19.56 -11.64 54.43
CA ALA E 9 -20.99 -11.37 54.38
C ALA E 9 -21.26 -9.88 54.17
N GLU E 10 -22.43 -9.57 53.62
CA GLU E 10 -22.80 -8.19 53.33
C GLU E 10 -24.22 -7.90 53.84
N LEU E 11 -24.43 -6.66 54.29
CA LEU E 11 -25.76 -6.20 54.66
C LEU E 11 -25.98 -4.78 54.16
N VAL E 12 -27.05 -4.58 53.40
CA VAL E 12 -27.32 -3.28 52.79
C VAL E 12 -28.82 -3.03 52.67
N LYS E 13 -29.18 -1.78 52.42
CA LYS E 13 -30.58 -1.40 52.28
C LYS E 13 -31.04 -1.54 50.83
N PRO E 14 -32.36 -1.68 50.62
CA PRO E 14 -32.91 -1.79 49.26
C PRO E 14 -32.62 -0.55 48.42
N GLY E 15 -32.03 -0.74 47.24
CA GLY E 15 -31.71 0.34 46.34
C GLY E 15 -30.21 0.52 46.16
N ALA E 16 -29.46 0.27 47.23
CA ALA E 16 -28.01 0.39 47.18
C ALA E 16 -27.41 -0.64 46.24
N SER E 17 -26.09 -0.67 46.15
CA SER E 17 -25.37 -1.61 45.30
C SER E 17 -24.19 -2.20 46.04
N VAL E 18 -23.92 -3.48 45.81
CA VAL E 18 -22.84 -4.17 46.48
C VAL E 18 -21.96 -4.94 45.50
N LYS E 19 -20.65 -4.89 45.72
CA LYS E 19 -19.70 -5.64 44.91
C LYS E 19 -19.11 -6.81 45.70
N LEU E 20 -19.25 -8.01 45.16
CA LEU E 20 -18.75 -9.21 45.81
C LEU E 20 -17.45 -9.68 45.15
N SER E 21 -16.46 -10.00 45.98
CA SER E 21 -15.15 -10.38 45.49
C SER E 21 -14.97 -11.89 45.45
N CYS E 22 -14.11 -12.36 44.55
CA CYS E 22 -13.80 -13.78 44.44
C CYS E 22 -12.34 -13.95 44.03
N THR E 23 -11.43 -13.72 44.96
CA THR E 23 -10.00 -13.81 44.68
C THR E 23 -9.55 -15.26 44.58
N ALA E 24 -8.80 -15.57 43.53
CA ALA E 24 -8.29 -16.91 43.31
C ALA E 24 -7.05 -17.16 44.17
N SER E 25 -6.78 -18.42 44.47
CA SER E 25 -5.65 -18.78 45.30
C SER E 25 -4.99 -20.06 44.80
N GLY E 26 -3.72 -19.97 44.43
CA GLY E 26 -2.97 -21.12 43.96
C GLY E 26 -2.92 -21.22 42.45
N PHE E 27 -3.62 -20.33 41.77
CA PHE E 27 -3.66 -20.34 40.31
C PHE E 27 -4.01 -18.96 39.77
N ASN E 28 -3.88 -18.80 38.46
CA ASN E 28 -4.24 -17.55 37.80
C ASN E 28 -5.70 -17.56 37.35
N ILE E 29 -6.46 -16.58 37.83
CA ILE E 29 -7.88 -16.47 37.48
C ILE E 29 -8.07 -16.58 35.96
N LYS E 30 -7.05 -16.16 35.21
CA LYS E 30 -7.09 -16.14 33.75
C LYS E 30 -7.24 -17.53 33.13
N ASP E 31 -7.08 -18.57 33.95
CA ASP E 31 -7.03 -19.94 33.44
C ASP E 31 -8.36 -20.44 32.88
N THR E 32 -9.46 -20.20 33.59
CA THR E 32 -10.75 -20.77 33.21
C THR E 32 -11.90 -19.78 33.32
N TYR E 33 -13.07 -20.20 32.82
CA TYR E 33 -14.30 -19.44 32.99
C TYR E 33 -14.61 -19.32 34.48
N VAL E 34 -15.31 -18.26 34.85
CA VAL E 34 -15.78 -18.10 36.22
C VAL E 34 -17.26 -17.78 36.21
N HIS E 35 -18.04 -18.57 36.94
CA HIS E 35 -19.49 -18.41 36.97
C HIS E 35 -19.93 -17.95 38.36
N TRP E 36 -21.07 -17.25 38.40
CA TRP E 36 -21.67 -16.86 39.66
C TRP E 36 -23.03 -17.53 39.81
N VAL E 37 -23.26 -18.14 40.97
CA VAL E 37 -24.48 -18.89 41.21
C VAL E 37 -25.23 -18.36 42.43
N LYS E 38 -26.49 -18.00 42.22
CA LYS E 38 -27.36 -17.53 43.29
C LYS E 38 -28.09 -18.73 43.91
N GLN E 39 -28.27 -18.68 45.24
CA GLN E 39 -28.98 -19.75 45.93
C GLN E 39 -29.94 -19.21 46.98
N ARG E 40 -31.18 -19.68 46.93
CA ARG E 40 -32.17 -19.36 47.95
C ARG E 40 -32.82 -20.65 48.44
N PRO E 41 -33.26 -20.67 49.70
CA PRO E 41 -33.87 -21.87 50.29
C PRO E 41 -35.11 -22.34 49.52
N GLU E 42 -36.01 -21.41 49.21
CA GLU E 42 -37.28 -21.77 48.58
C GLU E 42 -37.14 -21.97 47.09
N GLN E 43 -36.45 -21.04 46.43
CA GLN E 43 -36.32 -21.07 44.97
C GLN E 43 -35.26 -22.07 44.54
N GLY E 44 -34.11 -22.05 45.21
CA GLY E 44 -33.04 -22.99 44.92
C GLY E 44 -31.88 -22.36 44.17
N LEU E 45 -31.06 -23.20 43.55
CA LEU E 45 -29.89 -22.74 42.83
C LEU E 45 -30.28 -22.08 41.50
N GLU E 46 -29.52 -21.05 41.13
CA GLU E 46 -29.79 -20.31 39.90
C GLU E 46 -28.49 -19.76 39.32
N TRP E 47 -28.27 -20.02 38.04
CA TRP E 47 -27.08 -19.54 37.35
C TRP E 47 -27.26 -18.09 36.91
N ILE E 48 -26.34 -17.23 37.33
CA ILE E 48 -26.41 -15.81 37.00
C ILE E 48 -25.75 -15.52 35.67
N GLY E 49 -24.43 -15.71 35.61
CA GLY E 49 -23.68 -15.44 34.40
C GLY E 49 -22.31 -16.08 34.41
N ARG E 50 -21.45 -15.62 33.50
CA ARG E 50 -20.12 -16.19 33.35
C ARG E 50 -19.17 -15.11 32.81
N ILE E 51 -17.88 -15.32 33.02
CA ILE E 51 -16.87 -14.40 32.50
C ILE E 51 -15.58 -15.11 32.15
N ASP E 52 -14.85 -14.57 31.19
CA ASP E 52 -13.53 -15.08 30.83
C ASP E 52 -12.49 -14.03 31.22
N PRO E 53 -11.86 -14.21 32.40
CA PRO E 53 -10.92 -13.23 32.96
C PRO E 53 -9.76 -12.89 32.02
N ALA E 54 -9.54 -13.70 30.99
CA ALA E 54 -8.46 -13.46 30.05
C ALA E 54 -8.76 -12.25 29.15
N ASN E 55 -9.98 -12.21 28.63
CA ASN E 55 -10.39 -11.14 27.72
C ASN E 55 -11.44 -10.23 28.34
N GLY E 56 -12.44 -10.83 28.99
CA GLY E 56 -13.47 -10.06 29.66
C GLY E 56 -14.85 -10.27 29.06
N TYR E 57 -14.96 -11.18 28.10
CA TYR E 57 -16.25 -11.48 27.49
C TYR E 57 -17.12 -12.26 28.46
N THR E 58 -18.36 -11.81 28.62
CA THR E 58 -19.27 -12.38 29.60
C THR E 58 -20.56 -12.90 28.99
N LYS E 59 -21.27 -13.72 29.75
CA LYS E 59 -22.58 -14.23 29.36
C LYS E 59 -23.50 -14.16 30.58
N TYR E 60 -24.76 -13.78 30.37
CA TYR E 60 -25.70 -13.65 31.47
C TYR E 60 -26.99 -14.41 31.21
N ASP E 61 -27.71 -14.72 32.28
CA ASP E 61 -29.03 -15.32 32.18
C ASP E 61 -30.04 -14.19 31.95
N PRO E 62 -30.79 -14.26 30.84
CA PRO E 62 -31.72 -13.18 30.46
C PRO E 62 -32.47 -12.57 31.63
N LYS E 63 -32.66 -13.33 32.71
CA LYS E 63 -33.37 -12.86 33.88
C LYS E 63 -32.57 -11.80 34.64
N PHE E 64 -31.29 -12.06 34.86
CA PHE E 64 -30.44 -11.19 35.68
C PHE E 64 -29.86 -10.01 34.89
N GLN E 65 -30.39 -9.76 33.71
CA GLN E 65 -29.89 -8.66 32.89
C GLN E 65 -30.22 -7.32 33.53
N GLY E 66 -29.22 -6.45 33.60
CA GLY E 66 -29.40 -5.13 34.19
C GLY E 66 -28.93 -5.07 35.62
N LYS E 67 -29.28 -6.10 36.39
CA LYS E 67 -28.92 -6.15 37.81
C LYS E 67 -27.49 -6.65 38.02
N ALA E 68 -27.20 -7.83 37.46
CA ALA E 68 -25.89 -8.45 37.65
C ALA E 68 -24.86 -7.87 36.68
N THR E 69 -23.67 -7.60 37.21
CA THR E 69 -22.57 -7.08 36.40
C THR E 69 -21.26 -7.73 36.83
N ILE E 70 -20.85 -8.76 36.08
CA ILE E 70 -19.63 -9.49 36.38
C ILE E 70 -18.43 -8.83 35.72
N THR E 71 -17.35 -8.67 36.48
CA THR E 71 -16.12 -8.11 35.96
C THR E 71 -14.93 -8.88 36.53
N ALA E 72 -13.74 -8.59 36.02
CA ALA E 72 -12.54 -9.27 36.46
C ALA E 72 -11.36 -8.31 36.60
N ASP E 73 -10.25 -8.80 37.14
CA ASP E 73 -9.05 -7.99 37.33
C ASP E 73 -7.85 -8.91 37.54
N THR E 74 -7.10 -9.15 36.47
CA THR E 74 -5.94 -10.03 36.54
C THR E 74 -4.87 -9.49 37.47
N SER E 75 -4.78 -8.16 37.57
CA SER E 75 -3.78 -7.52 38.41
C SER E 75 -3.87 -8.03 39.84
N SER E 76 -5.03 -7.83 40.46
CA SER E 76 -5.27 -8.29 41.82
C SER E 76 -5.71 -9.75 41.83
N ASN E 77 -5.94 -10.30 40.64
CA ASN E 77 -6.32 -11.70 40.50
C ASN E 77 -7.65 -11.98 41.19
N THR E 78 -8.69 -11.30 40.74
CA THR E 78 -10.00 -11.38 41.37
C THR E 78 -11.13 -11.23 40.36
N ALA E 79 -12.24 -11.91 40.63
CA ALA E 79 -13.45 -11.78 39.82
C ALA E 79 -14.56 -11.20 40.68
N TYR E 80 -15.19 -10.13 40.20
CA TYR E 80 -16.20 -9.42 40.99
C TYR E 80 -17.61 -9.63 40.43
N LEU E 81 -18.60 -9.38 41.28
CA LEU E 81 -20.01 -9.44 40.89
C LEU E 81 -20.77 -8.28 41.52
N GLN E 82 -21.05 -7.25 40.72
CA GLN E 82 -21.77 -6.08 41.23
C GLN E 82 -23.26 -6.21 40.98
N LEU E 83 -24.04 -6.00 42.04
CA LEU E 83 -25.50 -6.03 41.95
C LEU E 83 -26.08 -4.65 42.23
N SER E 84 -26.89 -4.16 41.29
CA SER E 84 -27.50 -2.84 41.43
C SER E 84 -28.98 -2.95 41.75
N SER E 85 -29.54 -1.92 42.37
CA SER E 85 -30.95 -1.90 42.74
C SER E 85 -31.32 -3.16 43.51
N LEU E 86 -30.83 -3.24 44.75
CA LEU E 86 -31.03 -4.44 45.57
C LEU E 86 -32.44 -4.47 46.16
N THR E 87 -32.93 -5.69 46.40
CA THR E 87 -34.24 -5.88 47.00
C THR E 87 -34.21 -7.11 47.91
N SER E 88 -35.30 -7.32 48.65
CA SER E 88 -35.41 -8.51 49.49
C SER E 88 -35.41 -9.77 48.63
N GLU E 89 -35.74 -9.59 47.35
CA GLU E 89 -35.73 -10.70 46.40
C GLU E 89 -34.30 -11.13 46.09
N ASP E 90 -33.37 -10.19 46.23
CA ASP E 90 -31.95 -10.46 45.96
C ASP E 90 -31.26 -11.05 47.18
N THR E 91 -31.96 -11.09 48.31
CA THR E 91 -31.43 -11.72 49.51
C THR E 91 -31.17 -13.19 49.24
N ALA E 92 -29.90 -13.57 49.18
CA ALA E 92 -29.53 -14.94 48.85
C ALA E 92 -28.05 -15.18 49.10
N VAL E 93 -27.62 -16.42 48.87
CA VAL E 93 -26.21 -16.79 49.00
C VAL E 93 -25.60 -16.95 47.61
N TYR E 94 -24.54 -16.21 47.34
CA TYR E 94 -23.90 -16.22 46.03
C TYR E 94 -22.55 -16.93 46.06
N TYR E 95 -22.28 -17.71 45.02
CA TYR E 95 -21.04 -18.46 44.91
C TYR E 95 -20.34 -18.17 43.59
N CYS E 96 -19.01 -18.18 43.61
CA CYS E 96 -18.23 -18.14 42.39
C CYS E 96 -17.74 -19.56 42.09
N VAL E 97 -17.78 -19.96 40.82
CA VAL E 97 -17.47 -21.33 40.45
C VAL E 97 -16.58 -21.41 39.21
N ARG E 98 -15.77 -22.45 39.15
CA ARG E 98 -14.97 -22.74 37.96
C ARG E 98 -14.85 -24.24 37.76
N PRO E 99 -14.68 -24.67 36.50
CA PRO E 99 -14.54 -26.10 36.19
C PRO E 99 -13.19 -26.67 36.63
N LEU E 100 -13.08 -28.00 36.62
CA LEU E 100 -11.82 -28.65 36.92
C LEU E 100 -11.04 -28.92 35.65
N TYR E 101 -11.60 -29.79 34.81
CA TYR E 101 -10.97 -30.13 33.54
C TYR E 101 -11.88 -29.71 32.38
N ASP E 102 -13.12 -30.20 32.41
CA ASP E 102 -14.08 -29.89 31.37
C ASP E 102 -14.31 -28.39 31.30
N TYR E 103 -14.06 -27.82 30.12
CA TYR E 103 -14.20 -26.38 29.90
C TYR E 103 -15.53 -25.83 30.43
N TYR E 104 -16.60 -26.61 30.32
CA TYR E 104 -17.94 -26.11 30.58
C TYR E 104 -18.59 -26.67 31.83
N ALA E 105 -17.77 -27.19 32.76
CA ALA E 105 -18.32 -27.84 33.95
C ALA E 105 -18.36 -26.92 35.16
N MET E 106 -18.97 -27.41 36.24
CA MET E 106 -19.07 -26.67 37.49
C MET E 106 -18.63 -27.59 38.62
N ASP E 107 -17.37 -27.44 39.06
CA ASP E 107 -16.79 -28.39 40.00
C ASP E 107 -16.18 -27.73 41.24
N TYR E 108 -15.44 -26.64 41.05
CA TYR E 108 -14.81 -25.93 42.16
C TYR E 108 -15.61 -24.70 42.56
N TRP E 109 -16.07 -24.69 43.80
CA TRP E 109 -16.91 -23.61 44.32
C TRP E 109 -16.23 -22.86 45.46
N GLY E 110 -16.69 -21.64 45.72
CA GLY E 110 -16.18 -20.85 46.83
C GLY E 110 -17.02 -21.07 48.08
N GLN E 111 -16.56 -20.53 49.21
CA GLN E 111 -17.28 -20.71 50.46
C GLN E 111 -18.65 -20.04 50.42
N GLY E 112 -18.78 -19.04 49.56
CA GLY E 112 -20.05 -18.35 49.39
C GLY E 112 -20.17 -17.12 50.27
N THR E 113 -20.88 -16.11 49.77
CA THR E 113 -21.12 -14.89 50.53
C THR E 113 -22.62 -14.69 50.72
N SER E 114 -23.04 -14.54 51.98
CA SER E 114 -24.44 -14.31 52.29
C SER E 114 -24.77 -12.83 52.17
N VAL E 115 -25.78 -12.51 51.38
CA VAL E 115 -26.20 -11.13 51.17
C VAL E 115 -27.59 -10.90 51.73
N THR E 116 -27.68 -9.97 52.68
CA THR E 116 -28.94 -9.65 53.34
C THR E 116 -29.39 -8.24 52.99
N VAL E 117 -30.65 -8.10 52.57
CA VAL E 117 -31.20 -6.80 52.22
C VAL E 117 -32.43 -6.48 53.06
N SER E 118 -32.36 -5.37 53.80
CA SER E 118 -33.47 -4.94 54.65
C SER E 118 -33.31 -3.47 55.02
N SER E 119 -34.41 -2.86 55.45
CA SER E 119 -34.41 -1.45 55.81
C SER E 119 -34.20 -1.26 57.31
N ALA E 120 -34.36 -2.34 58.07
CA ALA E 120 -34.27 -2.28 59.52
C ALA E 120 -32.94 -1.71 60.01
N LYS E 121 -32.95 -1.16 61.22
CA LYS E 121 -31.74 -0.64 61.84
C LYS E 121 -31.12 -1.72 62.70
N THR E 122 -29.97 -1.43 63.31
CA THR E 122 -29.33 -2.37 64.22
C THR E 122 -30.11 -2.41 65.53
N THR E 123 -30.87 -3.48 65.74
CA THR E 123 -31.75 -3.59 66.90
C THR E 123 -31.31 -4.71 67.84
N ALA E 124 -31.47 -4.49 69.13
CA ALA E 124 -31.17 -5.49 70.13
C ALA E 124 -32.41 -6.33 70.45
N PRO E 125 -32.21 -7.64 70.66
CA PRO E 125 -33.33 -8.57 70.86
C PRO E 125 -34.00 -8.45 72.23
N SER E 126 -35.32 -8.59 72.25
CA SER E 126 -36.07 -8.63 73.49
C SER E 126 -36.24 -10.08 73.93
N VAL E 127 -35.52 -10.47 74.97
CA VAL E 127 -35.54 -11.85 75.45
C VAL E 127 -36.70 -12.06 76.42
N TYR E 128 -37.53 -13.05 76.13
CA TYR E 128 -38.67 -13.37 76.98
C TYR E 128 -38.60 -14.81 77.47
N PRO E 129 -38.70 -15.01 78.80
CA PRO E 129 -38.68 -16.37 79.36
C PRO E 129 -40.01 -17.08 79.18
N LEU E 130 -39.97 -18.38 78.88
CA LEU E 130 -41.17 -19.16 78.66
C LEU E 130 -41.29 -20.31 79.65
N ALA E 131 -42.00 -20.06 80.75
CA ALA E 131 -42.24 -21.09 81.75
C ALA E 131 -43.53 -21.84 81.43
N PRO E 132 -43.63 -23.10 81.89
CA PRO E 132 -44.82 -23.92 81.63
C PRO E 132 -46.10 -23.29 82.18
N VAL E 133 -47.25 -23.89 81.84
CA VAL E 133 -48.54 -23.32 82.19
C VAL E 133 -48.82 -23.39 83.68
N CYS E 134 -49.10 -24.59 84.19
CA CYS E 134 -49.45 -24.79 85.59
C CYS E 134 -49.32 -26.26 85.95
N THR E 138 -45.79 -33.67 87.55
CA THR E 138 -46.42 -33.66 86.23
C THR E 138 -45.43 -34.11 85.16
N GLY E 139 -45.10 -35.39 85.17
CA GLY E 139 -44.19 -35.96 84.18
C GLY E 139 -42.80 -36.19 84.74
N SER E 140 -41.98 -36.91 83.98
CA SER E 140 -40.62 -37.20 84.39
C SER E 140 -39.67 -36.06 84.03
N SER E 141 -40.09 -35.23 83.07
CA SER E 141 -39.29 -34.09 82.64
C SER E 141 -40.16 -32.84 82.45
N VAL E 142 -39.52 -31.74 82.11
CA VAL E 142 -40.21 -30.49 81.86
C VAL E 142 -39.54 -29.75 80.70
N THR E 143 -40.30 -28.94 79.97
CA THR E 143 -39.76 -28.19 78.85
C THR E 143 -39.91 -26.69 79.08
N LEU E 144 -38.80 -25.97 79.02
CA LEU E 144 -38.80 -24.52 79.13
C LEU E 144 -38.59 -23.90 77.76
N GLY E 145 -38.57 -22.57 77.70
CA GLY E 145 -38.37 -21.88 76.43
C GLY E 145 -37.80 -20.49 76.60
N CYS E 146 -37.27 -19.94 75.50
CA CYS E 146 -36.72 -18.60 75.50
C CYS E 146 -36.99 -17.93 74.17
N LEU E 147 -37.95 -17.00 74.16
CA LEU E 147 -38.35 -16.33 72.93
C LEU E 147 -37.54 -15.06 72.67
N VAL E 148 -36.64 -15.14 71.70
CA VAL E 148 -35.85 -13.98 71.28
C VAL E 148 -36.56 -13.31 70.12
N LYS E 149 -37.23 -12.20 70.40
CA LYS E 149 -38.07 -11.54 69.41
C LYS E 149 -37.59 -10.13 69.09
N GLY E 150 -37.77 -9.72 67.83
CA GLY E 150 -37.46 -8.38 67.40
C GLY E 150 -35.99 -8.02 67.52
N TYR E 151 -35.22 -8.34 66.48
CA TYR E 151 -33.80 -7.98 66.45
C TYR E 151 -33.28 -8.03 65.02
N PHE E 152 -32.17 -7.35 64.77
CA PHE E 152 -31.59 -7.30 63.44
C PHE E 152 -30.21 -6.64 63.49
N PRO E 153 -29.26 -7.16 62.69
CA PRO E 153 -29.39 -8.32 61.82
C PRO E 153 -28.90 -9.60 62.48
N GLU E 154 -28.79 -10.68 61.70
CA GLU E 154 -28.20 -11.92 62.18
C GLU E 154 -26.71 -11.72 62.39
N PRO E 155 -26.06 -12.64 63.13
CA PRO E 155 -26.68 -13.76 63.83
C PRO E 155 -26.82 -13.50 65.33
N VAL E 156 -27.25 -14.51 66.06
CA VAL E 156 -27.32 -14.44 67.52
C VAL E 156 -26.85 -15.77 68.11
N THR E 157 -26.18 -15.71 69.24
CA THR E 157 -25.68 -16.92 69.90
C THR E 157 -26.39 -17.15 71.23
N LEU E 158 -27.27 -18.15 71.24
CA LEU E 158 -28.04 -18.46 72.44
C LEU E 158 -27.46 -19.68 73.15
N THR E 159 -27.35 -19.60 74.48
CA THR E 159 -26.86 -20.71 75.28
C THR E 159 -27.63 -20.78 76.60
N TRP E 160 -27.64 -21.97 77.20
CA TRP E 160 -28.31 -22.17 78.48
C TRP E 160 -27.29 -22.37 79.60
N ASN E 161 -27.39 -21.54 80.64
CA ASN E 161 -26.44 -21.60 81.75
C ASN E 161 -25.01 -21.44 81.26
N SER E 162 -24.82 -20.57 80.29
CA SER E 162 -23.50 -20.28 79.74
C SER E 162 -22.91 -21.48 78.98
N GLY E 163 -23.77 -22.40 78.57
CA GLY E 163 -23.36 -23.54 77.77
C GLY E 163 -23.29 -24.85 78.53
N SER E 164 -23.37 -24.79 79.85
CA SER E 164 -23.26 -26.00 80.68
C SER E 164 -24.36 -27.00 80.35
N LEU E 165 -25.49 -26.49 79.84
CA LEU E 165 -26.58 -27.36 79.39
C LEU E 165 -26.40 -27.69 77.90
N SER E 166 -25.52 -28.64 77.63
CA SER E 166 -25.16 -28.99 76.26
C SER E 166 -26.19 -29.93 75.62
N SER E 167 -27.05 -30.51 76.44
CA SER E 167 -28.01 -31.50 75.96
C SER E 167 -29.45 -31.09 76.25
N GLY E 168 -30.38 -31.61 75.45
CA GLY E 168 -31.80 -31.36 75.64
C GLY E 168 -32.24 -30.03 75.06
N VAL E 169 -31.37 -29.41 74.28
CA VAL E 169 -31.66 -28.09 73.72
C VAL E 169 -32.07 -28.18 72.25
N HIS E 170 -33.02 -27.35 71.85
CA HIS E 170 -33.45 -27.28 70.46
C HIS E 170 -33.63 -25.82 70.03
N THR E 171 -32.53 -25.18 69.64
CA THR E 171 -32.56 -23.81 69.15
C THR E 171 -32.99 -23.79 67.69
N PHE E 172 -34.15 -23.17 67.43
CA PHE E 172 -34.71 -23.14 66.09
C PHE E 172 -34.11 -22.00 65.27
N PRO E 173 -34.07 -22.18 63.94
CA PRO E 173 -33.59 -21.12 63.03
C PRO E 173 -34.38 -19.83 63.17
N ALA E 174 -33.78 -18.71 62.79
CA ALA E 174 -34.44 -17.41 62.87
C ALA E 174 -35.32 -17.19 61.64
N VAL E 175 -36.49 -16.58 61.86
CA VAL E 175 -37.41 -16.30 60.77
C VAL E 175 -37.60 -14.79 60.63
N LEU E 176 -37.30 -14.26 59.45
CA LEU E 176 -37.41 -12.84 59.20
C LEU E 176 -38.87 -12.41 59.06
N GLN E 177 -39.41 -11.83 60.12
CA GLN E 177 -40.78 -11.33 60.10
C GLN E 177 -40.79 -9.82 59.94
N SER E 178 -41.22 -9.37 58.75
CA SER E 178 -41.33 -7.94 58.46
C SER E 178 -40.19 -7.12 59.05
N ASP E 179 -39.01 -7.23 58.44
CA ASP E 179 -37.87 -6.38 58.79
C ASP E 179 -37.28 -6.67 60.17
N LEU E 180 -37.65 -7.79 60.76
CA LEU E 180 -37.11 -8.17 62.06
C LEU E 180 -37.13 -9.68 62.27
N TYR E 181 -36.07 -10.21 62.87
CA TYR E 181 -35.93 -11.64 63.08
C TYR E 181 -36.59 -12.09 64.38
N THR E 182 -37.17 -13.28 64.36
CA THR E 182 -37.76 -13.88 65.56
C THR E 182 -37.22 -15.29 65.73
N LEU E 183 -36.53 -15.51 66.85
CA LEU E 183 -35.92 -16.80 67.14
C LEU E 183 -36.46 -17.37 68.45
N SER E 184 -36.45 -18.68 68.57
CA SER E 184 -36.92 -19.36 69.78
C SER E 184 -36.07 -20.58 70.09
N SER E 185 -36.03 -20.97 71.35
CA SER E 185 -35.28 -22.13 71.79
C SER E 185 -35.97 -22.80 72.97
N SER E 186 -35.83 -24.13 73.07
CA SER E 186 -36.44 -24.88 74.15
C SER E 186 -35.45 -25.87 74.75
N VAL E 187 -35.44 -25.95 76.08
CA VAL E 187 -34.56 -26.88 76.78
C VAL E 187 -35.40 -27.81 77.66
N THR E 188 -35.01 -29.09 77.68
CA THR E 188 -35.73 -30.09 78.46
C THR E 188 -34.83 -30.70 79.53
N VAL E 189 -35.39 -30.89 80.72
CA VAL E 189 -34.65 -31.48 81.83
C VAL E 189 -35.59 -32.30 82.70
N THR E 190 -35.02 -33.08 83.62
CA THR E 190 -35.81 -33.90 84.53
C THR E 190 -36.60 -32.99 85.48
N SER E 191 -37.75 -33.48 85.92
CA SER E 191 -38.64 -32.70 86.79
C SER E 191 -37.99 -32.36 88.12
N SER E 192 -36.98 -33.14 88.50
CA SER E 192 -36.30 -32.94 89.78
C SER E 192 -35.20 -31.89 89.69
N THR E 193 -34.96 -31.38 88.48
CA THR E 193 -33.92 -30.38 88.27
C THR E 193 -34.48 -28.97 88.39
N TRP E 194 -35.58 -28.71 87.69
CA TRP E 194 -36.23 -27.41 87.69
C TRP E 194 -37.59 -27.51 88.37
N PRO E 195 -37.99 -26.48 89.13
CA PRO E 195 -37.23 -25.25 89.39
C PRO E 195 -36.22 -25.36 90.52
N SER E 196 -36.04 -26.56 91.06
CA SER E 196 -35.13 -26.78 92.19
C SER E 196 -33.72 -26.29 91.88
N GLN E 197 -33.40 -26.14 90.60
CA GLN E 197 -32.10 -25.63 90.17
C GLN E 197 -32.26 -24.52 89.14
N SER E 198 -31.33 -23.57 89.16
CA SER E 198 -31.42 -22.38 88.30
C SER E 198 -31.12 -22.70 86.84
N ILE E 199 -31.95 -22.17 85.95
CA ILE E 199 -31.74 -22.30 84.52
C ILE E 199 -31.91 -20.94 83.86
N THR E 200 -30.86 -20.46 83.21
CA THR E 200 -30.86 -19.13 82.61
C THR E 200 -30.69 -19.20 81.09
N CYS E 201 -31.34 -18.26 80.40
CA CYS E 201 -31.26 -18.19 78.94
C CYS E 201 -30.37 -17.02 78.53
N ASN E 202 -29.14 -17.34 78.11
CA ASN E 202 -28.19 -16.32 77.69
C ASN E 202 -28.27 -16.05 76.20
N VAL E 203 -28.38 -14.78 75.83
CA VAL E 203 -28.45 -14.38 74.43
C VAL E 203 -27.47 -13.25 74.16
N ALA E 204 -26.74 -13.35 73.06
CA ALA E 204 -25.77 -12.33 72.68
C ALA E 204 -25.97 -11.90 71.23
N HIS E 205 -26.02 -10.58 71.03
CA HIS E 205 -26.21 -10.02 69.69
C HIS E 205 -25.04 -9.10 69.34
N PRO E 206 -24.02 -9.67 68.68
CA PRO E 206 -22.78 -8.96 68.33
C PRO E 206 -23.02 -7.62 67.63
N ALA E 207 -23.94 -7.60 66.67
CA ALA E 207 -24.21 -6.40 65.89
C ALA E 207 -24.58 -5.21 66.78
N SER E 208 -25.27 -5.50 67.88
CA SER E 208 -25.70 -4.44 68.80
C SER E 208 -24.84 -4.42 70.07
N SER E 209 -23.96 -5.41 70.21
CA SER E 209 -23.09 -5.49 71.38
C SER E 209 -23.91 -5.53 72.67
N THR E 210 -24.72 -6.58 72.82
CA THR E 210 -25.56 -6.74 73.99
C THR E 210 -25.53 -8.18 74.48
N LYS E 211 -25.71 -8.36 75.79
CA LYS E 211 -25.74 -9.70 76.38
C LYS E 211 -26.78 -9.75 77.49
N VAL E 212 -27.91 -10.39 77.20
CA VAL E 212 -29.04 -10.44 78.12
C VAL E 212 -29.19 -11.80 78.78
N ASP E 213 -29.61 -11.80 80.04
CA ASP E 213 -29.87 -13.04 80.77
C ASP E 213 -31.29 -13.01 81.33
N LYS E 214 -32.04 -14.09 81.08
CA LYS E 214 -33.41 -14.20 81.59
C LYS E 214 -33.64 -15.54 82.27
N LYS E 215 -33.39 -15.57 83.59
CA LYS E 215 -33.61 -16.78 84.37
C LYS E 215 -35.07 -17.17 84.33
N ILE E 216 -35.35 -18.41 83.93
CA ILE E 216 -36.71 -18.89 83.79
C ILE E 216 -37.37 -19.05 85.16
N GLU E 217 -38.46 -18.32 85.38
CA GLU E 217 -39.16 -18.34 86.66
C GLU E 217 -40.55 -18.97 86.50
N PRO E 218 -40.98 -19.75 87.50
CA PRO E 218 -42.33 -20.33 87.48
C PRO E 218 -43.41 -19.24 87.47
N ARG E 219 -44.57 -19.56 86.95
CA ARG E 219 -45.67 -18.60 86.86
C ARG E 219 -46.50 -18.62 88.14
N ASP F 1 -35.05 -22.45 27.61
CA ASP F 1 -34.37 -22.98 28.83
C ASP F 1 -34.76 -24.44 29.06
N ILE F 2 -33.84 -25.18 29.67
CA ILE F 2 -34.05 -26.60 29.94
C ILE F 2 -34.53 -26.81 31.38
N LEU F 3 -35.45 -27.77 31.55
CA LEU F 3 -35.98 -28.08 32.86
C LEU F 3 -35.40 -29.39 33.38
N MET F 4 -34.74 -29.32 34.53
CA MET F 4 -34.10 -30.50 35.12
C MET F 4 -34.93 -31.05 36.27
N THR F 5 -35.78 -32.03 35.96
CA THR F 5 -36.62 -32.66 36.96
C THR F 5 -35.84 -33.73 37.73
N GLN F 6 -35.36 -33.36 38.91
CA GLN F 6 -34.57 -34.27 39.74
C GLN F 6 -35.47 -35.00 40.75
N SER F 7 -35.52 -36.31 40.63
CA SER F 7 -36.37 -37.12 41.51
C SER F 7 -35.52 -38.10 42.32
N PRO F 8 -35.95 -38.39 43.55
CA PRO F 8 -37.12 -37.78 44.21
C PRO F 8 -36.78 -36.45 44.86
N SER F 9 -37.74 -35.87 45.57
CA SER F 9 -37.51 -34.64 46.30
C SER F 9 -36.73 -34.92 47.59
N SER F 10 -36.96 -36.10 48.16
CA SER F 10 -36.27 -36.52 49.38
C SER F 10 -36.45 -38.01 49.58
N MET F 11 -35.50 -38.64 50.27
CA MET F 11 -35.57 -40.07 50.54
C MET F 11 -34.91 -40.39 51.88
N SER F 12 -35.64 -41.11 52.73
CA SER F 12 -35.12 -41.53 54.02
C SER F 12 -34.58 -42.95 53.91
N VAL F 13 -33.25 -43.09 54.05
CA VAL F 13 -32.60 -44.39 53.90
C VAL F 13 -31.68 -44.66 55.09
N SER F 14 -31.02 -45.82 55.06
CA SER F 14 -30.14 -46.23 56.15
C SER F 14 -28.68 -46.13 55.74
N LEU F 15 -27.79 -46.30 56.72
CA LEU F 15 -26.35 -46.24 56.47
C LEU F 15 -25.86 -47.58 55.94
N GLY F 16 -25.13 -47.53 54.82
CA GLY F 16 -24.62 -48.74 54.19
C GLY F 16 -25.53 -49.24 53.08
N ASP F 17 -26.49 -48.41 52.69
CA ASP F 17 -27.43 -48.76 51.63
C ASP F 17 -26.94 -48.25 50.29
N THR F 18 -27.47 -48.82 49.21
CA THR F 18 -27.16 -48.37 47.87
C THR F 18 -28.36 -47.66 47.26
N VAL F 19 -28.22 -46.35 47.07
CA VAL F 19 -29.32 -45.53 46.57
C VAL F 19 -28.99 -44.95 45.20
N SER F 20 -30.03 -44.59 44.45
CA SER F 20 -29.85 -44.02 43.12
C SER F 20 -30.76 -42.82 42.91
N ILE F 21 -30.18 -41.63 42.83
CA ILE F 21 -30.92 -40.42 42.50
C ILE F 21 -31.02 -40.29 40.99
N THR F 22 -32.17 -39.85 40.50
CA THR F 22 -32.40 -39.71 39.07
C THR F 22 -32.54 -38.25 38.67
N CYS F 23 -32.52 -38.00 37.37
CA CYS F 23 -32.67 -36.65 36.84
C CYS F 23 -33.24 -36.72 35.42
N HIS F 24 -34.23 -35.88 35.13
CA HIS F 24 -34.89 -35.90 33.84
C HIS F 24 -34.88 -34.52 33.19
N ALA F 25 -34.35 -34.45 31.97
CA ALA F 25 -34.30 -33.21 31.22
C ALA F 25 -35.43 -33.16 30.19
N SER F 26 -36.00 -31.98 29.98
CA SER F 26 -37.07 -31.82 29.00
C SER F 26 -36.61 -32.23 27.60
N GLN F 27 -35.29 -32.21 27.40
CA GLN F 27 -34.70 -32.60 26.13
C GLN F 27 -33.34 -33.26 26.36
N GLY F 28 -32.86 -33.98 25.36
CA GLY F 28 -31.58 -34.66 25.46
C GLY F 28 -30.43 -33.69 25.68
N ILE F 29 -29.43 -34.10 26.46
CA ILE F 29 -28.29 -33.25 26.75
C ILE F 29 -26.95 -33.98 26.55
N SER F 30 -27.01 -35.19 26.00
CA SER F 30 -25.81 -35.95 25.66
C SER F 30 -24.72 -35.89 26.73
N SER F 31 -25.02 -36.49 27.89
CA SER F 31 -24.05 -36.64 28.97
C SER F 31 -23.42 -35.32 29.46
N ASN F 32 -23.95 -34.19 29.01
CA ASN F 32 -23.44 -32.89 29.47
C ASN F 32 -24.09 -32.49 30.79
N ILE F 33 -23.84 -33.29 31.83
CA ILE F 33 -24.45 -33.07 33.13
C ILE F 33 -23.43 -33.27 34.23
N GLY F 34 -23.60 -32.55 35.34
CA GLY F 34 -22.73 -32.68 36.49
C GLY F 34 -23.54 -32.89 37.75
N TRP F 35 -22.90 -33.47 38.77
CA TRP F 35 -23.57 -33.71 40.04
C TRP F 35 -22.82 -33.03 41.18
N LEU F 36 -23.58 -32.44 42.10
CA LEU F 36 -23.01 -31.65 43.18
C LEU F 36 -23.47 -32.15 44.55
N GLN F 37 -22.71 -31.79 45.58
CA GLN F 37 -23.05 -32.14 46.95
C GLN F 37 -22.91 -30.93 47.84
N GLN F 38 -23.78 -30.81 48.84
CA GLN F 38 -23.71 -29.71 49.79
C GLN F 38 -23.93 -30.21 51.21
N LYS F 39 -22.84 -30.55 51.90
CA LYS F 39 -22.92 -30.99 53.28
C LYS F 39 -23.56 -29.90 54.14
N PRO F 40 -24.32 -30.31 55.17
CA PRO F 40 -25.04 -29.39 56.05
C PRO F 40 -24.17 -28.25 56.59
N GLY F 41 -24.46 -27.03 56.15
CA GLY F 41 -23.77 -25.85 56.65
C GLY F 41 -22.54 -25.49 55.83
N LYS F 42 -22.08 -26.42 55.01
CA LYS F 42 -20.88 -26.20 54.21
C LYS F 42 -21.24 -25.79 52.78
N SER F 43 -20.22 -25.58 51.95
CA SER F 43 -20.43 -25.14 50.58
C SER F 43 -20.59 -26.34 49.63
N PHE F 44 -20.38 -26.11 48.35
CA PHE F 44 -20.59 -27.14 47.33
C PHE F 44 -19.30 -27.86 46.93
N MET F 45 -19.46 -29.13 46.57
CA MET F 45 -18.36 -29.95 46.11
C MET F 45 -18.77 -30.66 44.83
N GLY F 46 -17.87 -30.71 43.86
CA GLY F 46 -18.15 -31.41 42.61
C GLY F 46 -18.03 -32.91 42.79
N LEU F 47 -19.01 -33.65 42.28
CA LEU F 47 -18.99 -35.10 42.33
C LEU F 47 -18.70 -35.69 40.95
N ILE F 48 -19.51 -35.28 39.98
CA ILE F 48 -19.41 -35.81 38.62
C ILE F 48 -19.38 -34.67 37.61
N TYR F 49 -18.75 -34.93 36.47
CA TYR F 49 -18.82 -34.02 35.33
C TYR F 49 -18.93 -34.84 34.04
N TYR F 50 -19.58 -34.27 33.04
CA TYR F 50 -19.82 -34.95 31.77
C TYR F 50 -20.46 -36.32 32.00
N GLY F 51 -21.32 -36.42 33.00
CA GLY F 51 -22.17 -37.58 33.17
C GLY F 51 -21.63 -38.68 34.08
N THR F 52 -20.41 -39.14 33.81
CA THR F 52 -19.91 -40.34 34.49
C THR F 52 -18.47 -40.21 35.00
N ASN F 53 -17.93 -38.99 34.99
CA ASN F 53 -16.54 -38.79 35.40
C ASN F 53 -16.42 -38.19 36.80
N LEU F 54 -15.88 -38.96 37.73
CA LEU F 54 -15.65 -38.49 39.10
C LEU F 54 -14.68 -37.32 39.12
N VAL F 55 -14.95 -36.35 39.98
CA VAL F 55 -14.02 -35.24 40.19
C VAL F 55 -12.86 -35.75 41.05
N ASP F 56 -11.68 -35.17 40.84
CA ASP F 56 -10.50 -35.60 41.58
C ASP F 56 -10.74 -35.54 43.09
N GLY F 57 -10.62 -36.69 43.74
CA GLY F 57 -10.77 -36.77 45.19
C GLY F 57 -12.09 -37.39 45.63
N VAL F 58 -13.03 -37.52 44.71
CA VAL F 58 -14.34 -38.07 45.03
C VAL F 58 -14.28 -39.60 45.12
N PRO F 59 -14.70 -40.16 46.26
CA PRO F 59 -14.72 -41.61 46.47
C PRO F 59 -15.35 -42.37 45.31
N SER F 60 -14.83 -43.55 45.03
CA SER F 60 -15.29 -44.34 43.89
C SER F 60 -16.68 -44.94 44.10
N ARG F 61 -17.20 -44.82 45.32
CA ARG F 61 -18.53 -45.35 45.63
C ARG F 61 -19.62 -44.56 44.89
N PHE F 62 -19.32 -43.30 44.58
CA PHE F 62 -20.21 -42.51 43.74
C PHE F 62 -20.08 -42.97 42.30
N SER F 63 -21.17 -42.89 41.53
CA SER F 63 -21.15 -43.31 40.15
C SER F 63 -22.30 -42.72 39.34
N GLY F 64 -21.96 -42.00 38.28
CA GLY F 64 -22.95 -41.42 37.40
C GLY F 64 -23.24 -42.32 36.22
N SER F 65 -24.43 -42.18 35.65
CA SER F 65 -24.84 -43.02 34.52
C SER F 65 -26.07 -42.45 33.84
N GLY F 66 -26.38 -42.98 32.66
CA GLY F 66 -27.55 -42.55 31.91
C GLY F 66 -27.20 -42.04 30.52
N SER F 67 -28.21 -41.60 29.79
CA SER F 67 -28.02 -41.09 28.43
C SER F 67 -29.29 -40.43 27.91
N GLY F 68 -29.13 -39.49 26.99
CA GLY F 68 -30.26 -38.80 26.40
C GLY F 68 -30.82 -37.75 27.34
N ALA F 69 -32.01 -38.03 27.88
CA ALA F 69 -32.68 -37.10 28.79
C ALA F 69 -32.98 -37.76 30.13
N ASP F 70 -32.16 -38.74 30.51
CA ASP F 70 -32.33 -39.44 31.78
C ASP F 70 -30.97 -39.85 32.34
N TYR F 71 -30.72 -39.46 33.59
CA TYR F 71 -29.44 -39.74 34.23
C TYR F 71 -29.63 -40.08 35.71
N SER F 72 -28.77 -40.95 36.22
CA SER F 72 -28.91 -41.45 37.59
C SER F 72 -27.61 -41.42 38.36
N LEU F 73 -27.57 -40.63 39.43
CA LEU F 73 -26.46 -40.65 40.37
C LEU F 73 -26.65 -41.79 41.36
N THR F 74 -25.58 -42.53 41.62
CA THR F 74 -25.66 -43.69 42.50
C THR F 74 -24.55 -43.68 43.54
N ILE F 75 -24.91 -43.97 44.78
CA ILE F 75 -23.95 -44.06 45.86
C ILE F 75 -23.95 -45.47 46.45
N SER F 76 -22.79 -46.12 46.43
CA SER F 76 -22.67 -47.47 46.96
C SER F 76 -22.24 -47.43 48.42
N SER F 77 -23.04 -48.07 49.28
CA SER F 77 -22.77 -48.09 50.71
C SER F 77 -22.67 -46.65 51.25
N LEU F 78 -23.80 -46.12 51.70
CA LEU F 78 -23.85 -44.75 52.20
C LEU F 78 -23.01 -44.59 53.46
N ASP F 79 -22.49 -43.36 53.65
CA ASP F 79 -21.67 -43.03 54.81
C ASP F 79 -22.27 -41.83 55.52
N SER F 80 -21.89 -41.65 56.78
CA SER F 80 -22.37 -40.53 57.58
C SER F 80 -22.20 -39.20 56.85
N GLU F 81 -21.19 -39.14 55.98
CA GLU F 81 -20.90 -37.93 55.23
C GLU F 81 -21.91 -37.72 54.10
N ASP F 82 -22.33 -38.82 53.49
CA ASP F 82 -23.19 -38.77 52.30
C ASP F 82 -24.55 -38.12 52.58
N PHE F 83 -24.93 -38.03 53.85
CA PHE F 83 -26.20 -37.41 54.21
C PHE F 83 -26.14 -35.90 53.99
N ALA F 84 -26.34 -35.49 52.74
CA ALA F 84 -26.28 -34.09 52.38
C ALA F 84 -27.20 -33.81 51.19
N ASP F 85 -27.25 -32.55 50.75
CA ASP F 85 -28.06 -32.17 49.61
C ASP F 85 -27.31 -32.43 48.31
N TYR F 86 -28.00 -33.00 47.33
CA TYR F 86 -27.41 -33.28 46.03
C TYR F 86 -28.18 -32.60 44.92
N TYR F 87 -27.47 -32.00 43.97
CA TYR F 87 -28.10 -31.32 42.85
C TYR F 87 -27.49 -31.77 41.52
N CYS F 88 -28.31 -31.83 40.48
CA CYS F 88 -27.81 -32.13 39.15
C CYS F 88 -27.93 -30.90 38.26
N VAL F 89 -26.83 -30.52 37.62
CA VAL F 89 -26.81 -29.33 36.77
C VAL F 89 -26.50 -29.71 35.32
N GLN F 90 -27.14 -29.01 34.39
CA GLN F 90 -26.90 -29.24 32.97
C GLN F 90 -26.22 -28.02 32.37
N TYR F 91 -25.20 -28.25 31.55
CA TYR F 91 -24.51 -27.17 30.86
C TYR F 91 -24.42 -27.46 29.36
N ALA F 92 -25.41 -28.19 28.85
CA ALA F 92 -25.51 -28.43 27.42
C ALA F 92 -25.94 -27.16 26.71
N GLN F 93 -26.78 -26.37 27.38
CA GLN F 93 -27.25 -25.10 26.84
C GLN F 93 -27.13 -23.99 27.87
N LEU F 94 -27.08 -22.75 27.37
CA LEU F 94 -27.15 -21.57 28.23
C LEU F 94 -28.57 -21.01 28.16
N PRO F 95 -29.08 -20.53 29.30
CA PRO F 95 -28.38 -20.50 30.59
C PRO F 95 -28.32 -21.88 31.25
N TYR F 96 -27.26 -22.14 32.00
CA TYR F 96 -27.17 -23.37 32.79
C TYR F 96 -28.37 -23.46 33.71
N THR F 97 -28.86 -24.68 33.94
CA THR F 97 -29.99 -24.89 34.81
C THR F 97 -29.72 -26.03 35.80
N PHE F 98 -30.19 -25.86 37.03
CA PHE F 98 -29.98 -26.85 38.08
C PHE F 98 -31.24 -27.69 38.30
N GLY F 99 -31.12 -28.74 39.12
CA GLY F 99 -32.23 -29.60 39.42
C GLY F 99 -32.88 -29.26 40.75
N GLY F 100 -34.12 -29.72 40.94
CA GLY F 100 -34.85 -29.47 42.17
C GLY F 100 -34.08 -29.87 43.41
N GLY F 101 -33.14 -30.79 43.23
CA GLY F 101 -32.31 -31.25 44.33
C GLY F 101 -32.94 -32.40 45.10
N THR F 102 -32.10 -33.16 45.78
CA THR F 102 -32.58 -34.28 46.60
C THR F 102 -31.89 -34.26 47.96
N LYS F 103 -32.66 -34.42 49.02
CA LYS F 103 -32.13 -34.41 50.37
C LYS F 103 -32.14 -35.84 50.94
N LEU F 104 -30.97 -36.32 51.35
CA LEU F 104 -30.84 -37.65 51.93
C LEU F 104 -31.00 -37.60 53.45
N GLU F 105 -32.04 -38.25 53.95
CA GLU F 105 -32.32 -38.27 55.38
C GLU F 105 -32.11 -39.65 55.95
N ILE F 106 -31.92 -39.71 57.28
CA ILE F 106 -31.74 -40.98 57.97
C ILE F 106 -33.09 -41.62 58.27
N LYS F 107 -33.15 -42.94 58.15
CA LYS F 107 -34.39 -43.67 58.45
C LYS F 107 -34.39 -44.13 59.90
N ARG F 108 -35.56 -44.10 60.53
CA ARG F 108 -35.69 -44.50 61.92
C ARG F 108 -37.16 -44.66 62.29
N ALA F 109 -37.43 -45.52 63.27
CA ALA F 109 -38.79 -45.74 63.73
C ALA F 109 -39.50 -44.41 63.98
N ASP F 110 -40.78 -44.35 63.61
CA ASP F 110 -41.56 -43.13 63.77
C ASP F 110 -41.67 -42.74 65.24
N ALA F 111 -42.07 -41.51 65.50
CA ALA F 111 -42.18 -41.00 66.86
C ALA F 111 -43.17 -39.85 66.93
N ALA F 112 -44.03 -39.87 67.94
CA ALA F 112 -45.03 -38.81 68.13
C ALA F 112 -44.37 -37.59 68.78
N PRO F 113 -44.80 -36.39 68.35
CA PRO F 113 -44.22 -35.13 68.83
C PRO F 113 -44.67 -34.77 70.25
N THR F 114 -43.73 -34.22 71.04
CA THR F 114 -44.04 -33.78 72.39
C THR F 114 -44.52 -32.33 72.39
N VAL F 115 -45.83 -32.15 72.31
CA VAL F 115 -46.41 -30.81 72.20
C VAL F 115 -46.37 -30.08 73.54
N SER F 116 -45.93 -28.82 73.49
CA SER F 116 -45.84 -27.99 74.69
C SER F 116 -46.26 -26.56 74.36
N ILE F 117 -47.32 -26.09 75.01
CA ILE F 117 -47.84 -24.75 74.75
C ILE F 117 -47.43 -23.78 75.87
N PHE F 118 -47.18 -22.53 75.49
CA PHE F 118 -46.73 -21.52 76.44
C PHE F 118 -47.43 -20.18 76.19
N PRO F 119 -48.11 -19.65 77.21
CA PRO F 119 -48.73 -18.32 77.08
C PRO F 119 -47.69 -17.20 77.18
N PRO F 120 -48.07 -15.99 76.76
CA PRO F 120 -47.15 -14.82 76.79
C PRO F 120 -46.62 -14.56 78.19
N SER F 121 -45.35 -14.18 78.29
CA SER F 121 -44.73 -13.90 79.56
C SER F 121 -45.17 -12.56 80.12
N SER F 122 -44.83 -12.29 81.37
CA SER F 122 -45.20 -11.04 82.02
C SER F 122 -44.39 -9.88 81.43
N GLU F 123 -43.17 -10.17 80.98
CA GLU F 123 -42.30 -9.13 80.44
C GLU F 123 -42.83 -8.60 79.11
N GLN F 124 -43.46 -9.48 78.34
CA GLN F 124 -43.93 -9.11 77.01
C GLN F 124 -45.29 -8.42 77.07
N LEU F 125 -46.19 -8.93 77.90
CA LEU F 125 -47.53 -8.37 78.01
C LEU F 125 -47.51 -6.90 78.40
N THR F 126 -46.52 -6.51 79.21
CA THR F 126 -46.39 -5.12 79.64
C THR F 126 -45.93 -4.22 78.51
N SER F 127 -45.32 -4.80 77.48
CA SER F 127 -44.85 -4.02 76.33
C SER F 127 -45.87 -4.03 75.19
N GLY F 128 -47.10 -4.44 75.51
CA GLY F 128 -48.17 -4.41 74.53
C GLY F 128 -48.13 -5.58 73.56
N GLY F 129 -47.20 -6.50 73.76
CA GLY F 129 -47.06 -7.65 72.89
C GLY F 129 -47.60 -8.91 73.54
N ALA F 130 -47.86 -9.92 72.72
CA ALA F 130 -48.37 -11.20 73.24
C ALA F 130 -48.11 -12.32 72.23
N SER F 131 -47.18 -13.20 72.56
CA SER F 131 -46.85 -14.32 71.69
C SER F 131 -47.14 -15.66 72.36
N VAL F 132 -47.88 -16.51 71.67
CA VAL F 132 -48.21 -17.84 72.17
C VAL F 132 -47.37 -18.89 71.47
N VAL F 133 -46.31 -19.34 72.13
CA VAL F 133 -45.39 -20.30 71.56
C VAL F 133 -45.91 -21.72 71.75
N CYS F 134 -45.56 -22.61 70.82
CA CYS F 134 -45.98 -24.00 70.88
C CYS F 134 -44.90 -24.90 70.28
N PHE F 135 -44.15 -25.58 71.15
CA PHE F 135 -43.05 -26.44 70.71
C PHE F 135 -43.51 -27.88 70.46
N LEU F 136 -43.15 -28.41 69.30
CA LEU F 136 -43.38 -29.81 68.98
C LEU F 136 -42.04 -30.49 68.74
N ASN F 137 -41.52 -31.16 69.77
CA ASN F 137 -40.16 -31.68 69.72
C ASN F 137 -40.08 -33.19 69.48
N ASN F 138 -38.93 -33.61 68.94
CA ASN F 138 -38.63 -35.02 68.72
C ASN F 138 -39.77 -35.82 68.11
N PHE F 139 -39.90 -35.75 66.78
CA PHE F 139 -40.90 -36.53 66.06
C PHE F 139 -40.36 -36.94 64.70
N TYR F 140 -40.92 -38.03 64.15
CA TYR F 140 -40.49 -38.54 62.87
C TYR F 140 -41.62 -39.33 62.20
N PRO F 141 -41.82 -39.13 60.89
CA PRO F 141 -41.03 -38.30 59.98
C PRO F 141 -41.27 -36.80 60.16
N LYS F 142 -40.58 -36.00 59.35
CA LYS F 142 -40.65 -34.54 59.45
C LYS F 142 -42.02 -34.00 59.08
N ASP F 143 -42.74 -34.72 58.23
CA ASP F 143 -44.05 -34.27 57.76
C ASP F 143 -45.02 -34.10 58.91
N ILE F 144 -45.49 -32.86 59.11
CA ILE F 144 -46.42 -32.56 60.18
C ILE F 144 -47.14 -31.24 59.91
N ASN F 145 -48.36 -31.12 60.44
CA ASN F 145 -49.13 -29.89 60.32
C ASN F 145 -49.59 -29.37 61.67
N VAL F 146 -49.53 -28.06 61.85
CA VAL F 146 -49.97 -27.42 63.10
C VAL F 146 -51.12 -26.47 62.81
N LYS F 147 -52.06 -26.37 63.76
CA LYS F 147 -53.23 -25.53 63.60
C LYS F 147 -53.55 -24.78 64.88
N TRP F 148 -53.77 -23.48 64.78
CA TRP F 148 -54.15 -22.66 65.92
C TRP F 148 -55.66 -22.43 65.95
N LYS F 149 -56.26 -22.63 67.13
CA LYS F 149 -57.69 -22.41 67.31
C LYS F 149 -57.94 -21.46 68.47
N ILE F 150 -58.48 -20.29 68.17
CA ILE F 150 -58.87 -19.33 69.20
C ILE F 150 -60.36 -19.45 69.48
N ASP F 151 -60.70 -19.94 70.67
CA ASP F 151 -62.09 -20.16 71.05
C ASP F 151 -62.78 -21.12 70.08
N GLY F 152 -62.03 -22.13 69.62
CA GLY F 152 -62.57 -23.14 68.74
C GLY F 152 -62.35 -22.83 67.27
N SER F 153 -62.41 -21.55 66.92
CA SER F 153 -62.25 -21.13 65.53
C SER F 153 -60.78 -21.07 65.14
N GLU F 154 -60.47 -21.53 63.94
CA GLU F 154 -59.09 -21.55 63.46
C GLU F 154 -58.52 -20.15 63.30
N ARG F 155 -57.20 -20.05 63.32
CA ARG F 155 -56.52 -18.77 63.18
C ARG F 155 -55.26 -18.95 62.33
N GLN F 156 -55.16 -18.17 61.25
CA GLN F 156 -54.07 -18.32 60.29
C GLN F 156 -53.34 -17.01 60.00
N ASN F 157 -53.41 -16.06 60.94
CA ASN F 157 -52.72 -14.79 60.78
C ASN F 157 -51.81 -14.50 61.97
N GLY F 158 -50.57 -14.13 61.67
CA GLY F 158 -49.60 -13.82 62.72
C GLY F 158 -48.90 -15.07 63.22
N VAL F 159 -48.90 -16.12 62.42
CA VAL F 159 -48.26 -17.38 62.79
C VAL F 159 -46.90 -17.52 62.12
N LEU F 160 -45.87 -17.74 62.93
CA LEU F 160 -44.52 -17.93 62.42
C LEU F 160 -43.96 -19.27 62.86
N ASN F 161 -43.67 -20.13 61.88
CA ASN F 161 -43.15 -21.46 62.15
C ASN F 161 -41.65 -21.55 61.88
N SER F 162 -40.99 -22.49 62.56
CA SER F 162 -39.56 -22.69 62.39
C SER F 162 -39.19 -24.13 62.72
N TRP F 163 -38.50 -24.79 61.79
CA TRP F 163 -38.13 -26.18 61.96
C TRP F 163 -36.62 -26.34 62.15
N THR F 164 -36.23 -27.43 62.83
CA THR F 164 -34.83 -27.75 63.00
C THR F 164 -34.45 -28.90 62.07
N ASP F 165 -33.18 -28.94 61.68
CA ASP F 165 -32.68 -30.03 60.85
C ASP F 165 -32.76 -31.33 61.64
N GLN F 166 -32.72 -32.45 60.92
CA GLN F 166 -32.78 -33.76 61.56
C GLN F 166 -31.68 -33.87 62.62
N ASP F 167 -32.08 -33.88 63.89
CA ASP F 167 -31.13 -33.91 65.00
C ASP F 167 -30.06 -34.98 64.78
N SER F 168 -28.85 -34.70 65.25
CA SER F 168 -27.72 -35.58 65.02
C SER F 168 -27.70 -36.78 65.96
N LYS F 169 -28.32 -36.62 67.13
CA LYS F 169 -28.29 -37.67 68.15
C LYS F 169 -29.34 -38.75 67.89
N ASP F 170 -30.61 -38.35 67.82
CA ASP F 170 -31.71 -39.29 67.69
C ASP F 170 -32.39 -39.25 66.33
N SER F 171 -31.89 -38.41 65.42
CA SER F 171 -32.43 -38.31 64.08
C SER F 171 -33.91 -37.93 64.10
N THR F 172 -34.27 -37.00 64.97
CA THR F 172 -35.65 -36.53 65.08
C THR F 172 -35.77 -35.09 64.60
N TYR F 173 -37.00 -34.62 64.46
CA TYR F 173 -37.24 -33.24 64.04
C TYR F 173 -38.01 -32.47 65.11
N SER F 174 -37.93 -31.15 65.03
CA SER F 174 -38.66 -30.27 65.95
C SER F 174 -39.31 -29.14 65.19
N MET F 175 -40.32 -28.51 65.81
CA MET F 175 -41.02 -27.40 65.19
C MET F 175 -41.40 -26.37 66.24
N SER F 176 -41.38 -25.09 65.86
CA SER F 176 -41.71 -24.02 66.78
C SER F 176 -42.66 -23.01 66.15
N SER F 177 -43.94 -23.11 66.53
CA SER F 177 -44.96 -22.20 66.02
C SER F 177 -45.22 -21.09 67.03
N THR F 178 -45.24 -19.85 66.55
CA THR F 178 -45.45 -18.69 67.41
C THR F 178 -46.57 -17.81 66.87
N LEU F 179 -47.69 -17.79 67.58
CA LEU F 179 -48.83 -16.95 67.22
C LEU F 179 -48.72 -15.60 67.92
N THR F 180 -48.31 -14.58 67.16
CA THR F 180 -48.12 -13.24 67.73
C THR F 180 -49.36 -12.37 67.55
N LEU F 181 -49.92 -11.93 68.66
CA LEU F 181 -51.09 -11.05 68.64
C LEU F 181 -50.77 -9.76 69.40
N THR F 182 -51.74 -8.85 69.44
CA THR F 182 -51.61 -7.63 70.22
C THR F 182 -52.30 -7.80 71.57
N LYS F 183 -51.69 -7.25 72.62
CA LYS F 183 -52.24 -7.36 73.96
C LYS F 183 -53.74 -7.07 73.94
N ASP F 184 -54.14 -6.14 73.09
CA ASP F 184 -55.55 -5.77 72.95
C ASP F 184 -56.40 -6.96 72.55
N GLU F 185 -56.04 -7.61 71.44
CA GLU F 185 -56.81 -8.73 70.92
C GLU F 185 -56.70 -9.97 71.81
N TYR F 186 -55.55 -10.13 72.47
CA TYR F 186 -55.32 -11.30 73.30
C TYR F 186 -56.38 -11.43 74.40
N GLU F 187 -56.89 -10.31 74.86
CA GLU F 187 -57.88 -10.31 75.93
C GLU F 187 -59.32 -10.37 75.40
N ARG F 188 -59.47 -10.29 74.09
CA ARG F 188 -60.79 -10.40 73.48
C ARG F 188 -61.17 -11.86 73.20
N HIS F 189 -60.33 -12.78 73.67
CA HIS F 189 -60.64 -14.21 73.58
C HIS F 189 -60.26 -14.89 74.89
N ASN F 190 -60.54 -16.19 75.00
CA ASN F 190 -60.27 -16.93 76.22
C ASN F 190 -59.37 -18.14 76.01
N SER F 191 -59.91 -19.18 75.39
CA SER F 191 -59.18 -20.43 75.19
C SER F 191 -58.31 -20.40 73.95
N TYR F 192 -57.09 -20.90 74.07
CA TYR F 192 -56.16 -20.99 72.96
C TYR F 192 -55.63 -22.43 72.83
N THR F 193 -55.71 -22.98 71.63
CA THR F 193 -55.34 -24.37 71.40
C THR F 193 -54.22 -24.50 70.36
N CYS F 194 -53.44 -25.57 70.48
CA CYS F 194 -52.38 -25.87 69.53
C CYS F 194 -52.45 -27.32 69.08
N GLU F 195 -53.17 -27.56 67.99
CA GLU F 195 -53.35 -28.92 67.48
C GLU F 195 -52.20 -29.32 66.56
N ALA F 196 -51.99 -30.63 66.42
CA ALA F 196 -50.93 -31.14 65.57
C ALA F 196 -51.34 -32.46 64.91
N THR F 197 -51.29 -32.49 63.59
CA THR F 197 -51.65 -33.69 62.84
C THR F 197 -50.40 -34.43 62.37
N HIS F 198 -50.31 -35.71 62.71
CA HIS F 198 -49.16 -36.52 62.35
C HIS F 198 -49.60 -37.95 62.01
N LYS F 199 -48.72 -38.69 61.35
CA LYS F 199 -49.05 -40.04 60.90
C LYS F 199 -49.07 -41.05 62.05
N THR F 200 -48.47 -40.69 63.17
CA THR F 200 -48.41 -41.57 64.33
C THR F 200 -49.75 -41.62 65.07
N SER F 201 -50.45 -40.50 65.06
CA SER F 201 -51.73 -40.40 65.77
C SER F 201 -52.86 -40.02 64.81
N THR F 202 -53.90 -40.85 64.79
CA THR F 202 -55.08 -40.57 63.98
C THR F 202 -55.71 -39.25 64.43
N SER F 203 -55.89 -39.09 65.74
CA SER F 203 -56.44 -37.86 66.29
C SER F 203 -55.32 -36.87 66.57
N PRO F 204 -55.54 -35.58 66.28
CA PRO F 204 -54.52 -34.56 66.49
C PRO F 204 -54.08 -34.45 67.96
N ILE F 205 -52.80 -34.18 68.19
CA ILE F 205 -52.30 -33.95 69.55
C ILE F 205 -52.68 -32.54 69.98
N VAL F 206 -53.46 -32.44 71.05
CA VAL F 206 -53.97 -31.15 71.50
C VAL F 206 -53.33 -30.70 72.80
N LYS F 207 -52.99 -29.42 72.86
CA LYS F 207 -52.49 -28.80 74.09
C LYS F 207 -53.03 -27.38 74.19
N SER F 208 -53.88 -27.14 75.17
CA SER F 208 -54.58 -25.86 75.30
C SER F 208 -54.40 -25.23 76.68
N PHE F 209 -54.74 -23.95 76.77
CA PHE F 209 -54.74 -23.25 78.04
C PHE F 209 -55.78 -22.13 77.98
N ASN F 210 -56.46 -21.88 79.10
CA ASN F 210 -57.45 -20.82 79.16
C ASN F 210 -56.87 -19.56 79.79
N ARG F 211 -57.12 -18.42 79.16
CA ARG F 211 -56.64 -17.14 79.66
C ARG F 211 -57.20 -16.86 81.05
N ASN F 212 -56.51 -16.03 81.82
CA ASN F 212 -56.91 -15.73 83.19
C ASN F 212 -56.79 -16.95 84.10
N GLU F 213 -57.59 -17.98 83.83
CA GLU F 213 -57.57 -19.20 84.62
C GLU F 213 -56.18 -19.82 84.67
N CYS F 214 -55.85 -20.42 85.81
CA CYS F 214 -54.57 -21.08 85.99
C CYS F 214 -54.70 -22.25 86.97
N GLU G 1 26.98 27.65 -24.79
CA GLU G 1 26.77 28.05 -26.22
C GLU G 1 26.30 26.87 -27.05
N VAL G 2 25.40 27.14 -27.98
CA VAL G 2 24.87 26.11 -28.87
C VAL G 2 25.89 25.76 -29.95
N GLN G 3 26.31 24.50 -29.99
CA GLN G 3 27.21 24.02 -31.03
C GLN G 3 26.84 22.60 -31.45
N LEU G 4 26.83 22.36 -32.76
CA LEU G 4 26.51 21.05 -33.29
C LEU G 4 27.74 20.42 -33.94
N GLN G 5 28.35 19.45 -33.25
CA GLN G 5 29.50 18.74 -33.78
C GLN G 5 29.07 17.54 -34.60
N GLN G 6 29.16 17.67 -35.92
CA GLN G 6 28.84 16.57 -36.82
C GLN G 6 30.03 15.62 -36.97
N SER G 7 29.77 14.41 -37.42
CA SER G 7 30.81 13.39 -37.55
C SER G 7 31.87 13.82 -38.55
N GLY G 8 32.96 13.07 -38.58
CA GLY G 8 34.05 13.35 -39.51
C GLY G 8 33.66 13.01 -40.94
N ALA G 9 34.49 13.41 -41.89
CA ALA G 9 34.23 13.14 -43.30
C ALA G 9 34.12 11.64 -43.53
N GLU G 10 33.17 11.25 -44.38
CA GLU G 10 32.95 9.83 -44.70
C GLU G 10 33.26 9.56 -46.16
N LEU G 11 33.88 8.42 -46.41
CA LEU G 11 34.20 8.00 -47.78
C LEU G 11 33.82 6.54 -47.95
N VAL G 12 32.75 6.29 -48.70
CA VAL G 12 32.22 4.95 -48.86
C VAL G 12 32.05 4.56 -50.33
N LYS G 13 31.76 3.29 -50.57
CA LYS G 13 31.57 2.78 -51.92
C LYS G 13 30.09 2.76 -52.29
N PRO G 14 29.79 2.78 -53.59
CA PRO G 14 28.39 2.74 -54.05
C PRO G 14 27.67 1.46 -53.61
N GLY G 15 26.46 1.62 -53.08
CA GLY G 15 25.67 0.50 -52.61
C GLY G 15 25.79 0.29 -51.11
N ALA G 16 26.76 0.96 -50.50
CA ALA G 16 26.99 0.84 -49.07
C ALA G 16 26.02 1.72 -48.29
N SER G 17 26.09 1.64 -46.96
CA SER G 17 25.24 2.45 -46.10
C SER G 17 26.08 3.18 -45.05
N VAL G 18 25.92 4.49 -44.99
CA VAL G 18 26.66 5.32 -44.04
C VAL G 18 25.69 5.91 -43.03
N LYS G 19 26.20 6.22 -41.84
CA LYS G 19 25.36 6.83 -40.80
C LYS G 19 26.07 8.01 -40.15
N LEU G 20 25.62 9.22 -40.50
CA LEU G 20 26.21 10.44 -39.97
C LEU G 20 25.63 10.75 -38.60
N SER G 21 26.39 11.48 -37.79
CA SER G 21 25.93 11.85 -36.45
C SER G 21 26.03 13.35 -36.25
N CYS G 22 25.27 13.86 -35.29
CA CYS G 22 25.26 15.28 -34.98
C CYS G 22 25.07 15.48 -33.48
N THR G 23 26.19 15.52 -32.75
CA THR G 23 26.15 15.64 -31.31
C THR G 23 25.96 17.10 -30.88
N ALA G 24 25.13 17.30 -29.86
CA ALA G 24 24.84 18.64 -29.37
C ALA G 24 25.78 19.03 -28.22
N SER G 25 26.20 20.29 -28.22
CA SER G 25 27.08 20.81 -27.18
C SER G 25 26.54 22.10 -26.60
N GLY G 26 26.46 22.17 -25.28
CA GLY G 26 25.97 23.36 -24.60
C GLY G 26 24.46 23.38 -24.46
N PHE G 27 23.83 22.27 -24.80
CA PHE G 27 22.38 22.16 -24.68
C PHE G 27 21.95 20.70 -24.85
N ASN G 28 20.67 20.43 -24.56
CA ASN G 28 20.13 19.08 -24.71
C ASN G 28 19.41 18.94 -26.05
N ILE G 29 19.89 18.01 -26.87
CA ILE G 29 19.32 17.74 -28.19
C ILE G 29 17.80 17.70 -28.14
N LYS G 30 17.27 17.16 -27.04
CA LYS G 30 15.83 16.97 -26.87
C LYS G 30 15.04 18.29 -26.92
N ASP G 31 15.74 19.41 -26.80
CA ASP G 31 15.09 20.72 -26.72
C ASP G 31 14.23 21.04 -27.93
N THR G 32 14.83 21.00 -29.12
CA THR G 32 14.16 21.49 -30.33
C THR G 32 14.12 20.45 -31.44
N TYR G 33 13.53 20.84 -32.58
CA TYR G 33 13.58 20.04 -33.79
C TYR G 33 15.03 19.94 -34.27
N VAL G 34 15.32 18.89 -35.02
CA VAL G 34 16.64 18.72 -35.63
C VAL G 34 16.50 18.35 -37.10
N HIS G 35 16.80 19.31 -37.98
CA HIS G 35 16.68 19.08 -39.41
C HIS G 35 18.00 18.61 -40.00
N TRP G 36 17.92 17.92 -41.14
CA TRP G 36 19.10 17.55 -41.91
C TRP G 36 19.00 18.16 -43.31
N VAL G 37 20.08 18.78 -43.76
CA VAL G 37 20.10 19.45 -45.05
C VAL G 37 21.27 18.95 -45.90
N LYS G 38 21.01 18.75 -47.19
CA LYS G 38 22.02 18.32 -48.14
C LYS G 38 22.44 19.48 -49.02
N GLN G 39 23.75 19.63 -49.23
CA GLN G 39 24.25 20.70 -50.09
C GLN G 39 25.15 20.17 -51.19
N ARG G 40 24.93 20.63 -52.41
CA ARG G 40 25.78 20.30 -53.54
C ARG G 40 26.15 21.56 -54.30
N PRO G 41 27.28 21.52 -55.03
CA PRO G 41 27.78 22.67 -55.79
C PRO G 41 26.75 23.26 -56.76
N GLU G 42 26.24 22.44 -57.67
CA GLU G 42 25.29 22.91 -58.67
C GLU G 42 23.86 22.86 -58.17
N GLN G 43 23.48 21.72 -57.57
CA GLN G 43 22.10 21.51 -57.14
C GLN G 43 21.74 22.35 -55.91
N GLY G 44 22.76 22.83 -55.20
CA GLY G 44 22.53 23.71 -54.07
C GLY G 44 21.98 23.02 -52.84
N LEU G 45 21.17 23.74 -52.08
CA LEU G 45 20.64 23.24 -50.80
C LEU G 45 19.32 22.51 -50.97
N GLU G 46 19.15 21.43 -50.21
CA GLU G 46 17.93 20.64 -50.23
C GLU G 46 17.59 20.13 -48.84
N TRP G 47 16.35 20.37 -48.42
CA TRP G 47 15.89 19.90 -47.11
C TRP G 47 15.58 18.41 -47.18
N ILE G 48 16.24 17.62 -46.33
CA ILE G 48 16.03 16.18 -46.29
C ILE G 48 14.83 15.85 -45.41
N GLY G 49 14.92 16.23 -44.15
CA GLY G 49 13.86 15.97 -43.20
C GLY G 49 14.22 16.51 -41.83
N ARG G 50 13.40 16.19 -40.84
CA ARG G 50 13.65 16.64 -39.47
C ARG G 50 13.16 15.60 -38.47
N ILE G 51 13.55 15.79 -37.21
CA ILE G 51 13.12 14.89 -36.15
C ILE G 51 13.00 15.64 -34.84
N ASP G 52 12.02 15.25 -34.03
CA ASP G 52 11.91 15.74 -32.67
C ASP G 52 12.50 14.68 -31.74
N PRO G 53 13.73 14.92 -31.26
CA PRO G 53 14.43 13.91 -30.47
C PRO G 53 13.67 13.51 -29.19
N ALA G 54 12.76 14.38 -28.75
CA ALA G 54 11.99 14.13 -27.54
C ALA G 54 11.09 12.90 -27.71
N ASN G 55 10.37 12.85 -28.82
CA ASN G 55 9.39 11.79 -29.05
C ASN G 55 9.78 10.84 -30.19
N GLY G 56 10.68 11.30 -31.05
CA GLY G 56 11.23 10.46 -32.11
C GLY G 56 10.46 10.52 -33.41
N TYR G 57 9.51 11.44 -33.52
CA TYR G 57 8.74 11.60 -34.74
C TYR G 57 9.54 12.32 -35.83
N THR G 58 9.37 11.87 -37.06
CA THR G 58 10.18 12.39 -38.17
C THR G 58 9.35 12.85 -39.35
N LYS G 59 9.92 13.75 -40.14
CA LYS G 59 9.31 14.23 -41.38
C LYS G 59 10.36 14.26 -42.48
N TYR G 60 10.02 13.75 -43.66
CA TYR G 60 10.97 13.70 -44.77
C TYR G 60 10.40 14.36 -46.02
N ASP G 61 11.29 14.93 -46.83
CA ASP G 61 10.92 15.34 -48.17
C ASP G 61 10.73 14.06 -48.98
N PRO G 62 9.55 13.91 -49.62
CA PRO G 62 9.24 12.69 -50.36
C PRO G 62 10.33 12.26 -51.35
N LYS G 63 11.24 13.16 -51.68
CA LYS G 63 12.35 12.84 -52.57
C LYS G 63 13.31 11.85 -51.90
N PHE G 64 13.53 12.03 -50.60
CA PHE G 64 14.51 11.22 -49.87
C PHE G 64 13.87 10.02 -49.18
N GLN G 65 12.56 9.94 -49.20
CA GLN G 65 11.86 8.82 -48.56
C GLN G 65 12.44 7.50 -49.07
N GLY G 66 12.98 6.70 -48.15
CA GLY G 66 13.58 5.44 -48.50
C GLY G 66 15.10 5.51 -48.40
N LYS G 67 15.67 6.59 -48.91
CA LYS G 67 17.11 6.78 -48.90
C LYS G 67 17.61 7.27 -47.54
N ALA G 68 16.89 8.22 -46.96
CA ALA G 68 17.31 8.84 -45.72
C ALA G 68 16.52 8.31 -44.51
N THR G 69 17.21 8.14 -43.40
CA THR G 69 16.59 7.72 -42.16
C THR G 69 17.17 8.50 -40.99
N ILE G 70 16.35 9.37 -40.41
CA ILE G 70 16.78 10.22 -39.30
C ILE G 70 16.36 9.62 -37.97
N THR G 71 17.29 9.58 -37.03
CA THR G 71 17.03 9.06 -35.69
C THR G 71 17.74 9.92 -34.66
N ALA G 72 17.49 9.64 -33.37
CA ALA G 72 18.08 10.41 -32.30
C ALA G 72 18.10 9.66 -30.98
N ASP G 73 19.25 9.66 -30.32
CA ASP G 73 19.40 9.01 -29.02
C ASP G 73 19.71 10.05 -27.96
N THR G 74 18.69 10.42 -27.19
CA THR G 74 18.83 11.43 -26.15
C THR G 74 19.91 11.09 -25.14
N SER G 75 20.22 9.80 -25.02
CA SER G 75 21.25 9.34 -24.09
C SER G 75 22.60 9.96 -24.43
N SER G 76 23.05 9.76 -25.67
CA SER G 76 24.32 10.33 -26.12
C SER G 76 24.14 11.77 -26.59
N ASN G 77 22.91 12.27 -26.48
CA ASN G 77 22.60 13.65 -26.87
C ASN G 77 23.00 13.90 -28.32
N THR G 78 22.68 12.94 -29.19
CA THR G 78 23.10 12.98 -30.58
C THR G 78 21.98 12.57 -31.53
N ALA G 79 21.91 13.24 -32.67
CA ALA G 79 20.96 12.87 -33.72
C ALA G 79 21.74 12.29 -34.89
N TYR G 80 21.13 11.34 -35.61
CA TYR G 80 21.82 10.66 -36.69
C TYR G 80 21.07 10.74 -38.02
N LEU G 81 21.81 10.53 -39.11
CA LEU G 81 21.24 10.48 -40.44
C LEU G 81 21.87 9.34 -41.22
N GLN G 82 21.08 8.31 -41.53
CA GLN G 82 21.59 7.15 -42.24
C GLN G 82 21.12 7.13 -43.69
N LEU G 83 22.07 6.91 -44.60
CA LEU G 83 21.78 6.86 -46.03
C LEU G 83 22.11 5.46 -46.56
N SER G 84 21.21 4.91 -47.36
CA SER G 84 21.38 3.54 -47.86
C SER G 84 21.44 3.52 -49.39
N SER G 85 21.91 2.40 -49.94
CA SER G 85 22.02 2.23 -51.38
C SER G 85 22.65 3.46 -52.02
N LEU G 86 23.81 3.86 -51.49
CA LEU G 86 24.46 5.09 -51.90
C LEU G 86 24.85 5.08 -53.38
N THR G 87 24.96 6.28 -53.96
CA THR G 87 25.36 6.44 -55.34
C THR G 87 26.23 7.68 -55.49
N SER G 88 26.60 8.00 -56.73
CA SER G 88 27.45 9.16 -56.98
C SER G 88 26.72 10.46 -56.66
N GLU G 89 25.42 10.48 -56.90
CA GLU G 89 24.61 11.68 -56.65
C GLU G 89 24.54 12.00 -55.16
N ASP G 90 24.79 11.00 -54.33
CA ASP G 90 24.74 11.19 -52.88
C ASP G 90 25.97 11.93 -52.36
N THR G 91 26.96 12.10 -53.23
CA THR G 91 28.15 12.86 -52.87
C THR G 91 27.77 14.31 -52.59
N ALA G 92 27.75 14.67 -51.31
CA ALA G 92 27.34 16.01 -50.90
C ALA G 92 27.75 16.27 -49.46
N VAL G 93 27.69 17.54 -49.05
CA VAL G 93 27.96 17.91 -47.67
C VAL G 93 26.64 18.03 -46.92
N TYR G 94 26.57 17.42 -45.75
CA TYR G 94 25.33 17.38 -44.99
C TYR G 94 25.41 18.22 -43.72
N TYR G 95 24.35 18.96 -43.44
CA TYR G 95 24.29 19.83 -42.27
C TYR G 95 23.10 19.50 -41.39
N CYS G 96 23.32 19.36 -40.10
CA CYS G 96 22.24 19.24 -39.14
C CYS G 96 21.90 20.65 -38.65
N VAL G 97 20.61 20.92 -38.46
CA VAL G 97 20.17 22.27 -38.14
C VAL G 97 19.11 22.27 -37.04
N ARG G 98 19.05 23.37 -36.30
CA ARG G 98 18.02 23.56 -35.28
C ARG G 98 17.71 25.05 -35.14
N PRO G 99 16.47 25.38 -34.76
CA PRO G 99 16.06 26.77 -34.61
C PRO G 99 16.66 27.44 -33.38
N LEU G 100 16.57 28.77 -33.31
CA LEU G 100 17.01 29.51 -32.13
C LEU G 100 15.85 29.64 -31.16
N TYR G 101 14.85 30.42 -31.55
CA TYR G 101 13.65 30.58 -30.75
C TYR G 101 12.45 30.00 -31.49
N ASP G 102 12.19 30.54 -32.68
CA ASP G 102 11.07 30.10 -33.49
C ASP G 102 11.13 28.59 -33.70
N TYR G 103 10.02 27.91 -33.39
CA TYR G 103 9.96 26.45 -33.49
C TYR G 103 10.33 25.93 -34.86
N TYR G 104 10.02 26.69 -35.90
CA TYR G 104 10.12 26.19 -37.27
C TYR G 104 11.31 26.77 -38.04
N ALA G 105 12.18 27.50 -37.36
CA ALA G 105 13.27 28.20 -38.03
C ALA G 105 14.51 27.32 -38.24
N MET G 106 15.48 27.86 -38.95
CA MET G 106 16.73 27.17 -39.25
C MET G 106 17.90 28.10 -38.96
N ASP G 107 18.29 28.19 -37.69
CA ASP G 107 19.21 29.23 -37.25
C ASP G 107 20.61 28.72 -36.92
N TYR G 108 20.69 27.57 -36.27
CA TYR G 108 21.99 27.01 -35.88
C TYR G 108 22.38 25.81 -36.75
N TRP G 109 23.58 25.85 -37.31
CA TRP G 109 24.04 24.83 -38.23
C TRP G 109 25.32 24.15 -37.74
N GLY G 110 25.41 22.85 -37.97
CA GLY G 110 26.63 22.12 -37.69
C GLY G 110 27.70 22.51 -38.70
N GLN G 111 28.95 22.15 -38.43
CA GLN G 111 30.05 22.54 -39.32
C GLN G 111 29.92 21.85 -40.68
N GLY G 112 29.27 20.69 -40.70
CA GLY G 112 29.05 19.96 -41.94
C GLY G 112 29.77 18.63 -41.97
N THR G 113 29.31 17.73 -42.83
CA THR G 113 29.94 16.43 -43.01
C THR G 113 30.10 16.10 -44.49
N SER G 114 31.34 16.06 -44.95
CA SER G 114 31.62 15.77 -46.35
C SER G 114 31.47 14.28 -46.62
N VAL G 115 30.70 13.96 -47.66
CA VAL G 115 30.49 12.57 -48.07
C VAL G 115 30.88 12.38 -49.53
N THR G 116 31.65 11.33 -49.79
CA THR G 116 32.05 11.01 -51.16
C THR G 116 31.81 9.52 -51.44
N VAL G 117 31.06 9.24 -52.50
CA VAL G 117 30.77 7.87 -52.89
C VAL G 117 31.55 7.51 -54.15
N SER G 118 32.52 6.63 -54.01
CA SER G 118 33.36 6.22 -55.14
C SER G 118 33.88 4.80 -54.96
N SER G 119 34.19 4.14 -56.08
CA SER G 119 34.74 2.80 -56.05
C SER G 119 36.27 2.84 -56.07
N ALA G 120 36.82 3.88 -56.67
CA ALA G 120 38.26 4.03 -56.81
C ALA G 120 38.96 3.81 -55.48
N LYS G 121 39.89 2.87 -55.46
CA LYS G 121 40.68 2.59 -54.26
C LYS G 121 41.83 3.57 -54.15
N THR G 122 42.46 3.61 -52.98
CA THR G 122 43.55 4.54 -52.73
C THR G 122 44.60 4.46 -53.82
N THR G 123 44.83 5.57 -54.52
CA THR G 123 45.80 5.62 -55.60
C THR G 123 46.76 6.79 -55.40
N ALA G 124 48.03 6.59 -55.75
CA ALA G 124 49.04 7.62 -55.60
C ALA G 124 49.04 8.57 -56.79
N PRO G 125 49.31 9.86 -56.54
CA PRO G 125 49.31 10.89 -57.58
C PRO G 125 50.51 10.83 -58.52
N SER G 126 50.28 11.08 -59.80
CA SER G 126 51.36 11.15 -60.78
C SER G 126 51.67 12.61 -61.08
N VAL G 127 52.76 13.11 -60.49
CA VAL G 127 53.14 14.50 -60.64
C VAL G 127 53.99 14.71 -61.89
N TYR G 128 53.67 15.77 -62.64
CA TYR G 128 54.40 16.09 -63.86
C TYR G 128 54.79 17.57 -63.88
N PRO G 129 56.07 17.86 -64.17
CA PRO G 129 56.55 19.24 -64.25
C PRO G 129 56.14 19.91 -65.56
N LEU G 130 55.67 21.15 -65.47
CA LEU G 130 55.22 21.89 -66.65
C LEU G 130 56.15 23.06 -66.97
N ALA G 131 57.10 22.85 -67.85
CA ALA G 131 58.00 23.90 -68.29
C ALA G 131 57.50 24.52 -69.60
N PRO G 132 57.67 25.84 -69.75
CA PRO G 132 57.16 26.55 -70.92
C PRO G 132 57.84 26.11 -72.21
N VAL G 133 57.36 26.63 -73.35
CA VAL G 133 57.90 26.28 -74.65
C VAL G 133 59.02 27.24 -75.05
N CYS G 134 59.94 26.77 -75.87
CA CYS G 134 61.05 27.60 -76.34
C CYS G 134 60.57 28.58 -77.41
N THR G 138 61.00 34.26 -72.85
CA THR G 138 61.24 35.21 -73.92
C THR G 138 60.73 36.60 -73.55
N GLY G 139 59.70 36.63 -72.70
CA GLY G 139 59.12 37.88 -72.26
C GLY G 139 59.84 38.47 -71.07
N SER G 140 59.10 39.17 -70.21
CA SER G 140 59.67 39.78 -69.02
C SER G 140 59.52 38.85 -67.83
N SER G 141 58.35 38.22 -67.73
CA SER G 141 58.06 37.30 -66.64
C SER G 141 57.82 35.89 -67.20
N VAL G 142 58.12 34.89 -66.39
CA VAL G 142 57.92 33.50 -66.79
C VAL G 142 56.95 32.81 -65.84
N THR G 143 56.22 31.82 -66.35
CA THR G 143 55.27 31.08 -65.54
C THR G 143 55.49 29.58 -65.70
N LEU G 144 55.63 28.89 -64.57
CA LEU G 144 55.79 27.44 -64.57
C LEU G 144 54.53 26.80 -63.99
N GLY G 145 54.51 25.47 -63.95
CA GLY G 145 53.35 24.76 -63.44
C GLY G 145 53.65 23.34 -62.99
N CYS G 146 52.68 22.76 -62.27
CA CYS G 146 52.79 21.39 -61.80
C CYS G 146 51.46 20.70 -62.00
N LEU G 147 51.50 19.45 -62.46
CA LEU G 147 50.28 18.70 -62.75
C LEU G 147 50.20 17.41 -61.95
N VAL G 148 49.32 17.41 -60.94
CA VAL G 148 49.07 16.21 -60.14
C VAL G 148 47.87 15.47 -60.71
N LYS G 149 48.11 14.29 -61.27
CA LYS G 149 47.07 13.59 -62.03
C LYS G 149 46.87 12.16 -61.56
N GLY G 150 45.61 11.76 -61.43
CA GLY G 150 45.26 10.39 -61.11
C GLY G 150 45.57 10.00 -59.68
N TYR G 151 44.83 10.57 -58.73
CA TYR G 151 44.98 10.20 -57.33
C TYR G 151 43.62 10.11 -56.65
N PHE G 152 43.58 9.40 -55.52
CA PHE G 152 42.34 9.25 -54.77
C PHE G 152 42.63 8.64 -53.40
N PRO G 153 41.95 9.13 -52.35
CA PRO G 153 41.02 10.28 -52.38
C PRO G 153 41.72 11.60 -52.06
N GLU G 154 40.94 12.64 -51.84
CA GLU G 154 41.50 13.94 -51.47
C GLU G 154 41.85 13.97 -49.99
N PRO G 155 42.59 14.99 -49.55
CA PRO G 155 43.17 16.06 -50.36
C PRO G 155 44.67 15.90 -50.58
N VAL G 156 45.28 16.90 -51.19
CA VAL G 156 46.73 16.90 -51.43
C VAL G 156 47.30 18.29 -51.19
N THR G 157 48.31 18.37 -50.34
CA THR G 157 48.96 19.64 -50.03
C THR G 157 50.12 19.90 -50.99
N LEU G 158 49.98 20.93 -51.82
CA LEU G 158 51.00 21.28 -52.80
C LEU G 158 51.73 22.54 -52.38
N THR G 159 53.05 22.55 -52.57
CA THR G 159 53.88 23.70 -52.21
C THR G 159 55.05 23.83 -53.17
N TRP G 160 55.52 25.05 -53.37
CA TRP G 160 56.68 25.30 -54.22
C TRP G 160 57.92 25.57 -53.37
N ASN G 161 59.01 24.88 -53.72
CA ASN G 161 60.25 24.99 -52.96
C ASN G 161 60.02 24.75 -51.48
N SER G 162 59.17 23.77 -51.16
CA SER G 162 58.86 23.42 -49.79
C SER G 162 58.33 24.60 -48.99
N GLY G 163 57.42 25.37 -49.62
CA GLY G 163 56.79 26.49 -48.95
C GLY G 163 57.54 27.80 -49.10
N SER G 164 58.81 27.72 -49.48
CA SER G 164 59.65 28.90 -49.65
C SER G 164 58.93 29.95 -50.50
N LEU G 165 58.61 29.59 -51.73
CA LEU G 165 57.90 30.49 -52.63
C LEU G 165 56.40 30.42 -52.35
N SER G 166 55.89 31.45 -51.68
CA SER G 166 54.48 31.48 -51.29
C SER G 166 53.68 32.42 -52.17
N SER G 167 54.08 33.70 -52.20
CA SER G 167 53.38 34.71 -52.97
C SER G 167 53.60 34.53 -54.47
N GLY G 168 52.54 34.73 -55.24
CA GLY G 168 52.62 34.62 -56.69
C GLY G 168 52.33 33.22 -57.18
N VAL G 169 51.45 32.51 -56.47
CA VAL G 169 51.12 31.13 -56.80
C VAL G 169 49.62 30.94 -56.92
N HIS G 170 49.22 30.07 -57.85
CA HIS G 170 47.81 29.73 -58.03
C HIS G 170 47.61 28.22 -58.05
N THR G 171 47.08 27.68 -56.95
CA THR G 171 46.75 26.27 -56.88
C THR G 171 45.25 26.09 -57.13
N PHE G 172 44.93 25.38 -58.21
CA PHE G 172 43.55 25.22 -58.62
C PHE G 172 42.86 24.05 -57.91
N PRO G 173 41.58 24.22 -57.59
CA PRO G 173 40.77 23.17 -56.95
C PRO G 173 40.87 21.84 -57.69
N ALA G 174 40.76 20.74 -56.96
CA ALA G 174 40.82 19.41 -57.55
C ALA G 174 39.60 19.18 -58.45
N VAL G 175 39.71 18.21 -59.34
CA VAL G 175 38.62 17.88 -60.25
C VAL G 175 38.57 16.37 -60.47
N LEU G 176 37.36 15.81 -60.35
CA LEU G 176 37.19 14.37 -60.46
C LEU G 176 37.23 13.91 -61.91
N GLN G 177 38.40 13.43 -62.34
CA GLN G 177 38.54 12.85 -63.67
C GLN G 177 38.18 11.38 -63.65
N SER G 178 36.90 11.09 -63.90
CA SER G 178 36.39 9.72 -63.89
C SER G 178 36.98 8.88 -62.75
N ASP G 179 36.40 9.06 -61.56
CA ASP G 179 36.75 8.26 -60.38
C ASP G 179 38.16 8.50 -59.85
N LEU G 180 38.87 9.46 -60.43
CA LEU G 180 40.20 9.84 -59.94
C LEU G 180 40.39 11.34 -60.08
N TYR G 181 41.03 11.95 -59.09
CA TYR G 181 41.15 13.41 -59.03
C TYR G 181 42.37 13.94 -59.79
N THR G 182 42.23 15.16 -60.30
CA THR G 182 43.30 15.85 -60.99
C THR G 182 43.42 17.27 -60.45
N LEU G 183 44.65 17.74 -60.29
CA LEU G 183 44.90 19.06 -59.74
C LEU G 183 46.11 19.69 -60.42
N SER G 184 46.10 21.01 -60.53
CA SER G 184 47.18 21.74 -61.18
C SER G 184 47.48 23.04 -60.45
N SER G 185 48.75 23.48 -60.52
CA SER G 185 49.18 24.69 -59.85
C SER G 185 50.20 25.45 -60.71
N SER G 186 50.08 26.76 -60.75
CA SER G 186 51.00 27.59 -61.51
C SER G 186 51.87 28.42 -60.57
N VAL G 187 52.74 29.25 -61.15
CA VAL G 187 53.64 30.09 -60.37
C VAL G 187 54.35 31.07 -61.30
N THR G 188 54.44 32.34 -60.88
CA THR G 188 55.00 33.38 -61.73
C THR G 188 56.19 34.09 -61.08
N VAL G 189 57.22 34.32 -61.88
CA VAL G 189 58.40 35.07 -61.45
C VAL G 189 58.97 35.84 -62.63
N THR G 190 60.09 36.52 -62.42
CA THR G 190 60.74 37.26 -63.49
C THR G 190 61.63 36.35 -64.32
N SER G 191 61.99 36.78 -65.52
CA SER G 191 62.78 35.98 -66.43
C SER G 191 64.19 35.75 -65.90
N SER G 192 64.66 36.63 -65.03
CA SER G 192 65.99 36.53 -64.45
C SER G 192 66.02 35.59 -63.25
N THR G 193 64.85 35.09 -62.86
CA THR G 193 64.74 34.20 -61.71
C THR G 193 64.78 32.74 -62.14
N TRP G 194 64.40 32.47 -63.38
CA TRP G 194 64.40 31.11 -63.90
C TRP G 194 64.98 31.09 -65.30
N PRO G 195 65.74 30.03 -65.65
CA PRO G 195 66.03 28.86 -64.82
C PRO G 195 67.15 29.07 -63.80
N SER G 196 67.67 30.29 -63.71
CA SER G 196 68.76 30.60 -62.78
C SER G 196 68.49 30.01 -61.41
N GLN G 197 67.37 30.42 -60.80
CA GLN G 197 66.98 29.91 -59.49
C GLN G 197 66.13 28.66 -59.66
N SER G 198 66.57 27.56 -59.04
CA SER G 198 65.88 26.28 -59.16
C SER G 198 64.51 26.32 -58.48
N ILE G 199 63.50 25.77 -59.16
CA ILE G 199 62.15 25.70 -58.62
C ILE G 199 61.64 24.26 -58.60
N THR G 200 61.18 23.82 -57.44
CA THR G 200 60.74 22.45 -57.27
C THR G 200 59.27 22.37 -56.87
N CYS G 201 58.54 21.44 -57.48
CA CYS G 201 57.15 21.20 -57.14
C CYS G 201 57.06 20.12 -56.07
N ASN G 202 56.58 20.48 -54.89
CA ASN G 202 56.49 19.54 -53.78
C ASN G 202 55.04 19.20 -53.45
N VAL G 203 54.65 17.97 -53.75
CA VAL G 203 53.28 17.52 -53.49
C VAL G 203 53.27 16.38 -52.47
N ALA G 204 52.23 16.35 -51.65
CA ALA G 204 52.10 15.32 -50.63
C ALA G 204 50.70 14.72 -50.64
N HIS G 205 50.63 13.40 -50.56
CA HIS G 205 49.35 12.69 -50.51
C HIS G 205 49.31 11.79 -49.29
N PRO G 206 48.78 12.31 -48.17
CA PRO G 206 48.72 11.59 -46.89
C PRO G 206 48.09 10.21 -47.02
N ALA G 207 47.06 10.09 -47.85
CA ALA G 207 46.35 8.82 -48.01
C ALA G 207 47.30 7.68 -48.35
N SER G 208 48.01 7.82 -49.47
CA SER G 208 48.95 6.79 -49.92
C SER G 208 50.30 6.92 -49.22
N SER G 209 50.45 7.98 -48.42
CA SER G 209 51.70 8.23 -47.71
C SER G 209 52.85 8.39 -48.69
N THR G 210 52.67 9.30 -49.65
CA THR G 210 53.68 9.54 -50.67
C THR G 210 53.87 11.04 -50.89
N LYS G 211 55.10 11.50 -50.76
CA LYS G 211 55.43 12.91 -50.97
C LYS G 211 56.54 13.04 -52.01
N VAL G 212 56.14 13.16 -53.27
CA VAL G 212 57.10 13.22 -54.38
C VAL G 212 57.42 14.66 -54.75
N ASP G 213 58.62 14.88 -55.28
CA ASP G 213 59.07 16.21 -55.66
C ASP G 213 59.67 16.19 -57.08
N LYS G 214 59.25 17.15 -57.90
CA LYS G 214 59.73 17.24 -59.28
C LYS G 214 60.27 18.63 -59.58
N LYS G 215 61.56 18.70 -59.90
CA LYS G 215 62.17 19.97 -60.29
C LYS G 215 61.83 20.29 -61.74
N ILE G 216 61.46 21.54 -62.00
CA ILE G 216 61.08 21.97 -63.35
C ILE G 216 62.32 22.14 -64.22
N GLU G 217 62.33 21.48 -65.37
CA GLU G 217 63.47 21.54 -66.28
C GLU G 217 63.10 22.27 -67.58
N PRO G 218 63.92 23.26 -67.96
CA PRO G 218 63.67 23.99 -69.21
C PRO G 218 63.90 23.11 -70.44
N ARG G 219 63.21 23.43 -71.53
CA ARG G 219 63.31 22.64 -72.75
C ARG G 219 64.44 23.14 -73.64
N GLY H 1 -8.47 5.58 -18.46
CA GLY H 1 -7.77 6.85 -18.55
C GLY H 1 -8.00 7.73 -17.34
N ARG H 2 -7.38 8.91 -17.34
CA ARG H 2 -7.55 9.85 -16.24
C ARG H 2 -8.77 10.75 -16.44
N GLY H 3 -9.51 10.51 -17.52
CA GLY H 3 -10.65 11.34 -17.87
C GLY H 3 -11.97 10.61 -17.75
N ASP H 4 -13.00 11.18 -18.38
CA ASP H 4 -14.34 10.62 -18.34
C ASP H 4 -14.50 9.51 -19.37
N SER H 5 -14.16 8.29 -18.96
CA SER H 5 -14.25 7.14 -19.85
C SER H 5 -14.26 5.84 -19.04
N PRO H 6 -14.88 4.80 -19.59
CA PRO H 6 -14.97 3.52 -18.89
C PRO H 6 -13.68 2.71 -18.99
N GLY I 1 -3.19 -7.03 8.41
CA GLY I 1 -2.47 -7.35 9.61
C GLY I 1 -1.22 -8.16 9.33
N ARG I 2 -1.25 -9.45 9.65
CA ARG I 2 -0.14 -10.34 9.39
C ARG I 2 -0.52 -11.39 8.34
N GLY I 3 -1.60 -11.13 7.61
CA GLY I 3 -2.10 -12.07 6.62
C GLY I 3 -2.30 -11.44 5.26
N ASP I 4 -3.18 -12.05 4.47
CA ASP I 4 -3.45 -11.56 3.12
C ASP I 4 -4.43 -10.39 3.15
N SER I 5 -3.92 -9.19 3.33
CA SER I 5 -4.76 -8.00 3.38
C SER I 5 -3.94 -6.74 3.16
N PRO I 6 -4.52 -5.75 2.47
CA PRO I 6 -3.83 -4.50 2.18
C PRO I 6 -3.68 -3.62 3.42
N ASP J 1 5.60 21.36 -53.73
CA ASP J 1 6.75 22.08 -53.10
C ASP J 1 6.77 23.54 -53.53
N ILE J 2 7.06 24.43 -52.59
CA ILE J 2 7.14 25.85 -52.88
C ILE J 2 8.50 26.19 -53.48
N LEU J 3 8.49 26.85 -54.63
CA LEU J 3 9.73 27.27 -55.28
C LEU J 3 10.20 28.60 -54.71
N MET J 4 11.51 28.72 -54.54
CA MET J 4 12.10 29.97 -54.06
C MET J 4 13.04 30.55 -55.09
N THR J 5 12.57 31.54 -55.83
CA THR J 5 13.38 32.20 -56.86
C THR J 5 14.17 33.35 -56.24
N GLN J 6 15.46 33.12 -56.01
CA GLN J 6 16.32 34.11 -55.39
C GLN J 6 17.18 34.82 -56.44
N SER J 7 17.23 36.14 -56.36
CA SER J 7 17.99 36.94 -57.33
C SER J 7 18.55 38.20 -56.68
N PRO J 8 19.66 38.71 -57.22
CA PRO J 8 20.38 38.15 -58.36
C PRO J 8 21.33 37.02 -57.95
N SER J 9 21.73 36.19 -58.91
CA SER J 9 22.62 35.08 -58.64
C SER J 9 23.96 35.57 -58.08
N SER J 10 24.33 36.79 -58.46
CA SER J 10 25.59 37.38 -58.01
C SER J 10 25.62 38.88 -58.29
N MET J 11 26.51 39.59 -57.62
CA MET J 11 26.68 41.01 -57.85
C MET J 11 28.05 41.48 -57.37
N SER J 12 28.69 42.31 -58.16
CA SER J 12 30.01 42.84 -57.81
C SER J 12 29.87 44.22 -57.20
N VAL J 13 30.26 44.36 -55.93
CA VAL J 13 30.12 45.61 -55.21
C VAL J 13 31.34 45.90 -54.34
N SER J 14 31.42 47.13 -53.85
CA SER J 14 32.54 47.55 -53.01
C SER J 14 32.10 47.73 -51.56
N LEU J 15 33.02 48.10 -50.69
CA LEU J 15 32.73 48.27 -49.27
C LEU J 15 31.96 49.56 -49.01
N GLY J 16 31.07 49.53 -48.02
CA GLY J 16 30.28 50.69 -47.67
C GLY J 16 29.00 50.80 -48.47
N ASP J 17 28.82 49.89 -49.42
CA ASP J 17 27.64 49.90 -50.27
C ASP J 17 26.42 49.38 -49.50
N THR J 18 25.24 49.69 -50.03
CA THR J 18 23.99 49.21 -49.43
C THR J 18 23.22 48.39 -50.45
N VAL J 19 23.53 47.10 -50.51
CA VAL J 19 22.90 46.21 -51.48
C VAL J 19 21.68 45.53 -50.90
N SER J 20 20.84 44.96 -51.77
CA SER J 20 19.64 44.27 -51.34
C SER J 20 19.41 43.02 -52.18
N ILE J 21 19.24 41.89 -51.50
CA ILE J 21 18.89 40.64 -52.17
C ILE J 21 17.39 40.47 -52.10
N THR J 22 16.80 39.77 -53.07
CA THR J 22 15.37 39.54 -53.10
C THR J 22 15.06 38.06 -53.23
N CYS J 23 13.87 37.67 -52.78
CA CYS J 23 13.46 36.27 -52.82
C CYS J 23 11.96 36.18 -53.13
N HIS J 24 11.63 35.52 -54.22
CA HIS J 24 10.23 35.36 -54.61
C HIS J 24 9.78 33.92 -54.38
N ALA J 25 8.52 33.77 -53.97
CA ALA J 25 7.96 32.45 -53.70
C ALA J 25 6.82 32.15 -54.68
N SER J 26 6.59 30.87 -54.94
CA SER J 26 5.52 30.47 -55.84
C SER J 26 4.16 30.80 -55.24
N GLN J 27 4.16 31.14 -53.95
CA GLN J 27 2.93 31.51 -53.25
C GLN J 27 3.28 32.24 -51.96
N GLY J 28 2.27 32.83 -51.32
CA GLY J 28 2.46 33.55 -50.08
C GLY J 28 3.01 32.66 -48.99
N ILE J 29 3.76 33.26 -48.06
CA ILE J 29 4.35 32.49 -46.96
C ILE J 29 4.35 33.27 -45.65
N SER J 30 3.49 34.29 -45.56
CA SER J 30 3.33 35.11 -44.36
C SER J 30 4.61 35.25 -43.53
N SER J 31 5.60 35.92 -44.10
CA SER J 31 6.86 36.22 -43.41
C SER J 31 7.50 35.01 -42.73
N ASN J 32 7.22 33.82 -43.24
CA ASN J 32 7.86 32.62 -42.72
C ASN J 32 9.10 32.29 -43.52
N ILE J 33 10.03 33.23 -43.55
CA ILE J 33 11.25 33.11 -44.34
C ILE J 33 12.48 33.32 -43.46
N GLY J 34 13.60 32.73 -43.86
CA GLY J 34 14.84 32.88 -43.13
C GLY J 34 16.02 33.13 -44.07
N TRP J 35 16.91 34.01 -43.66
CA TRP J 35 18.09 34.34 -44.47
C TRP J 35 19.35 33.76 -43.86
N LEU J 36 20.18 33.15 -44.70
CA LEU J 36 21.38 32.46 -44.25
C LEU J 36 22.64 33.07 -44.88
N GLN J 37 23.78 32.87 -44.22
CA GLN J 37 25.07 33.31 -44.73
C GLN J 37 26.09 32.18 -44.65
N GLN J 38 26.86 32.00 -45.72
CA GLN J 38 27.89 30.98 -45.74
C GLN J 38 29.20 31.58 -46.26
N LYS J 39 30.08 31.95 -45.34
CA LYS J 39 31.39 32.47 -45.71
C LYS J 39 32.18 31.39 -46.45
N PRO J 40 32.99 31.79 -47.43
CA PRO J 40 33.72 30.83 -48.27
C PRO J 40 34.53 29.83 -47.44
N GLY J 41 34.26 28.54 -47.66
CA GLY J 41 34.99 27.49 -46.97
C GLY J 41 34.60 27.38 -45.51
N LYS J 42 33.33 27.65 -45.21
CA LYS J 42 32.84 27.58 -43.83
C LYS J 42 31.36 27.23 -43.79
N SER J 43 30.87 26.89 -42.60
CA SER J 43 29.49 26.47 -42.43
C SER J 43 28.53 27.65 -42.56
N PHE J 44 27.26 27.41 -42.25
CA PHE J 44 26.23 28.42 -42.38
C PHE J 44 25.99 29.17 -41.08
N MET J 45 25.47 30.40 -41.22
CA MET J 45 25.12 31.23 -40.08
C MET J 45 23.74 31.81 -40.29
N GLY J 46 22.91 31.76 -39.26
CA GLY J 46 21.58 32.34 -39.33
C GLY J 46 21.63 33.85 -39.27
N LEU J 47 20.99 34.50 -40.23
CA LEU J 47 20.94 35.96 -40.25
C LEU J 47 19.59 36.46 -39.74
N ILE J 48 18.53 36.00 -40.39
CA ILE J 48 17.18 36.43 -40.07
C ILE J 48 16.26 35.24 -39.90
N TYR J 49 15.24 35.41 -39.07
CA TYR J 49 14.15 34.43 -38.97
C TYR J 49 12.83 35.17 -38.89
N TYR J 50 11.78 34.50 -39.34
CA TYR J 50 10.45 35.10 -39.41
C TYR J 50 10.50 36.49 -40.04
N GLY J 51 11.09 36.56 -41.23
CA GLY J 51 11.02 37.76 -42.04
C GLY J 51 11.99 38.86 -41.68
N THR J 52 11.92 39.33 -40.44
CA THR J 52 12.65 40.55 -40.07
C THR J 52 13.51 40.41 -38.81
N ASN J 53 13.35 39.33 -38.06
CA ASN J 53 14.02 39.21 -36.77
C ASN J 53 15.45 38.68 -36.89
N LEU J 54 16.41 39.46 -36.41
CA LEU J 54 17.81 39.09 -36.45
C LEU J 54 18.13 37.99 -35.44
N VAL J 55 18.90 37.01 -35.90
CA VAL J 55 19.41 35.96 -35.01
C VAL J 55 20.41 36.58 -34.05
N ASP J 56 20.34 36.20 -32.78
CA ASP J 56 21.21 36.78 -31.76
C ASP J 56 22.67 36.75 -32.22
N GLY J 57 23.31 37.91 -32.19
CA GLY J 57 24.72 38.03 -32.53
C GLY J 57 24.94 38.73 -33.86
N VAL J 58 23.95 38.69 -34.73
CA VAL J 58 24.06 39.28 -36.06
C VAL J 58 24.05 40.81 -35.99
N PRO J 59 24.98 41.45 -36.74
CA PRO J 59 25.06 42.91 -36.79
C PRO J 59 23.75 43.57 -37.23
N SER J 60 23.52 44.80 -36.78
CA SER J 60 22.27 45.50 -37.05
C SER J 60 22.23 46.10 -38.46
N ARG J 61 23.37 46.10 -39.14
CA ARG J 61 23.42 46.60 -40.52
C ARG J 61 22.62 45.68 -41.44
N PHE J 62 22.34 44.47 -40.97
CA PHE J 62 21.47 43.54 -41.69
C PHE J 62 20.02 43.84 -41.36
N SER J 63 19.13 43.52 -42.29
CA SER J 63 17.70 43.73 -42.07
C SER J 63 16.87 42.98 -43.11
N GLY J 64 15.86 42.25 -42.63
CA GLY J 64 14.95 41.53 -43.50
C GLY J 64 13.64 42.28 -43.63
N SER J 65 13.03 42.20 -44.82
CA SER J 65 11.79 42.93 -45.07
C SER J 65 10.93 42.18 -46.09
N GLY J 66 9.77 42.75 -46.40
CA GLY J 66 8.87 42.19 -47.39
C GLY J 66 7.72 41.43 -46.77
N SER J 67 6.75 41.08 -47.61
CA SER J 67 5.58 40.34 -47.17
C SER J 67 4.91 39.66 -48.35
N GLY J 68 4.11 38.64 -48.08
CA GLY J 68 3.42 37.90 -49.12
C GLY J 68 4.34 36.88 -49.78
N ALA J 69 4.70 37.14 -51.03
CA ALA J 69 5.55 36.22 -51.78
C ALA J 69 6.84 36.89 -52.23
N ASP J 70 7.13 38.05 -51.66
CA ASP J 70 8.33 38.80 -52.04
C ASP J 70 9.01 39.41 -50.82
N TYR J 71 10.29 39.08 -50.63
CA TYR J 71 11.05 39.52 -49.48
C TYR J 71 12.44 39.96 -49.89
N SER J 72 13.11 40.70 -49.01
CA SER J 72 14.40 41.27 -49.35
C SER J 72 15.33 41.40 -48.15
N LEU J 73 16.54 40.87 -48.29
CA LEU J 73 17.59 41.06 -47.29
C LEU J 73 18.45 42.23 -47.71
N THR J 74 18.71 43.15 -46.78
CA THR J 74 19.48 44.34 -47.08
C THR J 74 20.68 44.47 -46.14
N ILE J 75 21.83 44.80 -46.71
CA ILE J 75 23.04 45.02 -45.92
C ILE J 75 23.54 46.45 -46.09
N SER J 76 23.32 47.29 -45.09
CA SER J 76 23.76 48.67 -45.12
C SER J 76 25.25 48.75 -44.77
N SER J 77 26.01 49.44 -45.60
CA SER J 77 27.45 49.58 -45.39
C SER J 77 28.12 48.22 -45.36
N LEU J 78 28.48 47.70 -46.52
CA LEU J 78 29.12 46.39 -46.63
C LEU J 78 30.44 46.35 -45.88
N ASP J 79 30.70 45.23 -45.23
CA ASP J 79 31.94 45.01 -44.51
C ASP J 79 32.78 43.98 -45.26
N SER J 80 34.05 43.85 -44.89
CA SER J 80 34.95 42.93 -45.58
C SER J 80 34.54 41.47 -45.45
N GLU J 81 33.84 41.12 -44.37
CA GLU J 81 33.39 39.74 -44.16
C GLU J 81 32.06 39.48 -44.86
N ASP J 82 31.34 40.54 -45.19
CA ASP J 82 30.02 40.42 -45.78
C ASP J 82 30.05 39.79 -47.17
N PHE J 83 31.23 39.75 -47.78
CA PHE J 83 31.39 39.12 -49.09
C PHE J 83 31.34 37.60 -48.96
N ALA J 84 30.18 37.02 -49.21
CA ALA J 84 29.98 35.59 -49.07
C ALA J 84 28.68 35.13 -49.74
N ASP J 85 28.36 33.86 -49.58
CA ASP J 85 27.13 33.31 -50.13
C ASP J 85 25.95 33.59 -49.20
N TYR J 86 24.80 33.88 -49.79
CA TYR J 86 23.58 34.11 -49.02
C TYR J 86 22.42 33.34 -49.63
N TYR J 87 21.65 32.67 -48.78
CA TYR J 87 20.52 31.89 -49.24
C TYR J 87 19.26 32.28 -48.47
N CYS J 88 18.10 32.05 -49.08
CA CYS J 88 16.82 32.25 -48.40
C CYS J 88 16.11 30.91 -48.31
N VAL J 89 15.34 30.72 -47.24
CA VAL J 89 14.62 29.48 -47.02
C VAL J 89 13.22 29.75 -46.50
N GLN J 90 12.24 29.02 -47.01
CA GLN J 90 10.87 29.14 -46.54
C GLN J 90 10.52 27.94 -45.68
N TYR J 91 9.87 28.18 -44.55
CA TYR J 91 9.37 27.10 -43.71
C TYR J 91 7.89 27.29 -43.43
N ALA J 92 7.19 27.91 -44.37
CA ALA J 92 5.74 28.05 -44.28
C ALA J 92 5.09 26.71 -44.54
N GLN J 93 5.71 25.90 -45.38
CA GLN J 93 5.21 24.57 -45.70
C GLN J 93 6.33 23.54 -45.77
N LEU J 94 5.99 22.29 -45.54
CA LEU J 94 6.90 21.18 -45.75
C LEU J 94 6.68 20.62 -47.16
N PRO J 95 7.77 20.27 -47.86
CA PRO J 95 9.14 20.37 -47.37
C PRO J 95 9.69 21.79 -47.43
N TYR J 96 10.62 22.11 -46.53
CA TYR J 96 11.32 23.38 -46.58
C TYR J 96 12.06 23.48 -47.91
N THR J 97 12.20 24.70 -48.42
CA THR J 97 12.85 24.91 -49.70
C THR J 97 13.73 26.17 -49.66
N PHE J 98 14.86 26.10 -50.36
CA PHE J 98 15.83 27.19 -50.33
C PHE J 98 15.87 27.93 -51.66
N GLY J 99 16.51 29.11 -51.65
CA GLY J 99 16.72 29.88 -52.86
C GLY J 99 17.98 29.42 -53.57
N GLY J 100 18.17 29.90 -54.80
CA GLY J 100 19.33 29.53 -55.58
C GLY J 100 20.64 29.97 -54.95
N GLY J 101 20.61 31.09 -54.26
CA GLY J 101 21.78 31.62 -53.60
C GLY J 101 22.32 32.86 -54.30
N THR J 102 22.99 33.72 -53.54
CA THR J 102 23.57 34.94 -54.07
C THR J 102 24.98 35.13 -53.56
N LYS J 103 25.95 35.25 -54.47
CA LYS J 103 27.34 35.40 -54.09
C LYS J 103 27.78 36.85 -54.25
N LEU J 104 28.16 37.48 -53.14
CA LEU J 104 28.68 38.84 -53.16
C LEU J 104 30.18 38.83 -53.44
N GLU J 105 30.57 39.47 -54.55
CA GLU J 105 31.96 39.49 -54.96
C GLU J 105 32.50 40.92 -54.97
N ILE J 106 33.79 41.06 -54.67
CA ILE J 106 34.42 42.37 -54.62
C ILE J 106 34.61 42.93 -56.03
N LYS J 107 34.17 44.17 -56.23
CA LYS J 107 34.28 44.81 -57.55
C LYS J 107 35.63 45.48 -57.72
N ARG J 108 36.04 45.64 -58.97
CA ARG J 108 37.31 46.29 -59.29
C ARG J 108 37.41 46.57 -60.79
N ALA J 109 38.51 47.20 -61.19
CA ALA J 109 38.76 47.48 -62.60
C ALA J 109 39.05 46.18 -63.34
N ASP J 110 38.67 46.12 -64.60
CA ASP J 110 38.86 44.92 -65.42
C ASP J 110 40.34 44.61 -65.60
N ALA J 111 40.63 43.36 -65.94
CA ALA J 111 42.01 42.92 -66.13
C ALA J 111 42.05 41.78 -67.15
N ALA J 112 43.07 41.80 -68.01
CA ALA J 112 43.21 40.80 -69.05
C ALA J 112 43.87 39.54 -68.50
N PRO J 113 43.47 38.36 -69.01
CA PRO J 113 44.05 37.09 -68.58
C PRO J 113 45.51 36.91 -69.00
N THR J 114 46.32 36.31 -68.13
CA THR J 114 47.70 36.01 -68.46
C THR J 114 47.80 34.55 -68.93
N VAL J 115 47.65 34.36 -70.24
CA VAL J 115 47.60 33.01 -70.80
C VAL J 115 48.98 32.37 -70.85
N SER J 116 49.02 31.05 -70.71
CA SER J 116 50.27 30.30 -70.70
C SER J 116 50.02 28.84 -71.02
N ILE J 117 50.44 28.41 -72.21
CA ILE J 117 50.23 27.02 -72.63
C ILE J 117 51.45 26.16 -72.30
N PHE J 118 51.21 24.91 -71.91
CA PHE J 118 52.27 24.00 -71.50
C PHE J 118 52.10 22.63 -72.13
N PRO J 119 53.04 22.24 -72.99
CA PRO J 119 53.00 20.89 -73.59
C PRO J 119 53.20 19.81 -72.54
N PRO J 120 52.94 18.54 -72.90
CA PRO J 120 53.14 17.41 -71.98
C PRO J 120 54.59 17.28 -71.54
N SER J 121 54.80 16.71 -70.36
CA SER J 121 56.15 16.51 -69.85
C SER J 121 56.72 15.20 -70.40
N SER J 122 58.03 15.06 -70.30
CA SER J 122 58.70 13.85 -70.77
C SER J 122 58.15 12.63 -70.05
N GLU J 123 58.01 12.74 -68.74
CA GLU J 123 57.54 11.62 -67.91
C GLU J 123 56.18 11.14 -68.39
N GLN J 124 55.20 12.04 -68.36
CA GLN J 124 53.85 11.72 -68.78
C GLN J 124 53.83 11.04 -70.15
N LEU J 125 54.58 11.59 -71.09
CA LEU J 125 54.59 11.07 -72.46
C LEU J 125 54.99 9.60 -72.50
N THR J 126 56.02 9.24 -71.75
CA THR J 126 56.47 7.85 -71.70
C THR J 126 55.42 6.96 -71.03
N SER J 127 54.56 7.58 -70.21
CA SER J 127 53.51 6.84 -69.51
C SER J 127 52.35 6.49 -70.44
N GLY J 128 52.37 7.03 -71.65
CA GLY J 128 51.35 6.73 -72.63
C GLY J 128 50.22 7.75 -72.67
N GLY J 129 50.45 8.89 -72.02
CA GLY J 129 49.45 9.95 -71.99
C GLY J 129 50.05 11.28 -72.38
N ALA J 130 49.19 12.28 -72.59
CA ALA J 130 49.65 13.60 -73.01
C ALA J 130 48.62 14.66 -72.62
N SER J 131 49.01 15.56 -71.73
CA SER J 131 48.11 16.63 -71.29
C SER J 131 48.70 18.00 -71.59
N VAL J 132 47.93 18.82 -72.28
CA VAL J 132 48.32 20.20 -72.55
C VAL J 132 47.57 21.13 -71.59
N VAL J 133 48.31 21.83 -70.75
CA VAL J 133 47.72 22.72 -69.76
C VAL J 133 47.73 24.16 -70.25
N CYS J 134 46.71 24.91 -69.87
CA CYS J 134 46.57 26.30 -70.29
C CYS J 134 46.07 27.14 -69.12
N PHE J 135 46.98 27.81 -68.43
CA PHE J 135 46.63 28.66 -67.30
C PHE J 135 46.20 30.05 -67.75
N LEU J 136 45.10 30.54 -67.20
CA LEU J 136 44.64 31.89 -67.45
C LEU J 136 44.52 32.63 -66.13
N ASN J 137 45.60 33.27 -65.71
CA ASN J 137 45.69 33.83 -64.36
C ASN J 137 45.36 35.30 -64.26
N ASN J 138 44.94 35.71 -63.07
CA ASN J 138 44.61 37.10 -62.76
C ASN J 138 43.84 37.83 -63.86
N PHE J 139 42.52 37.85 -63.74
CA PHE J 139 41.68 38.60 -64.67
C PHE J 139 40.34 38.96 -64.03
N TYR J 140 39.69 39.98 -64.58
CA TYR J 140 38.40 40.44 -64.07
C TYR J 140 37.62 41.08 -65.21
N PRO J 141 36.30 40.84 -65.27
CA PRO J 141 35.49 40.04 -64.35
C PRO J 141 35.72 38.53 -64.48
N LYS J 142 34.90 37.74 -63.78
CA LYS J 142 35.05 36.30 -63.74
C LYS J 142 34.63 35.62 -65.04
N ASP J 143 33.76 36.27 -65.80
CA ASP J 143 33.27 35.71 -67.06
C ASP J 143 34.43 35.51 -68.04
N ILE J 144 34.50 34.32 -68.62
CA ILE J 144 35.57 33.99 -69.56
C ILE J 144 35.32 32.64 -70.22
N ASN J 145 35.84 32.46 -71.44
CA ASN J 145 35.66 31.23 -72.17
C ASN J 145 36.95 30.76 -72.86
N VAL J 146 37.33 29.52 -72.58
CA VAL J 146 38.52 28.92 -73.16
C VAL J 146 38.16 27.96 -74.29
N LYS J 147 38.97 27.94 -75.34
CA LYS J 147 38.69 27.10 -76.50
C LYS J 147 39.97 26.44 -77.00
N TRP J 148 40.01 25.11 -76.98
CA TRP J 148 41.17 24.36 -77.46
C TRP J 148 41.06 24.06 -78.95
N LYS J 149 42.19 24.11 -79.63
CA LYS J 149 42.24 23.80 -81.06
C LYS J 149 43.43 22.91 -81.40
N ILE J 150 43.17 21.86 -82.18
CA ILE J 150 44.22 20.99 -82.67
C ILE J 150 44.34 21.12 -84.18
N ASP J 151 45.52 21.52 -84.65
CA ASP J 151 45.72 21.77 -86.07
C ASP J 151 44.75 22.83 -86.57
N GLY J 152 44.39 23.76 -85.69
CA GLY J 152 43.53 24.86 -86.07
C GLY J 152 42.05 24.60 -85.81
N SER J 153 41.67 23.33 -85.75
CA SER J 153 40.26 22.96 -85.55
C SER J 153 39.93 22.80 -84.08
N GLU J 154 38.71 23.15 -83.71
CA GLU J 154 38.27 23.11 -82.32
C GLU J 154 38.27 21.69 -81.77
N ARG J 155 38.39 21.58 -80.45
CA ARG J 155 38.35 20.30 -79.76
C ARG J 155 37.66 20.49 -78.41
N GLN J 156 36.65 19.68 -78.15
CA GLN J 156 35.86 19.82 -76.93
C GLN J 156 35.93 18.60 -76.03
N ASN J 157 36.28 17.45 -76.59
CA ASN J 157 36.30 16.20 -75.85
C ASN J 157 37.65 15.97 -75.16
N GLY J 158 37.61 15.82 -73.84
CA GLY J 158 38.81 15.54 -73.07
C GLY J 158 39.38 16.76 -72.37
N VAL J 159 38.53 17.77 -72.16
CA VAL J 159 38.94 19.01 -71.52
C VAL J 159 38.45 19.09 -70.09
N LEU J 160 39.34 19.46 -69.17
CA LEU J 160 38.99 19.63 -67.76
C LEU J 160 39.39 21.01 -67.26
N ASN J 161 38.39 21.84 -66.96
CA ASN J 161 38.64 23.19 -66.48
C ASN J 161 38.61 23.26 -64.96
N SER J 162 39.03 24.40 -64.41
CA SER J 162 39.03 24.62 -62.97
C SER J 162 39.29 26.08 -62.66
N TRP J 163 38.43 26.67 -61.83
CA TRP J 163 38.52 28.09 -61.53
C TRP J 163 38.83 28.32 -60.05
N THR J 164 39.48 29.45 -59.76
CA THR J 164 39.80 29.82 -58.39
C THR J 164 38.84 30.88 -57.91
N ASP J 165 38.57 30.89 -56.60
CA ASP J 165 37.74 31.94 -56.02
C ASP J 165 38.47 33.26 -56.11
N GLN J 166 37.71 34.35 -56.08
CA GLN J 166 38.30 35.68 -56.17
C GLN J 166 39.42 35.84 -55.15
N ASP J 167 40.66 35.88 -55.64
CA ASP J 167 41.83 35.99 -54.77
C ASP J 167 41.66 37.13 -53.77
N SER J 168 42.30 36.98 -52.61
CA SER J 168 42.09 37.89 -51.49
C SER J 168 42.61 39.31 -51.74
N LYS J 169 43.91 39.43 -51.99
CA LYS J 169 44.55 40.75 -51.97
C LYS J 169 44.72 41.40 -53.34
N ASP J 170 44.10 40.83 -54.37
CA ASP J 170 44.02 41.51 -55.66
C ASP J 170 42.62 41.40 -56.30
N SER J 171 41.75 40.57 -55.70
CA SER J 171 40.38 40.45 -56.16
C SER J 171 40.28 40.06 -57.63
N THR J 172 41.01 39.03 -58.02
CA THR J 172 40.96 38.53 -59.39
C THR J 172 40.62 37.04 -59.43
N TYR J 173 40.29 36.54 -60.60
CA TYR J 173 39.99 35.13 -60.78
C TYR J 173 41.04 34.49 -61.69
N SER J 174 41.19 33.19 -61.57
CA SER J 174 42.10 32.44 -62.44
C SER J 174 41.42 31.18 -62.92
N MET J 175 41.95 30.60 -64.00
CA MET J 175 41.37 29.40 -64.58
C MET J 175 42.45 28.45 -65.07
N SER J 176 42.11 27.16 -65.11
CA SER J 176 43.05 26.14 -65.55
C SER J 176 42.35 25.12 -66.42
N SER J 177 42.69 25.12 -67.71
CA SER J 177 42.12 24.16 -68.65
C SER J 177 43.17 23.10 -68.99
N THR J 178 42.72 21.85 -69.10
CA THR J 178 43.64 20.75 -69.37
C THR J 178 43.07 19.78 -70.41
N LEU J 179 43.64 19.82 -71.61
CA LEU J 179 43.27 18.89 -72.68
C LEU J 179 44.13 17.64 -72.55
N THR J 180 43.47 16.49 -72.40
CA THR J 180 44.19 15.24 -72.18
C THR J 180 43.94 14.23 -73.29
N LEU J 181 44.96 13.99 -74.10
CA LEU J 181 44.90 13.01 -75.17
C LEU J 181 45.76 11.82 -74.83
N THR J 182 45.77 10.82 -75.71
CA THR J 182 46.68 9.70 -75.58
C THR J 182 48.00 10.05 -76.26
N LYS J 183 49.07 9.35 -75.90
CA LYS J 183 50.37 9.60 -76.51
C LYS J 183 50.27 9.48 -78.02
N ASP J 184 49.66 8.40 -78.48
CA ASP J 184 49.49 8.14 -79.91
C ASP J 184 48.71 9.26 -80.57
N GLU J 185 47.52 9.55 -80.04
CA GLU J 185 46.64 10.56 -80.61
C GLU J 185 47.29 11.94 -80.60
N TYR J 186 48.15 12.19 -79.61
CA TYR J 186 48.83 13.47 -79.50
C TYR J 186 49.84 13.65 -80.63
N GLU J 187 50.39 12.54 -81.13
CA GLU J 187 51.40 12.58 -82.17
C GLU J 187 50.80 12.59 -83.57
N ARG J 188 49.48 12.41 -83.65
CA ARG J 188 48.80 12.46 -84.94
C ARG J 188 48.73 13.90 -85.45
N HIS J 189 48.97 14.86 -84.56
CA HIS J 189 48.79 16.26 -84.89
C HIS J 189 50.00 17.09 -84.45
N ASN J 190 50.14 18.27 -85.01
CA ASN J 190 51.31 19.10 -84.76
C ASN J 190 51.02 20.32 -83.89
N SER J 191 50.06 21.14 -84.32
CA SER J 191 49.77 22.39 -83.63
C SER J 191 48.72 22.23 -82.53
N TYR J 192 48.93 22.94 -81.43
CA TYR J 192 47.98 22.94 -80.31
C TYR J 192 47.79 24.36 -79.79
N THR J 193 46.52 24.74 -79.58
CA THR J 193 46.20 26.12 -79.25
C THR J 193 45.09 26.22 -78.19
N CYS J 194 45.16 27.26 -77.38
CA CYS J 194 44.05 27.61 -76.50
C CYS J 194 43.72 29.09 -76.67
N GLU J 195 42.44 29.38 -76.90
CA GLU J 195 42.00 30.76 -77.14
C GLU J 195 41.14 31.26 -75.98
N ALA J 196 41.58 32.34 -75.35
CA ALA J 196 40.83 32.94 -74.25
C ALA J 196 39.99 34.11 -74.75
N THR J 197 38.71 34.12 -74.37
CA THR J 197 37.80 35.18 -74.78
C THR J 197 37.25 35.92 -73.56
N HIS J 198 37.67 37.18 -73.41
CA HIS J 198 37.27 38.00 -72.27
C HIS J 198 36.84 39.37 -72.79
N LYS J 199 35.95 40.03 -72.06
CA LYS J 199 35.44 41.34 -72.47
C LYS J 199 36.57 42.34 -72.65
N THR J 200 37.69 42.11 -71.95
CA THR J 200 38.84 43.00 -72.03
C THR J 200 39.28 43.25 -73.47
N SER J 201 39.13 42.24 -74.32
CA SER J 201 39.53 42.37 -75.72
C SER J 201 38.49 41.73 -76.65
N THR J 202 38.12 42.47 -77.69
CA THR J 202 37.16 41.98 -78.68
C THR J 202 37.74 40.82 -79.47
N SER J 203 39.06 40.79 -79.60
CA SER J 203 39.75 39.70 -80.28
C SER J 203 40.30 38.72 -79.25
N PRO J 204 40.03 37.42 -79.43
CA PRO J 204 40.45 36.40 -78.47
C PRO J 204 41.96 36.33 -78.29
N ILE J 205 42.41 36.12 -77.05
CA ILE J 205 43.82 35.95 -76.76
C ILE J 205 44.24 34.52 -77.09
N VAL J 206 45.30 34.39 -77.89
CA VAL J 206 45.72 33.08 -78.37
C VAL J 206 47.15 32.76 -77.95
N LYS J 207 47.39 31.49 -77.61
CA LYS J 207 48.73 31.00 -77.33
C LYS J 207 48.88 29.57 -77.85
N SER J 208 49.86 29.37 -78.73
CA SER J 208 50.03 28.08 -79.40
C SER J 208 51.44 27.53 -79.21
N PHE J 209 51.64 26.32 -79.73
CA PHE J 209 52.96 25.71 -79.78
C PHE J 209 52.91 24.54 -80.76
N ASN J 210 54.06 24.15 -81.29
CA ASN J 210 54.13 23.08 -82.27
C ASN J 210 54.93 21.88 -81.78
N ARG J 211 54.32 20.70 -81.82
CA ARG J 211 55.00 19.47 -81.48
C ARG J 211 56.13 19.23 -82.49
N ASN J 212 57.15 18.48 -82.08
CA ASN J 212 58.31 18.25 -82.92
C ASN J 212 58.95 19.58 -83.35
N GLU J 213 58.96 20.53 -82.43
CA GLU J 213 59.50 21.86 -82.70
C GLU J 213 59.61 22.66 -81.42
N CYS J 214 60.60 23.54 -81.35
CA CYS J 214 60.79 24.40 -80.19
C CYS J 214 61.68 25.58 -80.55
C1 NAG K . -11.26 7.62 3.69
C2 NAG K . -10.03 7.73 2.79
C3 NAG K . -8.87 6.87 3.28
C4 NAG K . -8.67 6.94 4.79
C5 NAG K . -10.00 6.90 5.53
C6 NAG K . -9.81 7.16 7.03
C7 NAG K . -10.60 8.24 0.48
C8 NAG K . -10.47 7.76 -0.93
N2 NAG K . -10.38 7.34 1.43
O3 NAG K . -7.69 7.28 2.62
O4 NAG K . -7.86 5.85 5.19
O5 NAG K . -10.89 7.87 5.02
O6 NAG K . -9.36 8.48 7.24
O7 NAG K . -10.90 9.40 0.73
H2 NAG K . -9.71 8.77 2.77
H3 NAG K . -9.08 5.83 3.03
H4 NAG K . -8.14 7.88 5.02
H5 NAG K . -10.43 5.91 5.40
H61 NAG K . -9.11 6.43 7.43
H62 NAG K . -10.77 7.01 7.54
H81 NAG K . -9.69 8.35 -1.44
H82 NAG K . -11.41 7.90 -1.45
H83 NAG K . -10.19 6.71 -0.94
HN2 NAG K . -10.45 6.35 1.23
HO3 NAG K . -7.90 8.01 2.00
HO6 NAG K . -9.27 8.93 6.38
C1 NAG K . -6.59 6.30 5.73
C2 NAG K . -6.13 5.34 6.82
C3 NAG K . -4.77 5.73 7.40
C4 NAG K . -3.78 6.16 6.32
C5 NAG K . -4.43 7.05 5.27
C6 NAG K . -3.48 7.36 4.14
C7 NAG K . -7.81 4.19 8.15
C8 NAG K . -8.65 4.22 9.39
N2 NAG K . -7.11 5.29 7.90
O3 NAG K . -4.24 4.63 8.12
O4 NAG K . -2.72 6.86 6.94
O5 NAG K . -5.59 6.41 4.76
O6 NAG K . -3.20 6.19 3.40
O7 NAG K . -7.80 3.20 7.41
H2 NAG K . -6.05 4.34 6.39
H3 NAG K . -4.91 6.56 8.07
H4 NAG K . -3.38 5.26 5.84
H5 NAG K . -4.72 7.99 5.76
H61 NAG K . -2.55 7.79 4.54
H62 NAG K . -3.92 8.11 3.48
H81 NAG K . -8.33 3.41 10.06
H82 NAG K . -9.69 4.07 9.13
H83 NAG K . -8.52 5.17 9.90
HN2 NAG K . -7.24 6.12 8.45
HO3 NAG K . -4.87 3.88 8.07
HO6 NAG K . -3.69 5.43 3.80
C1 BMA K . -1.62 5.98 7.24
C2 BMA K . -0.33 6.78 7.10
C3 BMA K . 0.90 5.96 7.47
C4 BMA K . 0.68 5.20 8.77
C5 BMA K . -0.67 4.48 8.75
C6 BMA K . -0.91 3.73 10.07
O2 BMA K . -0.40 7.91 7.94
O3 BMA K . 2.00 6.84 7.62
O4 BMA K . 1.71 4.25 8.94
O5 BMA K . -1.69 5.43 8.54
O6 BMA K . -1.99 2.84 9.92
H2 BMA K . -0.24 7.10 6.06
H3 BMA K . 1.10 5.26 6.67
H4 BMA K . 0.70 5.90 9.60
H5 BMA K . -0.65 3.75 7.95
H61 BMA K . -1.11 4.45 10.86
H62 BMA K . -0.01 3.17 10.33
HO2 BMA K . -1.26 7.91 8.42
HO4 BMA K . 2.33 4.31 8.18
HO6 BMA K . -2.34 2.90 9.01
C1 MAN K . 2.58 7.10 6.33
C2 MAN K . 4.10 6.96 6.44
C3 MAN K . 4.63 8.00 7.40
C4 MAN K . 4.18 9.39 6.95
C5 MAN K . 2.68 9.42 6.70
C6 MAN K . 2.28 10.76 6.08
O2 MAN K . 4.68 7.14 5.16
O3 MAN K . 6.04 7.95 7.45
O4 MAN K . 4.52 10.35 7.93
O5 MAN K . 2.28 8.38 5.83
O6 MAN K . 0.89 10.79 5.88
H2 MAN K . 4.32 5.96 6.80
H3 MAN K . 4.22 7.79 8.40
H4 MAN K . 4.69 9.62 6.01
H5 MAN K . 2.16 9.33 7.66
H61 MAN K . 2.81 10.90 5.14
H62 MAN K . 2.57 11.57 6.75
HO2 MAN K . 3.98 7.33 4.50
HO3 MAN K . 6.35 7.25 6.85
HO4 MAN K . 4.97 9.89 8.67
HO6 MAN K . 0.49 9.94 6.18
C1 NAG L . -31.66 8.38 34.43
C2 NAG L . -32.61 9.07 35.40
C3 NAG L . -32.03 9.21 36.81
C4 NAG L . -31.22 7.98 37.24
C5 NAG L . -30.37 7.42 36.12
C6 NAG L . -29.72 6.12 36.57
C7 NAG L . -34.02 10.64 34.20
C8 NAG L . -33.92 11.72 33.16
N2 NAG L . -32.91 10.40 34.89
O3 NAG L . -33.07 9.41 37.73
O4 NAG L . -30.34 8.34 38.29
O5 NAG L . -31.17 7.18 34.98
O6 NAG L . -28.77 5.71 35.61
O7 NAG L . -35.07 10.03 34.37
H2 NAG L . -33.53 8.49 35.44
H3 NAG L . -31.36 10.06 36.83
H4 NAG L . -31.92 7.22 37.59
H5 NAG L . -29.58 8.14 35.89
H61 NAG L . -30.49 5.35 36.70
H62 NAG L . -29.23 6.27 37.53
H81 NAG L . -34.64 12.51 33.39
H82 NAG L . -34.14 11.30 32.19
H83 NAG L . -32.91 12.14 33.16
HN2 NAG L . -32.26 11.14 35.08
HO3 NAG L . -33.93 9.43 37.24
HO6 NAG L . -28.74 6.37 34.89
C1 NAG L . -30.98 8.12 39.56
C2 NAG L . -30.04 8.59 40.66
C3 NAG L . -30.66 8.39 42.05
C4 NAG L . -32.09 8.91 42.07
C5 NAG L . -32.89 8.39 40.89
C6 NAG L . -34.31 8.92 40.87
C7 NAG L . -27.69 8.43 40.04
C8 NAG L . -26.50 7.53 39.87
N2 NAG L . -28.78 7.87 40.57
O3 NAG L . -29.90 9.06 43.01
O4 NAG L . -32.71 8.50 43.27
O5 NAG L . -32.25 8.75 39.68
O6 NAG L . -35.04 8.32 41.92
O7 NAG L . -27.63 9.61 39.71
H2 NAG L . -29.84 9.65 40.52
H3 NAG L . -30.66 7.32 42.26
H4 NAG L . -32.06 10.00 42.04
H5 NAG L . -32.94 7.30 40.95
H61 NAG L . -34.77 8.73 39.92
H62 NAG L . -34.29 10.00 41.04
H81 NAG L . -25.67 7.92 40.44
H82 NAG L . -26.24 7.49 38.82
H83 NAG L . -26.76 6.52 40.22
HN2 NAG L . -28.75 6.93 40.92
HO3 NAG L . -29.14 9.51 42.58
HO4 NAG L . -32.08 7.97 43.81
HO6 NAG L . -34.47 7.69 42.40
C1 NAG M . 19.15 -7.69 2.63
C2 NAG M . 18.52 -7.84 4.01
C3 NAG M . 19.18 -6.96 5.06
C4 NAG M . 20.71 -6.93 4.95
C5 NAG M . 21.16 -6.85 3.49
C6 NAG M . 22.68 -6.94 3.38
C7 NAG M . 16.15 -8.40 4.13
C8 NAG M . 14.74 -7.93 3.95
N2 NAG M . 17.10 -7.50 3.92
O3 NAG M . 18.83 -7.40 6.35
O4 NAG M . 21.19 -5.81 5.67
O5 NAG M . 20.55 -7.85 2.73
O6 NAG M . 23.16 -8.14 3.95
O7 NAG M . 16.38 -9.56 4.46
H2 NAG M . 18.61 -8.87 4.32
H3 NAG M . 18.83 -5.93 4.93
H4 NAG M . 21.10 -7.85 5.41
H5 NAG M . 20.85 -5.88 3.10
H61 NAG M . 23.14 -6.09 3.88
H62 NAG M . 22.96 -6.91 2.32
H81 NAG M . 14.20 -8.05 4.89
H82 NAG M . 14.25 -8.52 3.18
H83 NAG M . 14.74 -6.88 3.67
HN2 NAG M . 16.87 -6.56 3.69
HO3 NAG M . 18.24 -8.18 6.28
HO6 NAG M . 22.40 -8.66 4.30
C1 NAG M . 21.96 -6.25 6.82
C2 NAG M . 23.04 -5.20 7.11
C3 NAG M . 23.83 -5.52 8.37
C4 NAG M . 22.91 -5.95 9.51
C5 NAG M . 21.92 -6.99 9.03
C6 NAG M . 20.99 -7.45 10.15
C7 NAG M . 24.10 -3.98 5.30
C8 NAG M . 25.50 -3.52 5.04
N2 NAG M . 23.95 -5.11 5.98
O3 NAG M . 24.57 -4.39 8.76
O4 NAG M . 23.70 -6.50 10.56
O5 NAG M . 21.15 -6.47 7.96
O6 NAG M . 20.31 -6.36 10.73
O7 NAG M . 23.14 -3.31 4.90
H2 NAG M . 22.56 -4.24 7.26
H3 NAG M . 24.52 -6.34 8.15
H4 NAG M . 22.39 -5.07 9.88
H5 NAG M . 22.47 -7.86 8.65
H61 NAG M . 21.59 -7.95 10.93
H62 NAG M . 20.28 -8.17 9.77
H81 NAG M . 25.66 -2.55 5.50
H82 NAG M . 25.67 -3.46 3.97
H83 NAG M . 26.20 -4.24 5.48
HN2 NAG M . 24.46 -5.93 5.70
HO3 NAG M . 24.40 -3.66 8.13
HO6 NAG M . 20.57 -5.54 10.28
C1 BMA M . 24.02 -5.47 11.51
C2 BMA M . 23.87 -6.07 12.91
C3 BMA M . 24.35 -5.13 14.00
C4 BMA M . 25.67 -4.46 13.63
C5 BMA M . 25.58 -3.89 12.22
C6 BMA M . 26.87 -3.17 11.83
O2 BMA M . 24.59 -7.27 12.98
O3 BMA M . 24.52 -5.86 15.20
O4 BMA M . 25.96 -3.43 14.54
O5 BMA M . 25.31 -4.95 11.33
O6 BMA M . 26.65 -2.44 10.64
H2 BMA M . 22.81 -6.27 13.09
H3 BMA M . 23.60 -4.35 14.16
H4 BMA M . 26.46 -5.22 13.67
H5 BMA M . 24.76 -3.17 12.20
H61 BMA M . 27.66 -3.91 11.69
H62 BMA M . 27.16 -2.50 12.62
HO2 BMA M . 25.02 -7.44 12.11
HO4 BMA M . 25.24 -3.38 15.22
HO6 BMA M . 25.73 -2.56 10.35
C1 MAN M . 23.22 -6.24 15.72
C2 MAN M . 23.27 -6.20 17.23
C3 MAN M . 24.34 -7.16 17.73
C4 MAN M . 24.05 -8.55 17.17
C5 MAN M . 23.83 -8.51 15.66
C6 MAN M . 23.36 -9.87 15.15
O2 MAN M . 22.01 -6.58 17.75
O3 MAN M . 24.33 -7.20 19.14
O4 MAN M . 25.13 -9.40 17.46
O5 MAN M . 22.84 -7.54 15.33
O6 MAN M . 23.03 -9.76 13.79
H2 MAN M . 23.49 -5.17 17.54
H3 MAN M . 25.30 -6.81 17.38
H4 MAN M . 23.15 -8.93 17.65
H5 MAN M . 24.77 -8.27 15.18
H61 MAN M . 22.50 -10.20 15.74
H62 MAN M . 24.16 -10.60 15.28
HO2 MAN M . 21.40 -6.78 17.02
HO3 MAN M . 23.64 -6.60 19.48
HO4 MAN M . 25.82 -8.90 17.95
HO6 MAN M . 23.17 -8.85 13.49
C1 NAG N . 45.12 -8.13 -21.78
C2 NAG N . 45.73 -8.65 -23.09
C3 NAG N . 47.27 -8.76 -23.13
C4 NAG N . 48.00 -7.86 -22.13
C5 NAG N . 47.24 -7.79 -20.83
C6 NAG N . 47.98 -6.94 -19.79
C7 NAG N . 44.36 -10.21 -24.34
C8 NAG N . 43.96 -11.65 -24.52
N2 NAG N . 45.19 -9.97 -23.33
O3 NAG N . 47.73 -8.48 -24.44
O4 NAG N . 49.29 -8.39 -21.91
O5 NAG N . 45.97 -7.23 -21.09
O6 NAG N . 48.15 -5.62 -20.25
O7 NAG N . 43.93 -9.35 -25.09
H2 NAG N . 45.41 -7.98 -23.90
H3 NAG N . 47.53 -9.79 -22.86
H4 NAG N . 48.08 -6.87 -22.58
H5 NAG N . 47.13 -8.80 -20.43
H61 NAG N . 48.95 -7.39 -19.58
H62 NAG N . 47.41 -6.94 -18.86
H81 NAG N . 44.27 -11.99 -25.51
H82 NAG N . 42.88 -11.74 -24.43
H83 NAG N . 44.45 -12.26 -23.76
HN2 NAG N . 45.45 -10.71 -22.70
HO3 NAG N . 46.95 -8.27 -25.01
HO6 NAG N . 47.75 -5.54 -21.14
C1 NAG N . 50.24 -7.77 -22.80
C2 NAG N . 51.58 -7.67 -22.07
C3 NAG N . 52.68 -7.11 -22.98
C4 NAG N . 52.66 -7.80 -24.33
C5 NAG N . 51.26 -7.79 -24.92
C6 NAG N . 51.22 -8.49 -26.28
C7 NAG N . 51.61 -7.37 -19.67
C8 NAG N . 52.39 -6.55 -18.68
N2 NAG N . 51.45 -6.85 -20.88
O3 NAG N . 53.94 -7.29 -22.37
O4 NAG N . 53.55 -7.16 -25.22
O5 NAG N . 50.36 -8.43 -24.03
O6 NAG N . 49.93 -8.37 -26.83
O7 NAG N . 51.16 -8.47 -19.35
H2 NAG N . 51.89 -8.67 -21.79
H3 NAG N . 52.49 -6.05 -23.12
H4 NAG N . 52.99 -8.83 -24.19
H5 NAG N . 50.96 -6.76 -25.06
H61 NAG N . 51.51 -9.54 -26.15
H62 NAG N . 51.95 -8.02 -26.94
H81 NAG N . 53.27 -7.10 -18.35
H82 NAG N . 51.75 -6.32 -17.82
H83 NAG N . 52.70 -5.62 -19.15
HN2 NAG N . 51.19 -5.88 -20.99
HO3 NAG N . 53.82 -7.73 -21.50
HO4 NAG N . 53.97 -6.40 -24.75
HO6 NAG N . 49.36 -7.88 -26.21
S SO4 O . -3.49 35.77 22.27
O1 SO4 O . -4.60 35.67 23.23
O2 SO4 O . -2.67 36.93 22.60
O3 SO4 O . -2.68 34.56 22.33
O4 SO4 O . -4.04 35.93 20.93
S SO4 P . -17.45 53.17 -1.58
O1 SO4 P . -18.02 53.94 -0.47
O2 SO4 P . -16.78 54.08 -2.51
O3 SO4 P . -16.48 52.21 -1.06
O4 SO4 P . -18.51 52.45 -2.26
CA CA Q . 17.33 27.28 -0.23
CA CA R . 10.15 31.49 11.84
CA CA S . 4.49 42.94 14.41
CA CA T . 2.35 53.45 5.13
MN MN U . -17.88 9.99 -16.13
MN MN V . -17.89 3.04 -15.44
MN MN W . -16.21 15.71 -15.48
C1 NAG X . -40.77 10.47 36.79
C2 NAG X . -42.07 10.04 36.11
C3 NAG X . -42.88 9.07 36.97
C4 NAG X . -41.98 7.97 37.51
C5 NAG X . -40.77 8.58 38.21
C6 NAG X . -39.85 7.50 38.76
C7 NAG X . -43.37 11.41 34.57
C8 NAG X . -44.38 12.52 34.46
N2 NAG X . -42.88 11.20 35.80
O3 NAG X . -43.91 8.49 36.20
O4 NAG X . -42.70 7.17 38.43
O5 NAG X . -40.05 9.37 37.30
O6 NAG X . -38.73 8.10 39.36
O7 NAG X . -43.05 10.77 33.59
H2 NAG X . -41.82 9.53 35.18
H3 NAG X . -43.30 9.61 37.80
H4 NAG X . -41.65 7.35 36.68
H5 NAG X . -41.12 9.19 39.05
H61 NAG X . -39.57 6.82 37.97
H62 NAG X . -40.39 6.91 39.51
H81 NAG X . -45.32 12.12 34.07
H82 NAG X . -44.01 13.28 33.76
H83 NAG X . -44.54 12.98 35.43
HN2 NAG X . -43.08 11.86 36.54
HO3 NAG X . -43.88 8.85 35.29
HO4 NAG X . -43.62 7.51 38.51
HO6 NAG X . -38.79 9.07 39.27
CL CL Y . 14.57 -54.15 -0.32
CA CA Z . 19.73 -26.29 32.52
CA CA AA . 30.56 -30.56 23.75
CA CA BA . 32.74 -42.28 18.57
CA CA CA . 23.84 -52.89 18.51
MN MN DA . -1.57 -11.27 -0.93
MN MN EA . -2.02 -3.89 -2.40
MN MN FA . -0.91 -16.86 1.19
C1 NAG GA . 46.11 -10.96 -30.81
C2 NAG GA . 45.62 -10.37 -32.13
C3 NAG GA . 46.69 -9.52 -32.80
C4 NAG GA . 47.31 -8.54 -31.80
C5 NAG GA . 47.71 -9.25 -30.50
C6 NAG GA . 48.22 -8.24 -29.48
C7 NAG GA . 43.92 -11.61 -33.37
C8 NAG GA . 43.66 -12.58 -34.49
N2 NAG GA . 45.19 -11.44 -33.01
O3 NAG GA . 46.12 -8.80 -33.86
O4 NAG GA . 48.45 -7.95 -32.38
O5 NAG GA . 46.61 -9.94 -29.96
O6 NAG GA . 48.40 -8.89 -28.24
O7 NAG GA . 42.99 -11.01 -32.84
H2 NAG GA . 44.75 -9.74 -31.91
H3 NAG GA . 47.46 -10.19 -33.17
H4 NAG GA . 46.57 -7.77 -31.57
H5 NAG GA . 48.51 -9.96 -30.72
H61 NAG GA . 47.52 -7.42 -29.40
H62 NAG GA . 49.17 -7.83 -29.82
H81 NAG GA . 43.17 -12.06 -35.31
H82 NAG GA . 43.01 -13.37 -34.13
H83 NAG GA . 44.61 -13.00 -34.83
HN2 NAG GA . 45.90 -12.06 -33.37
HO3 NAG GA . 45.16 -9.02 -33.93
HO4 NAG GA . 48.58 -8.31 -33.28
HO6 NAG GA . 48.15 -9.83 -28.32
S SO4 HA . 1.42 38.02 -45.47
O1 SO4 HA . 0.45 38.99 -45.93
O2 SO4 HA . 2.75 38.62 -45.47
O3 SO4 HA . 1.09 37.58 -44.11
O4 SO4 HA . 1.41 36.85 -46.35
#